data_7FSC
#
_entry.id   7FSC
#
_cell.length_a   209.159
_cell.length_b   113.004
_cell.length_c   189.435
_cell.angle_alpha   90.000
_cell.angle_beta   91.140
_cell.angle_gamma   90.000
#
_symmetry.space_group_name_H-M   'C 1 2 1'
#
loop_
_entity.id
_entity.type
_entity.pdbx_description
1 polymer 'Pyruvate kinase PKLR'
2 non-polymer 1,6-di-O-phosphono-beta-D-fructofuranose
3 non-polymer 'OXALATE ION'
4 non-polymer 'MAGNESIUM ION'
5 non-polymer 'POTASSIUM ION'
6 non-polymer N-({4-[(3,4-dihydroxyphenyl)methyl]phenyl}methyl)benzenesulfonamide
7 water water
#
_entity_poly.entity_id   1
_entity_poly.type   'polypeptide(L)'
_entity_poly.pdbx_seq_one_letter_code
;GSMEGPAGYLRRADVAQLTQELGTAFFQQQQLPAAMADTFLEHLCLLDIDSEPVAARSTSIIATIGPASRSVERLKEMIK
AGMNIARLNFSHGSHEYHAESIANVREAVESFAGSPLSYRPVAIALDTKGPGSGPGLSEQDVRDLRFGVEHGVDIVFASF
VRKASDVAAVRAALGPEGHGIKIISKIENHEGVKRFDEILEVSDGIMVARGDLGIEIPAEKVFLAQKMMIGRCNLAGKPV
VCATQMLESMITKPRPTRAETSDVANAVLDGADCIMLSGETAKGNFPVEAVKMQHAIAREAEAAVYHRQLFEELRRAAPL
SRDPTEVTAIGAVEAAFKCCAAAIIVLTTTGRSAQLLSRYRPRAAVIAVTRSAQAARQVHLCRGVFPLLYREPPEAIWAD
DVDRRVQFGIESGKLRGFLRVGDLVIVVTGWRPGSGYTNIMRVLSIS
;
_entity_poly.pdbx_strand_id   A,B,C,D,E,F,G,H
#
# COMPACT_ATOMS: atom_id res chain seq x y z
N ALA A 25 -10.51 21.43 -25.86
CA ALA A 25 -11.68 22.12 -25.33
C ALA A 25 -12.95 21.64 -26.03
N PHE A 26 -12.89 21.43 -27.35
CA PHE A 26 -14.03 20.96 -28.14
C PHE A 26 -14.53 19.62 -27.63
N PHE A 27 -13.60 18.68 -27.37
CA PHE A 27 -13.98 17.34 -26.91
C PHE A 27 -14.32 17.23 -25.43
N GLN A 28 -14.28 18.34 -24.67
CA GLN A 28 -14.69 18.33 -23.26
C GLN A 28 -16.17 18.82 -23.11
N GLN A 29 -16.63 19.66 -24.06
CA GLN A 29 -17.99 20.23 -24.11
C GLN A 29 -19.02 19.22 -24.63
N GLN A 30 -20.31 19.59 -24.57
CA GLN A 30 -21.48 18.86 -25.07
C GLN A 30 -21.48 17.36 -24.75
N GLN A 31 -20.99 17.00 -23.54
CA GLN A 31 -20.91 15.62 -23.06
C GLN A 31 -20.19 14.69 -24.03
N LEU A 32 -19.17 15.21 -24.75
CA LEU A 32 -18.43 14.40 -25.71
C LEU A 32 -17.67 13.23 -25.07
N PRO A 33 -17.06 13.34 -23.86
CA PRO A 33 -16.47 12.12 -23.24
C PRO A 33 -17.54 11.03 -23.01
N ALA A 34 -18.76 11.40 -22.57
CA ALA A 34 -19.84 10.43 -22.38
C ALA A 34 -20.35 9.88 -23.74
N ALA A 35 -20.26 10.70 -24.80
CA ALA A 35 -20.68 10.30 -26.15
C ALA A 35 -19.76 9.24 -26.74
N MET A 36 -18.47 9.26 -26.39
CA MET A 36 -17.50 8.29 -26.91
C MET A 36 -17.47 6.95 -26.14
N ALA A 37 -18.31 6.79 -25.10
CA ALA A 37 -18.30 5.58 -24.29
C ALA A 37 -18.71 4.33 -25.04
N ASP A 38 -18.12 3.20 -24.66
CA ASP A 38 -18.36 1.90 -25.29
C ASP A 38 -19.62 1.18 -24.81
N THR A 39 -20.14 1.55 -23.63
CA THR A 39 -21.39 0.97 -23.13
C THR A 39 -22.29 2.10 -22.59
N PHE A 40 -23.60 1.82 -22.45
CA PHE A 40 -24.54 2.80 -21.90
C PHE A 40 -24.18 3.09 -20.42
N LEU A 41 -23.75 2.06 -19.67
CA LEU A 41 -23.36 2.24 -18.27
C LEU A 41 -22.17 3.21 -18.17
N GLU A 42 -21.15 3.03 -19.02
CA GLU A 42 -19.99 3.91 -19.04
C GLU A 42 -20.37 5.33 -19.48
N HIS A 43 -21.34 5.45 -20.41
CA HIS A 43 -21.88 6.72 -20.87
C HIS A 43 -22.48 7.48 -19.68
N LEU A 44 -23.28 6.81 -18.83
CA LEU A 44 -23.86 7.44 -17.64
C LEU A 44 -22.76 7.88 -16.69
N CYS A 45 -21.76 7.02 -16.43
CA CYS A 45 -20.66 7.31 -15.51
C CYS A 45 -19.85 8.54 -15.94
N LEU A 46 -19.82 8.84 -17.25
CA LEU A 46 -19.04 9.96 -17.78
C LEU A 46 -19.82 11.26 -17.93
N LEU A 47 -21.13 11.29 -17.59
CA LEU A 47 -21.91 12.54 -17.67
C LEU A 47 -21.33 13.56 -16.69
N ASP A 48 -21.14 14.80 -17.16
CA ASP A 48 -20.42 15.81 -16.42
C ASP A 48 -21.20 17.11 -16.34
N ILE A 49 -21.53 17.55 -15.10
CA ILE A 49 -22.25 18.80 -14.89
C ILE A 49 -21.45 20.03 -15.36
N ASP A 50 -20.11 19.92 -15.48
CA ASP A 50 -19.26 21.01 -15.97
C ASP A 50 -19.10 21.01 -17.51
N SER A 51 -19.62 19.98 -18.22
CA SER A 51 -19.52 19.91 -19.67
C SER A 51 -20.71 20.69 -20.25
N GLU A 52 -20.43 21.92 -20.74
CA GLU A 52 -21.46 22.82 -21.20
C GLU A 52 -22.03 22.49 -22.56
N PRO A 53 -23.38 22.63 -22.72
CA PRO A 53 -23.97 22.37 -24.03
C PRO A 53 -23.55 23.43 -25.04
N VAL A 54 -23.32 23.05 -26.30
CA VAL A 54 -22.90 23.99 -27.32
C VAL A 54 -23.91 24.07 -28.46
N ALA A 55 -24.47 22.92 -28.85
CA ALA A 55 -25.45 22.88 -29.93
C ALA A 55 -26.74 23.63 -29.58
N ALA A 56 -27.45 24.08 -30.61
CA ALA A 56 -28.72 24.77 -30.44
C ALA A 56 -29.76 23.76 -29.95
N ARG A 57 -30.73 24.24 -29.15
CA ARG A 57 -31.78 23.39 -28.60
C ARG A 57 -32.63 22.80 -29.71
N SER A 58 -32.61 21.45 -29.83
CA SER A 58 -33.29 20.61 -30.83
C SER A 58 -34.76 20.30 -30.57
N THR A 59 -35.18 20.11 -29.30
CA THR A 59 -36.55 19.72 -28.96
C THR A 59 -37.44 20.97 -28.93
N SER A 60 -38.50 21.02 -29.75
CA SER A 60 -39.37 22.19 -29.78
C SER A 60 -40.23 22.33 -28.55
N ILE A 61 -40.56 23.59 -28.21
CA ILE A 61 -41.40 23.87 -27.08
C ILE A 61 -42.76 24.35 -27.55
N ILE A 62 -43.81 23.71 -27.07
CA ILE A 62 -45.18 24.12 -27.39
C ILE A 62 -45.70 24.83 -26.14
N ALA A 63 -46.16 26.09 -26.29
CA ALA A 63 -46.72 26.81 -25.16
C ALA A 63 -48.19 27.07 -25.40
N THR A 64 -49.03 26.79 -24.40
CA THR A 64 -50.47 27.02 -24.53
C THR A 64 -50.76 28.50 -24.29
N ILE A 65 -51.52 29.11 -25.20
CA ILE A 65 -51.86 30.53 -25.10
C ILE A 65 -53.09 30.70 -24.24
N GLY A 66 -53.02 31.64 -23.30
CA GLY A 66 -54.15 31.95 -22.43
C GLY A 66 -54.06 33.34 -21.84
N PRO A 67 -54.86 33.64 -20.81
CA PRO A 67 -54.78 34.97 -20.19
C PRO A 67 -53.39 35.42 -19.76
N ALA A 68 -52.52 34.49 -19.34
CA ALA A 68 -51.16 34.84 -18.91
C ALA A 68 -50.18 35.07 -20.06
N SER A 69 -50.54 34.66 -21.30
CA SER A 69 -49.61 34.72 -22.41
C SER A 69 -50.24 35.22 -23.71
N ARG A 70 -51.29 36.04 -23.61
CA ARG A 70 -52.01 36.51 -24.78
C ARG A 70 -51.57 37.83 -25.38
N SER A 71 -50.98 38.72 -24.57
CA SER A 71 -50.57 40.04 -25.07
C SER A 71 -49.40 39.95 -26.03
N VAL A 72 -49.31 40.89 -26.95
CA VAL A 72 -48.26 40.94 -27.96
C VAL A 72 -46.89 41.08 -27.31
N GLU A 73 -46.79 41.91 -26.27
CA GLU A 73 -45.52 42.12 -25.56
C GLU A 73 -45.06 40.86 -24.81
N ARG A 74 -46.02 40.12 -24.21
CA ARG A 74 -45.73 38.88 -23.49
C ARG A 74 -45.30 37.80 -24.50
N LEU A 75 -46.01 37.73 -25.64
CA LEU A 75 -45.69 36.78 -26.71
C LEU A 75 -44.31 37.00 -27.31
N LYS A 76 -43.84 38.26 -27.41
CA LYS A 76 -42.50 38.55 -27.91
C LYS A 76 -41.46 37.98 -26.94
N GLU A 77 -41.70 38.10 -25.62
CA GLU A 77 -40.79 37.54 -24.62
C GLU A 77 -40.78 36.02 -24.69
N MET A 78 -41.94 35.39 -24.94
CA MET A 78 -42.03 33.95 -25.06
CA MET A 78 -42.02 33.94 -25.05
C MET A 78 -41.32 33.42 -26.30
N ILE A 79 -41.34 34.20 -27.41
CA ILE A 79 -40.65 33.81 -28.63
C ILE A 79 -39.15 33.86 -28.36
N LYS A 80 -38.67 34.93 -27.70
CA LYS A 80 -37.26 35.08 -27.34
C LYS A 80 -36.82 33.99 -26.36
N ALA A 81 -37.69 33.58 -25.45
CA ALA A 81 -37.40 32.53 -24.48
C ALA A 81 -37.29 31.12 -25.14
N GLY A 82 -37.92 30.94 -26.29
CA GLY A 82 -37.82 29.67 -27.02
C GLY A 82 -39.10 29.01 -27.50
N MET A 83 -40.27 29.65 -27.34
CA MET A 83 -41.53 29.07 -27.81
C MET A 83 -41.49 28.88 -29.35
N ASN A 84 -41.76 27.66 -29.82
CA ASN A 84 -41.72 27.37 -31.26
C ASN A 84 -43.12 27.14 -31.83
N ILE A 85 -44.06 26.65 -31.00
CA ILE A 85 -45.42 26.34 -31.37
C ILE A 85 -46.37 26.92 -30.33
N ALA A 86 -47.38 27.66 -30.79
CA ALA A 86 -48.39 28.24 -29.92
C ALA A 86 -49.61 27.34 -29.97
N ARG A 87 -50.08 26.84 -28.83
CA ARG A 87 -51.23 25.96 -28.78
C ARG A 87 -52.48 26.72 -28.34
N LEU A 88 -53.55 26.59 -29.12
CA LEU A 88 -54.84 27.21 -28.81
C LEU A 88 -55.70 26.09 -28.29
N ASN A 89 -56.16 26.18 -27.04
CA ASN A 89 -57.00 25.15 -26.48
C ASN A 89 -58.47 25.48 -26.73
N PHE A 90 -59.09 24.78 -27.70
CA PHE A 90 -60.49 25.04 -28.04
C PHE A 90 -61.50 24.43 -27.06
N SER A 91 -61.03 23.88 -25.92
CA SER A 91 -61.94 23.43 -24.87
C SER A 91 -62.57 24.66 -24.16
N HIS A 92 -61.89 25.83 -24.20
CA HIS A 92 -62.34 27.07 -23.58
C HIS A 92 -62.18 28.23 -24.57
N GLY A 93 -63.02 29.25 -24.42
CA GLY A 93 -62.93 30.44 -25.26
C GLY A 93 -63.71 30.36 -26.55
N SER A 94 -64.21 31.50 -26.99
CA SER A 94 -64.99 31.61 -28.21
C SER A 94 -64.08 31.68 -29.46
N HIS A 95 -64.68 31.61 -30.67
CA HIS A 95 -63.93 31.77 -31.90
C HIS A 95 -63.31 33.18 -31.97
N GLU A 96 -64.02 34.19 -31.46
CA GLU A 96 -63.51 35.56 -31.43
C GLU A 96 -62.27 35.68 -30.56
N TYR A 97 -62.28 35.00 -29.41
CA TYR A 97 -61.15 34.98 -28.48
C TYR A 97 -59.93 34.34 -29.15
N HIS A 98 -60.12 33.18 -29.79
CA HIS A 98 -59.03 32.48 -30.45
C HIS A 98 -58.49 33.21 -31.67
N ALA A 99 -59.35 33.93 -32.42
CA ALA A 99 -58.89 34.71 -33.57
C ALA A 99 -57.99 35.87 -33.11
N GLU A 100 -58.30 36.45 -31.94
CA GLU A 100 -57.48 37.52 -31.39
C GLU A 100 -56.13 36.96 -30.91
N SER A 101 -56.14 35.75 -30.31
CA SER A 101 -54.90 35.10 -29.88
C SER A 101 -53.98 34.86 -31.09
N ILE A 102 -54.55 34.35 -32.21
CA ILE A 102 -53.83 34.11 -33.47
C ILE A 102 -53.24 35.40 -34.02
N ALA A 103 -54.04 36.49 -34.04
CA ALA A 103 -53.56 37.78 -34.53
C ALA A 103 -52.41 38.29 -33.66
N ASN A 104 -52.51 38.12 -32.33
CA ASN A 104 -51.46 38.57 -31.41
C ASN A 104 -50.17 37.77 -31.59
N VAL A 105 -50.28 36.45 -31.83
CA VAL A 105 -49.11 35.60 -32.08
C VAL A 105 -48.44 36.07 -33.37
N ARG A 106 -49.21 36.21 -34.46
CA ARG A 106 -48.67 36.66 -35.73
C ARG A 106 -48.03 38.05 -35.66
N GLU A 107 -48.61 38.97 -34.87
CA GLU A 107 -48.03 40.30 -34.71
C GLU A 107 -46.68 40.21 -33.99
N ALA A 108 -46.61 39.41 -32.92
CA ALA A 108 -45.35 39.23 -32.19
C ALA A 108 -44.29 38.55 -33.06
N VAL A 109 -44.68 37.54 -33.85
CA VAL A 109 -43.75 36.83 -34.74
C VAL A 109 -43.19 37.75 -35.82
N GLU A 110 -44.08 38.51 -36.47
CA GLU A 110 -43.66 39.40 -37.55
C GLU A 110 -42.87 40.62 -37.09
N SER A 111 -42.88 40.93 -35.78
CA SER A 111 -42.08 42.04 -35.26
C SER A 111 -40.56 41.78 -35.42
N PHE A 112 -40.14 40.52 -35.64
CA PHE A 112 -38.74 40.14 -35.83
C PHE A 112 -38.34 39.90 -37.31
N ALA A 113 -39.32 40.05 -38.25
CA ALA A 113 -39.09 39.83 -39.68
C ALA A 113 -38.12 40.82 -40.36
N GLY A 114 -37.81 41.93 -39.69
CA GLY A 114 -36.88 42.93 -40.20
C GLY A 114 -35.46 42.43 -40.39
N SER A 115 -35.10 41.34 -39.70
CA SER A 115 -33.78 40.74 -39.83
C SER A 115 -34.01 39.31 -40.35
N PRO A 116 -34.01 39.13 -41.69
CA PRO A 116 -34.31 37.81 -42.25
C PRO A 116 -33.34 36.67 -41.89
N LEU A 117 -32.07 36.98 -41.62
CA LEU A 117 -31.11 35.94 -41.25
C LEU A 117 -31.30 35.41 -39.81
N SER A 118 -32.13 36.09 -38.98
CA SER A 118 -32.38 35.62 -37.61
C SER A 118 -33.87 35.35 -37.30
N TYR A 119 -34.79 35.67 -38.25
CA TYR A 119 -36.23 35.48 -38.06
C TYR A 119 -36.60 34.05 -37.69
N ARG A 120 -37.44 33.91 -36.66
CA ARG A 120 -37.90 32.61 -36.19
C ARG A 120 -39.38 32.35 -36.45
N PRO A 121 -39.69 31.40 -37.36
CA PRO A 121 -41.10 31.03 -37.57
C PRO A 121 -41.73 30.42 -36.31
N VAL A 122 -43.04 30.61 -36.09
CA VAL A 122 -43.75 30.03 -34.94
C VAL A 122 -45.03 29.39 -35.45
N ALA A 123 -45.24 28.09 -35.21
CA ALA A 123 -46.44 27.39 -35.68
C ALA A 123 -47.63 27.67 -34.79
N ILE A 124 -48.84 27.54 -35.35
CA ILE A 124 -50.07 27.72 -34.59
C ILE A 124 -50.81 26.40 -34.64
N ALA A 125 -51.10 25.83 -33.47
CA ALA A 125 -51.75 24.54 -33.35
C ALA A 125 -53.11 24.68 -32.69
N LEU A 126 -54.11 24.02 -33.25
CA LEU A 126 -55.46 24.07 -32.71
C LEU A 126 -55.69 22.75 -31.97
N ASP A 127 -55.98 22.82 -30.67
CA ASP A 127 -56.24 21.62 -29.88
C ASP A 127 -57.76 21.52 -29.71
N THR A 128 -58.36 20.46 -30.27
CA THR A 128 -59.81 20.30 -30.24
C THR A 128 -60.38 19.93 -28.86
N LYS A 129 -61.66 20.30 -28.66
CA LYS A 129 -62.39 20.01 -27.43
C LYS A 129 -62.55 18.50 -27.26
N GLY A 130 -62.84 17.79 -28.35
CA GLY A 130 -62.95 16.35 -28.30
C GLY A 130 -64.36 15.82 -28.52
N PRO A 131 -64.49 14.49 -28.52
CA PRO A 131 -65.79 13.88 -28.76
C PRO A 131 -66.77 13.87 -27.58
N GLY A 132 -66.28 14.12 -26.37
CA GLY A 132 -67.09 14.12 -25.18
C GLY A 132 -67.71 12.76 -24.94
N SER A 133 -69.04 12.72 -24.75
CA SER A 133 -69.74 11.44 -24.57
C SER A 133 -70.10 10.72 -25.89
N GLY A 134 -69.81 11.34 -27.03
CA GLY A 134 -70.12 10.78 -28.34
C GLY A 134 -69.17 9.68 -28.79
N GLY A 136 -67.82 9.67 -32.07
CA GLY A 136 -66.93 10.19 -33.10
C GLY A 136 -66.83 11.72 -33.07
N LEU A 137 -66.60 12.31 -34.24
CA LEU A 137 -66.43 13.76 -34.38
C LEU A 137 -67.66 14.57 -33.99
N SER A 138 -67.51 15.40 -32.95
CA SER A 138 -68.60 16.23 -32.45
C SER A 138 -68.89 17.41 -33.37
N GLU A 139 -70.07 18.03 -33.23
CA GLU A 139 -70.45 19.17 -34.04
C GLU A 139 -69.60 20.39 -33.74
N GLN A 140 -69.21 20.58 -32.47
CA GLN A 140 -68.35 21.71 -32.11
C GLN A 140 -66.98 21.54 -32.77
N ASP A 141 -66.45 20.30 -32.80
CA ASP A 141 -65.16 20.04 -33.44
C ASP A 141 -65.22 20.33 -34.94
N VAL A 142 -66.34 20.01 -35.61
CA VAL A 142 -66.49 20.32 -37.03
C VAL A 142 -66.40 21.83 -37.28
N ARG A 143 -67.05 22.62 -36.42
CA ARG A 143 -67.02 24.09 -36.53
C ARG A 143 -65.64 24.67 -36.20
N ASP A 144 -64.98 24.11 -35.17
CA ASP A 144 -63.66 24.57 -34.76
C ASP A 144 -62.60 24.23 -35.80
N LEU A 145 -62.69 23.04 -36.42
CA LEU A 145 -61.77 22.65 -37.48
C LEU A 145 -61.93 23.54 -38.72
N ARG A 146 -63.17 23.95 -39.02
CA ARG A 146 -63.47 24.87 -40.12
C ARG A 146 -62.85 26.23 -39.82
N PHE A 147 -62.94 26.68 -38.55
CA PHE A 147 -62.32 27.93 -38.09
C PHE A 147 -60.80 27.86 -38.31
N GLY A 148 -60.20 26.71 -37.97
CA GLY A 148 -58.78 26.49 -38.12
C GLY A 148 -58.31 26.65 -39.56
N VAL A 149 -59.04 26.04 -40.50
CA VAL A 149 -58.72 26.16 -41.92
C VAL A 149 -58.83 27.63 -42.38
N GLU A 150 -59.93 28.30 -41.99
CA GLU A 150 -60.15 29.70 -42.36
C GLU A 150 -59.11 30.64 -41.78
N HIS A 151 -58.57 30.31 -40.60
CA HIS A 151 -57.54 31.15 -39.99
C HIS A 151 -56.10 30.69 -40.26
N GLY A 152 -55.93 29.71 -41.14
CA GLY A 152 -54.62 29.22 -41.54
C GLY A 152 -53.76 28.55 -40.48
N VAL A 153 -54.37 27.76 -39.58
CA VAL A 153 -53.59 27.04 -38.56
C VAL A 153 -52.69 25.99 -39.23
N ASP A 154 -51.56 25.69 -38.62
CA ASP A 154 -50.59 24.75 -39.19
C ASP A 154 -50.80 23.32 -38.76
N ILE A 155 -51.28 23.14 -37.53
CA ILE A 155 -51.40 21.83 -36.91
C ILE A 155 -52.71 21.69 -36.16
N VAL A 156 -53.23 20.47 -36.09
CA VAL A 156 -54.38 20.14 -35.27
C VAL A 156 -53.94 19.07 -34.27
N PHE A 157 -54.15 19.30 -32.96
CA PHE A 157 -53.92 18.30 -31.93
C PHE A 157 -55.32 17.73 -31.71
N ALA A 158 -55.61 16.56 -32.30
CA ALA A 158 -56.94 15.97 -32.21
C ALA A 158 -57.16 15.21 -30.89
N SER A 159 -58.07 15.70 -30.06
CA SER A 159 -58.34 15.09 -28.76
C SER A 159 -59.02 13.75 -28.81
N PHE A 160 -58.69 12.89 -27.84
CA PHE A 160 -59.27 11.55 -27.64
C PHE A 160 -59.38 10.71 -28.91
N VAL A 161 -58.26 10.56 -29.65
CA VAL A 161 -58.26 9.71 -30.83
C VAL A 161 -58.22 8.27 -30.35
N ARG A 162 -59.23 7.49 -30.72
CA ARG A 162 -59.40 6.11 -30.28
C ARG A 162 -59.15 5.07 -31.37
N LYS A 163 -59.18 5.48 -32.66
CA LYS A 163 -59.04 4.57 -33.80
C LYS A 163 -58.75 5.37 -35.07
N ALA A 164 -58.35 4.67 -36.16
CA ALA A 164 -58.03 5.30 -37.43
C ALA A 164 -59.19 6.12 -38.03
N SER A 165 -60.45 5.67 -37.85
CA SER A 165 -61.60 6.40 -38.38
C SER A 165 -61.80 7.78 -37.73
N ASP A 166 -61.30 7.96 -36.49
CA ASP A 166 -61.35 9.27 -35.84
C ASP A 166 -60.44 10.27 -36.60
N VAL A 167 -59.28 9.81 -37.06
CA VAL A 167 -58.35 10.64 -37.81
C VAL A 167 -58.94 10.98 -39.17
N ALA A 168 -59.58 10.00 -39.84
CA ALA A 168 -60.22 10.22 -41.14
C ALA A 168 -61.32 11.27 -41.02
N ALA A 169 -62.08 11.26 -39.91
CA ALA A 169 -63.13 12.24 -39.67
C ALA A 169 -62.56 13.64 -39.50
N VAL A 170 -61.43 13.77 -38.80
CA VAL A 170 -60.76 15.08 -38.62
C VAL A 170 -60.26 15.58 -39.98
N ARG A 171 -59.65 14.69 -40.76
CA ARG A 171 -59.14 15.02 -42.08
C ARG A 171 -60.27 15.51 -43.00
N ALA A 172 -61.41 14.81 -43.00
CA ALA A 172 -62.56 15.20 -43.82
C ALA A 172 -63.11 16.56 -43.41
N ALA A 173 -63.15 16.84 -42.10
CA ALA A 173 -63.63 18.13 -41.59
C ALA A 173 -62.71 19.31 -41.94
N LEU A 174 -61.44 19.03 -42.25
CA LEU A 174 -60.51 20.08 -42.68
C LEU A 174 -60.74 20.48 -44.17
N GLY A 175 -61.32 19.57 -44.95
CA GLY A 175 -61.65 19.80 -46.35
C GLY A 175 -60.48 19.91 -47.30
N PRO A 176 -60.77 20.29 -48.56
CA PRO A 176 -59.69 20.43 -49.56
C PRO A 176 -58.75 21.61 -49.26
N GLU A 177 -59.26 22.66 -48.59
CA GLU A 177 -58.41 23.80 -48.24
C GLU A 177 -57.46 23.48 -47.04
N GLY A 178 -57.75 22.43 -46.27
CA GLY A 178 -56.92 22.04 -45.14
C GLY A 178 -56.05 20.82 -45.37
N HIS A 179 -55.80 20.47 -46.64
CA HIS A 179 -54.99 19.30 -47.02
C HIS A 179 -53.57 19.33 -46.43
N GLY A 180 -53.02 20.53 -46.27
CA GLY A 180 -51.66 20.74 -45.79
C GLY A 180 -51.50 20.80 -44.28
N ILE A 181 -52.61 20.82 -43.53
CA ILE A 181 -52.55 20.88 -42.06
C ILE A 181 -52.10 19.52 -41.47
N LYS A 182 -51.16 19.55 -40.51
CA LYS A 182 -50.68 18.32 -39.89
C LYS A 182 -51.65 17.87 -38.81
N ILE A 183 -51.99 16.59 -38.77
CA ILE A 183 -52.85 16.05 -37.73
C ILE A 183 -52.02 15.24 -36.73
N ILE A 184 -51.95 15.74 -35.50
CA ILE A 184 -51.25 15.07 -34.41
C ILE A 184 -52.32 14.45 -33.53
N SER A 185 -52.39 13.13 -33.48
CA SER A 185 -53.41 12.45 -32.68
C SER A 185 -53.04 12.38 -31.20
N LYS A 186 -53.95 12.84 -30.33
CA LYS A 186 -53.72 12.77 -28.89
C LYS A 186 -54.19 11.42 -28.37
N ILE A 187 -53.29 10.66 -27.72
CA ILE A 187 -53.63 9.36 -27.13
C ILE A 187 -53.92 9.63 -25.68
N GLU A 188 -55.19 9.48 -25.26
CA GLU A 188 -55.61 9.84 -23.91
C GLU A 188 -56.34 8.75 -23.15
N ASN A 189 -56.47 7.54 -23.70
CA ASN A 189 -57.19 6.48 -23.01
C ASN A 189 -56.67 5.08 -23.39
N HIS A 190 -57.21 4.03 -22.74
CA HIS A 190 -56.78 2.66 -23.00
C HIS A 190 -56.94 2.26 -24.47
N GLU A 191 -58.08 2.60 -25.09
CA GLU A 191 -58.32 2.24 -26.48
C GLU A 191 -57.31 2.85 -27.44
N GLY A 192 -56.96 4.12 -27.22
CA GLY A 192 -55.95 4.80 -28.02
C GLY A 192 -54.60 4.11 -27.96
N VAL A 193 -54.22 3.64 -26.75
CA VAL A 193 -52.97 2.91 -26.54
C VAL A 193 -53.01 1.57 -27.27
N LYS A 194 -54.10 0.82 -27.10
CA LYS A 194 -54.23 -0.50 -27.74
C LYS A 194 -54.31 -0.45 -29.25
N ARG A 195 -54.96 0.58 -29.79
CA ARG A 195 -55.06 0.76 -31.24
C ARG A 195 -54.01 1.74 -31.78
N PHE A 196 -52.91 1.97 -31.05
CA PHE A 196 -51.84 2.89 -31.39
C PHE A 196 -51.30 2.72 -32.82
N ASP A 197 -50.97 1.49 -33.22
CA ASP A 197 -50.38 1.27 -34.54
C ASP A 197 -51.26 1.75 -35.69
N GLU A 198 -52.58 1.48 -35.62
CA GLU A 198 -53.48 1.92 -36.69
C GLU A 198 -53.68 3.44 -36.67
N ILE A 199 -53.57 4.08 -35.50
CA ILE A 199 -53.71 5.52 -35.38
C ILE A 199 -52.47 6.21 -35.93
N LEU A 200 -51.27 5.74 -35.56
CA LEU A 200 -50.01 6.32 -36.03
C LEU A 200 -49.89 6.22 -37.55
N GLU A 201 -50.31 5.10 -38.13
CA GLU A 201 -50.26 4.87 -39.57
C GLU A 201 -50.97 5.96 -40.39
N VAL A 202 -52.12 6.46 -39.91
CA VAL A 202 -52.86 7.49 -40.62
C VAL A 202 -52.64 8.91 -40.08
N SER A 203 -51.87 9.07 -38.99
CA SER A 203 -51.63 10.39 -38.42
C SER A 203 -50.29 10.95 -38.89
N ASP A 204 -50.11 12.26 -38.79
CA ASP A 204 -48.81 12.88 -39.06
C ASP A 204 -47.86 12.72 -37.86
N GLY A 205 -48.42 12.54 -36.66
CA GLY A 205 -47.69 12.39 -35.41
C GLY A 205 -48.61 12.12 -34.24
N ILE A 206 -48.04 12.06 -33.03
CA ILE A 206 -48.77 11.68 -31.83
C ILE A 206 -48.48 12.62 -30.67
N MET A 207 -49.45 12.80 -29.78
CA MET A 207 -49.23 13.51 -28.53
C MET A 207 -49.56 12.54 -27.40
N VAL A 208 -48.63 12.34 -26.45
CA VAL A 208 -48.88 11.53 -25.27
C VAL A 208 -49.56 12.52 -24.32
N ALA A 209 -50.89 12.50 -24.28
CA ALA A 209 -51.69 13.45 -23.49
C ALA A 209 -51.88 12.85 -22.10
N ARG A 210 -50.88 13.05 -21.25
CA ARG A 210 -50.77 12.42 -19.94
C ARG A 210 -51.83 12.77 -18.91
N GLY A 211 -52.46 13.94 -19.03
CA GLY A 211 -53.51 14.36 -18.12
C GLY A 211 -54.68 13.39 -18.09
N ASP A 212 -55.35 13.24 -19.23
CA ASP A 212 -56.47 12.30 -19.33
C ASP A 212 -55.96 10.88 -19.28
N LEU A 213 -54.80 10.58 -19.89
CA LEU A 213 -54.25 9.22 -19.87
C LEU A 213 -54.05 8.71 -18.44
N GLY A 214 -53.58 9.58 -17.56
CA GLY A 214 -53.34 9.28 -16.15
C GLY A 214 -54.58 9.09 -15.29
N ILE A 215 -55.76 9.39 -15.84
CA ILE A 215 -57.06 9.17 -15.18
C ILE A 215 -57.76 7.95 -15.86
N GLU A 216 -57.52 7.74 -17.17
CA GLU A 216 -58.11 6.65 -17.94
C GLU A 216 -57.44 5.31 -17.67
N ILE A 217 -56.13 5.32 -17.40
CA ILE A 217 -55.39 4.11 -17.05
C ILE A 217 -54.71 4.36 -15.67
N PRO A 218 -54.26 3.33 -14.94
CA PRO A 218 -53.57 3.58 -13.65
C PRO A 218 -52.40 4.57 -13.82
N ALA A 219 -52.30 5.54 -12.91
CA ALA A 219 -51.25 6.57 -12.94
C ALA A 219 -49.84 6.00 -13.05
N GLU A 220 -49.61 4.86 -12.37
CA GLU A 220 -48.32 4.18 -12.36
C GLU A 220 -47.96 3.48 -13.68
N LYS A 221 -48.87 3.47 -14.66
CA LYS A 221 -48.62 2.84 -15.97
C LYS A 221 -48.36 3.87 -17.07
N VAL A 222 -48.62 5.17 -16.84
CA VAL A 222 -48.43 6.21 -17.84
C VAL A 222 -47.02 6.22 -18.42
N PHE A 223 -45.97 6.06 -17.59
CA PHE A 223 -44.59 6.07 -18.10
C PHE A 223 -44.34 4.96 -19.13
N LEU A 224 -45.03 3.81 -19.00
CA LEU A 224 -44.87 2.69 -19.95
C LEU A 224 -45.50 3.08 -21.29
N ALA A 225 -46.69 3.71 -21.26
CA ALA A 225 -47.37 4.16 -22.46
C ALA A 225 -46.54 5.26 -23.14
N GLN A 226 -45.99 6.20 -22.35
CA GLN A 226 -45.17 7.28 -22.90
C GLN A 226 -43.93 6.73 -23.60
N LYS A 227 -43.17 5.84 -22.93
CA LYS A 227 -41.95 5.29 -23.50
C LYS A 227 -42.22 4.44 -24.74
N MET A 228 -43.30 3.65 -24.71
CA MET A 228 -43.68 2.81 -25.85
C MET A 228 -44.05 3.69 -27.04
N MET A 229 -44.91 4.71 -26.83
CA MET A 229 -45.36 5.57 -27.93
C MET A 229 -44.22 6.37 -28.53
N ILE A 230 -43.32 6.89 -27.68
CA ILE A 230 -42.17 7.63 -28.17
C ILE A 230 -41.25 6.70 -28.99
N GLY A 231 -41.01 5.49 -28.50
CA GLY A 231 -40.20 4.52 -29.22
C GLY A 231 -40.78 4.16 -30.58
N ARG A 232 -42.11 3.93 -30.65
CA ARG A 232 -42.76 3.58 -31.91
C ARG A 232 -42.79 4.75 -32.88
N CYS A 233 -42.94 5.99 -32.38
CA CYS A 233 -42.91 7.16 -33.26
C CYS A 233 -41.49 7.37 -33.79
N ASN A 234 -40.46 7.14 -32.95
CA ASN A 234 -39.07 7.27 -33.39
C ASN A 234 -38.78 6.24 -34.49
N LEU A 235 -39.29 5.02 -34.33
CA LEU A 235 -39.12 3.96 -35.32
CA LEU A 235 -39.13 3.94 -35.31
C LEU A 235 -39.84 4.33 -36.64
N ALA A 236 -41.05 4.89 -36.54
CA ALA A 236 -41.81 5.29 -37.72
C ALA A 236 -41.29 6.59 -38.38
N GLY A 237 -40.44 7.34 -37.69
CA GLY A 237 -39.96 8.62 -38.19
C GLY A 237 -41.03 9.69 -38.17
N LYS A 238 -41.97 9.62 -37.20
CA LYS A 238 -43.05 10.60 -37.08
C LYS A 238 -42.97 11.36 -35.76
N PRO A 239 -43.29 12.68 -35.78
CA PRO A 239 -43.15 13.46 -34.54
C PRO A 239 -43.99 12.98 -33.35
N VAL A 240 -43.41 13.07 -32.16
CA VAL A 240 -44.12 12.71 -30.93
C VAL A 240 -43.95 13.84 -29.91
N VAL A 241 -45.05 14.22 -29.27
CA VAL A 241 -45.07 15.29 -28.28
C VAL A 241 -45.29 14.70 -26.90
N CYS A 242 -44.51 15.14 -25.90
CA CYS A 242 -44.80 14.75 -24.52
C CYS A 242 -45.53 15.94 -23.89
N ALA A 243 -46.66 15.69 -23.24
CA ALA A 243 -47.47 16.78 -22.70
C ALA A 243 -47.99 16.55 -21.29
N THR A 244 -48.33 17.65 -20.60
CA THR A 244 -49.09 17.81 -19.35
C THR A 244 -48.33 17.60 -18.06
N GLN A 245 -48.38 18.63 -17.21
CA GLN A 245 -47.81 18.68 -15.86
C GLN A 245 -46.30 18.52 -15.81
N MET A 246 -45.60 18.86 -16.92
CA MET A 246 -44.15 18.75 -16.97
C MET A 246 -43.48 19.70 -15.98
N LEU A 247 -44.01 20.94 -15.84
CA LEU A 247 -43.48 21.91 -14.87
C LEU A 247 -44.65 22.51 -14.06
N GLU A 248 -45.64 21.67 -13.70
CA GLU A 248 -46.87 22.07 -13.02
C GLU A 248 -46.73 23.09 -11.88
N SER A 249 -45.81 22.85 -10.93
CA SER A 249 -45.62 23.76 -9.79
C SER A 249 -45.26 25.19 -10.22
N MET A 250 -44.74 25.37 -11.45
CA MET A 250 -44.39 26.71 -11.94
C MET A 250 -45.63 27.58 -12.27
N ILE A 251 -46.84 27.03 -12.12
CA ILE A 251 -48.06 27.83 -12.27
C ILE A 251 -48.08 28.90 -11.13
N THR A 252 -47.60 28.55 -9.92
CA THR A 252 -47.54 29.50 -8.81
C THR A 252 -46.13 29.78 -8.28
N LYS A 253 -45.15 28.89 -8.55
CA LYS A 253 -43.79 29.07 -8.02
C LYS A 253 -42.77 29.44 -9.10
N PRO A 254 -41.76 30.27 -8.78
CA PRO A 254 -40.79 30.67 -9.81
C PRO A 254 -39.80 29.60 -10.26
N ARG A 255 -39.65 28.53 -9.46
CA ARG A 255 -38.73 27.44 -9.74
C ARG A 255 -39.51 26.12 -9.67
N PRO A 256 -39.15 25.15 -10.53
CA PRO A 256 -39.87 23.86 -10.51
C PRO A 256 -39.34 22.91 -9.45
N THR A 257 -40.04 21.78 -9.23
CA THR A 257 -39.56 20.77 -8.31
C THR A 257 -38.46 19.89 -8.99
N ARG A 258 -37.77 19.05 -8.20
CA ARG A 258 -36.76 18.15 -8.71
C ARG A 258 -37.40 17.07 -9.63
N ALA A 259 -38.65 16.68 -9.36
CA ALA A 259 -39.34 15.70 -10.21
C ALA A 259 -39.69 16.30 -11.58
N GLU A 260 -40.01 17.59 -11.61
CA GLU A 260 -40.38 18.28 -12.84
C GLU A 260 -39.21 18.45 -13.78
N THR A 261 -38.03 18.86 -13.28
CA THR A 261 -36.86 18.99 -14.16
C THR A 261 -36.45 17.62 -14.70
N SER A 262 -36.54 16.60 -13.85
CA SER A 262 -36.26 15.22 -14.22
C SER A 262 -37.23 14.75 -15.33
N ASP A 263 -38.52 15.07 -15.21
CA ASP A 263 -39.53 14.69 -16.19
C ASP A 263 -39.24 15.28 -17.57
N VAL A 264 -38.87 16.56 -17.62
CA VAL A 264 -38.54 17.22 -18.88
C VAL A 264 -37.31 16.56 -19.51
N ALA A 265 -36.25 16.36 -18.72
CA ALA A 265 -35.02 15.74 -19.20
C ALA A 265 -35.27 14.34 -19.71
N ASN A 266 -36.08 13.55 -18.97
CA ASN A 266 -36.38 12.17 -19.37
C ASN A 266 -37.27 12.09 -20.60
N ALA A 267 -38.15 13.08 -20.85
CA ALA A 267 -38.96 13.07 -22.08
C ALA A 267 -38.04 13.26 -23.29
N VAL A 268 -37.04 14.15 -23.18
CA VAL A 268 -36.05 14.36 -24.23
C VAL A 268 -35.19 13.10 -24.41
N LEU A 269 -34.69 12.52 -23.31
CA LEU A 269 -33.89 11.29 -23.39
C LEU A 269 -34.70 10.12 -23.95
N ASP A 270 -36.03 10.09 -23.71
CA ASP A 270 -36.92 9.04 -24.23
C ASP A 270 -36.97 9.11 -25.78
N GLY A 271 -36.86 10.32 -26.33
CA GLY A 271 -36.89 10.56 -27.77
C GLY A 271 -37.99 11.50 -28.24
N ALA A 272 -38.62 12.25 -27.33
CA ALA A 272 -39.69 13.18 -27.72
C ALA A 272 -39.19 14.27 -28.66
N ASP A 273 -39.95 14.54 -29.72
CA ASP A 273 -39.60 15.61 -30.65
C ASP A 273 -39.97 16.98 -30.06
N CYS A 274 -41.08 17.03 -29.31
CA CYS A 274 -41.58 18.27 -28.70
C CYS A 274 -41.93 18.03 -27.24
N ILE A 275 -41.84 19.08 -26.45
CA ILE A 275 -42.29 19.11 -25.05
C ILE A 275 -43.32 20.26 -24.94
N MET A 276 -44.27 20.13 -24.02
CA MET A 276 -45.37 21.08 -23.93
C MET A 276 -45.59 21.68 -22.56
N LEU A 277 -46.16 22.89 -22.56
CA LEU A 277 -46.59 23.64 -21.38
C LEU A 277 -48.08 23.94 -21.56
N SER A 278 -48.87 23.70 -20.52
CA SER A 278 -50.31 23.96 -20.57
C SER A 278 -50.66 25.11 -19.62
N GLY A 279 -51.11 24.83 -18.39
CA GLY A 279 -51.42 25.86 -17.39
C GLY A 279 -50.22 26.73 -17.06
N GLU A 280 -49.00 26.17 -17.17
CA GLU A 280 -47.76 26.89 -16.89
C GLU A 280 -47.64 28.17 -17.71
N THR A 281 -48.14 28.16 -18.96
CA THR A 281 -48.07 29.35 -19.81
C THR A 281 -49.44 29.96 -20.06
N ALA A 282 -50.52 29.17 -20.01
CA ALA A 282 -51.86 29.66 -20.27
C ALA A 282 -52.40 30.52 -19.13
N LYS A 283 -52.18 30.13 -17.88
CA LYS A 283 -52.74 30.86 -16.75
C LYS A 283 -51.80 31.14 -15.58
N GLY A 284 -50.61 30.57 -15.60
CA GLY A 284 -49.68 30.69 -14.48
C GLY A 284 -49.02 32.04 -14.34
N ASN A 285 -48.35 32.25 -13.21
CA ASN A 285 -47.66 33.50 -12.90
C ASN A 285 -46.28 33.62 -13.51
N PHE A 286 -45.73 32.53 -14.06
CA PHE A 286 -44.37 32.55 -14.63
C PHE A 286 -44.31 31.93 -16.04
N PRO A 287 -45.12 32.42 -17.02
CA PRO A 287 -45.10 31.79 -18.36
C PRO A 287 -43.75 31.84 -19.06
N VAL A 288 -43.06 32.98 -19.02
CA VAL A 288 -41.77 33.13 -19.69
C VAL A 288 -40.71 32.26 -19.00
N GLU A 289 -40.71 32.23 -17.67
CA GLU A 289 -39.77 31.43 -16.89
C GLU A 289 -39.97 29.93 -17.16
N ALA A 290 -41.22 29.49 -17.37
CA ALA A 290 -41.52 28.09 -17.67
C ALA A 290 -40.91 27.69 -19.02
N VAL A 291 -41.01 28.59 -20.03
CA VAL A 291 -40.42 28.35 -21.34
C VAL A 291 -38.88 28.32 -21.23
N LYS A 292 -38.31 29.27 -20.47
CA LYS A 292 -36.86 29.32 -20.26
C LYS A 292 -36.33 28.05 -19.59
N MET A 293 -37.09 27.52 -18.62
CA MET A 293 -36.72 26.30 -17.91
C MET A 293 -36.75 25.09 -18.84
N GLN A 294 -37.80 24.95 -19.68
CA GLN A 294 -37.84 23.84 -20.65
C GLN A 294 -36.69 23.94 -21.64
N HIS A 295 -36.35 25.17 -22.06
CA HIS A 295 -35.23 25.38 -22.98
C HIS A 295 -33.91 24.93 -22.34
N ALA A 296 -33.64 25.36 -21.11
CA ALA A 296 -32.40 25.05 -20.39
C ALA A 296 -32.24 23.55 -20.16
N ILE A 297 -33.33 22.86 -19.74
CA ILE A 297 -33.27 21.42 -19.51
C ILE A 297 -33.07 20.65 -20.82
N ALA A 298 -33.87 20.97 -21.86
CA ALA A 298 -33.77 20.29 -23.16
C ALA A 298 -32.36 20.33 -23.74
N ARG A 299 -31.69 21.48 -23.67
CA ARG A 299 -30.33 21.61 -24.18
C ARG A 299 -29.37 20.66 -23.45
N GLU A 300 -29.49 20.59 -22.11
CA GLU A 300 -28.62 19.71 -21.34
C GLU A 300 -28.92 18.24 -21.66
N ALA A 301 -30.22 17.88 -21.78
CA ALA A 301 -30.63 16.50 -22.04
C ALA A 301 -30.26 16.03 -23.44
N GLU A 302 -30.30 16.91 -24.43
CA GLU A 302 -29.93 16.55 -25.81
C GLU A 302 -28.46 16.18 -25.91
N ALA A 303 -27.59 16.89 -25.17
CA ALA A 303 -26.16 16.57 -25.17
C ALA A 303 -25.90 15.23 -24.46
N ALA A 304 -26.76 14.84 -23.50
CA ALA A 304 -26.66 13.60 -22.74
C ALA A 304 -27.23 12.38 -23.49
N VAL A 305 -27.76 12.56 -24.72
CA VAL A 305 -28.27 11.44 -25.53
C VAL A 305 -27.08 10.57 -25.95
N TYR A 306 -27.20 9.25 -25.81
CA TYR A 306 -26.15 8.32 -26.17
C TYR A 306 -26.28 8.00 -27.67
N HIS A 307 -25.82 8.93 -28.54
CA HIS A 307 -25.91 8.80 -30.00
C HIS A 307 -25.28 7.55 -30.57
N ARG A 308 -24.20 7.05 -29.98
CA ARG A 308 -23.53 5.85 -30.50
C ARG A 308 -24.50 4.66 -30.61
N GLN A 309 -25.27 4.38 -29.54
CA GLN A 309 -26.22 3.29 -29.59
C GLN A 309 -27.50 3.70 -30.31
N LEU A 310 -27.98 4.93 -30.09
CA LEU A 310 -29.20 5.42 -30.73
C LEU A 310 -29.11 5.38 -32.27
N PHE A 311 -28.04 5.95 -32.86
CA PHE A 311 -27.88 5.94 -34.32
C PHE A 311 -27.79 4.53 -34.84
N GLU A 312 -27.03 3.66 -34.16
CA GLU A 312 -26.90 2.27 -34.56
C GLU A 312 -28.23 1.56 -34.60
N GLU A 313 -29.06 1.77 -33.58
CA GLU A 313 -30.36 1.13 -33.52
C GLU A 313 -31.36 1.68 -34.51
N LEU A 314 -31.38 3.02 -34.70
CA LEU A 314 -32.29 3.63 -35.66
C LEU A 314 -31.92 3.21 -37.08
N ARG A 315 -30.62 3.19 -37.39
CA ARG A 315 -30.11 2.79 -38.68
C ARG A 315 -30.43 1.32 -39.00
N ARG A 316 -30.30 0.41 -38.01
CA ARG A 316 -30.58 -1.02 -38.18
C ARG A 316 -32.08 -1.27 -38.37
N ALA A 317 -32.92 -0.59 -37.57
CA ALA A 317 -34.37 -0.78 -37.63
C ALA A 317 -35.07 -0.11 -38.81
N ALA A 318 -34.51 0.96 -39.38
CA ALA A 318 -35.14 1.63 -40.52
C ALA A 318 -35.08 0.70 -41.74
N PRO A 319 -36.23 0.40 -42.36
CA PRO A 319 -36.22 -0.59 -43.44
C PRO A 319 -35.44 -0.18 -44.65
N LEU A 320 -35.04 -1.17 -45.47
CA LEU A 320 -34.37 -0.89 -46.74
C LEU A 320 -35.34 -0.12 -47.64
N SER A 321 -34.80 0.83 -48.42
CA SER A 321 -35.67 1.69 -49.22
C SER A 321 -35.11 1.98 -50.56
N ARG A 322 -35.97 2.12 -51.55
CA ARG A 322 -35.56 2.53 -52.87
CA ARG A 322 -35.55 2.54 -52.87
C ARG A 322 -35.99 3.98 -53.19
N ASP A 323 -36.45 4.73 -52.18
CA ASP A 323 -36.85 6.13 -52.30
C ASP A 323 -35.57 6.94 -52.20
N PRO A 324 -35.22 7.73 -53.23
CA PRO A 324 -33.95 8.50 -53.18
C PRO A 324 -33.84 9.50 -52.04
N THR A 325 -34.96 10.08 -51.57
CA THR A 325 -34.88 11.02 -50.45
C THR A 325 -34.45 10.27 -49.17
N GLU A 326 -35.04 9.10 -48.93
CA GLU A 326 -34.73 8.23 -47.78
C GLU A 326 -33.26 7.76 -47.86
N VAL A 327 -32.81 7.34 -49.05
CA VAL A 327 -31.45 6.88 -49.27
C VAL A 327 -30.44 8.02 -49.05
N THR A 328 -30.74 9.22 -49.56
CA THR A 328 -29.86 10.37 -49.39
C THR A 328 -29.79 10.76 -47.92
N ALA A 329 -30.92 10.72 -47.21
CA ALA A 329 -30.97 11.10 -45.79
C ALA A 329 -30.03 10.28 -44.91
N ILE A 330 -30.04 8.94 -45.06
CA ILE A 330 -29.15 8.10 -44.24
C ILE A 330 -27.69 8.32 -44.61
N GLY A 331 -27.40 8.49 -45.90
CA GLY A 331 -26.05 8.79 -46.36
C GLY A 331 -25.54 10.11 -45.79
N ALA A 332 -26.40 11.13 -45.73
CA ALA A 332 -26.05 12.45 -45.19
C ALA A 332 -25.81 12.41 -43.69
N VAL A 333 -26.65 11.69 -42.94
CA VAL A 333 -26.48 11.60 -41.48
C VAL A 333 -25.19 10.83 -41.14
N GLU A 334 -24.90 9.78 -41.90
CA GLU A 334 -23.68 9.00 -41.70
C GLU A 334 -22.46 9.87 -41.98
N ALA A 335 -22.49 10.63 -43.09
CA ALA A 335 -21.41 11.54 -43.47
C ALA A 335 -21.21 12.61 -42.40
N ALA A 336 -22.30 13.16 -41.85
CA ALA A 336 -22.24 14.18 -40.80
C ALA A 336 -21.52 13.67 -39.54
N PHE A 337 -21.84 12.43 -39.11
CA PHE A 337 -21.19 11.86 -37.93
C PHE A 337 -19.69 11.60 -38.18
N LYS A 338 -19.33 11.20 -39.40
CA LYS A 338 -17.95 10.90 -39.77
C LYS A 338 -17.01 12.12 -39.65
N CYS A 339 -17.51 13.32 -39.97
CA CYS A 339 -16.68 14.52 -39.93
C CYS A 339 -17.03 15.47 -38.82
N CYS A 340 -17.91 15.09 -37.86
CA CYS A 340 -18.37 16.02 -36.80
C CYS A 340 -18.96 17.29 -37.45
N ALA A 341 -19.78 17.12 -38.50
CA ALA A 341 -20.37 18.26 -39.21
C ALA A 341 -21.17 19.13 -38.27
N ALA A 342 -21.01 20.45 -38.39
CA ALA A 342 -21.74 21.38 -37.55
C ALA A 342 -23.24 21.39 -37.93
N ALA A 343 -23.54 21.16 -39.23
CA ALA A 343 -24.92 21.19 -39.69
C ALA A 343 -25.13 20.40 -40.97
N ILE A 344 -26.39 20.03 -41.23
CA ILE A 344 -26.82 19.45 -42.48
C ILE A 344 -27.78 20.51 -43.04
N ILE A 345 -27.43 21.14 -44.16
CA ILE A 345 -28.28 22.15 -44.78
C ILE A 345 -29.11 21.46 -45.82
N VAL A 346 -30.44 21.54 -45.71
CA VAL A 346 -31.32 20.86 -46.66
C VAL A 346 -32.33 21.83 -47.29
N LEU A 347 -32.57 21.68 -48.60
CA LEU A 347 -33.58 22.49 -49.28
C LEU A 347 -34.86 21.65 -49.26
N THR A 348 -35.97 22.24 -48.86
CA THR A 348 -37.23 21.49 -48.78
C THR A 348 -38.43 22.36 -49.11
N THR A 349 -39.41 21.78 -49.81
CA THR A 349 -40.63 22.48 -50.18
C THR A 349 -41.71 22.21 -49.14
N THR A 350 -41.92 20.92 -48.80
CA THR A 350 -42.96 20.47 -47.85
C THR A 350 -42.43 20.18 -46.44
N GLY A 351 -41.12 20.11 -46.27
CA GLY A 351 -40.49 19.74 -45.01
C GLY A 351 -40.05 18.28 -44.97
N ARG A 352 -40.52 17.44 -45.93
CA ARG A 352 -40.24 16.02 -45.95
C ARG A 352 -38.75 15.63 -45.94
N SER A 353 -37.91 16.28 -46.77
CA SER A 353 -36.48 15.94 -46.80
C SER A 353 -35.82 16.20 -45.42
N ALA A 354 -36.28 17.26 -44.71
CA ALA A 354 -35.75 17.58 -43.38
C ALA A 354 -36.23 16.56 -42.35
N GLN A 355 -37.48 16.12 -42.47
CA GLN A 355 -38.05 15.11 -41.57
C GLN A 355 -37.30 13.76 -41.70
N LEU A 356 -36.95 13.36 -42.94
CA LEU A 356 -36.23 12.11 -43.14
C LEU A 356 -34.79 12.17 -42.59
N LEU A 357 -34.20 13.37 -42.49
CA LEU A 357 -32.88 13.52 -41.89
C LEU A 357 -33.03 13.42 -40.33
N SER A 358 -34.05 14.10 -39.79
CA SER A 358 -34.40 14.18 -38.37
C SER A 358 -34.64 12.79 -37.75
N ARG A 359 -35.24 11.88 -38.51
CA ARG A 359 -35.55 10.53 -38.03
C ARG A 359 -34.29 9.74 -37.60
N TYR A 360 -33.13 10.07 -38.17
CA TYR A 360 -31.87 9.41 -37.81
C TYR A 360 -31.15 10.07 -36.63
N ARG A 361 -31.77 11.10 -36.02
CA ARG A 361 -31.26 11.83 -34.87
C ARG A 361 -29.80 12.25 -34.98
N PRO A 362 -29.43 13.00 -36.04
CA PRO A 362 -28.05 13.48 -36.12
C PRO A 362 -27.73 14.44 -34.97
N ARG A 363 -26.47 14.51 -34.58
CA ARG A 363 -26.03 15.51 -33.60
C ARG A 363 -25.97 16.89 -34.36
N ALA A 364 -25.63 16.87 -35.66
CA ALA A 364 -25.58 18.05 -36.51
C ALA A 364 -26.99 18.64 -36.64
N ALA A 365 -27.10 19.96 -36.51
CA ALA A 365 -28.36 20.67 -36.66
C ALA A 365 -28.85 20.51 -38.11
N VAL A 366 -30.15 20.31 -38.31
CA VAL A 366 -30.69 20.20 -39.68
C VAL A 366 -31.26 21.57 -40.01
N ILE A 367 -30.54 22.36 -40.82
CA ILE A 367 -30.98 23.69 -41.22
C ILE A 367 -31.83 23.54 -42.47
N ALA A 368 -33.15 23.71 -42.33
CA ALA A 368 -34.05 23.53 -43.47
C ALA A 368 -34.39 24.87 -44.14
N VAL A 369 -33.89 25.07 -45.39
CA VAL A 369 -34.15 26.29 -46.16
C VAL A 369 -35.39 26.06 -47.02
N THR A 370 -36.46 26.84 -46.78
CA THR A 370 -37.71 26.70 -47.52
C THR A 370 -38.32 28.05 -47.87
N ARG A 371 -39.06 28.09 -48.97
CA ARG A 371 -39.82 29.28 -49.36
C ARG A 371 -41.24 29.24 -48.73
N SER A 372 -41.72 28.03 -48.35
CA SER A 372 -43.06 27.85 -47.78
C SER A 372 -43.10 28.29 -46.31
N ALA A 373 -43.87 29.35 -46.01
CA ALA A 373 -44.01 29.84 -44.64
C ALA A 373 -44.68 28.76 -43.78
N GLN A 374 -45.68 28.05 -44.32
CA GLN A 374 -46.33 26.99 -43.56
C GLN A 374 -45.39 25.81 -43.26
N ALA A 375 -44.59 25.34 -44.25
CA ALA A 375 -43.63 24.26 -44.00
C ALA A 375 -42.60 24.69 -42.97
N ALA A 376 -42.19 25.97 -42.99
CA ALA A 376 -41.21 26.49 -42.03
C ALA A 376 -41.79 26.39 -40.61
N ARG A 377 -43.08 26.69 -40.44
CA ARG A 377 -43.72 26.59 -39.14
C ARG A 377 -43.90 25.12 -38.72
N GLN A 378 -44.34 24.27 -39.65
CA GLN A 378 -44.60 22.86 -39.35
C GLN A 378 -43.39 22.01 -39.02
N VAL A 379 -42.20 22.29 -39.59
CA VAL A 379 -41.03 21.45 -39.32
C VAL A 379 -40.52 21.55 -37.87
N HIS A 380 -41.05 22.51 -37.08
CA HIS A 380 -40.78 22.58 -35.65
C HIS A 380 -41.23 21.27 -34.95
N LEU A 381 -42.15 20.49 -35.57
CA LEU A 381 -42.59 19.22 -35.00
C LEU A 381 -41.47 18.16 -34.99
N CYS A 382 -40.44 18.30 -35.85
CA CYS A 382 -39.36 17.35 -36.00
C CYS A 382 -38.12 17.76 -35.23
N ARG A 383 -37.63 16.89 -34.31
CA ARG A 383 -36.44 17.25 -33.53
C ARG A 383 -35.23 17.61 -34.37
N GLY A 384 -34.57 18.70 -34.00
CA GLY A 384 -33.33 19.12 -34.64
C GLY A 384 -33.47 19.79 -35.98
N VAL A 385 -34.68 20.17 -36.37
CA VAL A 385 -34.88 20.89 -37.63
C VAL A 385 -35.05 22.37 -37.28
N PHE A 386 -34.18 23.20 -37.86
CA PHE A 386 -34.15 24.64 -37.68
C PHE A 386 -34.62 25.29 -39.00
N PRO A 387 -35.89 25.74 -39.03
CA PRO A 387 -36.42 26.31 -40.28
C PRO A 387 -35.96 27.73 -40.59
N LEU A 388 -35.58 27.96 -41.86
CA LEU A 388 -35.19 29.28 -42.33
C LEU A 388 -36.10 29.61 -43.51
N LEU A 389 -36.88 30.69 -43.38
CA LEU A 389 -37.78 31.13 -44.42
C LEU A 389 -37.05 32.02 -45.44
N TYR A 390 -36.82 31.49 -46.64
CA TYR A 390 -36.08 32.16 -47.70
C TYR A 390 -36.91 33.26 -48.36
N ARG A 391 -36.43 34.51 -48.30
CA ARG A 391 -37.13 35.64 -48.93
C ARG A 391 -36.20 36.50 -49.78
N GLU A 392 -35.16 35.91 -50.35
CA GLU A 392 -34.23 36.65 -51.18
CA GLU A 392 -34.21 36.64 -51.19
C GLU A 392 -34.70 36.61 -52.64
N PRO A 393 -34.32 37.63 -53.45
CA PRO A 393 -34.77 37.64 -54.86
C PRO A 393 -34.37 36.37 -55.59
N PRO A 394 -35.23 35.91 -56.51
CA PRO A 394 -34.91 34.69 -57.25
C PRO A 394 -33.75 34.85 -58.24
N GLU A 395 -33.19 33.71 -58.65
CA GLU A 395 -32.15 33.65 -59.66
C GLU A 395 -32.80 33.07 -60.93
N ALA A 396 -32.40 33.58 -62.09
CA ALA A 396 -32.93 33.13 -63.39
C ALA A 396 -32.55 31.69 -63.66
N ILE A 397 -31.32 31.30 -63.31
CA ILE A 397 -30.86 29.92 -63.53
C ILE A 397 -31.12 29.09 -62.26
N TRP A 398 -31.93 28.01 -62.37
CA TRP A 398 -32.29 27.15 -61.24
C TRP A 398 -31.07 26.68 -60.41
N ALA A 399 -29.99 26.22 -61.05
CA ALA A 399 -28.77 25.81 -60.34
C ALA A 399 -28.17 26.97 -59.51
N ASP A 400 -28.22 28.21 -60.02
CA ASP A 400 -27.73 29.40 -59.28
C ASP A 400 -28.67 29.71 -58.11
N ASP A 401 -29.98 29.50 -58.28
CA ASP A 401 -30.97 29.76 -57.24
C ASP A 401 -30.78 28.78 -56.07
N VAL A 402 -30.46 27.50 -56.40
CA VAL A 402 -30.22 26.44 -55.42
C VAL A 402 -29.00 26.83 -54.59
N ASP A 403 -27.90 27.24 -55.26
CA ASP A 403 -26.66 27.62 -54.59
CA ASP A 403 -26.65 27.63 -54.61
C ASP A 403 -26.82 28.82 -53.68
N ARG A 404 -27.67 29.79 -54.10
CA ARG A 404 -27.92 30.98 -53.30
C ARG A 404 -28.69 30.61 -52.03
N ARG A 405 -29.62 29.65 -52.12
CA ARG A 405 -30.35 29.17 -50.95
C ARG A 405 -29.41 28.48 -49.93
N VAL A 406 -28.42 27.73 -50.44
CA VAL A 406 -27.41 27.04 -49.63
C VAL A 406 -26.50 28.08 -48.95
N GLN A 407 -26.12 29.15 -49.68
CA GLN A 407 -25.32 30.23 -49.09
C GLN A 407 -26.12 30.97 -48.03
N PHE A 408 -27.43 31.12 -48.23
CA PHE A 408 -28.30 31.74 -47.25
C PHE A 408 -28.34 30.90 -45.96
N GLY A 409 -28.34 29.56 -46.09
CA GLY A 409 -28.33 28.67 -44.94
C GLY A 409 -27.05 28.83 -44.17
N ILE A 410 -25.92 28.96 -44.88
CA ILE A 410 -24.60 29.18 -44.30
C ILE A 410 -24.52 30.53 -43.57
N GLU A 411 -24.97 31.61 -44.22
CA GLU A 411 -24.97 32.94 -43.61
C GLU A 411 -25.85 33.03 -42.38
N SER A 412 -27.06 32.43 -42.44
CA SER A 412 -27.93 32.40 -41.26
C SER A 412 -27.26 31.55 -40.14
N GLY A 413 -26.63 30.43 -40.53
CA GLY A 413 -25.94 29.55 -39.60
C GLY A 413 -24.79 30.23 -38.89
N LYS A 414 -24.04 31.07 -39.60
CA LYS A 414 -22.92 31.81 -39.01
C LYS A 414 -23.47 32.85 -38.02
N LEU A 415 -24.51 33.60 -38.42
CA LEU A 415 -25.09 34.63 -37.57
C LEU A 415 -25.66 34.05 -36.29
N ARG A 416 -26.34 32.89 -36.40
CA ARG A 416 -26.98 32.28 -35.23
C ARG A 416 -26.06 31.45 -34.34
N GLY A 417 -24.80 31.26 -34.74
CA GLY A 417 -23.85 30.51 -33.92
C GLY A 417 -23.75 29.03 -34.23
N PHE A 418 -24.47 28.56 -35.26
CA PHE A 418 -24.42 27.15 -35.68
C PHE A 418 -23.11 26.83 -36.37
N LEU A 419 -22.60 27.76 -37.18
CA LEU A 419 -21.43 27.53 -38.02
C LEU A 419 -20.35 28.55 -37.84
N ARG A 420 -19.12 28.13 -38.08
CA ARG A 420 -17.95 28.98 -38.06
C ARG A 420 -17.07 28.61 -39.25
N VAL A 421 -16.19 29.53 -39.68
CA VAL A 421 -15.24 29.29 -40.76
C VAL A 421 -14.35 28.10 -40.39
N GLY A 422 -14.20 27.17 -41.33
CA GLY A 422 -13.42 25.96 -41.06
C GLY A 422 -14.28 24.75 -40.73
N ASP A 423 -15.57 24.95 -40.39
CA ASP A 423 -16.48 23.84 -40.12
C ASP A 423 -16.79 23.09 -41.42
N LEU A 424 -17.21 21.83 -41.29
CA LEU A 424 -17.68 21.06 -42.42
C LEU A 424 -19.21 20.98 -42.30
N VAL A 425 -19.89 21.07 -43.43
CA VAL A 425 -21.34 20.93 -43.46
C VAL A 425 -21.70 19.93 -44.54
N ILE A 426 -22.83 19.28 -44.36
CA ILE A 426 -23.37 18.37 -45.35
C ILE A 426 -24.52 19.13 -46.01
N VAL A 427 -24.59 19.16 -47.34
CA VAL A 427 -25.65 19.89 -48.04
C VAL A 427 -26.51 18.89 -48.82
N VAL A 428 -27.81 18.90 -48.59
CA VAL A 428 -28.76 18.00 -49.22
C VAL A 428 -29.69 18.75 -50.17
N THR A 429 -29.63 18.43 -51.47
CA THR A 429 -30.44 19.06 -52.52
C THR A 429 -31.04 17.96 -53.47
N GLY A 430 -31.77 18.39 -54.50
CA GLY A 430 -32.37 17.50 -55.50
C GLY A 430 -31.92 17.83 -56.92
N TRP A 431 -32.31 17.00 -57.89
CA TRP A 431 -31.84 17.14 -59.26
C TRP A 431 -32.73 18.03 -60.16
N ARG A 432 -33.96 18.32 -59.72
CA ARG A 432 -34.89 19.16 -60.48
C ARG A 432 -35.83 19.91 -59.53
N PRO A 433 -36.43 21.04 -59.97
CA PRO A 433 -37.36 21.77 -59.09
C PRO A 433 -38.59 20.94 -58.68
N GLY A 434 -39.27 21.36 -57.62
CA GLY A 434 -40.44 20.65 -57.13
C GLY A 434 -40.11 19.65 -56.03
N SER A 435 -41.10 19.37 -55.21
CA SER A 435 -41.01 18.42 -54.10
C SER A 435 -40.81 16.97 -54.60
N GLY A 436 -40.10 16.16 -53.80
CA GLY A 436 -39.94 14.74 -54.08
C GLY A 436 -38.72 14.29 -54.86
N TYR A 437 -37.80 15.22 -55.20
CA TYR A 437 -36.64 14.85 -56.00
C TYR A 437 -35.30 14.99 -55.30
N THR A 438 -35.26 15.02 -53.95
CA THR A 438 -33.97 15.09 -53.22
C THR A 438 -33.16 13.81 -53.53
N ASN A 439 -31.92 13.96 -53.97
CA ASN A 439 -31.10 12.82 -54.32
C ASN A 439 -29.60 13.12 -54.21
N ILE A 440 -29.19 14.29 -53.70
CA ILE A 440 -27.79 14.68 -53.65
C ILE A 440 -27.31 15.07 -52.26
N MET A 441 -26.09 14.60 -51.90
CA MET A 441 -25.44 14.98 -50.66
CA MET A 441 -25.42 14.92 -50.65
C MET A 441 -24.02 15.46 -50.99
N ARG A 442 -23.64 16.63 -50.47
CA ARG A 442 -22.34 17.24 -50.74
C ARG A 442 -21.62 17.59 -49.43
N VAL A 443 -20.29 17.45 -49.40
CA VAL A 443 -19.48 17.80 -48.24
C VAL A 443 -18.85 19.17 -48.53
N LEU A 444 -19.17 20.18 -47.74
CA LEU A 444 -18.70 21.54 -47.97
C LEU A 444 -17.92 22.11 -46.81
N SER A 445 -16.82 22.79 -47.11
CA SER A 445 -16.01 23.48 -46.10
C SER A 445 -16.53 24.91 -45.98
N ILE A 446 -16.77 25.38 -44.75
CA ILE A 446 -17.28 26.73 -44.53
C ILE A 446 -16.22 27.78 -44.68
N SER A 447 -16.56 28.76 -45.54
CA SER A 447 -15.85 29.97 -45.93
C SER A 447 -14.52 29.68 -46.60
N ARG B 12 -38.28 -9.00 -39.86
CA ARG B 12 -38.89 -9.00 -41.18
C ARG B 12 -39.32 -7.60 -41.62
N ALA B 13 -39.74 -6.75 -40.68
CA ALA B 13 -40.20 -5.39 -41.01
C ALA B 13 -39.14 -4.52 -41.70
N ASP B 14 -37.85 -4.75 -41.40
CA ASP B 14 -36.75 -4.01 -42.00
C ASP B 14 -36.51 -4.37 -43.49
N VAL B 15 -37.05 -5.51 -43.96
CA VAL B 15 -36.89 -5.91 -45.37
C VAL B 15 -38.22 -6.20 -46.08
N ALA B 16 -39.37 -6.06 -45.40
CA ALA B 16 -40.69 -6.43 -45.94
C ALA B 16 -41.13 -5.69 -47.21
N GLN B 17 -40.97 -4.35 -47.27
CA GLN B 17 -41.39 -3.60 -48.45
C GLN B 17 -40.47 -3.90 -49.61
N LEU B 18 -39.16 -4.00 -49.36
CA LEU B 18 -38.21 -4.35 -50.41
C LEU B 18 -38.37 -5.79 -50.89
N THR B 19 -38.83 -6.69 -50.00
CA THR B 19 -39.07 -8.09 -50.37
C THR B 19 -40.27 -8.14 -51.32
N GLN B 20 -41.32 -7.34 -51.06
CA GLN B 20 -42.49 -7.32 -51.94
C GLN B 20 -42.12 -6.73 -53.32
N GLU B 21 -41.29 -5.67 -53.34
CA GLU B 21 -40.87 -5.00 -54.56
C GLU B 21 -39.88 -5.80 -55.40
N LEU B 22 -38.81 -6.31 -54.78
CA LEU B 22 -37.77 -7.03 -55.51
C LEU B 22 -38.03 -8.53 -55.63
N GLY B 23 -38.91 -9.07 -54.78
CA GLY B 23 -39.28 -10.47 -54.80
C GLY B 23 -38.52 -11.34 -53.82
N THR B 24 -39.11 -12.49 -53.46
CA THR B 24 -38.45 -13.44 -52.56
C THR B 24 -37.26 -14.09 -53.24
N ALA B 25 -37.28 -14.26 -54.59
CA ALA B 25 -36.14 -14.88 -55.26
C ALA B 25 -34.87 -14.03 -55.09
N PHE B 26 -35.01 -12.70 -55.15
CA PHE B 26 -33.89 -11.78 -54.97
C PHE B 26 -33.25 -11.97 -53.57
N PHE B 27 -34.09 -12.05 -52.54
CA PHE B 27 -33.59 -12.18 -51.16
C PHE B 27 -33.17 -13.60 -50.77
N GLN B 28 -33.24 -14.58 -51.69
CA GLN B 28 -32.76 -15.92 -51.41
C GLN B 28 -31.34 -16.10 -51.97
N GLN B 29 -30.96 -15.32 -53.01
CA GLN B 29 -29.66 -15.35 -53.66
C GLN B 29 -28.59 -14.64 -52.86
N GLN B 30 -27.32 -14.73 -53.31
CA GLN B 30 -26.12 -14.08 -52.78
C GLN B 30 -26.01 -14.11 -51.24
N GLN B 31 -26.43 -15.22 -50.60
CA GLN B 31 -26.41 -15.40 -49.16
C GLN B 31 -27.11 -14.27 -48.40
N LEU B 32 -28.17 -13.69 -48.99
CA LEU B 32 -28.90 -12.60 -48.34
C LEU B 32 -29.56 -13.02 -47.03
N PRO B 33 -30.13 -14.25 -46.85
CA PRO B 33 -30.65 -14.60 -45.52
C PRO B 33 -29.54 -14.59 -44.48
N ALA B 34 -28.33 -15.09 -44.82
CA ALA B 34 -27.20 -15.07 -43.89
C ALA B 34 -26.70 -13.64 -43.66
N ALA B 35 -26.85 -12.76 -44.64
CA ALA B 35 -26.44 -11.36 -44.54
C ALA B 35 -27.32 -10.59 -43.55
N MET B 36 -28.61 -10.94 -43.46
CA MET B 36 -29.53 -10.24 -42.56
C MET B 36 -29.50 -10.75 -41.11
N ALA B 37 -28.64 -11.72 -40.79
CA ALA B 37 -28.59 -12.31 -39.45
C ALA B 37 -28.13 -11.35 -38.38
N ASP B 38 -28.67 -11.51 -37.17
CA ASP B 38 -28.37 -10.63 -36.03
C ASP B 38 -27.08 -10.97 -35.31
N THR B 39 -26.57 -12.21 -35.48
CA THR B 39 -25.30 -12.60 -34.88
C THR B 39 -24.43 -13.35 -35.90
N PHE B 40 -23.11 -13.41 -35.66
CA PHE B 40 -22.19 -14.14 -36.55
C PHE B 40 -22.54 -15.64 -36.54
N LEU B 41 -22.91 -16.20 -35.37
CA LEU B 41 -23.30 -17.60 -35.27
C LEU B 41 -24.53 -17.89 -36.15
N GLU B 42 -25.55 -17.02 -36.08
CA GLU B 42 -26.76 -17.19 -36.89
C GLU B 42 -26.43 -17.00 -38.38
N HIS B 43 -25.48 -16.09 -38.71
CA HIS B 43 -25.00 -15.87 -40.08
C HIS B 43 -24.43 -17.19 -40.64
N LEU B 44 -23.59 -17.89 -39.84
CA LEU B 44 -23.02 -19.17 -40.27
C LEU B 44 -24.12 -20.20 -40.49
N CYS B 45 -25.06 -20.33 -39.52
CA CYS B 45 -26.18 -21.27 -39.61
C CYS B 45 -27.05 -21.07 -40.84
N LEU B 46 -27.09 -19.85 -41.38
CA LEU B 46 -27.93 -19.53 -42.53
C LEU B 46 -27.21 -19.63 -43.88
N LEU B 47 -25.90 -19.96 -43.90
CA LEU B 47 -25.19 -20.09 -45.18
C LEU B 47 -25.79 -21.25 -45.96
N ASP B 48 -26.08 -21.03 -47.23
CA ASP B 48 -26.84 -21.98 -48.03
C ASP B 48 -26.13 -22.31 -49.33
N ILE B 49 -25.82 -23.59 -49.57
CA ILE B 49 -25.19 -24.01 -50.82
C ILE B 49 -26.09 -23.78 -52.06
N ASP B 50 -27.42 -23.64 -51.86
CA ASP B 50 -28.36 -23.38 -52.96
C ASP B 50 -28.55 -21.86 -53.22
N SER B 51 -27.93 -21.00 -52.41
CA SER B 51 -28.02 -19.56 -52.60
C SER B 51 -26.90 -19.15 -53.55
N GLU B 52 -27.24 -18.93 -54.80
CA GLU B 52 -26.27 -18.64 -55.85
C GLU B 52 -25.71 -17.22 -55.82
N PRO B 53 -24.40 -17.08 -56.10
CA PRO B 53 -23.83 -15.73 -56.17
C PRO B 53 -24.36 -14.97 -57.38
N VAL B 54 -24.57 -13.68 -57.26
CA VAL B 54 -25.09 -12.86 -58.35
C VAL B 54 -24.06 -11.78 -58.74
N ALA B 55 -23.43 -11.15 -57.75
CA ALA B 55 -22.47 -10.08 -57.99
C ALA B 55 -21.23 -10.52 -58.77
N ALA B 56 -20.61 -9.57 -59.50
CA ALA B 56 -19.34 -9.79 -60.20
C ALA B 56 -18.25 -10.04 -59.13
N ARG B 57 -17.27 -10.87 -59.49
CA ARG B 57 -16.20 -11.23 -58.58
C ARG B 57 -15.35 -10.03 -58.24
N SER B 58 -15.26 -9.72 -56.96
CA SER B 58 -14.57 -8.53 -56.49
C SER B 58 -13.08 -8.73 -56.06
N THR B 59 -12.66 -9.93 -55.65
CA THR B 59 -11.27 -10.17 -55.24
C THR B 59 -10.44 -10.41 -56.50
N SER B 60 -9.40 -9.60 -56.74
CA SER B 60 -8.58 -9.77 -57.95
C SER B 60 -7.71 -11.00 -57.91
N ILE B 61 -7.46 -11.56 -59.08
CA ILE B 61 -6.61 -12.72 -59.23
C ILE B 61 -5.30 -12.31 -59.85
N ILE B 62 -4.21 -12.65 -59.17
CA ILE B 62 -2.87 -12.41 -59.70
C ILE B 62 -2.37 -13.75 -60.22
N ALA B 63 -1.98 -13.82 -61.50
CA ALA B 63 -1.45 -15.07 -62.06
C ALA B 63 0.01 -14.86 -62.41
N THR B 64 0.88 -15.79 -62.00
CA THR B 64 2.30 -15.70 -62.31
C THR B 64 2.51 -16.21 -63.73
N ILE B 65 3.25 -15.43 -64.53
CA ILE B 65 3.50 -15.78 -65.92
C ILE B 65 4.76 -16.65 -66.01
N GLY B 66 4.66 -17.71 -66.80
CA GLY B 66 5.76 -18.63 -67.03
C GLY B 66 5.55 -19.44 -68.29
N PRO B 67 6.31 -20.52 -68.46
CA PRO B 67 6.16 -21.35 -69.67
C PRO B 67 4.75 -21.86 -69.96
N ALA B 68 3.94 -22.12 -68.91
CA ALA B 68 2.58 -22.60 -69.12
C ALA B 68 1.58 -21.50 -69.47
N SER B 69 1.94 -20.23 -69.30
CA SER B 69 1.01 -19.14 -69.49
C SER B 69 1.62 -17.95 -70.24
N ARG B 70 2.58 -18.19 -71.13
CA ARG B 70 3.29 -17.11 -71.82
C ARG B 70 2.79 -16.77 -73.20
N SER B 71 2.23 -17.73 -73.93
CA SER B 71 1.74 -17.46 -75.27
C SER B 71 0.58 -16.47 -75.28
N VAL B 72 0.45 -15.73 -76.38
CA VAL B 72 -0.61 -14.73 -76.53
C VAL B 72 -1.98 -15.39 -76.49
N GLU B 73 -2.12 -16.56 -77.13
CA GLU B 73 -3.39 -17.28 -77.17
C GLU B 73 -3.77 -17.79 -75.77
N ARG B 74 -2.79 -18.28 -74.99
CA ARG B 74 -3.02 -18.77 -73.62
C ARG B 74 -3.39 -17.59 -72.71
N LEU B 75 -2.70 -16.46 -72.86
CA LEU B 75 -2.97 -15.25 -72.11
C LEU B 75 -4.37 -14.69 -72.36
N LYS B 76 -4.89 -14.82 -73.59
CA LYS B 76 -6.26 -14.38 -73.89
C LYS B 76 -7.27 -15.24 -73.12
N GLU B 77 -7.02 -16.55 -73.02
CA GLU B 77 -7.90 -17.44 -72.27
C GLU B 77 -7.83 -17.12 -70.77
N MET B 78 -6.63 -16.76 -70.25
CA MET B 78 -6.48 -16.42 -68.85
CA MET B 78 -6.49 -16.42 -68.85
C MET B 78 -7.16 -15.10 -68.50
N ILE B 79 -7.17 -14.14 -69.46
CA ILE B 79 -7.86 -12.86 -69.24
C ILE B 79 -9.37 -13.14 -69.19
N LYS B 80 -9.88 -13.97 -70.12
CA LYS B 80 -11.30 -14.35 -70.14
C LYS B 80 -11.70 -15.13 -68.89
N ALA B 81 -10.78 -15.96 -68.35
CA ALA B 81 -11.04 -16.73 -67.12
C ALA B 81 -11.09 -15.85 -65.85
N GLY B 82 -10.47 -14.67 -65.90
CA GLY B 82 -10.51 -13.76 -64.77
C GLY B 82 -9.20 -13.17 -64.26
N MET B 83 -8.06 -13.43 -64.92
CA MET B 83 -6.78 -12.87 -64.47
C MET B 83 -6.83 -11.33 -64.55
N ASN B 84 -6.50 -10.65 -63.45
CA ASN B 84 -6.52 -9.19 -63.42
C ASN B 84 -5.13 -8.58 -63.36
N ILE B 85 -4.17 -9.32 -62.76
CA ILE B 85 -2.79 -8.87 -62.58
C ILE B 85 -1.85 -10.00 -63.02
N ALA B 86 -0.87 -9.68 -63.87
CA ALA B 86 0.11 -10.64 -64.34
C ALA B 86 1.38 -10.40 -63.54
N ARG B 87 1.88 -11.45 -62.88
CA ARG B 87 3.08 -11.34 -62.05
C ARG B 87 4.31 -11.89 -62.78
N LEU B 88 5.38 -11.10 -62.83
CA LEU B 88 6.64 -11.52 -63.46
C LEU B 88 7.59 -11.81 -62.32
N ASN B 89 8.02 -13.06 -62.16
CA ASN B 89 8.92 -13.43 -61.08
C ASN B 89 10.37 -13.23 -61.52
N PHE B 90 11.00 -12.16 -61.05
CA PHE B 90 12.39 -11.85 -61.43
C PHE B 90 13.44 -12.70 -60.70
N SER B 91 13.00 -13.73 -59.94
CA SER B 91 13.95 -14.68 -59.35
C SER B 91 14.51 -15.61 -60.45
N HIS B 92 13.79 -15.79 -61.58
CA HIS B 92 14.19 -16.61 -62.71
C HIS B 92 13.96 -15.85 -64.02
N GLY B 93 14.73 -16.19 -65.05
CA GLY B 93 14.57 -15.57 -66.36
C GLY B 93 15.35 -14.28 -66.55
N SER B 94 15.79 -14.05 -67.78
CA SER B 94 16.55 -12.85 -68.12
C SER B 94 15.62 -11.64 -68.36
N HIS B 95 16.19 -10.44 -68.53
CA HIS B 95 15.43 -9.25 -68.87
C HIS B 95 14.74 -9.44 -70.24
N GLU B 96 15.41 -10.12 -71.18
CA GLU B 96 14.86 -10.39 -72.51
C GLU B 96 13.61 -11.29 -72.39
N TYR B 97 13.67 -12.30 -71.52
CA TYR B 97 12.56 -13.23 -71.29
C TYR B 97 11.35 -12.45 -70.73
N HIS B 98 11.59 -11.62 -69.71
CA HIS B 98 10.52 -10.83 -69.08
C HIS B 98 9.93 -9.77 -70.01
N ALA B 99 10.77 -9.16 -70.88
CA ALA B 99 10.26 -8.17 -71.84
C ALA B 99 9.32 -8.84 -72.85
N GLU B 100 9.61 -10.08 -73.24
CA GLU B 100 8.75 -10.80 -74.16
C GLU B 100 7.43 -11.19 -73.46
N SER B 101 7.50 -11.55 -72.17
CA SER B 101 6.29 -11.86 -71.40
C SER B 101 5.38 -10.63 -71.34
N ILE B 102 5.96 -9.44 -71.05
CA ILE B 102 5.25 -8.17 -70.99
C ILE B 102 4.59 -7.85 -72.34
N ALA B 103 5.34 -8.01 -73.45
CA ALA B 103 4.80 -7.76 -74.78
C ALA B 103 3.64 -8.71 -75.10
N ASN B 104 3.76 -9.98 -74.70
CA ASN B 104 2.69 -10.95 -74.94
C ASN B 104 1.44 -10.63 -74.12
N VAL B 105 1.62 -10.17 -72.87
CA VAL B 105 0.49 -9.78 -72.02
C VAL B 105 -0.21 -8.58 -72.67
N ARG B 106 0.56 -7.55 -73.04
CA ARG B 106 -0.01 -6.36 -73.70
C ARG B 106 -0.71 -6.69 -75.02
N GLU B 107 -0.18 -7.62 -75.81
CA GLU B 107 -0.83 -8.00 -77.06
C GLU B 107 -2.17 -8.70 -76.77
N ALA B 108 -2.19 -9.60 -75.79
CA ALA B 108 -3.44 -10.29 -75.42
C ALA B 108 -4.47 -9.30 -74.85
N VAL B 109 -4.03 -8.34 -74.02
CA VAL B 109 -4.91 -7.33 -73.43
C VAL B 109 -5.50 -6.42 -74.50
N GLU B 110 -4.66 -5.93 -75.42
CA GLU B 110 -5.12 -5.02 -76.47
C GLU B 110 -5.97 -5.69 -77.55
N SER B 111 -5.97 -7.03 -77.61
CA SER B 111 -6.84 -7.74 -78.56
C SER B 111 -8.35 -7.52 -78.24
N PHE B 112 -8.69 -7.08 -77.02
CA PHE B 112 -10.07 -6.81 -76.61
C PHE B 112 -10.42 -5.29 -76.58
N ALA B 113 -9.48 -4.41 -76.97
CA ALA B 113 -9.65 -2.96 -76.94
C ALA B 113 -10.67 -2.40 -77.91
N GLY B 114 -11.12 -3.21 -78.85
CA GLY B 114 -12.08 -2.80 -79.86
C GLY B 114 -13.39 -2.28 -79.30
N SER B 115 -13.78 -2.83 -78.15
CA SER B 115 -14.97 -2.36 -77.49
C SER B 115 -14.58 -1.80 -76.14
N PRO B 116 -14.43 -0.46 -76.10
CA PRO B 116 -14.05 0.23 -74.86
C PRO B 116 -14.99 -0.02 -73.67
N LEU B 117 -16.24 -0.35 -73.96
CA LEU B 117 -17.21 -0.60 -72.91
C LEU B 117 -16.92 -1.94 -72.20
N SER B 118 -16.38 -2.95 -72.91
CA SER B 118 -16.09 -4.25 -72.28
C SER B 118 -14.59 -4.54 -71.93
N TYR B 119 -13.61 -3.98 -72.72
CA TYR B 119 -12.14 -4.08 -72.53
C TYR B 119 -11.75 -4.35 -71.07
N ARG B 120 -10.75 -5.19 -70.83
CA ARG B 120 -10.34 -5.49 -69.46
C ARG B 120 -8.92 -5.06 -69.20
N PRO B 121 -8.69 -3.97 -68.44
CA PRO B 121 -7.30 -3.62 -68.11
C PRO B 121 -6.62 -4.75 -67.29
N VAL B 122 -5.32 -5.00 -67.53
CA VAL B 122 -4.58 -6.03 -66.77
C VAL B 122 -3.31 -5.39 -66.27
N ALA B 123 -3.10 -5.39 -64.95
CA ALA B 123 -1.88 -4.79 -64.40
C ALA B 123 -0.67 -5.72 -64.58
N ILE B 124 0.52 -5.14 -64.62
CA ILE B 124 1.76 -5.91 -64.74
C ILE B 124 2.56 -5.63 -63.49
N ALA B 125 2.89 -6.70 -62.74
CA ALA B 125 3.60 -6.57 -61.48
C ALA B 125 4.95 -7.25 -61.55
N LEU B 126 5.99 -6.57 -61.07
CA LEU B 126 7.34 -7.11 -61.07
C LEU B 126 7.65 -7.60 -59.68
N ASP B 127 7.95 -8.89 -59.52
CA ASP B 127 8.28 -9.45 -58.21
C ASP B 127 9.80 -9.60 -58.14
N THR B 128 10.44 -8.85 -57.24
CA THR B 128 11.89 -8.83 -57.15
C THR B 128 12.51 -10.12 -56.58
N LYS B 129 13.77 -10.36 -56.95
CA LYS B 129 14.54 -11.52 -56.48
C LYS B 129 14.78 -11.41 -54.97
N GLY B 130 15.08 -10.21 -54.50
CA GLY B 130 15.28 -9.98 -53.08
C GLY B 130 16.70 -9.68 -52.66
N PRO B 131 16.89 -9.44 -51.36
CA PRO B 131 18.23 -9.08 -50.86
C PRO B 131 19.21 -10.23 -50.68
N GLY B 132 18.70 -11.47 -50.69
CA GLY B 132 19.54 -12.65 -50.48
C GLY B 132 20.18 -12.63 -49.12
N SER B 133 21.51 -12.81 -49.07
CA SER B 133 22.22 -12.76 -47.79
C SER B 133 22.59 -11.32 -47.34
N GLY B 134 22.35 -10.33 -48.20
CA GLY B 134 22.67 -8.94 -47.94
C GLY B 134 21.75 -8.21 -46.97
N PRO B 135 22.17 -7.04 -46.50
CA PRO B 135 21.34 -6.29 -45.53
C PRO B 135 20.23 -5.43 -46.14
N GLY B 136 20.37 -5.03 -47.40
CA GLY B 136 19.39 -4.18 -48.06
C GLY B 136 19.25 -4.44 -49.55
N LEU B 137 18.95 -3.39 -50.33
CA LEU B 137 18.74 -3.51 -51.77
C LEU B 137 19.95 -4.04 -52.54
N SER B 138 19.79 -5.20 -53.18
CA SER B 138 20.84 -5.84 -53.94
C SER B 138 21.08 -5.15 -55.29
N GLU B 139 22.24 -5.39 -55.92
CA GLU B 139 22.56 -4.79 -57.21
C GLU B 139 21.66 -5.32 -58.32
N GLN B 140 21.28 -6.60 -58.26
CA GLN B 140 20.38 -7.17 -59.26
C GLN B 140 18.99 -6.51 -59.15
N ASP B 141 18.52 -6.26 -57.93
CA ASP B 141 17.24 -5.58 -57.72
C ASP B 141 17.27 -4.16 -58.28
N VAL B 142 18.39 -3.44 -58.13
CA VAL B 142 18.52 -2.09 -58.71
C VAL B 142 18.34 -2.13 -60.24
N ARG B 143 18.97 -3.12 -60.89
CA ARG B 143 18.86 -3.27 -62.34
C ARG B 143 17.46 -3.71 -62.79
N ASP B 144 16.84 -4.63 -62.03
CA ASP B 144 15.50 -5.14 -62.33
C ASP B 144 14.44 -4.05 -62.13
N LEU B 145 14.60 -3.22 -61.09
CA LEU B 145 13.67 -2.12 -60.84
C LEU B 145 13.77 -1.05 -61.94
N ARG B 146 14.99 -0.81 -62.48
CA ARG B 146 15.16 0.13 -63.59
C ARG B 146 14.51 -0.45 -64.85
N PHE B 147 14.61 -1.79 -65.05
CA PHE B 147 13.95 -2.47 -66.16
C PHE B 147 12.42 -2.25 -66.05
N GLY B 148 11.89 -2.39 -64.84
CA GLY B 148 10.47 -2.19 -64.57
C GLY B 148 9.97 -0.82 -64.96
N VAL B 149 10.71 0.22 -64.58
CA VAL B 149 10.36 1.60 -64.94
C VAL B 149 10.41 1.79 -66.46
N GLU B 150 11.47 1.29 -67.11
CA GLU B 150 11.63 1.40 -68.56
C GLU B 150 10.54 0.66 -69.33
N HIS B 151 10.05 -0.45 -68.77
CA HIS B 151 8.99 -1.21 -69.43
C HIS B 151 7.57 -0.87 -68.95
N GLY B 152 7.42 0.19 -68.13
CA GLY B 152 6.13 0.66 -67.67
C GLY B 152 5.32 -0.27 -66.78
N VAL B 153 5.99 -0.99 -65.86
CA VAL B 153 5.24 -1.88 -64.94
C VAL B 153 4.37 -1.02 -64.00
N ASP B 154 3.26 -1.59 -63.54
CA ASP B 154 2.33 -0.86 -62.68
C ASP B 154 2.63 -1.04 -61.20
N ILE B 155 3.13 -2.21 -60.83
CA ILE B 155 3.33 -2.59 -59.44
C ILE B 155 4.66 -3.29 -59.23
N VAL B 156 5.23 -3.15 -58.05
CA VAL B 156 6.40 -3.90 -57.64
C VAL B 156 6.01 -4.69 -56.38
N PHE B 157 6.23 -6.02 -56.39
CA PHE B 157 6.08 -6.86 -55.21
C PHE B 157 7.51 -6.96 -54.67
N ALA B 158 7.85 -6.16 -53.65
CA ALA B 158 9.22 -6.12 -53.12
C ALA B 158 9.49 -7.25 -52.15
N SER B 159 10.39 -8.17 -52.52
CA SER B 159 10.72 -9.31 -51.70
C SER B 159 11.47 -8.99 -50.42
N PHE B 160 11.21 -9.79 -49.37
CA PHE B 160 11.85 -9.72 -48.06
C PHE B 160 11.97 -8.31 -47.48
N VAL B 161 10.85 -7.58 -47.41
CA VAL B 161 10.86 -6.26 -46.78
C VAL B 161 10.91 -6.48 -45.27
N ARG B 162 11.93 -5.93 -44.60
CA ARG B 162 12.12 -6.10 -43.16
C ARG B 162 11.94 -4.84 -42.33
N LYS B 163 11.94 -3.67 -42.97
CA LYS B 163 11.83 -2.39 -42.29
C LYS B 163 11.47 -1.27 -43.28
N ALA B 164 11.09 -0.09 -42.78
CA ALA B 164 10.70 1.03 -43.62
C ALA B 164 11.80 1.47 -44.61
N SER B 165 13.08 1.41 -44.19
CA SER B 165 14.18 1.81 -45.07
C SER B 165 14.33 0.90 -46.30
N ASP B 166 13.84 -0.35 -46.23
CA ASP B 166 13.88 -1.24 -47.39
C ASP B 166 12.93 -0.71 -48.48
N VAL B 167 11.75 -0.21 -48.10
CA VAL B 167 10.80 0.30 -49.08
C VAL B 167 11.32 1.66 -49.63
N ALA B 168 11.99 2.48 -48.79
CA ALA B 168 12.56 3.75 -49.27
C ALA B 168 13.65 3.46 -50.32
N ALA B 169 14.44 2.38 -50.12
CA ALA B 169 15.47 1.98 -51.10
C ALA B 169 14.83 1.55 -52.42
N VAL B 170 13.70 0.82 -52.37
CA VAL B 170 12.99 0.39 -53.58
C VAL B 170 12.45 1.63 -54.30
N ARG B 171 11.88 2.57 -53.54
CA ARG B 171 11.33 3.81 -54.09
CA ARG B 171 11.33 3.81 -54.09
C ARG B 171 12.41 4.62 -54.80
N ALA B 172 13.59 4.77 -54.16
CA ALA B 172 14.73 5.50 -54.74
C ALA B 172 15.21 4.85 -56.02
N ALA B 173 15.27 3.50 -56.06
CA ALA B 173 15.70 2.76 -57.25
C ALA B 173 14.73 2.89 -58.43
N LEU B 174 13.45 3.21 -58.15
CA LEU B 174 12.48 3.42 -59.23
C LEU B 174 12.71 4.80 -59.94
N GLY B 175 13.47 5.69 -59.31
CA GLY B 175 13.82 7.00 -59.87
C GLY B 175 12.67 7.99 -59.91
N PRO B 176 12.94 9.15 -60.53
CA PRO B 176 11.88 10.17 -60.62
C PRO B 176 10.75 9.80 -61.59
N GLU B 177 11.02 8.93 -62.59
CA GLU B 177 9.99 8.51 -63.53
C GLU B 177 9.10 7.36 -63.02
N GLY B 178 9.48 6.71 -61.93
CA GLY B 178 8.70 5.60 -61.37
C GLY B 178 7.91 5.97 -60.12
N HIS B 179 7.56 7.24 -59.97
CA HIS B 179 6.81 7.72 -58.81
C HIS B 179 5.38 7.17 -58.75
N GLY B 180 4.81 6.84 -59.90
CA GLY B 180 3.45 6.32 -59.99
C GLY B 180 3.30 4.83 -59.74
N ILE B 181 4.43 4.09 -59.70
CA ILE B 181 4.43 2.64 -59.47
C ILE B 181 4.04 2.31 -58.03
N LYS B 182 3.10 1.35 -57.84
CA LYS B 182 2.69 0.95 -56.50
C LYS B 182 3.70 -0.02 -55.91
N ILE B 183 4.11 0.18 -54.65
CA ILE B 183 5.03 -0.74 -53.99
C ILE B 183 4.26 -1.58 -52.98
N ILE B 184 4.19 -2.87 -53.24
CA ILE B 184 3.53 -3.84 -52.36
C ILE B 184 4.65 -4.58 -51.64
N SER B 185 4.79 -4.37 -50.33
CA SER B 185 5.85 -5.01 -49.57
C SER B 185 5.52 -6.47 -49.22
N LYS B 186 6.42 -7.41 -49.57
CA LYS B 186 6.22 -8.80 -49.23
C LYS B 186 6.77 -9.05 -47.82
N ILE B 187 5.92 -9.53 -46.89
CA ILE B 187 6.34 -9.86 -45.53
C ILE B 187 6.64 -11.34 -45.52
N GLU B 188 7.92 -11.71 -45.37
CA GLU B 188 8.35 -13.10 -45.49
C GLU B 188 9.15 -13.63 -44.32
N ASN B 189 9.32 -12.85 -43.24
CA ASN B 189 10.10 -13.34 -42.10
C ASN B 189 9.65 -12.72 -40.78
N HIS B 190 10.23 -13.16 -39.64
CA HIS B 190 9.87 -12.67 -38.33
C HIS B 190 10.02 -11.16 -38.21
N GLU B 191 11.13 -10.59 -38.68
CA GLU B 191 11.37 -9.15 -38.58
C GLU B 191 10.31 -8.33 -39.33
N GLY B 192 9.93 -8.78 -40.53
CA GLY B 192 8.87 -8.12 -41.30
C GLY B 192 7.55 -8.09 -40.56
N VAL B 193 7.21 -9.18 -39.85
CA VAL B 193 5.98 -9.25 -39.06
C VAL B 193 6.07 -8.30 -37.85
N LYS B 194 7.19 -8.33 -37.13
CA LYS B 194 7.38 -7.46 -35.96
C LYS B 194 7.43 -5.98 -36.30
N ARG B 195 8.01 -5.64 -37.45
CA ARG B 195 8.08 -4.24 -37.88
C ARG B 195 6.98 -3.89 -38.89
N PHE B 196 5.89 -4.69 -38.93
CA PHE B 196 4.77 -4.51 -39.86
C PHE B 196 4.22 -3.09 -39.93
N ASP B 197 3.93 -2.48 -38.77
CA ASP B 197 3.32 -1.15 -38.75
C ASP B 197 4.14 -0.09 -39.48
N GLU B 198 5.46 -0.08 -39.27
CA GLU B 198 6.33 0.89 -39.95
C GLU B 198 6.46 0.60 -41.44
N ILE B 199 6.36 -0.68 -41.84
CA ILE B 199 6.43 -1.06 -43.24
C ILE B 199 5.14 -0.66 -43.98
N LEU B 200 3.98 -0.95 -43.38
CA LEU B 200 2.69 -0.63 -43.99
C LEU B 200 2.53 0.89 -44.17
N GLU B 201 2.99 1.67 -43.18
CA GLU B 201 2.92 3.13 -43.21
C GLU B 201 3.55 3.72 -44.49
N VAL B 202 4.67 3.19 -44.93
CA VAL B 202 5.36 3.71 -46.12
C VAL B 202 5.11 2.89 -47.40
N SER B 203 4.35 1.80 -47.33
CA SER B 203 4.06 0.98 -48.50
C SER B 203 2.69 1.33 -49.07
N ASP B 204 2.45 0.97 -50.33
CA ASP B 204 1.11 1.12 -50.92
C ASP B 204 0.18 -0.07 -50.50
N GLY B 205 0.79 -1.19 -50.13
CA GLY B 205 0.09 -2.40 -49.72
C GLY B 205 1.05 -3.48 -49.26
N ILE B 206 0.52 -4.66 -48.95
CA ILE B 206 1.30 -5.77 -48.42
C ILE B 206 0.97 -7.08 -49.13
N MET B 207 1.95 -7.98 -49.20
CA MET B 207 1.71 -9.33 -49.66
C MET B 207 2.12 -10.25 -48.50
N VAL B 208 1.22 -11.15 -48.10
CA VAL B 208 1.52 -12.17 -47.10
C VAL B 208 2.17 -13.29 -47.93
N ALA B 209 3.51 -13.31 -47.97
CA ALA B 209 4.27 -14.24 -48.79
C ALA B 209 4.50 -15.48 -47.96
N ARG B 210 3.50 -16.38 -47.95
CA ARG B 210 3.45 -17.54 -47.07
C ARG B 210 4.51 -18.60 -47.29
N GLY B 211 5.06 -18.70 -48.49
CA GLY B 211 6.12 -19.66 -48.78
C GLY B 211 7.34 -19.49 -47.89
N ASP B 212 8.00 -18.33 -47.99
CA ASP B 212 9.15 -18.05 -47.13
C ASP B 212 8.73 -17.82 -45.69
N LEU B 213 7.57 -17.18 -45.46
CA LEU B 213 7.09 -16.96 -44.10
C LEU B 213 6.95 -18.29 -43.32
N GLY B 214 6.46 -19.32 -43.99
CA GLY B 214 6.28 -20.66 -43.42
C GLY B 214 7.55 -21.44 -43.14
N ILE B 215 8.69 -20.94 -43.62
CA ILE B 215 10.03 -21.51 -43.37
C ILE B 215 10.76 -20.62 -42.34
N GLU B 216 10.49 -19.30 -42.32
CA GLU B 216 11.13 -18.35 -41.42
C GLU B 216 10.54 -18.39 -40.01
N ILE B 217 9.23 -18.65 -39.92
CA ILE B 217 8.55 -18.79 -38.63
C ILE B 217 7.90 -20.20 -38.59
N PRO B 218 7.51 -20.73 -37.39
CA PRO B 218 6.83 -22.03 -37.37
C PRO B 218 5.61 -22.08 -38.30
N ALA B 219 5.48 -23.16 -39.08
CA ALA B 219 4.39 -23.32 -40.05
C ALA B 219 3.01 -23.15 -39.42
N GLU B 220 2.86 -23.58 -38.16
CA GLU B 220 1.60 -23.49 -37.44
C GLU B 220 1.25 -22.06 -36.99
N LYS B 221 2.14 -21.08 -37.18
CA LYS B 221 1.86 -19.69 -36.81
C LYS B 221 1.53 -18.81 -38.02
N VAL B 222 1.75 -19.28 -39.26
CA VAL B 222 1.50 -18.49 -40.47
C VAL B 222 0.08 -17.92 -40.53
N PHE B 223 -0.94 -18.73 -40.15
CA PHE B 223 -2.33 -18.24 -40.20
C PHE B 223 -2.53 -17.01 -39.29
N LEU B 224 -1.79 -16.92 -38.16
CA LEU B 224 -1.91 -15.78 -37.24
C LEU B 224 -1.35 -14.53 -37.90
N ALA B 225 -0.20 -14.67 -38.58
CA ALA B 225 0.44 -13.56 -39.28
C ALA B 225 -0.44 -13.11 -40.45
N GLN B 226 -1.02 -14.07 -41.19
CA GLN B 226 -1.90 -13.74 -42.31
C GLN B 226 -3.15 -12.96 -41.82
N LYS B 227 -3.85 -13.48 -40.81
CA LYS B 227 -5.05 -12.82 -40.31
C LYS B 227 -4.76 -11.45 -39.70
N MET B 228 -3.65 -11.31 -38.98
CA MET B 228 -3.24 -10.04 -38.39
C MET B 228 -2.92 -9.02 -39.49
N MET B 229 -2.12 -9.40 -40.49
CA MET B 229 -1.75 -8.47 -41.54
C MET B 229 -2.93 -8.06 -42.41
N ILE B 230 -3.83 -9.00 -42.71
CA ILE B 230 -5.04 -8.67 -43.48
C ILE B 230 -5.91 -7.69 -42.69
N GLY B 231 -6.09 -7.95 -41.38
CA GLY B 231 -6.89 -7.10 -40.52
C GLY B 231 -6.32 -5.68 -40.44
N ARG B 232 -4.98 -5.56 -40.29
CA ARG B 232 -4.35 -4.25 -40.21
C ARG B 232 -4.41 -3.50 -41.53
N CYS B 233 -4.29 -4.22 -42.66
CA CYS B 233 -4.41 -3.56 -43.98
C CYS B 233 -5.84 -3.11 -44.20
N ASN B 234 -6.84 -3.90 -43.79
CA ASN B 234 -8.24 -3.53 -43.91
C ASN B 234 -8.52 -2.26 -43.08
N LEU B 235 -7.95 -2.19 -41.87
CA LEU B 235 -8.10 -1.05 -40.98
C LEU B 235 -7.45 0.19 -41.61
N ALA B 236 -6.26 0.05 -42.22
CA ALA B 236 -5.56 1.15 -42.88
C ALA B 236 -6.14 1.53 -44.25
N GLY B 237 -6.98 0.68 -44.82
CA GLY B 237 -7.54 0.92 -46.14
C GLY B 237 -6.51 0.73 -47.24
N LYS B 238 -5.54 -0.17 -47.04
CA LYS B 238 -4.52 -0.45 -48.04
C LYS B 238 -4.60 -1.89 -48.57
N PRO B 239 -4.35 -2.13 -49.86
CA PRO B 239 -4.48 -3.48 -50.40
C PRO B 239 -3.58 -4.55 -49.77
N VAL B 240 -4.13 -5.75 -49.62
CA VAL B 240 -3.38 -6.87 -49.08
C VAL B 240 -3.59 -8.08 -49.98
N VAL B 241 -2.50 -8.77 -50.32
CA VAL B 241 -2.51 -9.94 -51.16
C VAL B 241 -2.24 -11.19 -50.34
N CYS B 242 -3.01 -12.26 -50.56
CA CYS B 242 -2.70 -13.55 -49.94
C CYS B 242 -2.01 -14.37 -51.02
N ALA B 243 -0.86 -14.95 -50.71
CA ALA B 243 -0.09 -15.68 -51.74
C ALA B 243 0.44 -17.02 -51.27
N THR B 244 0.73 -17.91 -52.26
CA THR B 244 1.51 -19.15 -52.22
C THR B 244 0.76 -20.39 -51.73
N GLN B 245 0.78 -21.41 -52.60
CA GLN B 245 0.22 -22.75 -52.41
C GLN B 245 -1.28 -22.77 -52.17
N MET B 246 -2.00 -21.74 -52.65
CA MET B 246 -3.45 -21.67 -52.50
C MET B 246 -4.14 -22.81 -53.21
N LEU B 247 -3.69 -23.16 -54.43
CA LEU B 247 -4.28 -24.28 -55.20
C LEU B 247 -3.14 -25.17 -55.74
N GLU B 248 -2.09 -25.37 -54.94
CA GLU B 248 -0.87 -26.09 -55.29
C GLU B 248 -1.08 -27.39 -56.08
N SER B 249 -1.96 -28.30 -55.63
CA SER B 249 -2.19 -29.56 -56.31
C SER B 249 -2.68 -29.42 -57.75
N MET B 250 -3.24 -28.24 -58.11
CA MET B 250 -3.69 -28.00 -59.47
C MET B 250 -2.54 -27.82 -60.48
N ILE B 251 -1.28 -27.86 -60.01
CA ILE B 251 -0.12 -27.87 -60.90
C ILE B 251 -0.18 -29.16 -61.76
N THR B 252 -0.65 -30.29 -61.18
CA THR B 252 -0.76 -31.55 -61.92
C THR B 252 -2.16 -32.12 -61.99
N LYS B 253 -3.08 -31.72 -61.09
CA LYS B 253 -4.42 -32.25 -61.08
C LYS B 253 -5.49 -31.26 -61.57
N PRO B 254 -6.55 -31.74 -62.26
CA PRO B 254 -7.57 -30.80 -62.76
C PRO B 254 -8.49 -30.20 -61.70
N ARG B 255 -8.54 -30.82 -60.49
CA ARG B 255 -9.36 -30.38 -59.36
C ARG B 255 -8.47 -30.22 -58.12
N PRO B 256 -8.72 -29.19 -57.31
CA PRO B 256 -7.90 -28.99 -56.09
C PRO B 256 -8.34 -29.88 -54.91
N THR B 257 -7.54 -29.87 -53.83
CA THR B 257 -7.91 -30.60 -52.63
C THR B 257 -8.96 -29.81 -51.81
N ARG B 258 -9.56 -30.45 -50.81
CA ARG B 258 -10.53 -29.79 -49.93
C ARG B 258 -9.88 -28.69 -49.09
N ALA B 259 -8.59 -28.86 -48.73
CA ALA B 259 -7.87 -27.83 -47.96
C ALA B 259 -7.59 -26.60 -48.82
N GLU B 260 -7.32 -26.79 -50.11
CA GLU B 260 -7.03 -25.70 -51.04
C GLU B 260 -8.24 -24.82 -51.31
N THR B 261 -9.42 -25.42 -51.56
CA THR B 261 -10.62 -24.58 -51.79
C THR B 261 -10.97 -23.81 -50.51
N SER B 262 -10.79 -24.46 -49.36
CA SER B 262 -11.00 -23.85 -48.05
C SER B 262 -10.06 -22.65 -47.87
N ASP B 263 -8.79 -22.81 -48.23
CA ASP B 263 -7.78 -21.77 -48.07
C ASP B 263 -8.12 -20.51 -48.88
N VAL B 264 -8.56 -20.69 -50.14
CA VAL B 264 -8.97 -19.58 -51.00
C VAL B 264 -10.18 -18.88 -50.40
N ALA B 265 -11.20 -19.64 -50.00
CA ALA B 265 -12.41 -19.06 -49.42
C ALA B 265 -12.10 -18.29 -48.13
N ASN B 266 -11.23 -18.86 -47.27
CA ASN B 266 -10.88 -18.22 -46.02
C ASN B 266 -10.01 -16.99 -46.21
N ALA B 267 -9.18 -16.92 -47.27
CA ALA B 267 -8.38 -15.72 -47.52
C ALA B 267 -9.34 -14.55 -47.88
N VAL B 268 -10.38 -14.83 -48.67
CA VAL B 268 -11.38 -13.85 -49.04
C VAL B 268 -12.19 -13.44 -47.80
N LEU B 269 -12.64 -14.43 -46.98
CA LEU B 269 -13.37 -14.11 -45.76
C LEU B 269 -12.51 -13.34 -44.77
N ASP B 270 -11.19 -13.60 -44.72
CA ASP B 270 -10.27 -12.86 -43.84
C ASP B 270 -10.24 -11.37 -44.21
N GLY B 271 -10.40 -11.05 -45.49
CA GLY B 271 -10.42 -9.69 -46.00
C GLY B 271 -9.39 -9.38 -47.06
N ALA B 272 -8.79 -10.41 -47.68
CA ALA B 272 -7.77 -10.16 -48.72
C ALA B 272 -8.34 -9.44 -49.92
N ASP B 273 -7.61 -8.44 -50.43
CA ASP B 273 -8.05 -7.73 -51.65
C ASP B 273 -7.74 -8.56 -52.89
N CYS B 274 -6.61 -9.27 -52.88
CA CYS B 274 -6.15 -10.10 -54.01
C CYS B 274 -5.76 -11.47 -53.52
N ILE B 275 -5.90 -12.44 -54.41
CA ILE B 275 -5.43 -13.82 -54.20
C ILE B 275 -4.47 -14.13 -55.36
N MET B 276 -3.50 -15.01 -55.11
CA MET B 276 -2.46 -15.26 -56.09
C MET B 276 -2.27 -16.72 -56.46
N LEU B 277 -1.77 -16.94 -57.68
CA LEU B 277 -1.38 -18.23 -58.23
C LEU B 277 0.08 -18.10 -58.65
N SER B 278 0.91 -19.09 -58.28
CA SER B 278 2.34 -19.10 -58.62
C SER B 278 2.61 -20.24 -59.63
N GLY B 279 3.06 -21.42 -59.18
CA GLY B 279 3.30 -22.57 -60.03
C GLY B 279 2.06 -23.02 -60.77
N GLU B 280 0.88 -22.82 -60.16
CA GLU B 280 -0.43 -23.17 -60.74
C GLU B 280 -0.60 -22.59 -62.15
N THR B 281 -0.11 -21.36 -62.38
CA THR B 281 -0.23 -20.73 -63.70
C THR B 281 1.13 -20.62 -64.41
N ALA B 282 2.23 -20.52 -63.66
CA ALA B 282 3.54 -20.37 -64.27
C ALA B 282 4.03 -21.65 -64.98
N LYS B 283 3.84 -22.82 -64.35
CA LYS B 283 4.37 -24.06 -64.90
C LYS B 283 3.41 -25.24 -64.96
N GLY B 284 2.24 -25.12 -64.34
CA GLY B 284 1.31 -26.22 -64.25
C GLY B 284 0.60 -26.65 -65.52
N ASN B 285 -0.11 -27.76 -65.46
CA ASN B 285 -0.86 -28.29 -66.58
C ASN B 285 -2.26 -27.72 -66.72
N PHE B 286 -2.74 -26.96 -65.70
CA PHE B 286 -4.09 -26.42 -65.76
C PHE B 286 -4.09 -24.91 -65.41
N PRO B 287 -3.31 -24.04 -66.10
CA PRO B 287 -3.30 -22.62 -65.71
C PRO B 287 -4.66 -21.94 -65.81
N VAL B 288 -5.41 -22.19 -66.88
CA VAL B 288 -6.70 -21.56 -67.09
C VAL B 288 -7.71 -22.07 -66.04
N GLU B 289 -7.70 -23.38 -65.79
CA GLU B 289 -8.58 -24.00 -64.80
C GLU B 289 -8.28 -23.50 -63.38
N ALA B 290 -7.02 -23.22 -63.05
CA ALA B 290 -6.63 -22.69 -61.74
C ALA B 290 -7.23 -21.28 -61.54
N VAL B 291 -7.20 -20.44 -62.60
CA VAL B 291 -7.79 -19.11 -62.57
C VAL B 291 -9.32 -19.24 -62.44
N LYS B 292 -9.94 -20.16 -63.19
CA LYS B 292 -11.39 -20.37 -63.12
C LYS B 292 -11.82 -20.83 -61.72
N MET B 293 -11.01 -21.68 -61.07
CA MET B 293 -11.30 -22.18 -59.73
C MET B 293 -11.21 -21.06 -58.69
N GLN B 294 -10.17 -20.20 -58.77
CA GLN B 294 -10.07 -19.07 -57.85
C GLN B 294 -11.25 -18.12 -58.05
N HIS B 295 -11.69 -17.93 -59.31
CA HIS B 295 -12.82 -17.05 -59.63
C HIS B 295 -14.11 -17.61 -58.99
N ALA B 296 -14.38 -18.91 -59.17
CA ALA B 296 -15.58 -19.56 -58.64
C ALA B 296 -15.62 -19.54 -57.11
N ILE B 297 -14.48 -19.81 -56.44
CA ILE B 297 -14.45 -19.79 -54.98
C ILE B 297 -14.61 -18.35 -54.45
N ALA B 298 -13.87 -17.39 -55.02
CA ALA B 298 -13.95 -16.00 -54.57
C ALA B 298 -15.36 -15.44 -54.64
N ARG B 299 -16.12 -15.75 -55.71
CA ARG B 299 -17.51 -15.26 -55.81
C ARG B 299 -18.42 -15.88 -54.74
N GLU B 300 -18.19 -17.14 -54.37
CA GLU B 300 -18.98 -17.77 -53.30
C GLU B 300 -18.61 -17.14 -51.96
N ALA B 301 -17.30 -16.94 -51.71
CA ALA B 301 -16.83 -16.41 -50.43
C ALA B 301 -17.20 -14.95 -50.22
N GLU B 302 -17.21 -14.14 -51.29
CA GLU B 302 -17.61 -12.73 -51.18
C GLU B 302 -19.05 -12.58 -50.75
N ALA B 303 -19.94 -13.44 -51.26
CA ALA B 303 -21.34 -13.41 -50.85
C ALA B 303 -21.50 -13.85 -49.38
N ALA B 304 -20.61 -14.70 -48.87
CA ALA B 304 -20.63 -15.22 -47.50
C ALA B 304 -20.04 -14.26 -46.47
N VAL B 305 -19.50 -13.10 -46.89
CA VAL B 305 -18.94 -12.13 -45.96
C VAL B 305 -20.10 -11.57 -45.09
N TYR B 306 -19.88 -11.43 -43.77
CA TYR B 306 -20.90 -10.93 -42.87
C TYR B 306 -20.81 -9.41 -42.86
N HIS B 307 -21.35 -8.75 -43.90
CA HIS B 307 -21.28 -7.30 -44.07
C HIS B 307 -21.85 -6.49 -42.90
N ARG B 308 -22.90 -6.96 -42.25
CA ARG B 308 -23.53 -6.25 -41.12
C ARG B 308 -22.50 -5.94 -40.02
N GLN B 309 -21.71 -6.93 -39.60
CA GLN B 309 -20.71 -6.69 -38.57
C GLN B 309 -19.48 -6.02 -39.15
N LEU B 310 -19.05 -6.44 -40.35
CA LEU B 310 -17.87 -5.87 -41.00
C LEU B 310 -18.01 -4.34 -41.20
N PHE B 311 -19.11 -3.88 -41.79
CA PHE B 311 -19.34 -2.45 -42.01
C PHE B 311 -19.38 -1.69 -40.68
N GLU B 312 -20.09 -2.23 -39.67
CA GLU B 312 -20.17 -1.62 -38.34
C GLU B 312 -18.77 -1.48 -37.71
N GLU B 313 -17.93 -2.52 -37.83
CA GLU B 313 -16.59 -2.49 -37.27
C GLU B 313 -15.65 -1.57 -38.02
N LEU B 314 -15.76 -1.51 -39.36
CA LEU B 314 -14.91 -0.61 -40.15
C LEU B 314 -15.27 0.85 -39.78
N ARG B 315 -16.56 1.17 -39.55
CA ARG B 315 -16.95 2.54 -39.13
C ARG B 315 -16.48 2.87 -37.73
N ARG B 316 -16.63 1.94 -36.78
CA ARG B 316 -16.22 2.16 -35.40
C ARG B 316 -14.69 2.33 -35.28
N ALA B 317 -13.92 1.55 -36.05
CA ALA B 317 -12.46 1.58 -35.97
C ALA B 317 -11.85 2.72 -36.75
N ALA B 318 -12.48 3.12 -37.88
CA ALA B 318 -11.95 4.19 -38.70
C ALA B 318 -12.10 5.50 -37.94
N PRO B 319 -10.99 6.25 -37.79
CA PRO B 319 -11.07 7.52 -37.06
C PRO B 319 -11.92 8.55 -37.78
N LEU B 320 -12.37 9.58 -37.07
CA LEU B 320 -13.13 10.67 -37.68
C LEU B 320 -12.25 11.35 -38.73
N SER B 321 -12.88 11.80 -39.82
CA SER B 321 -12.11 12.40 -40.89
C SER B 321 -12.68 13.70 -41.35
N ARG B 322 -11.81 14.62 -41.67
CA ARG B 322 -12.22 15.89 -42.25
C ARG B 322 -11.88 15.94 -43.76
N ASP B 323 -11.46 14.81 -44.35
CA ASP B 323 -11.16 14.71 -45.77
C ASP B 323 -12.49 14.47 -46.48
N PRO B 324 -12.90 15.37 -47.39
CA PRO B 324 -14.18 15.19 -48.06
C PRO B 324 -14.31 13.91 -48.87
N THR B 325 -13.21 13.37 -49.44
CA THR B 325 -13.28 12.12 -50.21
C THR B 325 -13.67 10.97 -49.27
N GLU B 326 -13.04 10.93 -48.09
CA GLU B 326 -13.29 9.93 -47.08
C GLU B 326 -14.74 10.04 -46.56
N VAL B 327 -15.21 11.26 -46.29
CA VAL B 327 -16.56 11.52 -45.79
C VAL B 327 -17.60 11.12 -46.84
N THR B 328 -17.35 11.46 -48.11
CA THR B 328 -18.28 11.10 -49.19
C THR B 328 -18.32 9.58 -49.35
N ALA B 329 -17.16 8.90 -49.28
CA ALA B 329 -17.07 7.46 -49.44
C ALA B 329 -17.95 6.69 -48.45
N ILE B 330 -17.92 7.06 -47.16
CA ILE B 330 -18.73 6.36 -46.15
C ILE B 330 -20.22 6.64 -46.37
N GLY B 331 -20.57 7.86 -46.75
CA GLY B 331 -21.95 8.21 -47.06
C GLY B 331 -22.46 7.43 -48.26
N ALA B 332 -21.62 7.25 -49.28
CA ALA B 332 -21.99 6.51 -50.48
C ALA B 332 -22.18 5.01 -50.21
N VAL B 333 -21.31 4.42 -49.39
CA VAL B 333 -21.42 3.01 -49.07
C VAL B 333 -22.66 2.75 -48.20
N GLU B 334 -22.96 3.67 -47.27
CA GLU B 334 -24.14 3.57 -46.42
C GLU B 334 -25.39 3.66 -47.28
N ALA B 335 -25.40 4.61 -48.24
CA ALA B 335 -26.55 4.78 -49.15
C ALA B 335 -26.73 3.52 -50.01
N ALA B 336 -25.62 2.94 -50.51
CA ALA B 336 -25.68 1.75 -51.33
C ALA B 336 -26.33 0.56 -50.58
N PHE B 337 -25.95 0.35 -49.31
CA PHE B 337 -26.52 -0.73 -48.50
C PHE B 337 -28.01 -0.50 -48.24
N LYS B 338 -28.42 0.77 -48.03
CA LYS B 338 -29.82 1.13 -47.76
C LYS B 338 -30.78 0.75 -48.87
N CYS B 339 -30.34 0.87 -50.13
CA CYS B 339 -31.21 0.59 -51.26
C CYS B 339 -30.85 -0.64 -52.03
N CYS B 340 -29.90 -1.46 -51.56
CA CYS B 340 -29.41 -2.65 -52.29
C CYS B 340 -28.91 -2.23 -53.67
N ALA B 341 -28.15 -1.11 -53.71
CA ALA B 341 -27.65 -0.57 -54.98
C ALA B 341 -26.86 -1.60 -55.74
N ALA B 342 -27.03 -1.57 -57.05
CA ALA B 342 -26.33 -2.52 -57.90
C ALA B 342 -24.84 -2.15 -58.02
N ALA B 343 -24.54 -0.84 -58.08
CA ALA B 343 -23.18 -0.37 -58.25
C ALA B 343 -22.99 1.04 -57.66
N ILE B 344 -21.74 1.43 -57.41
CA ILE B 344 -21.35 2.77 -57.03
C ILE B 344 -20.44 3.22 -58.19
N ILE B 345 -20.86 4.26 -58.95
CA ILE B 345 -20.05 4.74 -60.06
C ILE B 345 -19.22 5.90 -59.56
N VAL B 346 -17.90 5.83 -59.70
CA VAL B 346 -17.02 6.89 -59.21
C VAL B 346 -16.07 7.37 -60.28
N LEU B 347 -15.88 8.69 -60.37
CA LEU B 347 -14.91 9.29 -61.27
C LEU B 347 -13.61 9.41 -60.48
N THR B 348 -12.49 8.95 -61.07
CA THR B 348 -11.20 8.99 -60.37
C THR B 348 -10.04 9.21 -61.31
N THR B 349 -9.06 10.00 -60.90
CA THR B 349 -7.88 10.29 -61.69
C THR B 349 -6.74 9.31 -61.33
N THR B 350 -6.49 9.16 -60.02
CA THR B 350 -5.42 8.31 -59.49
C THR B 350 -5.89 6.94 -58.96
N GLY B 351 -7.20 6.77 -58.80
CA GLY B 351 -7.79 5.57 -58.22
C GLY B 351 -8.19 5.77 -56.77
N ARG B 352 -7.70 6.84 -56.11
CA ARG B 352 -7.92 7.10 -54.68
C ARG B 352 -9.39 7.12 -54.23
N SER B 353 -10.30 7.81 -54.96
CA SER B 353 -11.70 7.86 -54.56
C SER B 353 -12.32 6.45 -54.59
N ALA B 354 -11.90 5.60 -55.54
CA ALA B 354 -12.41 4.23 -55.63
C ALA B 354 -11.84 3.38 -54.47
N GLN B 355 -10.56 3.61 -54.11
CA GLN B 355 -9.92 2.92 -52.99
C GLN B 355 -10.62 3.25 -51.67
N LEU B 356 -11.01 4.51 -51.45
CA LEU B 356 -11.70 4.89 -50.22
C LEU B 356 -13.13 4.31 -50.14
N LEU B 357 -13.75 4.00 -51.28
CA LEU B 357 -15.06 3.34 -51.28
C LEU B 357 -14.84 1.85 -50.93
N SER B 358 -13.83 1.23 -51.56
CA SER B 358 -13.43 -0.16 -51.39
C SER B 358 -13.08 -0.50 -49.93
N ARG B 359 -12.48 0.42 -49.17
CA ARG B 359 -12.11 0.19 -47.77
C ARG B 359 -13.33 -0.10 -46.86
N TYR B 360 -14.53 0.37 -47.24
CA TYR B 360 -15.74 0.10 -46.46
C TYR B 360 -16.46 -1.18 -46.87
N ARG B 361 -15.87 -1.93 -47.81
CA ARG B 361 -16.34 -3.21 -48.30
C ARG B 361 -17.82 -3.21 -48.68
N PRO B 362 -18.25 -2.34 -49.63
CA PRO B 362 -19.65 -2.38 -50.06
C PRO B 362 -19.94 -3.68 -50.81
N ARG B 363 -21.19 -4.11 -50.75
CA ARG B 363 -21.63 -5.25 -51.54
C ARG B 363 -21.77 -4.78 -53.03
N ALA B 364 -22.14 -3.50 -53.25
CA ALA B 364 -22.26 -2.91 -54.58
C ALA B 364 -20.88 -2.84 -55.25
N ALA B 365 -20.84 -3.16 -56.54
CA ALA B 365 -19.61 -3.08 -57.34
C ALA B 365 -19.20 -1.61 -57.45
N VAL B 366 -17.90 -1.32 -57.36
CA VAL B 366 -17.43 0.06 -57.49
C VAL B 366 -16.90 0.20 -58.93
N ILE B 367 -17.69 0.86 -59.78
CA ILE B 367 -17.31 1.06 -61.18
C ILE B 367 -16.50 2.35 -61.25
N ALA B 368 -15.18 2.23 -61.48
CA ALA B 368 -14.31 3.40 -61.49
C ALA B 368 -14.02 3.89 -62.90
N VAL B 369 -14.52 5.09 -63.25
CA VAL B 369 -14.32 5.66 -64.58
C VAL B 369 -13.10 6.56 -64.54
N THR B 370 -12.09 6.25 -65.35
CA THR B 370 -10.85 7.01 -65.36
C THR B 370 -10.28 7.16 -66.76
N ARG B 371 -9.55 8.26 -67.00
CA ARG B 371 -8.82 8.46 -68.25
C ARG B 371 -7.39 7.88 -68.14
N SER B 372 -6.89 7.63 -66.92
CA SER B 372 -5.55 7.09 -66.71
C SER B 372 -5.52 5.57 -66.93
N ALA B 373 -4.79 5.12 -67.96
CA ALA B 373 -4.64 3.70 -68.26
C ALA B 373 -3.91 3.00 -67.09
N GLN B 374 -2.91 3.65 -66.50
CA GLN B 374 -2.17 3.07 -65.38
C GLN B 374 -3.05 2.96 -64.14
N ALA B 375 -3.84 3.99 -63.79
CA ALA B 375 -4.75 3.91 -62.64
C ALA B 375 -5.79 2.82 -62.86
N ALA B 376 -6.26 2.64 -64.12
CA ALA B 376 -7.22 1.58 -64.44
C ALA B 376 -6.62 0.20 -64.15
N ARG B 377 -5.31 0.01 -64.45
CA ARG B 377 -4.64 -1.26 -64.15
C ARG B 377 -4.41 -1.42 -62.65
N GLN B 378 -3.94 -0.36 -61.98
CA GLN B 378 -3.60 -0.43 -60.56
C GLN B 378 -4.79 -0.62 -59.61
N VAL B 379 -6.00 -0.10 -59.94
CA VAL B 379 -7.14 -0.25 -59.02
C VAL B 379 -7.59 -1.72 -58.85
N HIS B 380 -7.07 -2.65 -59.67
CA HIS B 380 -7.33 -4.08 -59.47
C HIS B 380 -6.78 -4.53 -58.08
N LEU B 381 -5.86 -3.76 -57.46
CA LEU B 381 -5.35 -4.09 -56.14
C LEU B 381 -6.43 -3.93 -55.04
N CYS B 382 -7.50 -3.15 -55.30
CA CYS B 382 -8.55 -2.84 -54.33
C CYS B 382 -9.77 -3.68 -54.55
N ARG B 383 -10.20 -4.43 -53.51
CA ARG B 383 -11.38 -5.29 -53.67
C ARG B 383 -12.63 -4.56 -54.15
N GLY B 384 -13.26 -5.11 -55.17
CA GLY B 384 -14.54 -4.62 -55.66
C GLY B 384 -14.49 -3.43 -56.58
N VAL B 385 -13.30 -3.08 -57.07
CA VAL B 385 -13.17 -1.96 -58.00
C VAL B 385 -13.06 -2.51 -59.42
N PHE B 386 -13.99 -2.09 -60.30
CA PHE B 386 -14.06 -2.50 -61.69
C PHE B 386 -13.68 -1.29 -62.56
N PRO B 387 -12.45 -1.30 -63.09
CA PRO B 387 -11.98 -0.15 -63.88
C PRO B 387 -12.56 -0.03 -65.29
N LEU B 388 -12.98 1.19 -65.67
CA LEU B 388 -13.47 1.50 -67.01
C LEU B 388 -12.60 2.61 -67.56
N LEU B 389 -11.86 2.31 -68.61
CA LEU B 389 -10.97 3.30 -69.21
C LEU B 389 -11.78 4.16 -70.21
N TYR B 390 -11.87 5.46 -69.94
CA TYR B 390 -12.61 6.43 -70.76
C TYR B 390 -11.61 7.04 -71.75
N ARG B 391 -11.89 6.97 -73.05
CA ARG B 391 -10.95 7.47 -74.05
C ARG B 391 -11.37 8.75 -74.79
N GLU B 392 -12.60 9.25 -74.57
CA GLU B 392 -13.07 10.45 -75.26
C GLU B 392 -12.36 11.72 -74.85
N PRO B 393 -12.10 12.63 -75.82
CA PRO B 393 -11.46 13.91 -75.47
C PRO B 393 -12.40 14.78 -74.63
N PRO B 394 -11.82 15.67 -73.80
CA PRO B 394 -12.67 16.49 -72.93
C PRO B 394 -13.66 17.41 -73.63
N GLU B 395 -14.90 17.47 -73.10
CA GLU B 395 -15.95 18.39 -73.53
C GLU B 395 -15.53 19.81 -73.17
N ALA B 396 -16.07 20.82 -73.87
CA ALA B 396 -15.75 22.22 -73.62
C ALA B 396 -16.17 22.64 -72.21
N ILE B 397 -17.36 22.23 -71.78
CA ILE B 397 -17.85 22.54 -70.45
C ILE B 397 -17.55 21.37 -69.52
N TRP B 398 -16.78 21.62 -68.45
CA TRP B 398 -16.38 20.60 -67.49
C TRP B 398 -17.56 19.80 -66.91
N ALA B 399 -18.67 20.47 -66.50
CA ALA B 399 -19.85 19.77 -65.98
C ALA B 399 -20.42 18.78 -67.00
N ASP B 400 -20.37 19.11 -68.31
CA ASP B 400 -20.84 18.20 -69.36
C ASP B 400 -19.90 17.01 -69.49
N ASP B 401 -18.59 17.24 -69.35
CA ASP B 401 -17.59 16.18 -69.42
C ASP B 401 -17.77 15.18 -68.26
N VAL B 402 -18.09 15.69 -67.07
CA VAL B 402 -18.35 14.88 -65.88
C VAL B 402 -19.60 14.03 -66.15
N ASP B 403 -20.69 14.66 -66.64
CA ASP B 403 -21.93 13.97 -66.96
C ASP B 403 -21.74 12.88 -67.99
N ARG B 404 -20.92 13.13 -69.03
CA ARG B 404 -20.68 12.10 -70.05
C ARG B 404 -19.97 10.89 -69.49
N ARG B 405 -19.04 11.11 -68.56
CA ARG B 405 -18.30 10.02 -67.93
C ARG B 405 -19.21 9.20 -67.03
N VAL B 406 -20.15 9.86 -66.31
CA VAL B 406 -21.11 9.16 -65.46
C VAL B 406 -22.03 8.32 -66.33
N GLN B 407 -22.53 8.91 -67.44
CA GLN B 407 -23.40 8.19 -68.38
C GLN B 407 -22.67 7.03 -69.05
N PHE B 408 -21.37 7.17 -69.33
CA PHE B 408 -20.54 6.10 -69.89
C PHE B 408 -20.49 4.92 -68.90
N GLY B 409 -20.36 5.21 -67.60
CA GLY B 409 -20.33 4.19 -66.56
C GLY B 409 -21.66 3.46 -66.49
N ILE B 410 -22.77 4.23 -66.61
CA ILE B 410 -24.14 3.68 -66.58
C ILE B 410 -24.40 2.81 -67.78
N GLU B 411 -24.09 3.31 -68.98
CA GLU B 411 -24.30 2.55 -70.22
C GLU B 411 -23.44 1.31 -70.28
N SER B 412 -22.18 1.43 -69.90
CA SER B 412 -21.30 0.27 -69.86
C SER B 412 -21.79 -0.74 -68.81
N GLY B 413 -22.27 -0.24 -67.68
CA GLY B 413 -22.82 -1.07 -66.62
C GLY B 413 -24.03 -1.86 -67.07
N LYS B 414 -24.96 -1.20 -67.78
CA LYS B 414 -26.17 -1.86 -68.29
C LYS B 414 -25.81 -2.93 -69.34
N LEU B 415 -24.95 -2.57 -70.30
CA LEU B 415 -24.48 -3.47 -71.36
C LEU B 415 -23.73 -4.70 -70.83
N ARG B 416 -23.21 -4.63 -69.60
CA ARG B 416 -22.46 -5.72 -68.96
C ARG B 416 -23.26 -6.48 -67.88
N GLY B 417 -24.53 -6.15 -67.69
CA GLY B 417 -25.34 -6.81 -66.67
C GLY B 417 -25.06 -6.40 -65.23
N PHE B 418 -24.19 -5.40 -65.04
CA PHE B 418 -23.93 -4.87 -63.71
C PHE B 418 -25.19 -4.08 -63.25
N LEU B 419 -25.82 -3.37 -64.18
CA LEU B 419 -26.99 -2.56 -63.91
C LEU B 419 -28.15 -3.02 -64.79
N ARG B 420 -29.34 -2.85 -64.25
CA ARG B 420 -30.60 -3.21 -64.89
C ARG B 420 -31.56 -2.04 -64.74
N VAL B 421 -32.52 -1.90 -65.70
CA VAL B 421 -33.55 -0.87 -65.59
C VAL B 421 -34.34 -1.08 -64.29
N GLY B 422 -34.51 -0.03 -63.51
CA GLY B 422 -35.17 -0.14 -62.21
C GLY B 422 -34.20 -0.13 -61.04
N ASP B 423 -32.92 -0.42 -61.30
CA ASP B 423 -31.89 -0.43 -60.25
C ASP B 423 -31.60 0.98 -59.77
N LEU B 424 -31.07 1.07 -58.56
CA LEU B 424 -30.57 2.33 -58.05
C LEU B 424 -29.05 2.24 -58.09
N VAL B 425 -28.43 3.36 -58.41
CA VAL B 425 -26.98 3.47 -58.46
C VAL B 425 -26.55 4.69 -57.65
N ILE B 426 -25.41 4.59 -56.98
CA ILE B 426 -24.86 5.71 -56.23
C ILE B 426 -23.75 6.27 -57.10
N VAL B 427 -23.71 7.60 -57.32
CA VAL B 427 -22.70 8.23 -58.16
C VAL B 427 -21.83 9.17 -57.34
N VAL B 428 -20.53 8.98 -57.40
CA VAL B 428 -19.56 9.75 -56.64
C VAL B 428 -18.67 10.61 -57.56
N THR B 429 -18.76 11.94 -57.40
CA THR B 429 -18.01 12.91 -58.22
C THR B 429 -17.39 14.02 -57.32
N GLY B 430 -16.69 15.01 -57.91
CA GLY B 430 -16.10 16.12 -57.19
C GLY B 430 -16.59 17.48 -57.67
N TRP B 431 -16.21 18.55 -56.97
CA TRP B 431 -16.68 19.90 -57.28
C TRP B 431 -15.81 20.67 -58.29
N ARG B 432 -14.59 20.19 -58.55
CA ARG B 432 -13.70 20.84 -59.50
C ARG B 432 -12.78 19.82 -60.16
N PRO B 433 -12.17 20.15 -61.33
CA PRO B 433 -11.25 19.19 -61.98
C PRO B 433 -10.00 18.93 -61.14
N GLY B 434 -9.32 17.84 -61.44
CA GLY B 434 -8.11 17.45 -60.73
C GLY B 434 -8.41 16.47 -59.61
N SER B 435 -7.38 15.71 -59.23
CA SER B 435 -7.41 14.74 -58.17
C SER B 435 -7.57 15.38 -56.79
N GLY B 436 -8.26 14.70 -55.87
CA GLY B 436 -8.39 15.17 -54.49
C GLY B 436 -9.63 15.98 -54.11
N TYR B 437 -10.58 16.18 -55.04
CA TYR B 437 -11.73 17.02 -54.75
C TYR B 437 -13.08 16.31 -54.76
N THR B 438 -13.11 14.98 -54.63
CA THR B 438 -14.38 14.23 -54.54
C THR B 438 -15.15 14.70 -53.30
N ASN B 439 -16.40 15.07 -53.47
CA ASN B 439 -17.22 15.56 -52.35
C ASN B 439 -18.72 15.40 -52.58
N ILE B 440 -19.14 14.72 -53.64
CA ILE B 440 -20.56 14.59 -53.97
C ILE B 440 -21.02 13.13 -54.12
N MET B 441 -22.20 12.83 -53.57
CA MET B 441 -22.82 11.53 -53.71
CA MET B 441 -22.85 11.53 -53.65
C MET B 441 -24.26 11.76 -54.19
N ARG B 442 -24.68 11.07 -55.25
CA ARG B 442 -26.02 11.20 -55.84
C ARG B 442 -26.69 9.83 -55.97
N VAL B 443 -28.01 9.78 -55.75
CA VAL B 443 -28.79 8.56 -55.90
C VAL B 443 -29.51 8.67 -57.26
N LEU B 444 -29.22 7.75 -58.19
CA LEU B 444 -29.83 7.79 -59.52
CA LEU B 444 -29.82 7.79 -59.52
C LEU B 444 -30.62 6.50 -59.83
N SER B 445 -31.79 6.66 -60.47
CA SER B 445 -32.61 5.52 -60.85
C SER B 445 -32.26 5.16 -62.31
N ILE B 446 -32.02 3.87 -62.59
CA ILE B 446 -31.67 3.44 -63.93
C ILE B 446 -32.92 3.33 -64.82
N SER B 447 -32.96 4.08 -65.92
CA SER B 447 -34.12 4.04 -66.82
C SER B 447 -33.78 3.38 -68.16
N GLU C 21 -44.73 -26.10 -20.27
CA GLU C 21 -44.09 -26.16 -18.95
C GLU C 21 -44.43 -24.92 -18.12
N LEU C 22 -44.34 -23.72 -18.71
CA LEU C 22 -44.69 -22.50 -18.00
C LEU C 22 -45.95 -21.82 -18.57
N GLY C 23 -46.18 -21.99 -19.87
CA GLY C 23 -47.36 -21.43 -20.54
C GLY C 23 -47.15 -20.08 -21.20
N THR C 24 -48.04 -19.74 -22.14
CA THR C 24 -47.98 -18.46 -22.84
C THR C 24 -48.37 -17.30 -21.91
N ALA C 25 -49.24 -17.55 -20.92
CA ALA C 25 -49.64 -16.50 -19.97
C ALA C 25 -48.43 -16.01 -19.17
N PHE C 26 -47.52 -16.92 -18.79
CA PHE C 26 -46.30 -16.57 -18.05
C PHE C 26 -45.45 -15.60 -18.86
N PHE C 27 -45.26 -15.87 -20.15
CA PHE C 27 -44.42 -15.04 -21.00
C PHE C 27 -45.08 -13.74 -21.50
N GLN C 28 -46.33 -13.47 -21.10
CA GLN C 28 -46.99 -12.22 -21.46
C GLN C 28 -46.91 -11.19 -20.28
N GLN C 29 -46.77 -11.69 -19.03
CA GLN C 29 -46.66 -10.90 -17.80
C GLN C 29 -45.24 -10.33 -17.63
N GLN C 30 -45.07 -9.45 -16.59
CA GLN C 30 -43.83 -8.81 -16.17
C GLN C 30 -42.95 -8.29 -17.33
N GLN C 31 -43.58 -7.73 -18.37
CA GLN C 31 -42.91 -7.17 -19.55
C GLN C 31 -41.94 -8.14 -20.20
N LEU C 32 -42.26 -9.45 -20.17
CA LEU C 32 -41.37 -10.45 -20.75
C LEU C 32 -41.21 -10.29 -22.27
N PRO C 33 -42.23 -9.93 -23.08
CA PRO C 33 -41.96 -9.65 -24.52
C PRO C 33 -40.92 -8.53 -24.70
N ALA C 34 -41.01 -7.45 -23.90
CA ALA C 34 -40.03 -6.35 -23.97
C ALA C 34 -38.65 -6.79 -23.44
N ALA C 35 -38.62 -7.74 -22.50
CA ALA C 35 -37.38 -8.28 -21.95
C ALA C 35 -36.61 -9.10 -22.97
N MET C 36 -37.30 -9.80 -23.88
CA MET C 36 -36.64 -10.63 -24.89
C MET C 36 -36.17 -9.84 -26.14
N ALA C 37 -36.38 -8.53 -26.17
CA ALA C 37 -36.01 -7.71 -27.34
C ALA C 37 -34.53 -7.66 -27.62
N ASP C 38 -34.16 -7.59 -28.90
CA ASP C 38 -32.77 -7.58 -29.35
C ASP C 38 -32.12 -6.21 -29.28
N THR C 39 -32.90 -5.13 -29.23
CA THR C 39 -32.36 -3.77 -29.09
C THR C 39 -33.14 -2.99 -28.02
N PHE C 40 -32.54 -1.93 -27.48
CA PHE C 40 -33.22 -1.08 -26.49
C PHE C 40 -34.43 -0.40 -27.12
N LEU C 41 -34.32 0.04 -28.39
CA LEU C 41 -35.44 0.66 -29.11
C LEU C 41 -36.62 -0.32 -29.21
N GLU C 42 -36.36 -1.58 -29.59
CA GLU C 42 -37.41 -2.60 -29.69
C GLU C 42 -37.99 -2.91 -28.31
N HIS C 43 -37.15 -2.90 -27.27
CA HIS C 43 -37.57 -3.09 -25.87
C HIS C 43 -38.62 -2.04 -25.50
N LEU C 44 -38.35 -0.75 -25.82
CA LEU C 44 -39.30 0.33 -25.56
C LEU C 44 -40.60 0.12 -26.32
N CYS C 45 -40.51 -0.22 -27.62
CA CYS C 45 -41.68 -0.43 -28.48
C CYS C 45 -42.57 -1.56 -27.96
N LEU C 46 -42.00 -2.54 -27.23
CA LEU C 46 -42.76 -3.68 -26.72
C LEU C 46 -43.31 -3.51 -25.32
N LEU C 47 -43.06 -2.37 -24.64
CA LEU C 47 -43.61 -2.14 -23.29
C LEU C 47 -45.12 -2.12 -23.37
N ASP C 48 -45.79 -2.83 -22.48
CA ASP C 48 -47.23 -3.02 -22.55
C ASP C 48 -47.90 -2.69 -21.22
N ILE C 49 -48.85 -1.74 -21.25
CA ILE C 49 -49.61 -1.35 -20.06
C ILE C 49 -50.49 -2.50 -19.53
N ASP C 50 -50.80 -3.51 -20.36
CA ASP C 50 -51.60 -4.66 -19.93
C ASP C 50 -50.72 -5.80 -19.38
N SER C 51 -49.39 -5.71 -19.46
CA SER C 51 -48.49 -6.73 -18.95
C SER C 51 -48.29 -6.46 -17.45
N GLU C 52 -48.96 -7.24 -16.61
CA GLU C 52 -48.95 -7.03 -15.17
C GLU C 52 -47.69 -7.48 -14.47
N PRO C 53 -47.22 -6.68 -13.48
CA PRO C 53 -46.03 -7.09 -12.71
C PRO C 53 -46.36 -8.30 -11.84
N VAL C 54 -45.40 -9.22 -11.69
CA VAL C 54 -45.62 -10.40 -10.87
C VAL C 54 -44.64 -10.46 -9.72
N ALA C 55 -43.39 -10.09 -9.98
CA ALA C 55 -42.35 -10.12 -8.95
C ALA C 55 -42.62 -9.16 -7.78
N ALA C 56 -42.07 -9.48 -6.61
CA ALA C 56 -42.17 -8.62 -5.45
C ALA C 56 -41.36 -7.34 -5.73
N ARG C 57 -41.80 -6.20 -5.15
CA ARG C 57 -41.15 -4.92 -5.34
C ARG C 57 -39.73 -4.96 -4.74
N SER C 58 -38.73 -4.70 -5.58
CA SER C 58 -37.33 -4.81 -5.21
C SER C 58 -36.65 -3.49 -4.79
N THR C 59 -37.15 -2.32 -5.21
CA THR C 59 -36.55 -1.03 -4.81
C THR C 59 -37.10 -0.66 -3.44
N SER C 60 -36.23 -0.50 -2.43
CA SER C 60 -36.73 -0.14 -1.09
C SER C 60 -37.26 1.26 -1.00
N ILE C 61 -38.23 1.46 -0.12
CA ILE C 61 -38.82 2.77 0.12
C ILE C 61 -38.36 3.30 1.47
N ILE C 62 -37.80 4.51 1.47
CA ILE C 62 -37.39 5.17 2.69
C ILE C 62 -38.44 6.23 2.98
N ALA C 63 -39.07 6.19 4.17
CA ALA C 63 -40.06 7.21 4.52
C ALA C 63 -39.53 8.02 5.70
N THR C 64 -39.62 9.35 5.61
CA THR C 64 -39.17 10.23 6.67
C THR C 64 -40.25 10.29 7.74
N ILE C 65 -39.85 10.06 9.01
CA ILE C 65 -40.78 10.10 10.13
C ILE C 65 -40.95 11.54 10.64
N GLY C 66 -42.17 11.94 10.88
CA GLY C 66 -42.50 13.26 11.39
C GLY C 66 -43.88 13.29 12.01
N PRO C 67 -44.43 14.48 12.27
CA PRO C 67 -45.77 14.56 12.87
C PRO C 67 -46.88 13.79 12.13
N ALA C 68 -46.81 13.70 10.80
CA ALA C 68 -47.82 12.97 10.03
C ALA C 68 -47.64 11.44 10.05
N SER C 69 -46.50 10.94 10.53
CA SER C 69 -46.22 9.51 10.47
C SER C 69 -45.55 8.96 11.73
N ARG C 70 -45.79 9.56 12.88
CA ARG C 70 -45.11 9.17 14.12
C ARG C 70 -45.84 8.18 15.00
N SER C 71 -47.18 8.20 14.96
CA SER C 71 -47.97 7.29 15.80
C SER C 71 -47.77 5.84 15.42
N VAL C 72 -47.91 4.93 16.41
CA VAL C 72 -47.73 3.50 16.21
C VAL C 72 -48.73 2.98 15.20
N GLU C 73 -49.99 3.44 15.27
CA GLU C 73 -51.03 3.01 14.34
C GLU C 73 -50.76 3.47 12.90
N ARG C 74 -50.26 4.69 12.73
CA ARG C 74 -49.91 5.22 11.42
C ARG C 74 -48.71 4.46 10.85
N LEU C 75 -47.71 4.18 11.70
CA LEU C 75 -46.51 3.43 11.31
C LEU C 75 -46.84 2.00 10.87
N LYS C 76 -47.86 1.36 11.47
CA LYS C 76 -48.28 0.02 11.06
C LYS C 76 -48.85 0.07 9.64
N GLU C 77 -49.61 1.12 9.32
CA GLU C 77 -50.17 1.29 7.98
C GLU C 77 -49.05 1.55 6.97
N MET C 78 -48.01 2.30 7.37
CA MET C 78 -46.89 2.58 6.48
CA MET C 78 -46.89 2.58 6.48
C MET C 78 -46.05 1.35 6.21
N ILE C 79 -45.92 0.45 7.21
CA ILE C 79 -45.19 -0.80 7.04
C ILE C 79 -45.98 -1.68 6.05
N LYS C 80 -47.32 -1.76 6.22
CA LYS C 80 -48.18 -2.53 5.33
C LYS C 80 -48.15 -1.97 3.90
N ALA C 81 -48.06 -0.65 3.77
CA ALA C 81 -47.98 0.00 2.47
C ALA C 81 -46.64 -0.24 1.75
N GLY C 82 -45.58 -0.59 2.48
CA GLY C 82 -44.29 -0.90 1.88
C GLY C 82 -43.05 -0.19 2.40
N MET C 83 -43.16 0.63 3.46
CA MET C 83 -41.98 1.29 4.03
C MET C 83 -40.95 0.26 4.52
N ASN C 84 -39.69 0.36 4.05
CA ASN C 84 -38.63 -0.58 4.45
C ASN C 84 -37.60 0.06 5.38
N ILE C 85 -37.40 1.39 5.24
CA ILE C 85 -36.44 2.16 6.01
C ILE C 85 -37.13 3.41 6.54
N ALA C 86 -36.98 3.66 7.85
CA ALA C 86 -37.54 4.84 8.49
C ALA C 86 -36.40 5.85 8.63
N ARG C 87 -36.59 7.05 8.09
CA ARG C 87 -35.58 8.09 8.17
C ARG C 87 -35.90 9.10 9.28
N LEU C 88 -34.93 9.35 10.17
CA LEU C 88 -35.10 10.35 11.22
C LEU C 88 -34.29 11.57 10.81
N ASN C 89 -34.93 12.70 10.55
CA ASN C 89 -34.24 13.89 10.14
C ASN C 89 -33.78 14.69 11.35
N PHE C 90 -32.48 14.62 11.66
CA PHE C 90 -31.94 15.32 12.82
C PHE C 90 -31.73 16.83 12.61
N SER C 91 -32.23 17.38 11.49
CA SER C 91 -32.21 18.82 11.28
C SER C 91 -33.27 19.48 12.19
N HIS C 92 -34.31 18.73 12.63
CA HIS C 92 -35.37 19.21 13.50
C HIS C 92 -35.63 18.18 14.61
N GLY C 93 -36.13 18.64 15.75
CA GLY C 93 -36.50 17.75 16.83
C GLY C 93 -35.37 17.43 17.79
N SER C 94 -35.72 17.20 19.05
CA SER C 94 -34.74 16.90 20.08
C SER C 94 -34.37 15.41 20.07
N HIS C 95 -33.37 15.01 20.88
CA HIS C 95 -33.01 13.61 21.05
C HIS C 95 -34.19 12.83 21.63
N GLU C 96 -34.94 13.45 22.56
CA GLU C 96 -36.10 12.81 23.19
C GLU C 96 -37.19 12.54 22.14
N TYR C 97 -37.41 13.48 21.23
CA TYR C 97 -38.41 13.34 20.16
C TYR C 97 -38.02 12.16 19.25
N HIS C 98 -36.75 12.10 18.82
CA HIS C 98 -36.27 11.04 17.95
C HIS C 98 -36.24 9.68 18.63
N ALA C 99 -35.95 9.62 19.94
CA ALA C 99 -35.96 8.36 20.67
C ALA C 99 -37.38 7.79 20.72
N GLU C 100 -38.40 8.66 20.84
CA GLU C 100 -39.78 8.23 20.85
C GLU C 100 -40.19 7.75 19.44
N SER C 101 -39.71 8.41 18.38
CA SER C 101 -39.99 7.97 17.01
C SER C 101 -39.40 6.57 16.79
N ILE C 102 -38.16 6.31 17.26
CA ILE C 102 -37.49 5.01 17.16
C ILE C 102 -38.28 3.93 17.91
N ALA C 103 -38.72 4.24 19.15
CA ALA C 103 -39.52 3.31 19.93
C ALA C 103 -40.84 3.00 19.23
N ASN C 104 -41.49 4.01 18.63
CA ASN C 104 -42.75 3.80 17.91
C ASN C 104 -42.57 2.95 16.67
N VAL C 105 -41.44 3.14 15.93
CA VAL C 105 -41.13 2.32 14.76
C VAL C 105 -40.96 0.87 15.20
N ARG C 106 -40.12 0.64 16.23
CA ARG C 106 -39.87 -0.70 16.73
C ARG C 106 -41.15 -1.38 17.26
N GLU C 107 -42.03 -0.62 17.91
CA GLU C 107 -43.30 -1.18 18.39
C GLU C 107 -44.19 -1.58 17.22
N ALA C 108 -44.27 -0.73 16.18
CA ALA C 108 -45.08 -1.05 15.00
C ALA C 108 -44.52 -2.27 14.26
N VAL C 109 -43.17 -2.38 14.15
CA VAL C 109 -42.51 -3.50 13.47
C VAL C 109 -42.77 -4.80 14.22
N GLU C 110 -42.58 -4.79 15.55
CA GLU C 110 -42.76 -5.98 16.35
C GLU C 110 -44.22 -6.43 16.51
N SER C 111 -45.19 -5.57 16.19
CA SER C 111 -46.59 -5.94 16.24
C SER C 111 -46.98 -7.03 15.21
N PHE C 112 -46.11 -7.25 14.20
CA PHE C 112 -46.32 -8.27 13.17
C PHE C 112 -45.50 -9.52 13.40
N ALA C 113 -44.81 -9.66 14.55
CA ALA C 113 -43.99 -10.84 14.80
C ALA C 113 -44.79 -12.16 14.90
N GLY C 114 -46.10 -12.06 15.20
CA GLY C 114 -46.98 -13.23 15.29
C GLY C 114 -47.25 -13.95 13.98
N SER C 115 -47.23 -13.21 12.87
CA SER C 115 -47.48 -13.81 11.55
C SER C 115 -46.24 -13.76 10.65
N PRO C 116 -45.74 -14.93 10.23
CA PRO C 116 -44.56 -14.95 9.35
C PRO C 116 -44.81 -14.32 7.98
N LEU C 117 -46.05 -14.36 7.49
CA LEU C 117 -46.45 -13.78 6.20
C LEU C 117 -46.38 -12.24 6.22
N SER C 118 -46.55 -11.61 7.41
CA SER C 118 -46.52 -10.15 7.54
C SER C 118 -45.27 -9.56 8.22
N TYR C 119 -44.56 -10.33 9.08
CA TYR C 119 -43.37 -9.78 9.75
C TYR C 119 -42.26 -9.38 8.77
N ARG C 120 -41.80 -8.14 8.86
CA ARG C 120 -40.72 -7.65 8.00
C ARG C 120 -39.77 -6.74 8.78
N PRO C 121 -38.45 -6.92 8.64
CA PRO C 121 -37.52 -5.99 9.29
C PRO C 121 -37.64 -4.59 8.68
N VAL C 122 -37.43 -3.55 9.50
CA VAL C 122 -37.47 -2.18 9.03
C VAL C 122 -36.20 -1.50 9.56
N ALA C 123 -35.37 -0.97 8.66
CA ALA C 123 -34.13 -0.31 9.09
C ALA C 123 -34.41 1.09 9.63
N ILE C 124 -33.53 1.58 10.51
CA ILE C 124 -33.67 2.94 11.04
C ILE C 124 -32.44 3.72 10.61
N ALA C 125 -32.65 4.82 9.93
CA ALA C 125 -31.59 5.64 9.39
C ALA C 125 -31.59 7.03 10.03
N LEU C 126 -30.42 7.51 10.44
CA LEU C 126 -30.29 8.81 11.06
C LEU C 126 -29.72 9.77 10.01
N ASP C 127 -30.44 10.84 9.70
CA ASP C 127 -29.99 11.82 8.71
C ASP C 127 -29.45 13.03 9.48
N THR C 128 -28.16 13.30 9.36
CA THR C 128 -27.52 14.38 10.12
C THR C 128 -27.89 15.79 9.67
N LYS C 129 -27.79 16.74 10.60
CA LYS C 129 -28.06 18.15 10.31
C LYS C 129 -27.04 18.70 9.32
N GLY C 130 -25.79 18.33 9.48
CA GLY C 130 -24.75 18.75 8.54
C GLY C 130 -23.75 19.73 9.11
N PRO C 131 -22.73 20.10 8.30
CA PRO C 131 -21.68 21.01 8.79
C PRO C 131 -22.07 22.47 8.86
N GLY C 134 -19.62 25.58 8.86
CA GLY C 134 -18.45 25.12 9.60
C GLY C 134 -17.47 24.31 8.78
N PRO C 135 -16.21 24.24 9.25
CA PRO C 135 -15.15 23.54 8.49
C PRO C 135 -15.11 22.02 8.59
N GLY C 136 -15.41 21.43 9.75
CA GLY C 136 -15.35 19.97 9.93
C GLY C 136 -16.69 19.40 10.36
N LEU C 137 -16.67 18.26 11.12
CA LEU C 137 -17.92 17.71 11.63
C LEU C 137 -18.44 18.65 12.74
N SER C 138 -19.70 19.10 12.65
CA SER C 138 -20.24 20.02 13.68
C SER C 138 -20.38 19.32 15.02
N GLU C 139 -20.43 20.10 16.10
CA GLU C 139 -20.59 19.56 17.45
C GLU C 139 -21.93 18.83 17.56
N GLN C 140 -22.98 19.39 16.94
CA GLN C 140 -24.28 18.76 17.00
C GLN C 140 -24.26 17.39 16.30
N ASP C 141 -23.56 17.28 15.17
CA ASP C 141 -23.42 16.00 14.46
C ASP C 141 -22.69 14.97 15.31
N VAL C 142 -21.65 15.36 16.06
CA VAL C 142 -20.94 14.42 16.93
C VAL C 142 -21.91 13.84 17.99
N ARG C 143 -22.74 14.72 18.57
CA ARG C 143 -23.70 14.30 19.58
C ARG C 143 -24.82 13.44 19.01
N ASP C 144 -25.31 13.79 17.81
CA ASP C 144 -26.38 13.06 17.15
C ASP C 144 -25.90 11.68 16.68
N LEU C 145 -24.68 11.58 16.18
CA LEU C 145 -24.09 10.31 15.75
C LEU C 145 -23.92 9.40 16.98
N ARG C 146 -23.52 9.95 18.14
CA ARG C 146 -23.39 9.21 19.40
C ARG C 146 -24.77 8.70 19.84
N PHE C 147 -25.81 9.53 19.68
CA PHE C 147 -27.19 9.13 19.98
C PHE C 147 -27.57 7.91 19.08
N GLY C 148 -27.19 7.96 17.81
CA GLY C 148 -27.44 6.87 16.88
C GLY C 148 -26.84 5.55 17.32
N VAL C 149 -25.58 5.57 17.76
CA VAL C 149 -24.91 4.36 18.27
C VAL C 149 -25.62 3.85 19.52
N GLU C 150 -25.95 4.74 20.45
CA GLU C 150 -26.63 4.36 21.69
C GLU C 150 -28.01 3.80 21.45
N HIS C 151 -28.71 4.27 20.40
CA HIS C 151 -30.04 3.78 20.09
C HIS C 151 -30.07 2.66 19.03
N GLY C 152 -28.90 2.16 18.62
CA GLY C 152 -28.79 1.05 17.68
C GLY C 152 -29.29 1.31 16.26
N VAL C 153 -29.05 2.52 15.72
CA VAL C 153 -29.47 2.82 14.35
C VAL C 153 -28.66 1.94 13.37
N ASP C 154 -29.23 1.66 12.21
CA ASP C 154 -28.59 0.80 11.22
C ASP C 154 -27.76 1.58 10.19
N ILE C 155 -28.21 2.80 9.88
CA ILE C 155 -27.63 3.59 8.80
C ILE C 155 -27.52 5.06 9.20
N VAL C 156 -26.53 5.74 8.64
CA VAL C 156 -26.38 7.17 8.76
C VAL C 156 -26.43 7.76 7.35
N PHE C 157 -27.30 8.75 7.12
CA PHE C 157 -27.30 9.51 5.87
C PHE C 157 -26.51 10.78 6.24
N ALA C 158 -25.23 10.83 5.86
CA ALA C 158 -24.36 11.95 6.24
C ALA C 158 -24.54 13.16 5.31
N SER C 159 -25.05 14.26 5.87
CA SER C 159 -25.31 15.46 5.09
C SER C 159 -24.08 16.19 4.63
N PHE C 160 -24.20 16.81 3.43
CA PHE C 160 -23.16 17.63 2.82
C PHE C 160 -21.76 17.02 2.84
N VAL C 161 -21.62 15.78 2.33
CA VAL C 161 -20.31 15.16 2.23
C VAL C 161 -19.62 15.79 1.01
N ARG C 162 -18.44 16.38 1.21
CA ARG C 162 -17.73 17.06 0.12
C ARG C 162 -16.43 16.41 -0.27
N LYS C 163 -15.88 15.53 0.59
CA LYS C 163 -14.58 14.88 0.35
C LYS C 163 -14.45 13.64 1.23
N ALA C 164 -13.45 12.79 0.96
CA ALA C 164 -13.21 11.57 1.72
C ALA C 164 -12.99 11.81 3.22
N SER C 165 -12.34 12.92 3.60
CA SER C 165 -12.10 13.19 5.03
C SER C 165 -13.40 13.48 5.80
N ASP C 166 -14.46 13.92 5.11
CA ASP C 166 -15.76 14.10 5.78
C ASP C 166 -16.31 12.74 6.20
N VAL C 167 -16.13 11.71 5.37
CA VAL C 167 -16.59 10.36 5.67
C VAL C 167 -15.77 9.78 6.80
N ALA C 168 -14.44 10.00 6.80
CA ALA C 168 -13.59 9.52 7.88
C ALA C 168 -14.00 10.13 9.22
N ALA C 169 -14.40 11.42 9.22
CA ALA C 169 -14.85 12.10 10.43
C ALA C 169 -16.15 11.48 10.95
N VAL C 170 -17.09 11.12 10.04
CA VAL C 170 -18.33 10.47 10.43
C VAL C 170 -18.04 9.08 10.99
N ARG C 171 -17.15 8.35 10.35
CA ARG C 171 -16.74 7.01 10.77
C ARG C 171 -16.11 7.06 12.20
N ALA C 172 -15.22 8.03 12.45
CA ALA C 172 -14.60 8.21 13.78
C ALA C 172 -15.66 8.53 14.84
N ALA C 173 -16.65 9.36 14.49
CA ALA C 173 -17.73 9.72 15.44
C ALA C 173 -18.68 8.53 15.75
N LEU C 174 -18.63 7.45 14.93
CA LEU C 174 -19.43 6.24 15.20
C LEU C 174 -18.75 5.34 16.28
N GLY C 175 -17.53 5.72 16.65
CA GLY C 175 -16.83 5.29 17.84
C GLY C 175 -16.55 3.84 17.97
N PRO C 176 -16.32 3.41 19.22
CA PRO C 176 -15.96 2.01 19.43
C PRO C 176 -17.11 1.04 19.18
N GLU C 177 -18.37 1.46 19.41
CA GLU C 177 -19.49 0.53 19.30
C GLU C 177 -20.23 0.50 17.97
N GLY C 178 -20.05 1.52 17.11
CA GLY C 178 -20.83 1.62 15.88
C GLY C 178 -20.15 1.46 14.54
N HIS C 179 -19.08 0.66 14.48
CA HIS C 179 -18.39 0.41 13.22
C HIS C 179 -19.21 -0.38 12.20
N GLY C 180 -20.25 -1.08 12.64
CA GLY C 180 -21.14 -1.83 11.74
C GLY C 180 -22.26 -1.01 11.10
N ILE C 181 -22.39 0.25 11.50
CA ILE C 181 -23.40 1.16 10.93
C ILE C 181 -22.98 1.58 9.50
N LYS C 182 -23.94 1.53 8.56
CA LYS C 182 -23.64 1.87 7.17
C LYS C 182 -23.64 3.38 7.00
N ILE C 183 -22.64 3.92 6.30
CA ILE C 183 -22.59 5.35 6.05
C ILE C 183 -22.95 5.60 4.61
N ILE C 184 -24.07 6.25 4.38
CA ILE C 184 -24.54 6.66 3.07
C ILE C 184 -24.22 8.17 2.95
N SER C 185 -23.28 8.53 2.07
CA SER C 185 -22.90 9.93 1.91
C SER C 185 -23.89 10.68 1.04
N LYS C 186 -24.41 11.80 1.53
CA LYS C 186 -25.33 12.63 0.76
C LYS C 186 -24.53 13.61 -0.08
N ILE C 187 -24.73 13.58 -1.40
CA ILE C 187 -24.03 14.49 -2.31
C ILE C 187 -24.98 15.61 -2.58
N GLU C 188 -24.66 16.82 -2.06
CA GLU C 188 -25.58 17.95 -2.13
C GLU C 188 -25.00 19.22 -2.74
N ASN C 189 -23.76 19.19 -3.22
CA ASN C 189 -23.18 20.41 -3.80
C ASN C 189 -22.16 20.09 -4.91
N HIS C 190 -21.62 21.15 -5.56
CA HIS C 190 -20.67 20.98 -6.64
C HIS C 190 -19.45 20.18 -6.22
N GLU C 191 -18.87 20.49 -5.04
CA GLU C 191 -17.67 19.79 -4.59
C GLU C 191 -17.89 18.29 -4.40
N GLY C 192 -19.02 17.90 -3.80
CA GLY C 192 -19.33 16.48 -3.64
C GLY C 192 -19.42 15.75 -4.97
N VAL C 193 -20.01 16.42 -6.00
CA VAL C 193 -20.11 15.83 -7.34
C VAL C 193 -18.73 15.67 -7.96
N LYS C 194 -17.88 16.72 -7.88
CA LYS C 194 -16.53 16.67 -8.43
C LYS C 194 -15.61 15.70 -7.73
N ARG C 195 -15.77 15.55 -6.41
CA ARG C 195 -14.96 14.61 -5.64
C ARG C 195 -15.71 13.27 -5.38
N PHE C 196 -16.74 12.97 -6.19
CA PHE C 196 -17.57 11.77 -6.06
C PHE C 196 -16.78 10.46 -5.92
N ASP C 197 -15.79 10.22 -6.81
CA ASP C 197 -15.06 8.95 -6.77
C ASP C 197 -14.36 8.69 -5.44
N GLU C 198 -13.70 9.71 -4.88
CA GLU C 198 -13.02 9.53 -3.59
C GLU C 198 -14.02 9.37 -2.43
N ILE C 199 -15.22 9.94 -2.55
CA ILE C 199 -16.25 9.82 -1.53
C ILE C 199 -16.86 8.41 -1.57
N LEU C 200 -17.21 7.93 -2.76
CA LEU C 200 -17.81 6.60 -2.92
C LEU C 200 -16.86 5.50 -2.45
N GLU C 201 -15.57 5.67 -2.72
CA GLU C 201 -14.56 4.69 -2.33
C GLU C 201 -14.56 4.39 -0.82
N VAL C 202 -14.76 5.42 0.02
CA VAL C 202 -14.76 5.24 1.48
C VAL C 202 -16.18 5.14 2.09
N SER C 203 -17.24 5.30 1.28
CA SER C 203 -18.61 5.24 1.79
C SER C 203 -19.22 3.87 1.55
N ASP C 204 -20.28 3.54 2.28
CA ASP C 204 -21.01 2.29 2.03
C ASP C 204 -22.01 2.48 0.85
N GLY C 205 -22.41 3.72 0.60
CA GLY C 205 -23.32 4.07 -0.46
C GLY C 205 -23.49 5.58 -0.58
N ILE C 206 -24.41 6.00 -1.44
CA ILE C 206 -24.61 7.41 -1.77
C ILE C 206 -26.09 7.77 -1.78
N MET C 207 -26.41 9.01 -1.42
CA MET C 207 -27.74 9.55 -1.58
C MET C 207 -27.61 10.75 -2.53
N VAL C 208 -28.42 10.79 -3.60
CA VAL C 208 -28.47 11.94 -4.49
C VAL C 208 -29.48 12.85 -3.82
N ALA C 209 -28.98 13.81 -3.04
CA ALA C 209 -29.82 14.70 -2.23
C ALA C 209 -30.18 15.90 -3.09
N ARG C 210 -31.22 15.74 -3.92
CA ARG C 210 -31.61 16.69 -4.96
C ARG C 210 -32.09 18.04 -4.48
N GLY C 211 -32.59 18.14 -3.26
CA GLY C 211 -33.06 19.42 -2.72
C GLY C 211 -31.96 20.47 -2.68
N ASP C 212 -30.91 20.21 -1.91
CA ASP C 212 -29.78 21.11 -1.83
C ASP C 212 -28.99 21.10 -3.12
N LEU C 213 -28.85 19.93 -3.77
CA LEU C 213 -28.11 19.87 -5.03
C LEU C 213 -28.70 20.82 -6.09
N GLY C 214 -30.03 20.90 -6.16
CA GLY C 214 -30.76 21.78 -7.08
C GLY C 214 -30.68 23.26 -6.78
N ILE C 215 -30.12 23.64 -5.62
CA ILE C 215 -29.86 25.03 -5.21
C ILE C 215 -28.35 25.34 -5.36
N GLU C 216 -27.49 24.33 -5.13
CA GLU C 216 -26.04 24.46 -5.20
C GLU C 216 -25.52 24.47 -6.62
N ILE C 217 -26.16 23.73 -7.52
CA ILE C 217 -25.81 23.71 -8.93
C ILE C 217 -27.06 24.11 -9.75
N PRO C 218 -26.94 24.51 -11.03
CA PRO C 218 -28.14 24.83 -11.81
C PRO C 218 -29.17 23.70 -11.80
N ALA C 219 -30.44 24.04 -11.57
CA ALA C 219 -31.53 23.08 -11.49
C ALA C 219 -31.59 22.15 -12.71
N GLU C 220 -31.27 22.67 -13.89
CA GLU C 220 -31.28 21.92 -15.14
C GLU C 220 -30.15 20.90 -15.27
N LYS C 221 -29.19 20.89 -14.33
CA LYS C 221 -28.08 19.93 -14.37
C LYS C 221 -28.25 18.79 -13.37
N VAL C 222 -29.22 18.87 -12.44
CA VAL C 222 -29.40 17.83 -11.42
C VAL C 222 -29.58 16.43 -12.00
N PHE C 223 -30.35 16.28 -13.10
CA PHE C 223 -30.55 14.97 -13.72
C PHE C 223 -29.23 14.32 -14.19
N LEU C 224 -28.25 15.15 -14.63
CA LEU C 224 -26.96 14.63 -15.07
C LEU C 224 -26.20 14.09 -13.87
N ALA C 225 -26.21 14.82 -12.75
CA ALA C 225 -25.53 14.37 -11.53
C ALA C 225 -26.21 13.09 -10.99
N GLN C 226 -27.55 13.03 -11.04
CA GLN C 226 -28.28 11.86 -10.58
C GLN C 226 -27.93 10.62 -11.41
N LYS C 227 -28.02 10.72 -12.73
CA LYS C 227 -27.72 9.60 -13.61
C LYS C 227 -26.27 9.16 -13.52
N MET C 228 -25.34 10.11 -13.38
CA MET C 228 -23.92 9.78 -13.28
C MET C 228 -23.65 9.04 -11.94
N MET C 229 -24.18 9.55 -10.83
CA MET C 229 -23.94 8.93 -9.54
C MET C 229 -24.58 7.57 -9.43
N ILE C 230 -25.79 7.40 -9.98
CA ILE C 230 -26.44 6.08 -9.99
C ILE C 230 -25.62 5.08 -10.82
N GLY C 231 -25.17 5.50 -12.00
CA GLY C 231 -24.35 4.67 -12.85
C GLY C 231 -23.06 4.23 -12.19
N ARG C 232 -22.35 5.17 -11.51
CA ARG C 232 -21.10 4.85 -10.83
C ARG C 232 -21.33 3.95 -9.61
N CYS C 233 -22.43 4.15 -8.88
CA CYS C 233 -22.74 3.26 -7.74
C CYS C 233 -23.07 1.87 -8.24
N ASN C 234 -23.81 1.76 -9.37
CA ASN C 234 -24.14 0.44 -9.95
C ASN C 234 -22.86 -0.28 -10.37
N LEU C 235 -21.91 0.46 -10.95
CA LEU C 235 -20.62 -0.10 -11.37
C LEU C 235 -19.81 -0.56 -10.17
N ALA C 236 -19.83 0.22 -9.08
CA ALA C 236 -19.09 -0.14 -7.86
C ALA C 236 -19.80 -1.21 -7.00
N GLY C 237 -21.06 -1.50 -7.28
CA GLY C 237 -21.84 -2.45 -6.51
C GLY C 237 -22.19 -1.93 -5.13
N LYS C 238 -22.41 -0.60 -5.01
CA LYS C 238 -22.77 0.02 -3.74
C LYS C 238 -24.14 0.68 -3.83
N PRO C 239 -24.94 0.62 -2.75
CA PRO C 239 -26.29 1.20 -2.81
C PRO C 239 -26.38 2.70 -3.10
N VAL C 240 -27.38 3.09 -3.87
CA VAL C 240 -27.61 4.48 -4.19
C VAL C 240 -29.08 4.81 -3.96
N VAL C 241 -29.35 5.95 -3.32
CA VAL C 241 -30.67 6.40 -3.01
C VAL C 241 -31.03 7.62 -3.84
N CYS C 242 -32.22 7.64 -4.45
CA CYS C 242 -32.68 8.86 -5.11
C CYS C 242 -33.62 9.54 -4.11
N ALA C 243 -33.43 10.84 -3.87
CA ALA C 243 -34.22 11.54 -2.85
C ALA C 243 -34.71 12.90 -3.27
N THR C 244 -35.79 13.38 -2.60
CA THR C 244 -36.37 14.73 -2.54
C THR C 244 -37.27 15.12 -3.70
N GLN C 245 -38.49 15.52 -3.34
CA GLN C 245 -39.55 16.03 -4.20
C GLN C 245 -40.05 15.00 -5.23
N MET C 246 -39.86 13.69 -4.97
CA MET C 246 -40.31 12.66 -5.90
C MET C 246 -41.83 12.65 -6.08
N LEU C 247 -42.59 12.85 -5.00
CA LEU C 247 -44.05 12.95 -5.06
C LEU C 247 -44.52 14.20 -4.28
N GLU C 248 -43.77 15.31 -4.40
CA GLU C 248 -43.99 16.56 -3.66
C GLU C 248 -45.44 17.03 -3.54
N SER C 249 -46.18 17.07 -4.65
CA SER C 249 -47.58 17.52 -4.64
C SER C 249 -48.47 16.68 -3.71
N MET C 250 -48.07 15.45 -3.38
CA MET C 250 -48.84 14.61 -2.47
C MET C 250 -48.78 15.09 -1.01
N ILE C 251 -48.02 16.15 -0.70
CA ILE C 251 -48.03 16.73 0.63
C ILE C 251 -49.46 17.31 0.90
N THR C 252 -50.13 17.86 -0.14
CA THR C 252 -51.48 18.41 -0.01
C THR C 252 -52.53 17.72 -0.90
N LYS C 253 -52.12 17.02 -1.96
CA LYS C 253 -53.07 16.38 -2.88
C LYS C 253 -53.07 14.85 -2.79
N PRO C 254 -54.24 14.19 -2.95
CA PRO C 254 -54.27 12.71 -2.81
C PRO C 254 -53.62 11.93 -3.96
N ARG C 255 -53.40 12.58 -5.11
CA ARG C 255 -52.80 11.97 -6.29
C ARG C 255 -51.64 12.83 -6.77
N PRO C 256 -50.57 12.20 -7.28
CA PRO C 256 -49.41 12.97 -7.74
C PRO C 256 -49.56 13.51 -9.17
N THR C 257 -48.63 14.38 -9.57
CA THR C 257 -48.65 14.90 -10.94
C THR C 257 -48.04 13.85 -11.92
N ARG C 258 -48.19 14.07 -13.23
CA ARG C 258 -47.61 13.20 -14.24
C ARG C 258 -46.08 13.24 -14.20
N ALA C 259 -45.49 14.39 -13.83
CA ALA C 259 -44.03 14.49 -13.72
C ALA C 259 -43.49 13.69 -12.55
N GLU C 260 -44.25 13.65 -11.46
CA GLU C 260 -43.86 12.93 -10.24
C GLU C 260 -43.85 11.41 -10.42
N THR C 261 -44.90 10.84 -11.06
CA THR C 261 -44.88 9.39 -11.29
C THR C 261 -43.75 9.03 -12.28
N SER C 262 -43.51 9.92 -13.25
CA SER C 262 -42.45 9.72 -14.21
C SER C 262 -41.08 9.72 -13.50
N ASP C 263 -40.88 10.66 -12.56
CA ASP C 263 -39.64 10.79 -11.80
C ASP C 263 -39.32 9.54 -10.98
N VAL C 264 -40.34 8.96 -10.32
CA VAL C 264 -40.16 7.74 -9.55
C VAL C 264 -39.78 6.58 -10.47
N ALA C 265 -40.51 6.40 -11.58
CA ALA C 265 -40.23 5.33 -12.53
C ALA C 265 -38.83 5.46 -13.13
N ASN C 266 -38.43 6.70 -13.49
CA ASN C 266 -37.12 6.93 -14.08
C ASN C 266 -35.98 6.76 -13.08
N ALA C 267 -36.21 7.02 -11.78
CA ALA C 267 -35.15 6.77 -10.78
C ALA C 267 -34.88 5.26 -10.71
N VAL C 268 -35.93 4.44 -10.76
CA VAL C 268 -35.82 2.97 -10.74
C VAL C 268 -35.13 2.51 -12.04
N LEU C 269 -35.58 3.03 -13.21
CA LEU C 269 -34.94 2.68 -14.50
C LEU C 269 -33.49 3.13 -14.57
N ASP C 270 -33.13 4.26 -13.93
CA ASP C 270 -31.74 4.75 -13.85
C ASP C 270 -30.85 3.74 -13.13
N GLY C 271 -31.40 3.05 -12.12
CA GLY C 271 -30.68 2.04 -11.35
C GLY C 271 -30.64 2.26 -9.86
N ALA C 272 -31.50 3.14 -9.34
CA ALA C 272 -31.52 3.43 -7.89
C ALA C 272 -31.90 2.20 -7.07
N ASP C 273 -31.16 1.95 -5.99
CA ASP C 273 -31.48 0.86 -5.08
C ASP C 273 -32.67 1.22 -4.18
N CYS C 274 -32.76 2.49 -3.79
CA CYS C 274 -33.81 2.99 -2.90
C CYS C 274 -34.38 4.27 -3.46
N ILE C 275 -35.63 4.52 -3.12
CA ILE C 275 -36.32 5.77 -3.42
C ILE C 275 -36.82 6.32 -2.07
N MET C 276 -36.95 7.64 -1.96
CA MET C 276 -37.26 8.27 -0.69
C MET C 276 -38.43 9.23 -0.74
N LEU C 277 -39.06 9.41 0.44
CA LEU C 277 -40.13 10.35 0.69
C LEU C 277 -39.67 11.21 1.89
N SER C 278 -39.83 12.53 1.78
CA SER C 278 -39.46 13.46 2.85
C SER C 278 -40.72 14.12 3.45
N GLY C 279 -41.09 15.33 3.01
CA GLY C 279 -42.29 16.01 3.47
C GLY C 279 -43.55 15.23 3.21
N GLU C 280 -43.55 14.39 2.14
CA GLU C 280 -44.69 13.55 1.76
C GLU C 280 -45.14 12.66 2.90
N THR C 281 -44.20 12.16 3.71
CA THR C 281 -44.54 11.29 4.83
C THR C 281 -44.33 11.97 6.19
N ALA C 282 -43.38 12.92 6.26
CA ALA C 282 -43.07 13.58 7.53
C ALA C 282 -44.17 14.56 7.96
N LYS C 283 -44.73 15.34 7.04
CA LYS C 283 -45.69 16.37 7.40
C LYS C 283 -46.94 16.46 6.54
N GLY C 284 -46.99 15.72 5.44
CA GLY C 284 -48.12 15.81 4.52
C GLY C 284 -49.42 15.20 4.98
N ASN C 285 -50.48 15.43 4.20
CA ASN C 285 -51.80 14.92 4.52
C ASN C 285 -52.05 13.49 4.03
N PHE C 286 -51.15 12.93 3.19
CA PHE C 286 -51.34 11.59 2.63
C PHE C 286 -50.06 10.71 2.74
N PRO C 287 -49.51 10.52 3.96
CA PRO C 287 -48.26 9.73 4.06
C PRO C 287 -48.38 8.28 3.58
N VAL C 288 -49.48 7.60 3.92
CA VAL C 288 -49.67 6.21 3.53
C VAL C 288 -49.86 6.08 2.02
N GLU C 289 -50.62 7.00 1.43
CA GLU C 289 -50.90 7.04 0.00
C GLU C 289 -49.61 7.31 -0.80
N ALA C 290 -48.70 8.14 -0.25
CA ALA C 290 -47.42 8.43 -0.90
C ALA C 290 -46.56 7.16 -0.97
N VAL C 291 -46.55 6.38 0.12
CA VAL C 291 -45.80 5.11 0.16
C VAL C 291 -46.42 4.12 -0.84
N LYS C 292 -47.76 4.03 -0.87
CA LYS C 292 -48.46 3.12 -1.79
C LYS C 292 -48.17 3.46 -3.25
N MET C 293 -48.07 4.76 -3.55
CA MET C 293 -47.80 5.23 -4.90
C MET C 293 -46.37 4.85 -5.31
N GLN C 294 -45.39 5.04 -4.43
CA GLN C 294 -44.00 4.65 -4.74
C GLN C 294 -43.90 3.14 -4.94
N HIS C 295 -44.65 2.37 -4.13
CA HIS C 295 -44.65 0.90 -4.27
C HIS C 295 -45.20 0.49 -5.64
N ALA C 296 -46.36 1.05 -6.03
CA ALA C 296 -47.02 0.73 -7.31
C ALA C 296 -46.14 1.08 -8.52
N ILE C 297 -45.52 2.27 -8.50
CA ILE C 297 -44.66 2.69 -9.61
C ILE C 297 -43.40 1.83 -9.69
N ALA C 298 -42.70 1.62 -8.56
CA ALA C 298 -41.48 0.83 -8.54
C ALA C 298 -41.67 -0.56 -9.12
N ARG C 299 -42.79 -1.25 -8.78
CA ARG C 299 -43.06 -2.59 -9.31
C ARG C 299 -43.19 -2.56 -10.85
N GLU C 300 -43.88 -1.56 -11.38
CA GLU C 300 -44.04 -1.42 -12.83
C GLU C 300 -42.70 -1.14 -13.50
N ALA C 301 -41.89 -0.23 -12.90
CA ALA C 301 -40.60 0.16 -13.48
C ALA C 301 -39.57 -0.95 -13.43
N GLU C 302 -39.59 -1.77 -12.37
CA GLU C 302 -38.64 -2.89 -12.25
C GLU C 302 -38.86 -3.93 -13.37
N ALA C 303 -40.12 -4.19 -13.72
CA ALA C 303 -40.43 -5.13 -14.80
C ALA C 303 -39.99 -4.55 -16.16
N ALA C 304 -39.98 -3.21 -16.31
CA ALA C 304 -39.57 -2.52 -17.54
C ALA C 304 -38.05 -2.37 -17.70
N VAL C 305 -37.25 -2.82 -16.73
CA VAL C 305 -35.80 -2.75 -16.84
C VAL C 305 -35.35 -3.67 -18.00
N TYR C 306 -34.43 -3.21 -18.86
CA TYR C 306 -33.92 -4.00 -19.97
C TYR C 306 -32.73 -4.84 -19.48
N HIS C 307 -33.03 -5.92 -18.76
CA HIS C 307 -32.03 -6.82 -18.18
C HIS C 307 -31.02 -7.39 -19.17
N ARG C 308 -31.43 -7.66 -20.41
CA ARG C 308 -30.51 -8.23 -21.41
C ARG C 308 -29.26 -7.37 -21.60
N GLN C 309 -29.44 -6.06 -21.78
CA GLN C 309 -28.29 -5.17 -21.95
C GLN C 309 -27.64 -4.85 -20.61
N LEU C 310 -28.45 -4.62 -19.57
CA LEU C 310 -27.95 -4.29 -18.24
C LEU C 310 -27.00 -5.37 -17.70
N PHE C 311 -27.42 -6.65 -17.73
CA PHE C 311 -26.57 -7.73 -17.26
C PHE C 311 -25.28 -7.83 -18.07
N GLU C 312 -25.38 -7.72 -19.39
CA GLU C 312 -24.22 -7.77 -20.29
C GLU C 312 -23.22 -6.66 -19.96
N GLU C 313 -23.71 -5.44 -19.72
CA GLU C 313 -22.86 -4.31 -19.39
C GLU C 313 -22.25 -4.38 -18.00
N LEU C 314 -23.03 -4.87 -17.00
CA LEU C 314 -22.49 -5.01 -15.64
C LEU C 314 -21.39 -6.08 -15.63
N ARG C 315 -21.59 -7.17 -16.38
CA ARG C 315 -20.62 -8.25 -16.53
C ARG C 315 -19.33 -7.73 -17.20
N ARG C 316 -19.45 -7.02 -18.31
CA ARG C 316 -18.32 -6.48 -19.06
C ARG C 316 -17.51 -5.44 -18.29
N ALA C 317 -18.20 -4.57 -17.53
CA ALA C 317 -17.55 -3.51 -16.78
C ALA C 317 -16.92 -4.00 -15.48
N ALA C 318 -17.52 -5.02 -14.85
CA ALA C 318 -17.00 -5.53 -13.59
C ALA C 318 -15.68 -6.24 -13.87
N PRO C 319 -14.61 -5.85 -13.16
CA PRO C 319 -13.31 -6.50 -13.40
C PRO C 319 -13.32 -7.96 -13.00
N LEU C 320 -12.36 -8.73 -13.54
CA LEU C 320 -12.20 -10.12 -13.19
C LEU C 320 -11.86 -10.21 -11.69
N SER C 321 -12.32 -11.28 -11.05
CA SER C 321 -12.13 -11.41 -9.63
C SER C 321 -11.68 -12.78 -9.22
N ARG C 322 -10.83 -12.85 -8.21
CA ARG C 322 -10.44 -14.13 -7.64
C ARG C 322 -11.13 -14.35 -6.26
N ASP C 323 -12.10 -13.49 -5.89
CA ASP C 323 -12.85 -13.60 -4.64
C ASP C 323 -13.98 -14.60 -4.90
N PRO C 324 -14.02 -15.71 -4.17
CA PRO C 324 -15.05 -16.73 -4.43
C PRO C 324 -16.48 -16.23 -4.27
N THR C 325 -16.75 -15.25 -3.39
CA THR C 325 -18.09 -14.71 -3.23
C THR C 325 -18.55 -14.00 -4.50
N GLU C 326 -17.64 -13.21 -5.08
CA GLU C 326 -17.92 -12.48 -6.32
CA GLU C 326 -17.91 -12.48 -6.32
C GLU C 326 -18.10 -13.46 -7.49
N VAL C 327 -17.24 -14.48 -7.57
CA VAL C 327 -17.31 -15.47 -8.63
C VAL C 327 -18.62 -16.27 -8.53
N THR C 328 -19.02 -16.68 -7.31
CA THR C 328 -20.24 -17.44 -7.10
C THR C 328 -21.44 -16.59 -7.45
N ALA C 329 -21.42 -15.29 -7.07
CA ALA C 329 -22.53 -14.40 -7.33
C ALA C 329 -22.87 -14.29 -8.81
N ILE C 330 -21.86 -14.09 -9.70
CA ILE C 330 -22.14 -13.95 -11.12
C ILE C 330 -22.62 -15.28 -11.72
N GLY C 331 -22.05 -16.41 -11.27
CA GLY C 331 -22.49 -17.72 -11.70
C GLY C 331 -23.94 -17.97 -11.32
N ALA C 332 -24.33 -17.56 -10.08
CA ALA C 332 -25.70 -17.74 -9.59
C ALA C 332 -26.69 -16.87 -10.34
N VAL C 333 -26.35 -15.63 -10.65
CA VAL C 333 -27.25 -14.71 -11.38
C VAL C 333 -27.42 -15.23 -12.83
N GLU C 334 -26.35 -15.72 -13.44
CA GLU C 334 -26.39 -16.29 -14.79
CA GLU C 334 -26.39 -16.29 -14.79
C GLU C 334 -27.29 -17.52 -14.79
N ALA C 335 -27.14 -18.39 -13.79
CA ALA C 335 -27.96 -19.61 -13.65
C ALA C 335 -29.44 -19.23 -13.45
N ALA C 336 -29.70 -18.20 -12.63
CA ALA C 336 -31.08 -17.76 -12.37
C ALA C 336 -31.78 -17.27 -13.66
N PHE C 337 -31.07 -16.50 -14.50
CA PHE C 337 -31.62 -16.02 -15.77
C PHE C 337 -31.91 -17.19 -16.72
N LYS C 338 -31.02 -18.19 -16.77
CA LYS C 338 -31.14 -19.36 -17.64
C LYS C 338 -32.43 -20.16 -17.40
N CYS C 339 -32.86 -20.30 -16.15
CA CYS C 339 -34.04 -21.09 -15.83
C CYS C 339 -35.24 -20.29 -15.39
N CYS C 340 -35.19 -18.94 -15.47
CA CYS C 340 -36.28 -18.08 -14.96
C CYS C 340 -36.55 -18.39 -13.49
N ALA C 341 -35.46 -18.53 -12.69
CA ALA C 341 -35.58 -18.89 -11.28
C ALA C 341 -36.47 -17.91 -10.54
N ALA C 342 -37.33 -18.43 -9.70
CA ALA C 342 -38.23 -17.59 -8.92
C ALA C 342 -37.41 -16.81 -7.87
N ALA C 343 -36.35 -17.42 -7.32
CA ALA C 343 -35.53 -16.76 -6.30
C ALA C 343 -34.09 -17.30 -6.26
N ILE C 344 -33.18 -16.51 -5.65
CA ILE C 344 -31.85 -16.93 -5.30
C ILE C 344 -31.85 -16.87 -3.79
N ILE C 345 -31.69 -18.02 -3.11
CA ILE C 345 -31.65 -18.05 -1.66
C ILE C 345 -30.21 -18.02 -1.23
N VAL C 346 -29.82 -17.05 -0.40
CA VAL C 346 -28.43 -16.91 0.02
C VAL C 346 -28.33 -16.86 1.54
N LEU C 347 -27.35 -17.59 2.06
CA LEU C 347 -27.07 -17.54 3.50
C LEU C 347 -26.03 -16.45 3.70
N THR C 348 -26.29 -15.51 4.60
CA THR C 348 -25.36 -14.39 4.83
C THR C 348 -25.35 -13.92 6.31
N THR C 349 -24.19 -13.61 6.85
CA THR C 349 -24.07 -13.12 8.21
C THR C 349 -23.94 -11.59 8.21
N THR C 350 -23.15 -11.05 7.30
CA THR C 350 -22.99 -9.58 7.22
C THR C 350 -23.88 -8.92 6.17
N GLY C 351 -24.42 -9.72 5.26
CA GLY C 351 -25.21 -9.19 4.17
C GLY C 351 -24.42 -9.12 2.87
N ARG C 352 -23.07 -9.26 2.92
CA ARG C 352 -22.18 -9.12 1.76
C ARG C 352 -22.47 -10.07 0.59
N SER C 353 -22.72 -11.36 0.85
CA SER C 353 -23.03 -12.30 -0.25
C SER C 353 -24.32 -11.88 -0.99
N ALA C 354 -25.32 -11.33 -0.26
CA ALA C 354 -26.56 -10.86 -0.88
C ALA C 354 -26.31 -9.59 -1.70
N GLN C 355 -25.45 -8.69 -1.18
CA GLN C 355 -25.09 -7.46 -1.89
C GLN C 355 -24.38 -7.76 -3.21
N LEU C 356 -23.48 -8.76 -3.23
CA LEU C 356 -22.76 -9.13 -4.46
C LEU C 356 -23.68 -9.78 -5.49
N LEU C 357 -24.80 -10.38 -5.06
CA LEU C 357 -25.78 -10.94 -5.99
C LEU C 357 -26.59 -9.76 -6.59
N SER C 358 -27.01 -8.83 -5.71
CA SER C 358 -27.80 -7.65 -6.04
C SER C 358 -27.11 -6.76 -7.09
N ARG C 359 -25.78 -6.65 -7.04
CA ARG C 359 -25.03 -5.81 -7.97
C ARG C 359 -25.21 -6.25 -9.45
N TYR C 360 -25.53 -7.53 -9.70
CA TYR C 360 -25.76 -8.02 -11.07
C TYR C 360 -27.19 -7.89 -11.53
N ARG C 361 -28.05 -7.28 -10.69
CA ARG C 361 -29.44 -6.99 -10.97
C ARG C 361 -30.23 -8.18 -11.51
N PRO C 362 -30.29 -9.30 -10.75
CA PRO C 362 -31.10 -10.43 -11.23
C PRO C 362 -32.57 -10.06 -11.22
N ARG C 363 -33.34 -10.69 -12.09
CA ARG C 363 -34.79 -10.55 -12.07
C ARG C 363 -35.31 -11.42 -10.87
N ALA C 364 -34.65 -12.56 -10.57
CA ALA C 364 -35.03 -13.39 -9.43
C ALA C 364 -34.83 -12.60 -8.12
N ALA C 365 -35.75 -12.75 -7.17
CA ALA C 365 -35.64 -12.10 -5.88
C ALA C 365 -34.48 -12.74 -5.11
N VAL C 366 -33.70 -11.96 -4.39
CA VAL C 366 -32.59 -12.50 -3.57
C VAL C 366 -33.10 -12.65 -2.14
N ILE C 367 -33.40 -13.88 -1.71
CA ILE C 367 -33.90 -14.13 -0.37
C ILE C 367 -32.69 -14.36 0.54
N ALA C 368 -32.41 -13.41 1.42
CA ALA C 368 -31.22 -13.48 2.27
C ALA C 368 -31.57 -13.97 3.66
N VAL C 369 -31.08 -15.17 4.03
CA VAL C 369 -31.36 -15.75 5.33
C VAL C 369 -30.19 -15.44 6.24
N THR C 370 -30.47 -14.79 7.36
CA THR C 370 -29.42 -14.36 8.28
C THR C 370 -29.87 -14.48 9.74
N ARG C 371 -28.92 -14.69 10.65
CA ARG C 371 -29.16 -14.66 12.11
C ARG C 371 -28.92 -13.23 12.68
N SER C 372 -28.30 -12.32 11.90
CA SER C 372 -28.04 -10.95 12.33
C SER C 372 -29.24 -10.05 12.06
N ALA C 373 -29.88 -9.56 13.12
CA ALA C 373 -31.02 -8.65 13.00
C ALA C 373 -30.58 -7.34 12.30
N GLN C 374 -29.35 -6.90 12.58
CA GLN C 374 -28.82 -5.69 11.94
C GLN C 374 -28.62 -5.88 10.45
N ALA C 375 -27.97 -6.98 10.04
CA ALA C 375 -27.76 -7.24 8.61
C ALA C 375 -29.10 -7.38 7.90
N ALA C 376 -30.11 -7.99 8.56
CA ALA C 376 -31.44 -8.12 7.96
C ALA C 376 -32.07 -6.74 7.67
N ARG C 377 -31.89 -5.77 8.59
CA ARG C 377 -32.43 -4.44 8.36
C ARG C 377 -31.60 -3.70 7.30
N GLN C 378 -30.26 -3.81 7.36
CA GLN C 378 -29.37 -3.11 6.44
C GLN C 378 -29.43 -3.54 4.98
N VAL C 379 -29.72 -4.82 4.70
CA VAL C 379 -29.77 -5.28 3.30
C VAL C 379 -30.92 -4.68 2.50
N HIS C 380 -31.87 -3.97 3.15
CA HIS C 380 -32.90 -3.21 2.45
C HIS C 380 -32.25 -2.11 1.56
N LEU C 381 -30.99 -1.73 1.83
CA LEU C 381 -30.28 -0.75 0.99
C LEU C 381 -29.97 -1.31 -0.42
N CYS C 382 -29.95 -2.64 -0.59
CA CYS C 382 -29.59 -3.30 -1.84
C CYS C 382 -30.82 -3.74 -2.60
N ARG C 383 -30.96 -3.28 -3.87
CA ARG C 383 -32.12 -3.65 -4.67
C ARG C 383 -32.31 -5.17 -4.81
N GLY C 384 -33.54 -5.61 -4.59
CA GLY C 384 -33.92 -6.99 -4.77
C GLY C 384 -33.55 -7.95 -3.68
N VAL C 385 -33.08 -7.44 -2.53
CA VAL C 385 -32.75 -8.31 -1.40
C VAL C 385 -33.92 -8.32 -0.43
N PHE C 386 -34.46 -9.53 -0.15
CA PHE C 386 -35.59 -9.75 0.75
C PHE C 386 -35.05 -10.47 2.01
N PRO C 387 -34.85 -9.74 3.11
CA PRO C 387 -34.25 -10.35 4.30
C PRO C 387 -35.19 -11.22 5.13
N LEU C 388 -34.66 -12.36 5.60
CA LEU C 388 -35.39 -13.24 6.49
C LEU C 388 -34.53 -13.44 7.72
N LEU C 389 -35.02 -12.99 8.87
CA LEU C 389 -34.30 -13.16 10.12
C LEU C 389 -34.57 -14.55 10.73
N TYR C 390 -33.53 -15.36 10.90
CA TYR C 390 -33.60 -16.73 11.39
C TYR C 390 -33.17 -16.77 12.86
N ARG C 391 -34.02 -17.31 13.73
CA ARG C 391 -33.77 -17.32 15.17
C ARG C 391 -33.79 -18.71 15.80
N GLU C 392 -33.71 -19.78 15.02
CA GLU C 392 -33.74 -21.13 15.59
C GLU C 392 -32.45 -21.41 16.33
N PRO C 393 -32.46 -22.29 17.35
CA PRO C 393 -31.19 -22.65 17.99
C PRO C 393 -30.29 -23.41 16.99
N PRO C 394 -28.98 -23.16 17.04
CA PRO C 394 -28.06 -23.80 16.08
C PRO C 394 -27.95 -25.30 16.25
N GLU C 395 -27.94 -26.03 15.11
CA GLU C 395 -27.79 -27.47 15.08
C GLU C 395 -26.33 -27.84 15.40
N ALA C 396 -26.11 -29.01 15.99
CA ALA C 396 -24.77 -29.53 16.34
C ALA C 396 -23.99 -29.82 15.07
N ILE C 397 -24.64 -30.35 14.03
CA ILE C 397 -23.95 -30.61 12.77
C ILE C 397 -24.14 -29.40 11.84
N TRP C 398 -23.05 -28.74 11.46
CA TRP C 398 -23.11 -27.54 10.65
C TRP C 398 -23.88 -27.72 9.33
N ALA C 399 -23.64 -28.80 8.58
CA ALA C 399 -24.35 -29.07 7.35
C ALA C 399 -25.86 -29.15 7.56
N ASP C 400 -26.30 -29.67 8.73
CA ASP C 400 -27.73 -29.73 9.05
C ASP C 400 -28.29 -28.35 9.34
N ASP C 401 -27.52 -27.48 9.96
CA ASP C 401 -27.93 -26.12 10.27
C ASP C 401 -28.06 -25.30 8.95
N VAL C 402 -27.17 -25.55 7.99
CA VAL C 402 -27.20 -24.92 6.67
C VAL C 402 -28.49 -25.36 5.96
N ASP C 403 -28.75 -26.70 5.91
CA ASP C 403 -29.96 -27.23 5.28
C ASP C 403 -31.23 -26.69 5.93
N ARG C 404 -31.25 -26.54 7.27
CA ARG C 404 -32.43 -25.97 7.94
C ARG C 404 -32.67 -24.52 7.51
N ARG C 405 -31.60 -23.73 7.33
CA ARG C 405 -31.77 -22.34 6.88
C ARG C 405 -32.19 -22.25 5.43
N VAL C 406 -31.68 -23.13 4.56
CA VAL C 406 -32.11 -23.16 3.16
C VAL C 406 -33.61 -23.50 3.10
N GLN C 407 -34.06 -24.53 3.85
CA GLN C 407 -35.49 -24.89 3.88
C GLN C 407 -36.36 -23.81 4.50
N PHE C 408 -35.81 -23.03 5.43
CA PHE C 408 -36.53 -21.88 6.01
C PHE C 408 -36.77 -20.81 4.93
N GLY C 409 -35.78 -20.59 4.07
CA GLY C 409 -35.91 -19.66 2.95
C GLY C 409 -36.93 -20.16 1.93
N ILE C 410 -36.94 -21.47 1.66
CA ILE C 410 -37.90 -22.07 0.73
C ILE C 410 -39.34 -21.96 1.29
N GLU C 411 -39.55 -22.34 2.55
CA GLU C 411 -40.89 -22.29 3.15
C GLU C 411 -41.41 -20.89 3.32
N SER C 412 -40.52 -19.91 3.63
CA SER C 412 -40.95 -18.51 3.71
C SER C 412 -41.36 -18.02 2.29
N GLY C 413 -40.58 -18.41 1.28
CA GLY C 413 -40.84 -18.07 -0.11
C GLY C 413 -42.16 -18.63 -0.59
N LYS C 414 -42.49 -19.86 -0.15
CA LYS C 414 -43.76 -20.51 -0.49
C LYS C 414 -44.91 -19.74 0.18
N LEU C 415 -44.76 -19.43 1.47
CA LEU C 415 -45.79 -18.73 2.22
C LEU C 415 -46.06 -17.33 1.64
N ARG C 416 -45.00 -16.62 1.23
CA ARG C 416 -45.11 -15.26 0.71
C ARG C 416 -45.46 -15.15 -0.76
N GLY C 417 -45.55 -16.26 -1.48
CA GLY C 417 -45.90 -16.22 -2.89
C GLY C 417 -44.75 -16.13 -3.88
N PHE C 418 -43.50 -16.09 -3.40
CA PHE C 418 -42.33 -16.06 -4.27
C PHE C 418 -42.14 -17.44 -4.99
N LEU C 419 -42.46 -18.57 -4.31
CA LEU C 419 -42.17 -19.93 -4.81
C LEU C 419 -43.32 -20.91 -4.77
N ARG C 420 -43.32 -21.87 -5.67
CA ARG C 420 -44.31 -22.94 -5.70
C ARG C 420 -43.59 -24.26 -5.93
N VAL C 421 -44.20 -25.38 -5.56
CA VAL C 421 -43.65 -26.72 -5.80
C VAL C 421 -43.46 -26.91 -7.33
N GLY C 422 -42.29 -27.40 -7.73
CA GLY C 422 -41.97 -27.53 -9.15
C GLY C 422 -41.11 -26.41 -9.69
N ASP C 423 -41.03 -25.27 -8.98
CA ASP C 423 -40.16 -24.15 -9.39
C ASP C 423 -38.67 -24.52 -9.22
N LEU C 424 -37.77 -23.76 -9.87
CA LEU C 424 -36.34 -23.93 -9.65
C LEU C 424 -35.85 -22.74 -8.84
N VAL C 425 -34.98 -22.98 -7.87
CA VAL C 425 -34.33 -21.90 -7.13
C VAL C 425 -32.81 -22.08 -7.20
N ILE C 426 -32.08 -20.97 -7.11
CA ILE C 426 -30.64 -21.03 -7.01
C ILE C 426 -30.29 -20.84 -5.53
N VAL C 427 -29.41 -21.65 -4.99
CA VAL C 427 -29.05 -21.55 -3.59
C VAL C 427 -27.56 -21.25 -3.48
N VAL C 428 -27.22 -20.21 -2.75
CA VAL C 428 -25.86 -19.78 -2.55
C VAL C 428 -25.43 -19.94 -1.09
N THR C 429 -24.38 -20.72 -0.85
CA THR C 429 -23.83 -20.97 0.48
C THR C 429 -22.27 -20.96 0.39
N GLY C 430 -21.59 -21.23 1.51
CA GLY C 430 -20.14 -21.36 1.57
C GLY C 430 -19.72 -22.71 2.09
N TRP C 431 -18.43 -23.02 2.02
CA TRP C 431 -17.90 -24.32 2.38
C TRP C 431 -17.64 -24.53 3.87
N ARG C 432 -17.63 -23.47 4.65
CA ARG C 432 -17.40 -23.55 6.11
C ARG C 432 -18.13 -22.42 6.85
N PRO C 433 -18.34 -22.53 8.18
CA PRO C 433 -19.03 -21.46 8.91
C PRO C 433 -18.23 -20.18 8.98
N GLY C 434 -18.93 -19.09 9.23
CA GLY C 434 -18.34 -17.78 9.34
C GLY C 434 -18.44 -17.02 8.04
N SER C 435 -18.43 -15.71 8.14
CA SER C 435 -18.49 -14.80 7.02
C SER C 435 -17.24 -14.92 6.12
N GLY C 436 -17.39 -14.63 4.83
CA GLY C 436 -16.27 -14.60 3.88
C GLY C 436 -15.93 -15.86 3.11
N TYR C 437 -16.70 -16.94 3.27
CA TYR C 437 -16.39 -18.21 2.60
C TYR C 437 -17.40 -18.65 1.55
N THR C 438 -18.30 -17.77 1.07
CA THR C 438 -19.26 -18.14 0.03
C THR C 438 -18.52 -18.60 -1.25
N ASN C 439 -18.78 -19.82 -1.68
CA ASN C 439 -18.14 -20.37 -2.88
C ASN C 439 -19.00 -21.43 -3.58
N ILE C 440 -20.28 -21.60 -3.18
CA ILE C 440 -21.11 -22.68 -3.71
C ILE C 440 -22.41 -22.17 -4.27
N MET C 441 -22.80 -22.67 -5.44
CA MET C 441 -24.07 -22.37 -6.06
C MET C 441 -24.73 -23.71 -6.41
N ARG C 442 -25.98 -23.89 -5.99
CA ARG C 442 -26.71 -25.12 -6.28
C ARG C 442 -28.03 -24.80 -6.97
N VAL C 443 -28.53 -25.71 -7.80
CA VAL C 443 -29.81 -25.56 -8.49
C VAL C 443 -30.77 -26.55 -7.81
N LEU C 444 -31.79 -26.06 -7.13
CA LEU C 444 -32.74 -26.96 -6.46
C LEU C 444 -34.12 -26.88 -7.07
N SER C 445 -34.78 -28.03 -7.15
CA SER C 445 -36.16 -28.08 -7.60
CA SER C 445 -36.16 -28.09 -7.59
C SER C 445 -37.00 -28.04 -6.31
N ILE C 446 -37.94 -27.12 -6.21
CA ILE C 446 -38.78 -26.96 -5.02
C ILE C 446 -39.73 -28.15 -4.84
N SER C 447 -39.65 -28.82 -3.69
CA SER C 447 -40.55 -29.93 -3.39
C SER C 447 -41.48 -29.57 -2.21
N GLY D 23 0.30 -11.31 -12.97
CA GLY D 23 1.48 -10.84 -13.65
C GLY D 23 1.25 -10.40 -15.09
N THR D 24 2.14 -9.55 -15.61
CA THR D 24 2.04 -9.07 -16.99
C THR D 24 2.37 -10.17 -18.01
N ALA D 25 3.24 -11.13 -17.62
CA ALA D 25 3.61 -12.24 -18.51
C ALA D 25 2.38 -13.08 -18.82
N PHE D 26 1.51 -13.31 -17.82
CA PHE D 26 0.28 -14.09 -17.99
C PHE D 26 -0.61 -13.46 -19.06
N PHE D 27 -0.79 -12.13 -19.01
CA PHE D 27 -1.67 -11.44 -19.94
C PHE D 27 -1.06 -11.16 -21.33
N GLN D 28 0.18 -11.60 -21.57
CA GLN D 28 0.80 -11.47 -22.90
C GLN D 28 0.68 -12.80 -23.70
N GLN D 29 0.59 -13.94 -22.99
CA GLN D 29 0.45 -15.29 -23.55
C GLN D 29 -0.98 -15.57 -24.03
N GLN D 30 -1.18 -16.74 -24.68
CA GLN D 30 -2.45 -17.27 -25.17
C GLN D 30 -3.37 -16.24 -25.85
N GLN D 31 -2.76 -15.33 -26.62
CA GLN D 31 -3.45 -14.27 -27.36
C GLN D 31 -4.40 -13.45 -26.48
N LEU D 32 -4.03 -13.24 -25.20
CA LEU D 32 -4.88 -12.48 -24.28
C LEU D 32 -5.08 -11.02 -24.71
N PRO D 33 -4.09 -10.28 -25.27
CA PRO D 33 -4.40 -8.93 -25.80
C PRO D 33 -5.48 -8.97 -26.88
N ALA D 34 -5.42 -9.96 -27.81
CA ALA D 34 -6.45 -10.12 -28.85
C ALA D 34 -7.80 -10.57 -28.27
N ALA D 35 -7.77 -11.31 -27.14
CA ALA D 35 -8.98 -11.77 -26.48
C ALA D 35 -9.76 -10.63 -25.82
N MET D 36 -9.05 -9.59 -25.35
CA MET D 36 -9.70 -8.45 -24.71
C MET D 36 -10.22 -7.38 -25.70
N ALA D 37 -10.05 -7.59 -27.01
CA ALA D 37 -10.48 -6.60 -28.00
C ALA D 37 -11.98 -6.37 -28.05
N ASP D 38 -12.36 -5.12 -28.35
CA ASP D 38 -13.76 -4.71 -28.40
C ASP D 38 -14.47 -5.06 -29.69
N THR D 39 -13.73 -5.30 -30.79
CA THR D 39 -14.33 -5.72 -32.06
C THR D 39 -13.54 -6.93 -32.62
N PHE D 40 -14.15 -7.68 -33.52
CA PHE D 40 -13.48 -8.81 -34.19
C PHE D 40 -12.32 -8.29 -35.04
N LEU D 41 -12.49 -7.12 -35.70
CA LEU D 41 -11.41 -6.53 -36.51
C LEU D 41 -10.18 -6.22 -35.64
N GLU D 42 -10.41 -5.59 -34.46
CA GLU D 42 -9.32 -5.27 -33.54
C GLU D 42 -8.69 -6.55 -32.96
N HIS D 43 -9.51 -7.60 -32.75
CA HIS D 43 -9.05 -8.91 -32.29
C HIS D 43 -8.03 -9.47 -33.31
N LEU D 44 -8.34 -9.39 -34.61
CA LEU D 44 -7.43 -9.85 -35.67
C LEU D 44 -6.15 -9.05 -35.65
N CYS D 45 -6.25 -7.70 -35.58
CA CYS D 45 -5.08 -6.80 -35.57
C CYS D 45 -4.14 -7.08 -34.40
N LEU D 46 -4.66 -7.63 -33.28
CA LEU D 46 -3.84 -7.90 -32.10
C LEU D 46 -3.27 -9.31 -32.02
N LEU D 47 -3.56 -10.18 -33.02
CA LEU D 47 -3.00 -11.54 -33.00
C LEU D 47 -1.48 -11.46 -33.11
N ASP D 48 -0.78 -12.21 -32.26
CA ASP D 48 0.66 -12.11 -32.15
C ASP D 48 1.33 -13.47 -32.27
N ILE D 49 2.21 -13.63 -33.26
CA ILE D 49 2.95 -14.88 -33.45
C ILE D 49 3.90 -15.20 -32.28
N ASP D 50 4.27 -14.20 -31.47
CA ASP D 50 5.12 -14.39 -30.29
C ASP D 50 4.32 -14.69 -29.02
N SER D 51 2.97 -14.66 -29.07
CA SER D 51 2.12 -14.96 -27.92
C SER D 51 1.91 -16.48 -27.90
N GLU D 52 2.63 -17.16 -27.02
CA GLU D 52 2.63 -18.61 -26.96
C GLU D 52 1.39 -19.21 -26.32
N PRO D 53 0.89 -20.32 -26.89
CA PRO D 53 -0.28 -20.97 -26.29
C PRO D 53 0.08 -21.59 -24.93
N VAL D 54 -0.84 -21.58 -23.99
CA VAL D 54 -0.60 -22.11 -22.64
C VAL D 54 -1.55 -23.24 -22.32
N ALA D 55 -2.82 -23.08 -22.72
CA ALA D 55 -3.85 -24.09 -22.46
C ALA D 55 -3.57 -25.41 -23.19
N ALA D 56 -4.10 -26.50 -22.66
CA ALA D 56 -3.97 -27.79 -23.30
C ALA D 56 -4.84 -27.77 -24.58
N ARG D 57 -4.44 -28.54 -25.60
CA ARG D 57 -5.13 -28.61 -26.88
C ARG D 57 -6.51 -29.22 -26.69
N SER D 58 -7.54 -28.48 -27.06
CA SER D 58 -8.93 -28.88 -26.81
C SER D 58 -9.64 -29.57 -27.98
N THR D 59 -9.22 -29.33 -29.23
CA THR D 59 -9.85 -29.99 -30.39
C THR D 59 -9.28 -31.40 -30.51
N SER D 60 -10.12 -32.45 -30.47
CA SER D 60 -9.64 -33.83 -30.58
CA SER D 60 -9.66 -33.83 -30.58
C SER D 60 -9.13 -34.18 -31.96
N ILE D 61 -8.19 -35.10 -32.01
CA ILE D 61 -7.62 -35.57 -33.27
C ILE D 61 -8.08 -37.00 -33.49
N ILE D 62 -8.70 -37.24 -34.65
CA ILE D 62 -9.08 -38.58 -35.06
C ILE D 62 -8.02 -39.04 -36.08
N ALA D 63 -7.38 -40.19 -35.84
CA ALA D 63 -6.41 -40.74 -36.78
C ALA D 63 -6.95 -42.03 -37.35
N THR D 64 -6.95 -42.17 -38.67
CA THR D 64 -7.41 -43.40 -39.32
C THR D 64 -6.30 -44.44 -39.22
N ILE D 65 -6.65 -45.66 -38.82
CA ILE D 65 -5.71 -46.75 -38.64
C ILE D 65 -5.54 -47.50 -39.94
N GLY D 66 -4.30 -47.78 -40.28
CA GLY D 66 -3.98 -48.54 -41.47
C GLY D 66 -2.62 -49.17 -41.37
N PRO D 67 -2.05 -49.65 -42.49
CA PRO D 67 -0.71 -50.24 -42.46
C PRO D 67 0.40 -49.35 -41.87
N ALA D 68 0.29 -48.02 -42.02
CA ALA D 68 1.28 -47.11 -41.47
C ALA D 68 1.11 -46.85 -39.96
N SER D 69 0.00 -47.32 -39.36
CA SER D 69 -0.27 -47.02 -37.95
C SER D 69 -0.84 -48.18 -37.16
N ARG D 70 -0.51 -49.42 -37.54
CA ARG D 70 -1.04 -50.60 -36.85
C ARG D 70 -0.09 -51.20 -35.85
N SER D 71 1.20 -50.96 -35.99
CA SER D 71 2.19 -51.47 -35.05
C SER D 71 1.88 -50.96 -33.64
N VAL D 72 1.88 -51.84 -32.63
CA VAL D 72 1.64 -51.43 -31.24
C VAL D 72 2.63 -50.33 -30.81
N GLU D 73 3.90 -50.46 -31.25
CA GLU D 73 4.91 -49.44 -30.93
C GLU D 73 4.65 -48.11 -31.62
N ARG D 74 4.17 -48.14 -32.87
CA ARG D 74 3.84 -46.93 -33.63
C ARG D 74 2.58 -46.27 -32.96
N LEU D 75 1.60 -47.08 -32.56
CA LEU D 75 0.39 -46.59 -31.89
C LEU D 75 0.70 -45.88 -30.56
N LYS D 76 1.71 -46.36 -29.81
CA LYS D 76 2.12 -45.71 -28.57
C LYS D 76 2.67 -44.31 -28.87
N GLU D 77 3.42 -44.17 -29.96
CA GLU D 77 3.94 -42.86 -30.37
C GLU D 77 2.81 -41.92 -30.79
N MET D 78 1.79 -42.45 -31.47
CA MET D 78 0.65 -41.66 -31.90
CA MET D 78 0.64 -41.65 -31.91
C MET D 78 -0.20 -41.19 -30.71
N ILE D 79 -0.29 -42.01 -29.65
CA ILE D 79 -1.03 -41.63 -28.46
C ILE D 79 -0.28 -40.48 -27.77
N LYS D 80 1.06 -40.62 -27.66
CA LYS D 80 1.89 -39.57 -27.08
C LYS D 80 1.84 -38.27 -27.90
N ALA D 81 1.75 -38.38 -29.24
CA ALA D 81 1.67 -37.21 -30.13
C ALA D 81 0.32 -36.47 -30.03
N GLY D 82 -0.72 -37.15 -29.55
CA GLY D 82 -2.02 -36.51 -29.38
C GLY D 82 -3.26 -37.16 -29.99
N MET D 83 -3.14 -38.38 -30.55
CA MET D 83 -4.30 -39.07 -31.13
C MET D 83 -5.31 -39.39 -30.01
N ASN D 84 -6.58 -38.99 -30.21
CA ASN D 84 -7.60 -39.23 -29.20
C ASN D 84 -8.60 -40.28 -29.61
N ILE D 85 -8.85 -40.39 -30.92
CA ILE D 85 -9.82 -41.32 -31.49
C ILE D 85 -9.15 -42.06 -32.64
N ALA D 86 -9.26 -43.38 -32.64
CA ALA D 86 -8.73 -44.23 -33.70
C ALA D 86 -9.92 -44.58 -34.61
N ARG D 87 -9.85 -44.24 -35.90
CA ARG D 87 -10.89 -44.52 -36.85
C ARG D 87 -10.57 -45.79 -37.66
N LEU D 88 -11.51 -46.73 -37.72
CA LEU D 88 -11.38 -47.95 -38.51
C LEU D 88 -12.24 -47.76 -39.75
N ASN D 89 -11.62 -47.70 -40.93
CA ASN D 89 -12.38 -47.49 -42.15
C ASN D 89 -12.83 -48.82 -42.72
N PHE D 90 -14.12 -49.16 -42.57
CA PHE D 90 -14.66 -50.43 -43.04
C PHE D 90 -14.90 -50.47 -44.56
N SER D 91 -14.46 -49.45 -45.31
CA SER D 91 -14.49 -49.50 -46.76
C SER D 91 -13.37 -50.43 -47.30
N HIS D 92 -12.31 -50.66 -46.48
CA HIS D 92 -11.17 -51.52 -46.82
C HIS D 92 -10.88 -52.48 -45.66
N GLY D 93 -10.40 -53.68 -45.98
CA GLY D 93 -10.05 -54.66 -44.96
C GLY D 93 -11.18 -55.54 -44.50
N SER D 94 -10.87 -56.75 -44.09
CA SER D 94 -11.84 -57.72 -43.60
C SER D 94 -12.14 -57.49 -42.10
N HIS D 95 -13.09 -58.27 -41.53
CA HIS D 95 -13.39 -58.20 -40.10
C HIS D 95 -12.16 -58.64 -39.30
N GLU D 96 -11.41 -59.63 -39.79
CA GLU D 96 -10.20 -60.13 -39.13
C GLU D 96 -9.15 -59.03 -39.05
N TYR D 97 -9.00 -58.26 -40.11
CA TYR D 97 -8.04 -57.15 -40.15
C TYR D 97 -8.45 -56.09 -39.11
N HIS D 98 -9.72 -55.71 -39.07
CA HIS D 98 -10.19 -54.69 -38.12
C HIS D 98 -10.14 -55.16 -36.68
N ALA D 99 -10.34 -56.47 -36.41
CA ALA D 99 -10.24 -56.99 -35.04
C ALA D 99 -8.80 -56.89 -34.56
N GLU D 100 -7.80 -57.12 -35.46
CA GLU D 100 -6.40 -56.99 -35.11
C GLU D 100 -6.05 -55.50 -34.85
N SER D 101 -6.62 -54.57 -35.64
CA SER D 101 -6.41 -53.12 -35.42
C SER D 101 -6.90 -52.74 -34.03
N ILE D 102 -8.10 -53.21 -33.67
CA ILE D 102 -8.69 -52.94 -32.36
C ILE D 102 -7.82 -53.46 -31.25
N ALA D 103 -7.34 -54.71 -31.38
CA ALA D 103 -6.50 -55.32 -30.36
C ALA D 103 -5.19 -54.55 -30.21
N ASN D 104 -4.57 -54.11 -31.33
CA ASN D 104 -3.33 -53.33 -31.28
C ASN D 104 -3.52 -51.96 -30.63
N VAL D 105 -4.65 -51.31 -30.93
CA VAL D 105 -4.97 -50.00 -30.33
C VAL D 105 -5.12 -50.18 -28.82
N ARG D 106 -5.94 -51.17 -28.41
CA ARG D 106 -6.14 -51.44 -26.99
C ARG D 106 -4.87 -51.79 -26.27
N GLU D 107 -3.99 -52.59 -26.89
CA GLU D 107 -2.71 -52.94 -26.25
C GLU D 107 -1.85 -51.69 -26.06
N ALA D 108 -1.77 -50.82 -27.07
CA ALA D 108 -0.99 -49.58 -26.94
C ALA D 108 -1.60 -48.64 -25.87
N VAL D 109 -2.92 -48.52 -25.85
CA VAL D 109 -3.61 -47.67 -24.86
C VAL D 109 -3.38 -48.18 -23.44
N GLU D 110 -3.59 -49.49 -23.23
CA GLU D 110 -3.45 -50.08 -21.91
C GLU D 110 -2.01 -50.19 -21.41
N SER D 111 -1.00 -49.99 -22.30
CA SER D 111 0.39 -49.99 -21.87
C SER D 111 0.70 -48.82 -20.94
N PHE D 112 -0.14 -47.77 -20.94
CA PHE D 112 0.04 -46.61 -20.07
C PHE D 112 -0.88 -46.66 -18.82
N ALA D 113 -1.71 -47.70 -18.65
CA ALA D 113 -2.61 -47.81 -17.51
C ALA D 113 -1.93 -47.95 -16.15
N GLY D 114 -0.64 -48.31 -16.12
CA GLY D 114 0.11 -48.46 -14.89
C GLY D 114 0.35 -47.16 -14.15
N SER D 115 0.18 -46.02 -14.82
CA SER D 115 0.28 -44.70 -14.21
C SER D 115 -1.09 -44.03 -14.40
N PRO D 116 -2.02 -44.26 -13.45
CA PRO D 116 -3.38 -43.72 -13.63
C PRO D 116 -3.50 -42.20 -13.74
N LEU D 117 -2.55 -41.44 -13.15
CA LEU D 117 -2.60 -39.98 -13.21
C LEU D 117 -2.27 -39.41 -14.60
N SER D 118 -1.67 -40.22 -15.49
CA SER D 118 -1.33 -39.73 -16.83
C SER D 118 -1.98 -40.56 -17.97
N TYR D 119 -2.69 -41.65 -17.64
CA TYR D 119 -3.37 -42.51 -18.61
C TYR D 119 -4.32 -41.70 -19.52
N ARG D 120 -4.21 -41.92 -20.82
CA ARG D 120 -5.06 -41.24 -21.78
C ARG D 120 -6.00 -42.20 -22.45
N PRO D 121 -7.31 -42.07 -22.22
CA PRO D 121 -8.27 -42.93 -22.94
C PRO D 121 -8.21 -42.63 -24.45
N VAL D 122 -8.50 -43.64 -25.29
CA VAL D 122 -8.53 -43.47 -26.74
C VAL D 122 -9.77 -44.15 -27.27
N ALA D 123 -10.66 -43.42 -27.94
CA ALA D 123 -11.91 -44.00 -28.48
C ALA D 123 -11.65 -44.80 -29.74
N ILE D 124 -12.52 -45.75 -30.04
CA ILE D 124 -12.45 -46.51 -31.26
C ILE D 124 -13.73 -46.26 -32.04
N ALA D 125 -13.59 -45.75 -33.27
CA ALA D 125 -14.73 -45.39 -34.11
C ALA D 125 -14.77 -46.26 -35.35
N LEU D 126 -15.96 -46.75 -35.69
CA LEU D 126 -16.14 -47.60 -36.87
C LEU D 126 -16.76 -46.75 -37.95
N ASP D 127 -16.08 -46.61 -39.09
CA ASP D 127 -16.59 -45.82 -40.19
C ASP D 127 -17.16 -46.80 -41.24
N THR D 128 -18.46 -46.74 -41.48
CA THR D 128 -19.10 -47.70 -42.37
C THR D 128 -18.81 -47.49 -43.85
N LYS D 129 -18.91 -48.58 -44.63
CA LYS D 129 -18.70 -48.54 -46.07
C LYS D 129 -19.77 -47.66 -46.75
N GLY D 130 -21.01 -47.78 -46.30
CA GLY D 130 -22.09 -46.98 -46.83
C GLY D 130 -23.12 -47.73 -47.64
N PRO D 131 -24.14 -47.00 -48.11
CA PRO D 131 -25.24 -47.64 -48.84
C PRO D 131 -24.97 -47.98 -50.30
N GLY D 132 -23.91 -47.42 -50.89
CA GLY D 132 -23.57 -47.64 -52.29
C GLY D 132 -24.68 -47.15 -53.21
N SER D 133 -25.13 -48.02 -54.13
CA SER D 133 -26.24 -47.67 -55.03
C SER D 133 -27.64 -47.92 -54.40
N GLY D 134 -27.69 -48.46 -53.19
CA GLY D 134 -28.94 -48.76 -52.51
C GLY D 134 -29.63 -47.56 -51.87
N PRO D 135 -30.90 -47.75 -51.48
CA PRO D 135 -31.65 -46.63 -50.87
C PRO D 135 -31.42 -46.40 -49.38
N GLY D 136 -31.00 -47.44 -48.67
CA GLY D 136 -30.79 -47.35 -47.23
C GLY D 136 -29.66 -48.24 -46.72
N LEU D 137 -29.82 -48.80 -45.50
CA LEU D 137 -28.79 -49.62 -44.88
C LEU D 137 -28.47 -50.90 -45.66
N SER D 138 -27.22 -51.02 -46.12
CA SER D 138 -26.78 -52.17 -46.89
C SER D 138 -26.56 -53.40 -46.00
N GLU D 139 -26.49 -54.59 -46.62
CA GLU D 139 -26.29 -55.81 -45.87
C GLU D 139 -24.90 -55.90 -45.27
N GLN D 140 -23.88 -55.35 -45.96
CA GLN D 140 -22.53 -55.34 -45.42
C GLN D 140 -22.47 -54.42 -44.19
N ASP D 141 -23.18 -53.28 -44.22
CA ASP D 141 -23.23 -52.37 -43.07
C ASP D 141 -23.90 -53.03 -41.87
N VAL D 142 -24.95 -53.85 -42.10
CA VAL D 142 -25.59 -54.58 -40.99
C VAL D 142 -24.59 -55.53 -40.32
N ARG D 143 -23.79 -56.24 -41.12
CA ARG D 143 -22.78 -57.15 -40.58
C ARG D 143 -21.64 -56.42 -39.87
N ASP D 144 -21.19 -55.29 -40.44
CA ASP D 144 -20.11 -54.47 -39.87
C ASP D 144 -20.54 -53.82 -38.57
N LEU D 145 -21.80 -53.34 -38.50
CA LEU D 145 -22.34 -52.75 -37.29
C LEU D 145 -22.45 -53.79 -36.16
N ARG D 146 -22.81 -55.04 -36.52
CA ARG D 146 -22.88 -56.12 -35.52
CA ARG D 146 -22.88 -56.10 -35.51
C ARG D 146 -21.47 -56.42 -35.02
N PHE D 147 -20.47 -56.41 -35.93
CA PHE D 147 -19.07 -56.63 -35.55
C PHE D 147 -18.65 -55.52 -34.54
N GLY D 148 -19.05 -54.28 -34.81
CA GLY D 148 -18.74 -53.16 -33.94
C GLY D 148 -19.25 -53.34 -32.53
N VAL D 149 -20.52 -53.74 -32.39
CA VAL D 149 -21.11 -54.00 -31.07
C VAL D 149 -20.37 -55.15 -30.37
N GLU D 150 -20.09 -56.25 -31.09
CA GLU D 150 -19.38 -57.41 -30.52
C GLU D 150 -17.97 -57.07 -30.08
N HIS D 151 -17.32 -56.12 -30.77
CA HIS D 151 -15.96 -55.72 -30.39
C HIS D 151 -15.89 -54.47 -29.50
N GLY D 152 -17.04 -53.97 -29.04
CA GLY D 152 -17.10 -52.85 -28.12
C GLY D 152 -16.66 -51.48 -28.66
N VAL D 153 -16.96 -51.18 -29.94
CA VAL D 153 -16.58 -49.85 -30.48
C VAL D 153 -17.38 -48.75 -29.75
N ASP D 154 -16.81 -47.55 -29.67
CA ASP D 154 -17.45 -46.45 -28.95
C ASP D 154 -18.32 -45.58 -29.82
N ILE D 155 -17.95 -45.44 -31.09
CA ILE D 155 -18.60 -44.52 -32.01
C ILE D 155 -18.76 -45.16 -33.38
N VAL D 156 -19.83 -44.77 -34.09
CA VAL D 156 -20.04 -45.16 -35.46
C VAL D 156 -20.05 -43.86 -36.30
N PHE D 157 -19.23 -43.78 -37.34
CA PHE D 157 -19.28 -42.68 -38.30
C PHE D 157 -20.10 -43.29 -39.45
N ALA D 158 -21.41 -42.98 -39.51
CA ALA D 158 -22.30 -43.57 -40.51
C ALA D 158 -22.20 -42.86 -41.86
N SER D 159 -21.72 -43.59 -42.88
CA SER D 159 -21.52 -43.00 -44.19
C SER D 159 -22.83 -42.68 -44.94
N PHE D 160 -22.79 -41.60 -45.74
CA PHE D 160 -23.86 -41.13 -46.61
C PHE D 160 -25.24 -41.08 -45.93
N VAL D 161 -25.33 -40.42 -44.78
CA VAL D 161 -26.61 -40.24 -44.11
C VAL D 161 -27.38 -39.16 -44.90
N ARG D 162 -28.58 -39.49 -45.40
CA ARG D 162 -29.39 -38.61 -46.22
C ARG D 162 -30.68 -38.15 -45.55
N LYS D 163 -31.10 -38.83 -44.48
CA LYS D 163 -32.35 -38.51 -43.80
C LYS D 163 -32.37 -39.15 -42.41
N ALA D 164 -33.33 -38.75 -41.56
CA ALA D 164 -33.45 -39.28 -40.21
C ALA D 164 -33.64 -40.80 -40.16
N SER D 165 -34.36 -41.39 -41.15
CA SER D 165 -34.57 -42.84 -41.15
C SER D 165 -33.28 -43.64 -41.36
N ASP D 166 -32.26 -43.03 -41.98
CA ASP D 166 -30.96 -43.69 -42.14
C ASP D 166 -30.32 -43.88 -40.75
N VAL D 167 -30.46 -42.88 -39.87
CA VAL D 167 -29.92 -42.94 -38.52
C VAL D 167 -30.67 -43.99 -37.69
N ALA D 168 -32.00 -44.04 -37.84
CA ALA D 168 -32.80 -45.03 -37.12
C ALA D 168 -32.41 -46.46 -37.55
N ALA D 169 -32.11 -46.65 -38.84
CA ALA D 169 -31.68 -47.96 -39.35
C ALA D 169 -30.33 -48.36 -38.75
N VAL D 170 -29.39 -47.41 -38.60
CA VAL D 170 -28.08 -47.67 -38.00
C VAL D 170 -28.29 -48.06 -36.53
N ARG D 171 -29.15 -47.32 -35.83
CA ARG D 171 -29.46 -47.57 -34.43
C ARG D 171 -30.04 -48.98 -34.24
N ALA D 172 -31.00 -49.38 -35.11
CA ALA D 172 -31.64 -50.70 -35.03
C ALA D 172 -30.60 -51.82 -35.26
N ALA D 173 -29.67 -51.60 -36.22
CA ALA D 173 -28.61 -52.58 -36.51
C ALA D 173 -27.61 -52.74 -35.36
N LEU D 174 -27.48 -51.74 -34.49
CA LEU D 174 -26.62 -51.84 -33.32
C LEU D 174 -27.25 -52.76 -32.21
N GLY D 175 -28.54 -53.05 -32.31
CA GLY D 175 -29.27 -53.92 -31.38
C GLY D 175 -29.44 -53.37 -29.98
N PRO D 176 -29.96 -54.22 -29.07
CA PRO D 176 -30.15 -53.76 -27.69
C PRO D 176 -28.85 -53.56 -26.90
N GLU D 177 -27.77 -54.26 -27.28
CA GLU D 177 -26.49 -54.08 -26.58
C GLU D 177 -25.67 -52.88 -27.06
N GLY D 178 -26.04 -52.26 -28.17
CA GLY D 178 -25.32 -51.12 -28.70
C GLY D 178 -25.98 -49.78 -28.46
N HIS D 179 -26.82 -49.67 -27.40
CA HIS D 179 -27.55 -48.43 -27.08
CA HIS D 179 -27.54 -48.43 -27.10
C HIS D 179 -26.62 -47.28 -26.67
N GLY D 180 -25.48 -47.61 -26.07
CA GLY D 180 -24.54 -46.59 -25.62
C GLY D 180 -23.57 -46.09 -26.67
N ILE D 181 -23.54 -46.70 -27.88
CA ILE D 181 -22.64 -46.30 -28.97
C ILE D 181 -23.11 -44.95 -29.57
N LYS D 182 -22.18 -44.01 -29.77
CA LYS D 182 -22.53 -42.71 -30.35
C LYS D 182 -22.62 -42.81 -31.85
N ILE D 183 -23.68 -42.27 -32.46
CA ILE D 183 -23.81 -42.26 -33.90
C ILE D 183 -23.51 -40.86 -34.44
N ILE D 184 -22.42 -40.75 -35.21
CA ILE D 184 -22.01 -39.50 -35.84
C ILE D 184 -22.39 -39.66 -37.32
N SER D 185 -23.35 -38.87 -37.78
CA SER D 185 -23.79 -38.95 -39.17
C SER D 185 -22.85 -38.21 -40.11
N LYS D 186 -22.36 -38.89 -41.16
CA LYS D 186 -21.52 -38.26 -42.15
C LYS D 186 -22.41 -37.61 -43.22
N ILE D 187 -22.24 -36.29 -43.45
CA ILE D 187 -22.98 -35.57 -44.46
C ILE D 187 -22.08 -35.51 -45.67
N GLU D 188 -22.45 -36.19 -46.75
CA GLU D 188 -21.58 -36.33 -47.91
C GLU D 188 -22.22 -35.97 -49.24
N ASN D 189 -23.46 -35.48 -49.26
CA ASN D 189 -24.13 -35.16 -50.51
C ASN D 189 -25.14 -34.03 -50.35
N HIS D 190 -25.76 -33.58 -51.47
CA HIS D 190 -26.74 -32.51 -51.43
C HIS D 190 -27.92 -32.81 -50.52
N GLU D 191 -28.49 -34.02 -50.60
CA GLU D 191 -29.63 -34.37 -49.75
C GLU D 191 -29.31 -34.32 -48.25
N GLY D 192 -28.13 -34.79 -47.86
CA GLY D 192 -27.70 -34.72 -46.47
C GLY D 192 -27.63 -33.29 -45.95
N VAL D 193 -27.13 -32.36 -46.79
CA VAL D 193 -27.07 -30.94 -46.45
C VAL D 193 -28.48 -30.34 -46.33
N LYS D 194 -29.35 -30.63 -47.31
CA LYS D 194 -30.73 -30.11 -47.28
C LYS D 194 -31.58 -30.65 -46.14
N ARG D 195 -31.38 -31.92 -45.78
CA ARG D 195 -32.09 -32.53 -44.67
C ARG D 195 -31.28 -32.52 -43.37
N PHE D 196 -30.27 -31.63 -43.26
CA PHE D 196 -29.40 -31.52 -42.10
C PHE D 196 -30.12 -31.44 -40.76
N ASP D 197 -31.12 -30.53 -40.63
CA ASP D 197 -31.79 -30.36 -39.34
C ASP D 197 -32.44 -31.64 -38.82
N GLU D 198 -33.11 -32.39 -39.67
CA GLU D 198 -33.74 -33.63 -39.24
C GLU D 198 -32.71 -34.72 -38.90
N ILE D 199 -31.55 -34.71 -39.57
CA ILE D 199 -30.48 -35.68 -39.31
C ILE D 199 -29.80 -35.36 -37.96
N LEU D 200 -29.46 -34.08 -37.73
CA LEU D 200 -28.81 -33.66 -36.48
C LEU D 200 -29.68 -33.97 -35.26
N GLU D 201 -31.00 -33.75 -35.39
CA GLU D 201 -31.95 -33.97 -34.32
C GLU D 201 -31.88 -35.40 -33.76
N VAL D 202 -31.72 -36.41 -34.63
CA VAL D 202 -31.66 -37.81 -34.18
C VAL D 202 -30.24 -38.39 -34.06
N SER D 203 -29.21 -37.61 -34.43
CA SER D 203 -27.82 -38.08 -34.36
C SER D 203 -27.16 -37.57 -33.07
N ASP D 204 -26.07 -38.23 -32.67
CA ASP D 204 -25.26 -37.73 -31.54
C ASP D 204 -24.32 -36.59 -32.00
N GLY D 205 -24.01 -36.55 -33.29
CA GLY D 205 -23.14 -35.55 -33.88
C GLY D 205 -23.04 -35.70 -35.38
N ILE D 206 -22.18 -34.89 -36.01
CA ILE D 206 -22.05 -34.85 -37.45
C ILE D 206 -20.59 -34.88 -37.89
N MET D 207 -20.34 -35.43 -39.07
CA MET D 207 -19.03 -35.35 -39.69
C MET D 207 -19.23 -34.65 -41.04
N VAL D 208 -18.45 -33.60 -41.31
CA VAL D 208 -18.46 -32.93 -42.60
C VAL D 208 -17.46 -33.75 -43.43
N ALA D 209 -17.98 -34.69 -44.22
CA ALA D 209 -17.17 -35.62 -44.99
C ALA D 209 -16.88 -34.99 -46.33
N ARG D 210 -15.85 -34.13 -46.35
CA ARG D 210 -15.54 -33.27 -47.49
C ARG D 210 -15.11 -33.97 -48.77
N GLY D 211 -14.58 -35.18 -48.68
CA GLY D 211 -14.15 -35.95 -49.86
C GLY D 211 -15.32 -36.16 -50.83
N ASP D 212 -16.34 -36.90 -50.38
CA ASP D 212 -17.51 -37.14 -51.19
C ASP D 212 -18.33 -35.88 -51.37
N LEU D 213 -18.45 -35.03 -50.33
CA LEU D 213 -19.21 -33.78 -50.44
C LEU D 213 -18.69 -32.90 -51.60
N GLY D 214 -17.37 -32.84 -51.76
CA GLY D 214 -16.71 -32.08 -52.82
C GLY D 214 -16.85 -32.64 -54.23
N ILE D 215 -17.41 -33.85 -54.36
CA ILE D 215 -17.70 -34.49 -55.66
C ILE D 215 -19.24 -34.46 -55.89
N GLU D 216 -20.06 -34.50 -54.82
CA GLU D 216 -21.50 -34.49 -54.90
C GLU D 216 -22.06 -33.08 -55.13
N ILE D 217 -21.39 -32.05 -54.58
CA ILE D 217 -21.78 -30.65 -54.82
C ILE D 217 -20.56 -29.93 -55.43
N PRO D 218 -20.73 -28.73 -56.04
CA PRO D 218 -19.52 -28.02 -56.57
C PRO D 218 -18.47 -27.83 -55.49
N ALA D 219 -17.21 -28.09 -55.82
CA ALA D 219 -16.09 -27.98 -54.90
C ALA D 219 -16.01 -26.62 -54.20
N GLU D 220 -16.34 -25.56 -54.93
CA GLU D 220 -16.31 -24.19 -54.42
C GLU D 220 -17.42 -23.88 -53.41
N LYS D 221 -18.38 -24.80 -53.19
CA LYS D 221 -19.45 -24.60 -52.23
C LYS D 221 -19.23 -25.38 -50.90
N VAL D 222 -18.25 -26.29 -50.86
CA VAL D 222 -18.00 -27.11 -49.65
C VAL D 222 -17.76 -26.27 -48.41
N PHE D 223 -16.99 -25.16 -48.51
CA PHE D 223 -16.73 -24.32 -47.33
C PHE D 223 -18.03 -23.75 -46.71
N LEU D 224 -19.06 -23.47 -47.54
CA LEU D 224 -20.34 -22.96 -47.06
C LEU D 224 -21.05 -24.07 -46.26
N ALA D 225 -21.04 -25.31 -46.78
CA ALA D 225 -21.68 -26.43 -46.09
C ALA D 225 -20.93 -26.71 -44.77
N GLN D 226 -19.58 -26.68 -44.80
CA GLN D 226 -18.76 -26.91 -43.60
C GLN D 226 -19.09 -25.88 -42.52
N LYS D 227 -19.04 -24.58 -42.86
CA LYS D 227 -19.29 -23.51 -41.90
C LYS D 227 -20.70 -23.54 -41.35
N MET D 228 -21.69 -23.82 -42.21
CA MET D 228 -23.09 -23.92 -41.79
C MET D 228 -23.29 -25.08 -40.82
N MET D 229 -22.78 -26.27 -41.16
CA MET D 229 -22.95 -27.44 -40.31
C MET D 229 -22.23 -27.31 -38.98
N ILE D 230 -21.03 -26.73 -38.97
CA ILE D 230 -20.30 -26.49 -37.72
C ILE D 230 -21.10 -25.50 -36.83
N GLY D 231 -21.60 -24.42 -37.43
CA GLY D 231 -22.40 -23.42 -36.71
C GLY D 231 -23.66 -24.02 -36.10
N ARG D 232 -24.39 -24.85 -36.87
CA ARG D 232 -25.60 -25.48 -36.36
C ARG D 232 -25.32 -26.53 -35.28
N CYS D 233 -24.20 -27.27 -35.39
CA CYS D 233 -23.82 -28.22 -34.35
C CYS D 233 -23.42 -27.47 -33.09
N ASN D 234 -22.72 -26.34 -33.22
CA ASN D 234 -22.32 -25.53 -32.06
C ASN D 234 -23.58 -25.00 -31.34
N LEU D 235 -24.58 -24.57 -32.11
CA LEU D 235 -25.85 -24.07 -31.58
C LEU D 235 -26.61 -25.20 -30.86
N ALA D 236 -26.62 -26.41 -31.44
CA ALA D 236 -27.27 -27.56 -30.84
C ALA D 236 -26.50 -28.19 -29.68
N GLY D 237 -25.22 -27.83 -29.51
CA GLY D 237 -24.39 -28.44 -28.48
C GLY D 237 -24.04 -29.89 -28.77
N LYS D 238 -23.90 -30.22 -30.07
CA LYS D 238 -23.55 -31.58 -30.48
C LYS D 238 -22.22 -31.61 -31.22
N PRO D 239 -21.40 -32.65 -31.01
CA PRO D 239 -20.07 -32.68 -31.67
C PRO D 239 -20.07 -32.65 -33.19
N VAL D 240 -19.11 -31.92 -33.76
CA VAL D 240 -18.96 -31.85 -35.20
C VAL D 240 -17.51 -32.13 -35.56
N VAL D 241 -17.30 -32.98 -36.58
CA VAL D 241 -15.97 -33.36 -37.03
C VAL D 241 -15.70 -32.74 -38.41
N CYS D 242 -14.52 -32.14 -38.60
CA CYS D 242 -14.11 -31.70 -39.92
C CYS D 242 -13.17 -32.80 -40.46
N ALA D 243 -13.42 -33.29 -41.68
CA ALA D 243 -12.62 -34.38 -42.22
C ALA D 243 -12.19 -34.21 -43.66
N THR D 244 -11.10 -34.91 -44.05
CA THR D 244 -10.59 -35.21 -45.38
C THR D 244 -9.72 -34.13 -46.01
N GLN D 245 -8.50 -34.58 -46.38
CA GLN D 245 -7.46 -33.83 -47.06
C GLN D 245 -6.95 -32.62 -46.29
N MET D 246 -7.09 -32.63 -44.94
CA MET D 246 -6.64 -31.51 -44.12
C MET D 246 -5.13 -31.31 -44.20
N LEU D 247 -4.34 -32.42 -44.23
CA LEU D 247 -2.87 -32.35 -44.36
C LEU D 247 -2.44 -33.37 -45.44
N GLU D 248 -3.20 -33.48 -46.54
CA GLU D 248 -3.00 -34.45 -47.61
C GLU D 248 -1.54 -34.63 -48.08
N SER D 249 -0.83 -33.52 -48.35
CA SER D 249 0.55 -33.60 -48.83
C SER D 249 1.49 -34.30 -47.85
N MET D 250 1.12 -34.41 -46.54
CA MET D 250 1.96 -35.10 -45.57
C MET D 250 1.92 -36.63 -45.71
N ILE D 251 1.12 -37.16 -46.66
CA ILE D 251 1.14 -38.59 -46.96
C ILE D 251 2.56 -38.94 -47.53
N THR D 252 3.19 -38.01 -48.28
CA THR D 252 4.50 -38.24 -48.89
C THR D 252 5.55 -37.22 -48.48
N LYS D 253 5.16 -36.03 -47.99
CA LYS D 253 6.11 -34.98 -47.61
C LYS D 253 6.18 -34.73 -46.10
N PRO D 254 7.37 -34.33 -45.59
CA PRO D 254 7.50 -34.15 -44.13
C PRO D 254 6.78 -32.93 -43.56
N ARG D 255 6.49 -31.94 -44.43
CA ARG D 255 5.84 -30.70 -44.02
C ARG D 255 4.63 -30.45 -44.89
N PRO D 256 3.56 -29.86 -44.33
CA PRO D 256 2.36 -29.59 -45.13
C PRO D 256 2.45 -28.30 -45.95
N THR D 257 1.47 -28.10 -46.87
CA THR D 257 1.44 -26.87 -47.65
C THR D 257 0.84 -25.71 -46.81
N ARG D 258 0.96 -24.46 -47.28
CA ARG D 258 0.39 -23.31 -46.60
C ARG D 258 -1.14 -23.39 -46.56
N ALA D 259 -1.78 -23.99 -47.59
CA ALA D 259 -3.24 -24.13 -47.61
C ALA D 259 -3.71 -25.16 -46.58
N GLU D 260 -2.92 -26.21 -46.35
CA GLU D 260 -3.24 -27.26 -45.39
C GLU D 260 -3.19 -26.78 -43.95
N THR D 261 -2.14 -26.02 -43.55
CA THR D 261 -2.08 -25.51 -42.18
C THR D 261 -3.23 -24.52 -41.94
N SER D 262 -3.52 -23.70 -42.96
CA SER D 262 -4.62 -22.75 -42.94
C SER D 262 -5.97 -23.50 -42.75
N ASP D 263 -6.17 -24.59 -43.48
CA ASP D 263 -7.40 -25.39 -43.42
C ASP D 263 -7.64 -25.95 -41.99
N VAL D 264 -6.60 -26.49 -41.35
CA VAL D 264 -6.69 -27.00 -40.00
C VAL D 264 -7.04 -25.85 -39.02
N ALA D 265 -6.32 -24.72 -39.12
CA ALA D 265 -6.56 -23.59 -38.24
C ALA D 265 -7.97 -23.04 -38.41
N ASN D 266 -8.45 -22.96 -39.66
CA ASN D 266 -9.79 -22.45 -39.94
C ASN D 266 -10.91 -23.42 -39.51
N ALA D 267 -10.68 -24.73 -39.54
CA ALA D 267 -11.67 -25.69 -39.04
C ALA D 267 -11.86 -25.49 -37.51
N VAL D 268 -10.74 -25.27 -36.78
CA VAL D 268 -10.81 -24.99 -35.34
C VAL D 268 -11.49 -23.64 -35.08
N LEU D 269 -11.11 -22.59 -35.84
CA LEU D 269 -11.74 -21.28 -35.69
C LEU D 269 -13.24 -21.34 -36.05
N ASP D 270 -13.64 -22.19 -37.02
CA ASP D 270 -15.04 -22.35 -37.39
C ASP D 270 -15.88 -22.89 -36.21
N GLY D 271 -15.26 -23.72 -35.37
CA GLY D 271 -15.91 -24.31 -34.19
C GLY D 271 -15.92 -25.83 -34.16
N ALA D 272 -15.08 -26.48 -35.00
CA ALA D 272 -15.07 -27.95 -35.03
C ALA D 272 -14.65 -28.54 -33.70
N ASP D 273 -15.35 -29.57 -33.24
CA ASP D 273 -14.95 -30.25 -32.01
C ASP D 273 -13.77 -31.16 -32.28
N CYS D 274 -13.74 -31.79 -33.47
CA CYS D 274 -12.70 -32.75 -33.85
C CYS D 274 -12.19 -32.44 -35.24
N ILE D 275 -10.92 -32.77 -35.46
CA ILE D 275 -10.28 -32.70 -36.76
C ILE D 275 -9.77 -34.12 -37.08
N MET D 276 -9.69 -34.48 -38.36
CA MET D 276 -9.37 -35.84 -38.75
C MET D 276 -8.22 -35.97 -39.74
N LEU D 277 -7.57 -37.12 -39.69
CA LEU D 277 -6.50 -37.55 -40.58
C LEU D 277 -6.95 -38.89 -41.18
N SER D 278 -6.83 -39.03 -42.49
CA SER D 278 -7.22 -40.25 -43.20
C SER D 278 -5.95 -40.95 -43.74
N GLY D 279 -5.62 -40.77 -45.03
CA GLY D 279 -4.41 -41.36 -45.59
C GLY D 279 -3.14 -40.90 -44.88
N GLU D 280 -3.16 -39.68 -44.28
CA GLU D 280 -2.01 -39.12 -43.54
C GLU D 280 -1.55 -40.05 -42.42
N THR D 281 -2.47 -40.80 -41.78
CA THR D 281 -2.06 -41.74 -40.73
C THR D 281 -2.30 -43.18 -41.14
N ALA D 282 -3.24 -43.45 -42.07
CA ALA D 282 -3.54 -44.82 -42.45
C ALA D 282 -2.48 -45.43 -43.33
N LYS D 283 -1.92 -44.66 -44.27
CA LYS D 283 -1.00 -45.23 -45.24
C LYS D 283 0.24 -44.42 -45.55
N GLY D 284 0.30 -43.18 -45.06
CA GLY D 284 1.42 -42.31 -45.38
C GLY D 284 2.72 -42.59 -44.66
N ASN D 285 3.75 -41.84 -45.00
CA ASN D 285 5.07 -42.01 -44.41
C ASN D 285 5.33 -41.15 -43.18
N PHE D 286 4.37 -40.28 -42.79
CA PHE D 286 4.56 -39.40 -41.64
C PHE D 286 3.35 -39.44 -40.67
N PRO D 287 2.85 -40.62 -40.26
CA PRO D 287 1.66 -40.64 -39.40
C PRO D 287 1.82 -39.89 -38.09
N VAL D 288 2.97 -40.08 -37.38
CA VAL D 288 3.19 -39.42 -36.12
C VAL D 288 3.34 -37.91 -36.32
N GLU D 289 4.07 -37.51 -37.36
CA GLU D 289 4.28 -36.09 -37.66
C GLU D 289 2.99 -35.40 -38.03
N ALA D 290 2.06 -36.11 -38.72
CA ALA D 290 0.78 -35.53 -39.12
C ALA D 290 -0.06 -35.23 -37.85
N VAL D 291 -0.03 -36.14 -36.87
CA VAL D 291 -0.73 -35.97 -35.61
C VAL D 291 -0.10 -34.78 -34.85
N LYS D 292 1.25 -34.72 -34.81
CA LYS D 292 1.95 -33.62 -34.14
C LYS D 292 1.63 -32.27 -34.78
N MET D 293 1.49 -32.22 -36.11
CA MET D 293 1.18 -30.99 -36.85
C MET D 293 -0.25 -30.53 -36.53
N GLN D 294 -1.24 -31.45 -36.53
CA GLN D 294 -2.61 -31.08 -36.15
C GLN D 294 -2.66 -30.58 -34.72
N HIS D 295 -1.89 -31.21 -33.82
CA HIS D 295 -1.81 -30.78 -32.43
C HIS D 295 -1.29 -29.35 -32.32
N ALA D 296 -0.16 -29.07 -32.97
CA ALA D 296 0.48 -27.75 -32.94
C ALA D 296 -0.43 -26.65 -33.49
N ILE D 297 -1.08 -26.90 -34.65
CA ILE D 297 -1.97 -25.91 -35.24
C ILE D 297 -3.20 -25.67 -34.38
N ALA D 298 -3.86 -26.76 -33.91
CA ALA D 298 -5.07 -26.62 -33.10
C ALA D 298 -4.83 -25.79 -31.84
N ARG D 299 -3.69 -25.99 -31.16
CA ARG D 299 -3.38 -25.19 -29.96
C ARG D 299 -3.28 -23.70 -30.29
N GLU D 300 -2.62 -23.35 -31.41
CA GLU D 300 -2.48 -21.96 -31.81
C GLU D 300 -3.86 -21.37 -32.14
N ALA D 301 -4.69 -22.13 -32.88
CA ALA D 301 -5.99 -21.66 -33.32
C ALA D 301 -6.98 -21.50 -32.19
N GLU D 302 -6.92 -22.36 -31.18
CA GLU D 302 -7.82 -22.27 -30.02
C GLU D 302 -7.57 -20.99 -29.22
N ALA D 303 -6.30 -20.57 -29.11
CA ALA D 303 -5.99 -19.32 -28.40
C ALA D 303 -6.47 -18.10 -29.19
N ALA D 304 -6.53 -18.21 -30.54
CA ALA D 304 -6.99 -17.17 -31.44
C ALA D 304 -8.52 -17.08 -31.57
N VAL D 305 -9.29 -17.93 -30.89
CA VAL D 305 -10.75 -17.87 -30.88
C VAL D 305 -11.18 -16.59 -30.12
N TYR D 306 -12.11 -15.83 -30.69
CA TYR D 306 -12.58 -14.60 -30.07
C TYR D 306 -13.70 -14.95 -29.08
N HIS D 307 -13.34 -15.45 -27.88
CA HIS D 307 -14.29 -15.90 -26.86
C HIS D 307 -15.29 -14.83 -26.43
N ARG D 308 -14.91 -13.54 -26.45
CA ARG D 308 -15.83 -12.47 -26.04
C ARG D 308 -17.13 -12.51 -26.85
N GLN D 309 -17.02 -12.58 -28.19
CA GLN D 309 -18.21 -12.64 -29.02
C GLN D 309 -18.83 -14.05 -29.02
N LEU D 310 -17.97 -15.09 -29.09
CA LEU D 310 -18.46 -16.46 -29.10
C LEU D 310 -19.32 -16.81 -27.86
N PHE D 311 -18.83 -16.53 -26.63
CA PHE D 311 -19.61 -16.83 -25.42
C PHE D 311 -20.90 -16.05 -25.40
N GLU D 312 -20.86 -14.76 -25.77
CA GLU D 312 -22.04 -13.91 -25.82
C GLU D 312 -23.11 -14.48 -26.78
N GLU D 313 -22.67 -14.94 -27.96
CA GLU D 313 -23.59 -15.50 -28.94
C GLU D 313 -24.12 -16.87 -28.57
N LEU D 314 -23.30 -17.72 -27.93
CA LEU D 314 -23.77 -19.04 -27.50
C LEU D 314 -24.81 -18.88 -26.39
N ARG D 315 -24.60 -17.93 -25.45
CA ARG D 315 -25.56 -17.69 -24.36
C ARG D 315 -26.88 -17.16 -24.93
N ARG D 316 -26.81 -16.17 -25.83
CA ARG D 316 -27.99 -15.55 -26.41
C ARG D 316 -28.83 -16.55 -27.21
N ALA D 317 -28.17 -17.42 -27.98
CA ALA D 317 -28.86 -18.40 -28.81
C ALA D 317 -29.38 -19.59 -28.04
N ALA D 318 -28.71 -19.98 -26.96
CA ALA D 318 -29.13 -21.14 -26.18
C ALA D 318 -30.45 -20.86 -25.48
N PRO D 319 -31.43 -21.75 -25.70
CA PRO D 319 -32.76 -21.51 -25.10
C PRO D 319 -32.76 -21.62 -23.57
N LEU D 320 -33.80 -21.07 -22.95
CA LEU D 320 -34.01 -21.18 -21.52
C LEU D 320 -34.18 -22.66 -21.15
N SER D 321 -33.69 -23.07 -19.99
CA SER D 321 -33.77 -24.47 -19.61
C SER D 321 -34.17 -24.67 -18.20
N ARG D 322 -34.96 -25.70 -17.95
CA ARG D 322 -35.32 -26.09 -16.59
C ARG D 322 -34.54 -27.35 -16.12
N ASP D 323 -33.54 -27.79 -16.89
CA ASP D 323 -32.73 -28.95 -16.55
C ASP D 323 -31.60 -28.47 -15.65
N PRO D 324 -31.49 -28.99 -14.42
CA PRO D 324 -30.43 -28.52 -13.50
C PRO D 324 -29.01 -28.71 -13.99
N THR D 325 -28.74 -29.76 -14.80
CA THR D 325 -27.39 -29.96 -15.34
C THR D 325 -27.04 -28.81 -16.28
N GLU D 326 -27.96 -28.44 -17.15
CA GLU D 326 -27.79 -27.36 -18.12
C GLU D 326 -27.62 -26.01 -17.40
N VAL D 327 -28.46 -25.78 -16.35
CA VAL D 327 -28.40 -24.55 -15.57
C VAL D 327 -27.07 -24.44 -14.80
N THR D 328 -26.61 -25.56 -14.21
CA THR D 328 -25.33 -25.57 -13.49
C THR D 328 -24.19 -25.31 -14.47
N ALA D 329 -24.25 -25.93 -15.68
CA ALA D 329 -23.19 -25.77 -16.68
C ALA D 329 -22.96 -24.31 -17.08
N ILE D 330 -24.01 -23.54 -17.37
CA ILE D 330 -23.83 -22.13 -17.76
C ILE D 330 -23.32 -21.30 -16.57
N GLY D 331 -23.79 -21.58 -15.35
CA GLY D 331 -23.30 -20.90 -14.16
C GLY D 331 -21.82 -21.17 -13.94
N ALA D 332 -21.39 -22.44 -14.16
CA ALA D 332 -20.00 -22.83 -14.00
C ALA D 332 -19.08 -22.20 -15.03
N VAL D 333 -19.53 -22.10 -16.29
CA VAL D 333 -18.72 -21.50 -17.36
C VAL D 333 -18.59 -19.99 -17.11
N GLU D 334 -19.67 -19.34 -16.66
CA GLU D 334 -19.64 -17.92 -16.34
CA GLU D 334 -19.65 -17.92 -16.34
C GLU D 334 -18.67 -17.67 -15.17
N ALA D 335 -18.74 -18.50 -14.12
CA ALA D 335 -17.85 -18.40 -12.97
C ALA D 335 -16.38 -18.61 -13.41
N ALA D 336 -16.13 -19.59 -14.30
CA ALA D 336 -14.78 -19.87 -14.77
C ALA D 336 -14.17 -18.66 -15.52
N PHE D 337 -14.95 -18.01 -16.37
CA PHE D 337 -14.48 -16.81 -17.10
C PHE D 337 -14.20 -15.64 -16.14
N LYS D 338 -15.02 -15.49 -15.09
CA LYS D 338 -14.89 -14.41 -14.12
C LYS D 338 -13.54 -14.43 -13.37
N CYS D 339 -13.07 -15.63 -13.01
CA CYS D 339 -11.83 -15.76 -12.25
C CYS D 339 -10.66 -16.29 -13.04
N CYS D 340 -10.77 -16.44 -14.39
CA CYS D 340 -9.69 -17.02 -15.20
C CYS D 340 -9.34 -18.40 -14.68
N ALA D 341 -10.39 -19.21 -14.34
CA ALA D 341 -10.16 -20.56 -13.80
C ALA D 341 -9.29 -21.40 -14.75
N ALA D 342 -8.32 -22.12 -14.23
CA ALA D 342 -7.47 -22.99 -15.05
C ALA D 342 -8.27 -24.19 -15.55
N ALA D 343 -9.29 -24.64 -14.78
CA ALA D 343 -10.08 -25.80 -15.18
C ALA D 343 -11.46 -25.86 -14.53
N ILE D 344 -12.37 -26.61 -15.14
CA ILE D 344 -13.67 -26.95 -14.58
C ILE D 344 -13.56 -28.47 -14.38
N ILE D 345 -13.57 -28.97 -13.13
CA ILE D 345 -13.50 -30.39 -12.86
C ILE D 345 -14.94 -30.91 -12.67
N VAL D 346 -15.37 -31.84 -13.53
CA VAL D 346 -16.72 -32.35 -13.47
C VAL D 346 -16.74 -33.87 -13.29
N LEU D 347 -17.63 -34.37 -12.41
CA LEU D 347 -17.82 -35.81 -12.27
C LEU D 347 -18.95 -36.17 -13.22
N THR D 348 -18.77 -37.24 -13.99
CA THR D 348 -19.78 -37.64 -14.97
C THR D 348 -19.83 -39.15 -15.12
N THR D 349 -21.03 -39.72 -15.31
CA THR D 349 -21.22 -41.14 -15.49
C THR D 349 -21.31 -41.46 -16.99
N THR D 350 -22.11 -40.68 -17.74
CA THR D 350 -22.35 -40.90 -19.16
C THR D 350 -21.55 -39.92 -20.07
N GLY D 351 -20.97 -38.88 -19.49
CA GLY D 351 -20.30 -37.81 -20.22
C GLY D 351 -21.17 -36.57 -20.41
N ARG D 352 -22.47 -36.68 -20.16
CA ARG D 352 -23.42 -35.59 -20.40
C ARG D 352 -23.11 -34.27 -19.68
N SER D 353 -22.74 -34.31 -18.39
CA SER D 353 -22.43 -33.08 -17.65
C SER D 353 -21.24 -32.35 -18.28
N ALA D 354 -20.24 -33.11 -18.79
CA ALA D 354 -19.07 -32.53 -19.44
C ALA D 354 -19.44 -31.95 -20.81
N GLN D 355 -20.33 -32.63 -21.54
CA GLN D 355 -20.79 -32.16 -22.84
C GLN D 355 -21.54 -30.80 -22.70
N LEU D 356 -22.38 -30.67 -21.65
CA LEU D 356 -23.12 -29.43 -21.44
C LEU D 356 -22.22 -28.26 -21.04
N LEU D 357 -21.05 -28.54 -20.44
CA LEU D 357 -20.08 -27.50 -20.12
C LEU D 357 -19.37 -27.08 -21.42
N SER D 358 -18.97 -28.07 -22.23
CA SER D 358 -18.26 -27.92 -23.51
C SER D 358 -19.04 -27.06 -24.53
N ARG D 359 -20.37 -27.18 -24.54
CA ARG D 359 -21.19 -26.44 -25.49
C ARG D 359 -21.06 -24.90 -25.31
N TYR D 360 -20.68 -24.43 -24.12
CA TYR D 360 -20.48 -22.99 -23.87
C TYR D 360 -19.07 -22.52 -24.18
N ARG D 361 -18.22 -23.41 -24.72
CA ARG D 361 -16.86 -23.14 -25.13
C ARG D 361 -16.04 -22.36 -24.09
N PRO D 362 -15.92 -22.89 -22.85
CA PRO D 362 -15.06 -22.21 -21.87
C PRO D 362 -13.60 -22.24 -22.31
N ARG D 363 -12.83 -21.23 -21.91
CA ARG D 363 -11.39 -21.23 -22.14
C ARG D 363 -10.77 -22.25 -21.11
N ALA D 364 -11.37 -22.37 -19.89
CA ALA D 364 -10.92 -23.34 -18.88
C ALA D 364 -11.12 -24.76 -19.41
N ALA D 365 -10.11 -25.62 -19.19
CA ALA D 365 -10.17 -27.02 -19.61
C ALA D 365 -11.28 -27.72 -18.81
N VAL D 366 -12.06 -28.60 -19.42
CA VAL D 366 -13.09 -29.35 -18.70
C VAL D 366 -12.49 -30.72 -18.37
N ILE D 367 -12.05 -30.92 -17.13
CA ILE D 367 -11.45 -32.18 -16.70
C ILE D 367 -12.60 -33.09 -16.22
N ALA D 368 -12.93 -34.12 -17.02
CA ALA D 368 -14.06 -34.98 -16.70
C ALA D 368 -13.61 -36.26 -16.04
N VAL D 369 -13.98 -36.46 -14.76
CA VAL D 369 -13.60 -37.65 -14.03
C VAL D 369 -14.73 -38.65 -14.08
N THR D 370 -14.47 -39.86 -14.57
CA THR D 370 -15.49 -40.87 -14.70
C THR D 370 -14.97 -42.25 -14.41
N ARG D 371 -15.86 -43.17 -13.98
CA ARG D 371 -15.53 -44.58 -13.83
C ARG D 371 -15.85 -45.37 -15.08
N SER D 372 -16.67 -44.81 -15.99
CA SER D 372 -17.03 -45.49 -17.21
C SER D 372 -15.91 -45.35 -18.24
N ALA D 373 -15.30 -46.48 -18.60
CA ALA D 373 -14.23 -46.48 -19.60
C ALA D 373 -14.79 -46.04 -20.95
N GLN D 374 -16.01 -46.45 -21.30
CA GLN D 374 -16.62 -46.04 -22.55
C GLN D 374 -16.93 -44.53 -22.58
N ALA D 375 -17.48 -43.97 -21.51
CA ALA D 375 -17.75 -42.52 -21.47
C ALA D 375 -16.45 -41.73 -21.54
N ALA D 376 -15.39 -42.24 -20.92
CA ALA D 376 -14.08 -41.57 -20.96
C ALA D 376 -13.57 -41.50 -22.41
N ARG D 377 -13.77 -42.57 -23.18
CA ARG D 377 -13.39 -42.58 -24.59
C ARG D 377 -14.30 -41.65 -25.43
N GLN D 378 -15.61 -41.74 -25.23
CA GLN D 378 -16.57 -40.97 -26.01
C GLN D 378 -16.52 -39.45 -25.81
N VAL D 379 -16.17 -38.94 -24.61
CA VAL D 379 -16.17 -37.48 -24.40
C VAL D 379 -15.08 -36.75 -25.20
N HIS D 380 -14.14 -37.50 -25.84
CA HIS D 380 -13.18 -36.89 -26.77
C HIS D 380 -13.92 -36.23 -27.94
N LEU D 381 -15.19 -36.59 -28.20
CA LEU D 381 -15.96 -35.95 -29.27
C LEU D 381 -16.26 -34.48 -28.97
N CYS D 382 -16.23 -34.07 -27.67
CA CYS D 382 -16.60 -32.73 -27.24
C CYS D 382 -15.39 -31.86 -27.01
N ARG D 383 -15.31 -30.69 -27.69
CA ARG D 383 -14.16 -29.81 -27.52
C ARG D 383 -13.88 -29.40 -26.09
N GLY D 384 -12.62 -29.48 -25.71
CA GLY D 384 -12.17 -29.04 -24.41
C GLY D 384 -12.45 -29.96 -23.25
N VAL D 385 -12.88 -31.20 -23.53
CA VAL D 385 -13.12 -32.17 -22.48
C VAL D 385 -11.90 -33.11 -22.42
N PHE D 386 -11.26 -33.18 -21.23
CA PHE D 386 -10.10 -34.00 -20.97
C PHE D 386 -10.55 -35.13 -20.02
N PRO D 387 -10.78 -36.34 -20.57
CA PRO D 387 -11.25 -37.44 -19.73
C PRO D 387 -10.19 -38.11 -18.86
N LEU D 388 -10.58 -38.38 -17.61
CA LEU D 388 -9.73 -39.08 -16.66
C LEU D 388 -10.50 -40.30 -16.19
N LEU D 389 -9.96 -41.48 -16.43
CA LEU D 389 -10.61 -42.71 -16.02
C LEU D 389 -10.21 -43.03 -14.58
N TYR D 390 -11.20 -43.06 -13.69
CA TYR D 390 -10.99 -43.36 -12.28
C TYR D 390 -11.23 -44.87 -12.05
N ARG D 391 -10.26 -45.57 -11.46
CA ARG D 391 -10.35 -47.03 -11.32
C ARG D 391 -10.60 -47.55 -9.92
N GLU D 392 -10.55 -46.68 -8.90
CA GLU D 392 -10.74 -47.14 -7.52
C GLU D 392 -12.19 -47.55 -7.26
N PRO D 393 -12.40 -48.61 -6.47
CA PRO D 393 -13.79 -49.00 -6.15
C PRO D 393 -14.43 -47.93 -5.24
N PRO D 394 -15.76 -47.82 -5.25
CA PRO D 394 -16.42 -46.79 -4.42
C PRO D 394 -16.14 -46.84 -2.93
N GLU D 395 -15.93 -45.66 -2.32
CA GLU D 395 -15.78 -45.48 -0.89
C GLU D 395 -17.14 -45.74 -0.22
N ALA D 396 -17.14 -46.12 1.07
CA ALA D 396 -18.37 -46.40 1.80
C ALA D 396 -19.19 -45.12 1.97
N ILE D 397 -18.54 -43.98 2.22
CA ILE D 397 -19.24 -42.72 2.35
C ILE D 397 -19.22 -42.01 0.98
N TRP D 398 -20.42 -41.78 0.41
CA TRP D 398 -20.53 -41.19 -0.92
C TRP D 398 -19.82 -39.82 -1.05
N ALA D 399 -19.97 -38.94 -0.07
CA ALA D 399 -19.28 -37.65 -0.08
C ALA D 399 -17.75 -37.82 -0.14
N ASP D 400 -17.19 -38.86 0.52
CA ASP D 400 -15.75 -39.12 0.45
C ASP D 400 -15.37 -39.62 -0.94
N ASP D 401 -16.22 -40.44 -1.56
CA ASP D 401 -15.96 -40.96 -2.89
C ASP D 401 -15.93 -39.81 -3.92
N VAL D 402 -16.84 -38.84 -3.76
CA VAL D 402 -16.92 -37.65 -4.60
C VAL D 402 -15.63 -36.84 -4.43
N ASP D 403 -15.23 -36.57 -3.18
CA ASP D 403 -14.01 -35.84 -2.85
C ASP D 403 -12.76 -36.50 -3.39
N ARG D 404 -12.67 -37.84 -3.31
CA ARG D 404 -11.50 -38.56 -3.83
C ARG D 404 -11.37 -38.39 -5.33
N ARG D 405 -12.50 -38.41 -6.04
CA ARG D 405 -12.51 -38.23 -7.48
C ARG D 405 -12.11 -36.80 -7.87
N VAL D 406 -12.53 -35.78 -7.11
CA VAL D 406 -12.16 -34.39 -7.36
C VAL D 406 -10.63 -34.25 -7.12
N GLN D 407 -10.12 -34.85 -6.04
CA GLN D 407 -8.67 -34.82 -5.75
C GLN D 407 -7.86 -35.53 -6.83
N PHE D 408 -8.40 -36.60 -7.37
CA PHE D 408 -7.77 -37.32 -8.47
C PHE D 408 -7.66 -36.41 -9.73
N GLY D 409 -8.72 -35.63 -10.00
CA GLY D 409 -8.73 -34.68 -11.10
C GLY D 409 -7.67 -33.60 -10.89
N ILE D 410 -7.53 -33.11 -9.65
CA ILE D 410 -6.52 -32.11 -9.29
C ILE D 410 -5.10 -32.67 -9.44
N GLU D 411 -4.83 -33.86 -8.89
CA GLU D 411 -3.52 -34.48 -8.99
C GLU D 411 -3.14 -34.80 -10.43
N SER D 412 -4.11 -35.26 -11.25
CA SER D 412 -3.86 -35.53 -12.67
C SER D 412 -3.54 -34.21 -13.38
N GLY D 413 -4.33 -33.18 -13.09
CA GLY D 413 -4.18 -31.85 -13.66
C GLY D 413 -2.82 -31.24 -13.37
N LYS D 414 -2.34 -31.38 -12.11
CA LYS D 414 -1.03 -30.88 -11.71
C LYS D 414 0.09 -31.61 -12.47
N LEU D 415 0.03 -32.94 -12.54
CA LEU D 415 1.03 -33.75 -13.24
C LEU D 415 1.05 -33.42 -14.73
N ARG D 416 -0.12 -33.21 -15.34
CA ARG D 416 -0.19 -32.93 -16.78
C ARG D 416 0.07 -31.46 -17.17
N GLY D 417 0.18 -30.56 -16.19
CA GLY D 417 0.45 -29.16 -16.48
C GLY D 417 -0.77 -28.27 -16.61
N PHE D 418 -1.97 -28.81 -16.35
CA PHE D 418 -3.20 -28.01 -16.40
C PHE D 418 -3.30 -27.08 -15.20
N LEU D 419 -2.84 -27.54 -14.04
CA LEU D 419 -3.03 -26.80 -12.79
C LEU D 419 -1.76 -26.62 -12.03
N ARG D 420 -1.72 -25.55 -11.27
CA ARG D 420 -0.63 -25.23 -10.35
C ARG D 420 -1.24 -24.71 -9.06
N VAL D 421 -0.47 -24.76 -7.97
CA VAL D 421 -0.87 -24.23 -6.66
C VAL D 421 -1.18 -22.74 -6.81
N GLY D 422 -2.31 -22.31 -6.27
CA GLY D 422 -2.75 -20.92 -6.41
C GLY D 422 -3.80 -20.72 -7.48
N ASP D 423 -3.95 -21.69 -8.41
CA ASP D 423 -4.99 -21.58 -9.44
C ASP D 423 -6.39 -21.72 -8.81
N LEU D 424 -7.40 -21.17 -9.48
CA LEU D 424 -8.78 -21.37 -9.07
C LEU D 424 -9.36 -22.38 -10.04
N VAL D 425 -10.20 -23.27 -9.52
CA VAL D 425 -10.88 -24.24 -10.34
C VAL D 425 -12.38 -24.22 -9.96
N ILE D 426 -13.23 -24.53 -10.92
CA ILE D 426 -14.66 -24.66 -10.69
C ILE D 426 -14.92 -26.18 -10.62
N VAL D 427 -15.61 -26.64 -9.56
CA VAL D 427 -15.91 -28.06 -9.34
C VAL D 427 -17.44 -28.29 -9.52
N VAL D 428 -17.82 -29.16 -10.49
CA VAL D 428 -19.20 -29.47 -10.82
C VAL D 428 -19.53 -30.90 -10.42
N THR D 429 -20.46 -31.05 -9.48
CA THR D 429 -20.92 -32.34 -8.94
C THR D 429 -22.48 -32.37 -8.86
N GLY D 430 -23.04 -33.47 -8.35
CA GLY D 430 -24.48 -33.62 -8.15
C GLY D 430 -24.86 -33.91 -6.71
N TRP D 431 -26.15 -33.97 -6.42
CA TRP D 431 -26.64 -34.14 -5.05
C TRP D 431 -26.84 -35.59 -4.62
N ARG D 432 -26.80 -36.52 -5.58
CA ARG D 432 -26.96 -37.93 -5.26
C ARG D 432 -26.21 -38.80 -6.28
N PRO D 433 -25.90 -40.07 -5.92
CA PRO D 433 -25.24 -40.97 -6.92
C PRO D 433 -26.15 -41.24 -8.13
N GLY D 434 -25.53 -41.68 -9.21
CA GLY D 434 -26.25 -41.97 -10.44
C GLY D 434 -26.23 -40.78 -11.39
N SER D 435 -26.38 -41.08 -12.67
CA SER D 435 -26.41 -40.11 -13.77
CA SER D 435 -26.35 -40.03 -13.69
C SER D 435 -27.65 -39.20 -13.72
N GLY D 436 -27.53 -37.95 -14.18
CA GLY D 436 -28.67 -37.03 -14.30
C GLY D 436 -28.95 -36.08 -13.15
N TYR D 437 -28.13 -36.10 -12.09
CA TYR D 437 -28.38 -35.26 -10.92
C TYR D 437 -27.33 -34.16 -10.67
N THR D 438 -26.54 -33.77 -11.69
CA THR D 438 -25.61 -32.64 -11.52
C THR D 438 -26.42 -31.36 -11.19
N ASN D 439 -26.02 -30.68 -10.14
CA ASN D 439 -26.72 -29.47 -9.74
C ASN D 439 -25.85 -28.54 -8.88
N ILE D 440 -24.54 -28.82 -8.72
CA ILE D 440 -23.69 -28.03 -7.83
C ILE D 440 -22.44 -27.51 -8.53
N MET D 441 -22.13 -26.24 -8.30
CA MET D 441 -20.93 -25.60 -8.81
C MET D 441 -20.17 -24.98 -7.59
N ARG D 442 -18.86 -25.22 -7.50
CA ARG D 442 -18.09 -24.75 -6.36
C ARG D 442 -16.68 -24.17 -6.73
N VAL D 443 -16.36 -23.00 -6.18
CA VAL D 443 -15.08 -22.33 -6.47
C VAL D 443 -14.01 -22.83 -5.50
N LEU D 444 -12.96 -23.46 -6.00
CA LEU D 444 -11.93 -24.07 -5.19
C LEU D 444 -10.53 -23.54 -5.49
N SER D 445 -9.75 -23.25 -4.46
CA SER D 445 -8.37 -22.81 -4.62
C SER D 445 -7.47 -24.05 -4.62
N ILE D 446 -6.54 -24.15 -5.58
CA ILE D 446 -5.62 -25.29 -5.63
C ILE D 446 -4.51 -25.12 -4.59
N SER D 447 -4.38 -26.09 -3.68
CA SER D 447 -3.33 -26.06 -2.66
C SER D 447 -2.28 -27.17 -2.90
N ALA E 25 24.98 -21.23 14.19
CA ALA E 25 26.09 -20.30 14.30
C ALA E 25 26.44 -19.98 15.75
N PHE E 26 27.71 -19.63 16.01
CA PHE E 26 28.20 -19.27 17.34
C PHE E 26 27.42 -18.07 17.90
N PHE E 27 27.21 -17.04 17.06
CA PHE E 27 26.53 -15.82 17.50
C PHE E 27 25.00 -15.93 17.55
N GLN E 28 24.43 -17.10 17.22
CA GLN E 28 22.98 -17.30 17.34
C GLN E 28 22.63 -18.03 18.66
N GLN E 29 23.57 -18.82 19.20
CA GLN E 29 23.45 -19.57 20.45
C GLN E 29 23.60 -18.68 21.69
N GLN E 30 23.35 -19.25 22.89
CA GLN E 30 23.49 -18.65 24.22
C GLN E 30 22.96 -17.21 24.33
N GLN E 31 21.83 -16.93 23.65
CA GLN E 31 21.19 -15.62 23.63
C GLN E 31 22.14 -14.48 23.27
N LEU E 32 23.11 -14.75 22.36
CA LEU E 32 24.06 -13.73 21.96
C LEU E 32 23.40 -12.55 21.23
N PRO E 33 22.38 -12.70 20.36
CA PRO E 33 21.72 -11.50 19.81
C PRO E 33 21.12 -10.62 20.92
N ALA E 34 20.50 -11.22 21.95
CA ALA E 34 19.95 -10.45 23.08
C ALA E 34 21.07 -9.83 23.94
N ALA E 35 22.24 -10.48 23.99
CA ALA E 35 23.39 -10.00 24.74
C ALA E 35 23.98 -8.73 24.11
N MET E 36 23.92 -8.61 22.77
CA MET E 36 24.47 -7.45 22.08
C MET E 36 23.54 -6.24 22.02
N ALA E 37 22.32 -6.33 22.61
CA ALA E 37 21.36 -5.24 22.58
C ALA E 37 21.80 -3.97 23.29
N ASP E 38 21.38 -2.82 22.77
CA ASP E 38 21.75 -1.52 23.32
C ASP E 38 20.92 -1.07 24.51
N THR E 39 19.72 -1.65 24.69
CA THR E 39 18.87 -1.33 25.85
C THR E 39 18.33 -2.63 26.47
N PHE E 40 17.89 -2.57 27.73
CA PHE E 40 17.29 -3.73 28.39
C PHE E 40 15.99 -4.13 27.69
N LEU E 41 15.18 -3.15 27.23
CA LEU E 41 13.95 -3.44 26.50
C LEU E 41 14.27 -4.22 25.20
N GLU E 42 15.28 -3.79 24.43
CA GLU E 42 15.69 -4.48 23.20
CA GLU E 42 15.67 -4.49 23.21
C GLU E 42 16.22 -5.89 23.53
N HIS E 43 16.93 -6.02 24.65
CA HIS E 43 17.47 -7.29 25.13
C HIS E 43 16.31 -8.29 25.34
N LEU E 44 15.23 -7.84 26.01
CA LEU E 44 14.05 -8.69 26.24
C LEU E 44 13.43 -9.10 24.91
N CYS E 45 13.23 -8.13 23.99
CA CYS E 45 12.63 -8.37 22.68
C CYS E 45 13.41 -9.39 21.85
N LEU E 46 14.73 -9.52 22.08
CA LEU E 46 15.58 -10.44 21.32
C LEU E 46 15.76 -11.81 21.95
N LEU E 47 15.17 -12.07 23.14
CA LEU E 47 15.29 -13.40 23.77
C LEU E 47 14.62 -14.43 22.86
N ASP E 48 15.31 -15.54 22.62
CA ASP E 48 14.86 -16.53 21.65
C ASP E 48 14.82 -17.94 22.23
N ILE E 49 13.65 -18.56 22.22
CA ILE E 49 13.50 -19.93 22.73
C ILE E 49 14.29 -20.97 21.90
N ASP E 50 14.64 -20.64 20.66
CA ASP E 50 15.44 -21.52 19.81
C ASP E 50 16.96 -21.30 20.00
N SER E 51 17.39 -20.30 20.78
CA SER E 51 18.80 -20.03 21.03
C SER E 51 19.25 -20.91 22.20
N GLU E 52 19.96 -22.00 21.88
CA GLU E 52 20.35 -23.00 22.88
C GLU E 52 21.51 -22.60 23.77
N PRO E 53 21.42 -22.91 25.07
CA PRO E 53 22.54 -22.60 25.98
C PRO E 53 23.76 -23.46 25.65
N VAL E 54 24.95 -22.89 25.75
CA VAL E 54 26.18 -23.63 25.46
C VAL E 54 27.09 -23.70 26.68
N ALA E 55 27.17 -22.62 27.45
CA ALA E 55 27.99 -22.57 28.65
C ALA E 55 27.52 -23.54 29.74
N ALA E 56 28.46 -23.96 30.59
CA ALA E 56 28.16 -24.84 31.70
C ALA E 56 27.31 -24.07 32.73
N ARG E 57 26.42 -24.78 33.44
CA ARG E 57 25.53 -24.17 34.42
C ARG E 57 26.35 -23.58 35.57
N SER E 58 26.21 -22.28 35.81
CA SER E 58 27.01 -21.56 36.77
C SER E 58 26.37 -21.35 38.15
N THR E 59 25.04 -21.39 38.27
CA THR E 59 24.38 -21.21 39.57
C THR E 59 24.36 -22.56 40.29
N SER E 60 24.96 -22.67 41.49
CA SER E 60 25.01 -23.94 42.20
C SER E 60 23.67 -24.37 42.74
N ILE E 61 23.47 -25.68 42.83
CA ILE E 61 22.24 -26.25 43.37
C ILE E 61 22.52 -26.86 44.74
N ILE E 62 21.76 -26.44 45.74
CA ILE E 62 21.86 -26.99 47.08
C ILE E 62 20.66 -27.93 47.24
N ALA E 63 20.89 -29.20 47.57
CA ALA E 63 19.80 -30.15 47.77
C ALA E 63 19.78 -30.59 49.22
N THR E 64 18.62 -30.56 49.86
CA THR E 64 18.49 -30.97 51.26
C THR E 64 18.42 -32.49 51.31
N ILE E 65 19.25 -33.10 52.16
CA ILE E 65 19.28 -34.55 52.32
C ILE E 65 18.23 -35.01 53.34
N GLY E 66 17.50 -36.04 52.98
CA GLY E 66 16.48 -36.61 53.85
C GLY E 66 16.15 -38.03 53.44
N PRO E 67 15.02 -38.58 53.93
CA PRO E 67 14.66 -39.96 53.57
C PRO E 67 14.58 -40.26 52.08
N ALA E 68 14.18 -39.26 51.25
CA ALA E 68 14.08 -39.46 49.80
C ALA E 68 15.42 -39.37 49.07
N SER E 69 16.47 -38.89 49.72
CA SER E 69 17.74 -38.67 49.05
C SER E 69 18.95 -39.10 49.88
N ARG E 70 18.77 -40.06 50.77
CA ARG E 70 19.83 -40.50 51.68
C ARG E 70 20.70 -41.65 51.17
N SER E 71 20.15 -42.57 50.37
CA SER E 71 20.92 -43.72 49.90
C SER E 71 22.08 -43.33 49.01
N VAL E 72 23.15 -44.13 49.02
CA VAL E 72 24.35 -43.88 48.24
C VAL E 72 24.03 -43.88 46.74
N GLU E 73 23.19 -44.83 46.30
CA GLU E 73 22.81 -44.94 44.89
C GLU E 73 21.98 -43.73 44.44
N ARG E 74 21.06 -43.23 45.30
CA ARG E 74 20.23 -42.06 45.02
C ARG E 74 21.12 -40.81 44.96
N LEU E 75 22.07 -40.70 45.90
CA LEU E 75 23.02 -39.58 45.96
C LEU E 75 23.92 -39.52 44.72
N LYS E 76 24.30 -40.66 44.14
CA LYS E 76 25.10 -40.68 42.91
C LYS E 76 24.29 -40.10 41.77
N GLU E 77 22.98 -40.41 41.69
CA GLU E 77 22.11 -39.87 40.65
C GLU E 77 21.94 -38.36 40.84
N MET E 78 21.86 -37.89 42.10
CA MET E 78 21.72 -36.47 42.38
CA MET E 78 21.71 -36.46 42.38
C MET E 78 22.97 -35.69 42.03
N ILE E 79 24.16 -36.32 42.21
CA ILE E 79 25.43 -35.67 41.85
C ILE E 79 25.47 -35.54 40.33
N LYS E 80 25.10 -36.60 39.61
CA LYS E 80 25.07 -36.59 38.15
C LYS E 80 24.03 -35.58 37.61
N ALA E 81 22.90 -35.43 38.32
CA ALA E 81 21.85 -34.47 37.92
C ALA E 81 22.30 -33.00 38.13
N GLY E 82 23.27 -32.75 39.02
CA GLY E 82 23.79 -31.41 39.22
C GLY E 82 23.93 -30.89 40.63
N MET E 83 23.64 -31.72 41.66
CA MET E 83 23.76 -31.26 43.05
C MET E 83 25.22 -30.87 43.37
N ASN E 84 25.43 -29.65 43.88
CA ASN E 84 26.78 -29.18 44.21
C ASN E 84 27.03 -29.10 45.71
N ILE E 85 25.95 -28.86 46.49
CA ILE E 85 26.00 -28.69 47.92
C ILE E 85 24.89 -29.55 48.55
N ALA E 86 25.24 -30.36 49.54
CA ALA E 86 24.28 -31.19 50.26
C ALA E 86 23.96 -30.49 51.57
N ARG E 87 22.69 -30.22 51.83
CA ARG E 87 22.27 -29.53 53.04
C ARG E 87 21.72 -30.51 54.08
N LEU E 88 22.21 -30.42 55.32
CA LEU E 88 21.73 -31.26 56.43
C LEU E 88 20.89 -30.38 57.32
N ASN E 89 19.60 -30.64 57.42
CA ASN E 89 18.71 -29.83 58.23
C ASN E 89 18.70 -30.33 59.67
N PHE E 90 19.40 -29.62 60.57
CA PHE E 90 19.49 -30.02 61.97
C PHE E 90 18.25 -29.69 62.80
N SER E 91 17.17 -29.22 62.16
CA SER E 91 15.90 -29.02 62.85
C SER E 91 15.26 -30.41 63.15
N HIS E 92 15.61 -31.46 62.39
CA HIS E 92 15.10 -32.82 62.55
C HIS E 92 16.26 -33.81 62.49
N GLY E 93 16.09 -34.95 63.16
CA GLY E 93 17.10 -35.99 63.13
C GLY E 93 18.18 -35.86 64.17
N SER E 94 18.68 -37.01 64.63
CA SER E 94 19.72 -37.06 65.63
C SER E 94 21.12 -36.85 65.02
N HIS E 95 22.16 -36.72 65.86
CA HIS E 95 23.53 -36.61 65.37
C HIS E 95 23.93 -37.89 64.63
N GLU E 96 23.45 -39.05 65.10
CA GLU E 96 23.73 -40.34 64.46
C GLU E 96 23.14 -40.39 63.05
N TYR E 97 21.93 -39.87 62.89
CA TYR E 97 21.25 -39.81 61.60
C TYR E 97 22.05 -38.93 60.63
N HIS E 98 22.45 -37.73 61.07
CA HIS E 98 23.21 -36.81 60.22
C HIS E 98 24.61 -37.30 59.90
N ALA E 99 25.26 -38.04 60.82
CA ALA E 99 26.59 -38.59 60.54
C ALA E 99 26.49 -39.66 59.43
N GLU E 100 25.39 -40.43 59.42
CA GLU E 100 25.18 -41.43 58.38
C GLU E 100 24.92 -40.76 57.04
N SER E 101 24.15 -39.64 57.04
CA SER E 101 23.88 -38.87 55.81
C SER E 101 25.20 -38.35 55.23
N ILE E 102 26.09 -37.80 56.09
CA ILE E 102 27.41 -37.29 55.69
C ILE E 102 28.26 -38.40 55.09
N ALA E 103 28.28 -39.58 55.74
CA ALA E 103 29.06 -40.71 55.24
C ALA E 103 28.54 -41.17 53.88
N ASN E 104 27.21 -41.19 53.70
CA ASN E 104 26.61 -41.59 52.42
C ASN E 104 26.93 -40.59 51.32
N VAL E 105 26.92 -39.27 51.63
CA VAL E 105 27.27 -38.23 50.67
C VAL E 105 28.73 -38.42 50.25
N ARG E 106 29.62 -38.54 51.24
CA ARG E 106 31.04 -38.73 50.95
C ARG E 106 31.32 -40.00 50.15
N GLU E 107 30.60 -41.10 50.42
CA GLU E 107 30.79 -42.33 49.66
C GLU E 107 30.35 -42.12 48.20
N ALA E 108 29.21 -41.46 47.99
CA ALA E 108 28.74 -41.19 46.62
C ALA E 108 29.69 -40.24 45.89
N VAL E 109 30.20 -39.20 46.56
CA VAL E 109 31.14 -38.24 45.97
C VAL E 109 32.47 -38.91 45.60
N GLU E 110 33.03 -39.69 46.53
CA GLU E 110 34.30 -40.35 46.28
C GLU E 110 34.23 -41.50 45.30
N SER E 111 33.04 -41.99 44.95
CA SER E 111 32.90 -43.02 43.93
C SER E 111 33.36 -42.53 42.54
N PHE E 112 33.44 -41.19 42.33
CA PHE E 112 33.89 -40.59 41.08
C PHE E 112 35.37 -40.10 41.13
N ALA E 113 36.07 -40.25 42.30
CA ALA E 113 37.47 -39.80 42.48
C ALA E 113 38.51 -40.53 41.65
N GLY E 114 38.14 -41.69 41.10
CA GLY E 114 39.02 -42.49 40.27
C GLY E 114 39.46 -41.81 38.99
N SER E 115 38.66 -40.83 38.53
CA SER E 115 38.97 -40.06 37.33
C SER E 115 39.12 -38.60 37.78
N PRO E 116 40.35 -38.18 38.15
CA PRO E 116 40.55 -36.80 38.64
C PRO E 116 40.17 -35.67 37.67
N LEU E 117 40.18 -35.94 36.35
CA LEU E 117 39.84 -34.96 35.32
C LEU E 117 38.32 -34.64 35.29
N SER E 118 37.47 -35.52 35.85
CA SER E 118 36.03 -35.31 35.86
C SER E 118 35.40 -35.27 37.29
N TYR E 119 36.21 -35.50 38.34
CA TYR E 119 35.76 -35.49 39.73
C TYR E 119 35.07 -34.19 40.10
N ARG E 120 33.88 -34.30 40.70
CA ARG E 120 33.15 -33.12 41.13
C ARG E 120 33.08 -33.03 42.65
N PRO E 121 33.74 -32.01 43.22
CA PRO E 121 33.60 -31.79 44.66
C PRO E 121 32.15 -31.46 45.04
N VAL E 122 31.69 -31.90 46.23
CA VAL E 122 30.35 -31.59 46.71
C VAL E 122 30.50 -31.08 48.13
N ALA E 123 30.03 -29.85 48.41
CA ALA E 123 30.14 -29.29 49.75
C ALA E 123 29.08 -29.87 50.68
N ILE E 124 29.34 -29.85 51.99
CA ILE E 124 28.39 -30.31 52.99
C ILE E 124 28.08 -29.12 53.87
N ALA E 125 26.80 -28.77 53.96
CA ALA E 125 26.36 -27.61 54.72
C ALA E 125 25.47 -28.03 55.87
N LEU E 126 25.69 -27.46 57.05
CA LEU E 126 24.90 -27.76 58.23
C LEU E 126 23.95 -26.61 58.45
N ASP E 127 22.65 -26.88 58.43
CA ASP E 127 21.65 -25.85 58.66
C ASP E 127 21.15 -25.98 60.10
N THR E 128 21.43 -24.96 60.93
CA THR E 128 21.08 -25.01 62.34
C THR E 128 19.58 -24.92 62.65
N LYS E 129 19.18 -25.48 63.80
CA LYS E 129 17.79 -25.45 64.26
C LYS E 129 17.37 -24.00 64.55
N GLY E 130 18.25 -23.23 65.15
CA GLY E 130 17.98 -21.82 65.44
C GLY E 130 17.80 -21.48 66.90
N PRO E 131 17.57 -20.20 67.18
CA PRO E 131 17.43 -19.76 68.58
C PRO E 131 16.09 -20.06 69.24
N GLY E 136 19.54 -15.49 71.71
CA GLY E 136 20.78 -15.74 70.98
C GLY E 136 21.03 -17.21 70.72
N LEU E 137 22.32 -17.62 70.68
CA LEU E 137 22.71 -19.01 70.41
C LEU E 137 22.20 -20.02 71.44
N SER E 138 21.37 -20.95 70.98
CA SER E 138 20.78 -21.98 71.83
C SER E 138 21.79 -23.08 72.18
N GLU E 139 21.49 -23.86 73.23
CA GLU E 139 22.36 -24.95 73.67
C GLU E 139 22.46 -26.06 72.63
N GLN E 140 21.33 -26.36 71.95
CA GLN E 140 21.34 -27.39 70.91
C GLN E 140 22.22 -26.94 69.74
N ASP E 141 22.17 -25.64 69.38
CA ASP E 141 23.01 -25.11 68.31
C ASP E 141 24.49 -25.23 68.66
N VAL E 142 24.86 -24.99 69.93
CA VAL E 142 26.26 -25.14 70.36
C VAL E 142 26.74 -26.59 70.14
N ARG E 143 25.91 -27.56 70.49
CA ARG E 143 26.24 -28.97 70.30
C ARG E 143 26.28 -29.38 68.83
N ASP E 144 25.34 -28.88 68.02
CA ASP E 144 25.26 -29.17 66.60
C ASP E 144 26.43 -28.56 65.84
N LEU E 145 26.82 -27.33 66.19
CA LEU E 145 27.97 -26.67 65.58
C LEU E 145 29.26 -27.41 65.90
N ARG E 146 29.38 -27.96 67.12
CA ARG E 146 30.53 -28.75 67.51
C ARG E 146 30.56 -30.04 66.69
N PHE E 147 29.39 -30.67 66.46
CA PHE E 147 29.26 -31.86 65.62
C PHE E 147 29.76 -31.55 64.21
N GLY E 148 29.37 -30.38 63.67
CA GLY E 148 29.79 -29.93 62.35
C GLY E 148 31.29 -29.85 62.19
N VAL E 149 31.96 -29.24 63.18
CA VAL E 149 33.42 -29.13 63.17
C VAL E 149 34.06 -30.52 63.23
N GLU E 150 33.56 -31.39 64.12
CA GLU E 150 34.09 -32.75 64.26
C GLU E 150 33.90 -33.59 63.01
N HIS E 151 32.82 -33.34 62.26
CA HIS E 151 32.55 -34.09 61.03
C HIS E 151 33.05 -33.38 59.74
N GLY E 152 33.79 -32.29 59.89
CA GLY E 152 34.38 -31.58 58.76
C GLY E 152 33.44 -30.92 57.77
N VAL E 153 32.32 -30.33 58.27
CA VAL E 153 31.39 -29.65 57.35
C VAL E 153 32.07 -28.41 56.76
N ASP E 154 31.67 -28.03 55.55
CA ASP E 154 32.28 -26.89 54.85
C ASP E 154 31.59 -25.57 55.12
N ILE E 155 30.28 -25.62 55.34
CA ILE E 155 29.44 -24.44 55.47
C ILE E 155 28.43 -24.58 56.58
N VAL E 156 28.07 -23.47 57.21
CA VAL E 156 27.01 -23.42 58.18
C VAL E 156 25.95 -22.44 57.65
N PHE E 157 24.69 -22.88 57.56
CA PHE E 157 23.59 -22.00 57.22
C PHE E 157 23.01 -21.66 58.61
N ALA E 158 23.34 -20.49 59.16
CA ALA E 158 22.89 -20.12 60.49
C ALA E 158 21.46 -19.58 60.50
N SER E 159 20.54 -20.31 61.14
CA SER E 159 19.14 -19.90 61.18
C SER E 159 18.86 -18.67 62.02
N PHE E 160 17.84 -17.90 61.59
CA PHE E 160 17.33 -16.73 62.27
C PHE E 160 18.40 -15.75 62.75
N VAL E 161 19.32 -15.35 61.85
CA VAL E 161 20.33 -14.36 62.19
C VAL E 161 19.63 -12.99 62.22
N ARG E 162 19.70 -12.30 63.36
CA ARG E 162 19.04 -11.02 63.55
C ARG E 162 19.98 -9.83 63.71
N LYS E 163 21.27 -10.09 63.98
CA LYS E 163 22.25 -9.04 64.21
C LYS E 163 23.68 -9.61 64.10
N ALA E 164 24.68 -8.74 64.03
CA ALA E 164 26.09 -9.15 63.92
C ALA E 164 26.56 -10.04 65.08
N SER E 165 26.07 -9.81 66.31
CA SER E 165 26.47 -10.63 67.46
C SER E 165 26.00 -12.09 67.35
N ASP E 166 24.94 -12.36 66.56
CA ASP E 166 24.50 -13.73 66.32
C ASP E 166 25.57 -14.48 65.51
N VAL E 167 26.17 -13.80 64.53
CA VAL E 167 27.22 -14.39 63.69
C VAL E 167 28.48 -14.64 64.53
N ALA E 168 28.84 -13.68 65.40
CA ALA E 168 30.01 -13.84 66.27
C ALA E 168 29.83 -15.04 67.21
N ALA E 169 28.60 -15.25 67.71
CA ALA E 169 28.29 -16.40 68.58
C ALA E 169 28.45 -17.71 67.82
N VAL E 170 28.02 -17.77 66.55
CA VAL E 170 28.18 -18.98 65.72
C VAL E 170 29.66 -19.24 65.50
N ARG E 171 30.43 -18.18 65.19
CA ARG E 171 31.86 -18.28 64.95
C ARG E 171 32.58 -18.82 66.20
N ALA E 172 32.24 -18.29 67.38
CA ALA E 172 32.83 -18.73 68.65
C ALA E 172 32.53 -20.20 68.93
N ALA E 173 31.29 -20.64 68.66
CA ALA E 173 30.88 -22.03 68.85
C ALA E 173 31.58 -23.01 67.91
N LEU E 174 32.09 -22.54 66.77
CA LEU E 174 32.85 -23.38 65.86
C LEU E 174 34.28 -23.67 66.40
N GLY E 175 34.74 -22.90 67.40
CA GLY E 175 36.03 -23.07 68.05
C GLY E 175 37.23 -22.74 67.19
N PRO E 176 38.43 -23.03 67.71
CA PRO E 176 39.65 -22.74 66.94
C PRO E 176 39.85 -23.65 65.72
N GLU E 177 39.28 -24.86 65.74
CA GLU E 177 39.40 -25.78 64.61
C GLU E 177 38.40 -25.50 63.47
N GLY E 178 37.38 -24.69 63.71
CA GLY E 178 36.37 -24.39 62.69
C GLY E 178 36.49 -23.02 62.07
N HIS E 179 37.69 -22.45 62.07
CA HIS E 179 37.93 -21.13 61.50
C HIS E 179 37.74 -21.08 59.98
N GLY E 180 37.93 -22.21 59.29
CA GLY E 180 37.80 -22.29 57.84
C GLY E 180 36.39 -22.49 57.32
N ILE E 181 35.44 -22.80 58.21
CA ILE E 181 34.05 -23.02 57.83
C ILE E 181 33.37 -21.70 57.42
N LYS E 182 32.63 -21.70 56.29
CA LYS E 182 31.93 -20.50 55.83
C LYS E 182 30.62 -20.35 56.58
N ILE E 183 30.32 -19.14 57.05
CA ILE E 183 29.07 -18.88 57.73
C ILE E 183 28.15 -18.10 56.79
N ILE E 184 27.04 -18.73 56.39
CA ILE E 184 26.01 -18.12 55.56
C ILE E 184 24.85 -17.78 56.48
N SER E 185 24.58 -16.50 56.68
CA SER E 185 23.50 -16.09 57.57
C SER E 185 22.15 -16.17 56.90
N LYS E 186 21.19 -16.86 57.54
CA LYS E 186 19.84 -16.95 57.01
C LYS E 186 19.03 -15.76 57.52
N ILE E 187 18.47 -14.96 56.60
CA ILE E 187 17.62 -13.83 56.96
C ILE E 187 16.20 -14.31 56.89
N GLU E 188 15.52 -14.40 58.04
CA GLU E 188 14.19 -14.99 58.11
C GLU E 188 13.14 -14.13 58.79
N ASN E 189 13.46 -12.90 59.18
CA ASN E 189 12.47 -12.05 59.85
C ASN E 189 12.72 -10.56 59.62
N HIS E 190 11.82 -9.70 60.11
CA HIS E 190 11.94 -8.25 59.92
C HIS E 190 13.25 -7.69 60.43
N GLU E 191 13.69 -8.10 61.63
CA GLU E 191 14.94 -7.59 62.20
C GLU E 191 16.16 -7.94 61.36
N GLY E 192 16.22 -9.16 60.84
CA GLY E 192 17.30 -9.58 59.96
C GLY E 192 17.39 -8.72 58.71
N VAL E 193 16.24 -8.36 58.14
CA VAL E 193 16.19 -7.50 56.95
C VAL E 193 16.65 -6.08 57.30
N LYS E 194 16.15 -5.52 58.41
CA LYS E 194 16.53 -4.18 58.82
C LYS E 194 18.00 -4.04 59.23
N ARG E 195 18.56 -5.08 59.84
CA ARG E 195 19.96 -5.09 60.23
C ARG E 195 20.85 -5.83 59.23
N PHE E 196 20.38 -5.98 57.97
CA PHE E 196 21.09 -6.69 56.90
C PHE E 196 22.53 -6.26 56.70
N ASP E 197 22.80 -4.94 56.62
CA ASP E 197 24.16 -4.46 56.36
C ASP E 197 25.18 -4.92 57.40
N GLU E 198 24.81 -4.85 58.69
CA GLU E 198 25.73 -5.27 59.74
C GLU E 198 25.92 -6.79 59.76
N ILE E 199 24.90 -7.56 59.32
CA ILE E 199 24.99 -9.01 59.26
C ILE E 199 25.88 -9.43 58.10
N LEU E 200 25.68 -8.83 56.91
CA LEU E 200 26.47 -9.17 55.73
C LEU E 200 27.96 -8.86 55.94
N GLU E 201 28.25 -7.74 56.61
CA GLU E 201 29.62 -7.32 56.90
C GLU E 201 30.44 -8.39 57.62
N VAL E 202 29.84 -9.10 58.58
CA VAL E 202 30.55 -10.13 59.33
C VAL E 202 30.29 -11.57 58.85
N SER E 203 29.41 -11.75 57.85
CA SER E 203 29.10 -13.08 57.34
C SER E 203 29.90 -13.36 56.06
N ASP E 204 30.03 -14.64 55.71
CA ASP E 204 30.65 -15.01 54.44
C ASP E 204 29.64 -14.90 53.26
N GLY E 205 28.35 -14.95 53.59
CA GLY E 205 27.26 -14.86 52.62
C GLY E 205 25.91 -14.85 53.30
N ILE E 206 24.84 -14.87 52.49
CA ILE E 206 23.47 -14.77 52.98
C ILE E 206 22.57 -15.80 52.34
N MET E 207 21.53 -16.24 53.07
CA MET E 207 20.48 -17.07 52.50
C MET E 207 19.17 -16.30 52.69
N VAL E 208 18.41 -16.10 51.60
CA VAL E 208 17.09 -15.49 51.69
C VAL E 208 16.18 -16.67 52.02
N ALA E 209 15.89 -16.85 53.31
CA ALA E 209 15.11 -18.00 53.80
C ALA E 209 13.64 -17.63 53.74
N ARG E 210 13.04 -17.77 52.55
CA ARG E 210 11.70 -17.29 52.24
C ARG E 210 10.55 -17.96 53.00
N GLY E 211 10.74 -19.18 53.50
CA GLY E 211 9.71 -19.88 54.27
C GLY E 211 9.30 -19.11 55.51
N ASP E 212 10.25 -18.90 56.44
CA ASP E 212 9.97 -18.14 57.64
C ASP E 212 9.81 -16.66 57.32
N LEU E 213 10.58 -16.12 56.36
CA LEU E 213 10.45 -14.71 55.98
C LEU E 213 9.02 -14.36 55.54
N GLY E 214 8.39 -15.26 54.79
CA GLY E 214 7.02 -15.12 54.30
C GLY E 214 5.93 -15.24 55.34
N ILE E 215 6.29 -15.64 56.56
CA ILE E 215 5.38 -15.73 57.71
C ILE E 215 5.68 -14.55 58.68
N GLU E 216 6.95 -14.12 58.76
CA GLU E 216 7.39 -13.05 59.63
C GLU E 216 7.02 -11.66 59.08
N ILE E 217 7.06 -11.51 57.74
CA ILE E 217 6.67 -10.27 57.09
C ILE E 217 5.51 -10.58 56.09
N PRO E 218 4.72 -9.59 55.63
CA PRO E 218 3.67 -9.91 54.64
C PRO E 218 4.20 -10.67 53.43
N ALA E 219 3.50 -11.73 53.01
CA ALA E 219 3.91 -12.57 51.90
C ALA E 219 4.20 -11.78 50.62
N GLU E 220 3.41 -10.72 50.38
CA GLU E 220 3.56 -9.87 49.22
C GLU E 220 4.80 -8.97 49.23
N LYS E 221 5.57 -8.95 50.35
CA LYS E 221 6.78 -8.14 50.45
C LYS E 221 8.06 -8.96 50.31
N VAL E 222 7.98 -10.30 50.35
CA VAL E 222 9.15 -11.16 50.28
C VAL E 222 10.01 -10.88 49.04
N PHE E 223 9.39 -10.68 47.86
CA PHE E 223 10.16 -10.42 46.64
C PHE E 223 11.04 -9.16 46.75
N LEU E 224 10.59 -8.14 47.52
CA LEU E 224 11.37 -6.91 47.71
C LEU E 224 12.60 -7.23 48.56
N ALA E 225 12.43 -8.03 49.63
CA ALA E 225 13.53 -8.42 50.50
C ALA E 225 14.52 -9.29 49.72
N GLN E 226 14.01 -10.23 48.89
CA GLN E 226 14.86 -11.09 48.07
C GLN E 226 15.71 -10.26 47.09
N LYS E 227 15.07 -9.39 46.32
CA LYS E 227 15.78 -8.59 45.32
C LYS E 227 16.78 -7.62 45.94
N MET E 228 16.42 -7.02 47.09
CA MET E 228 17.32 -6.11 47.82
C MET E 228 18.55 -6.88 48.34
N MET E 229 18.33 -8.03 48.98
CA MET E 229 19.45 -8.79 49.55
C MET E 229 20.36 -9.34 48.48
N ILE E 230 19.79 -9.82 47.35
CA ILE E 230 20.61 -10.30 46.25
C ILE E 230 21.46 -9.17 45.66
N GLY E 231 20.86 -8.00 45.46
CA GLY E 231 21.55 -6.83 44.95
C GLY E 231 22.69 -6.39 45.85
N ARG E 232 22.46 -6.34 47.17
CA ARG E 232 23.51 -5.96 48.11
C ARG E 232 24.63 -6.98 48.21
N CYS E 233 24.31 -8.28 48.10
CA CYS E 233 25.34 -9.31 48.10
C CYS E 233 26.16 -9.24 46.83
N ASN E 234 25.52 -8.97 45.69
CA ASN E 234 26.22 -8.83 44.41
C ASN E 234 27.19 -7.62 44.48
N LEU E 235 26.74 -6.53 45.09
CA LEU E 235 27.55 -5.32 45.25
C LEU E 235 28.75 -5.61 46.18
N ALA E 236 28.53 -6.38 47.27
CA ALA E 236 29.60 -6.75 48.20
C ALA E 236 30.52 -7.86 47.69
N GLY E 237 30.13 -8.55 46.64
CA GLY E 237 30.91 -9.67 46.11
C GLY E 237 30.85 -10.89 47.03
N LYS E 238 29.74 -11.07 47.75
CA LYS E 238 29.57 -12.20 48.67
C LYS E 238 28.43 -13.10 48.22
N PRO E 239 28.55 -14.42 48.38
CA PRO E 239 27.50 -15.33 47.90
C PRO E 239 26.12 -15.14 48.53
N VAL E 240 25.08 -15.31 47.71
CA VAL E 240 23.71 -15.22 48.17
C VAL E 240 22.93 -16.43 47.65
N VAL E 241 22.13 -17.03 48.53
CA VAL E 241 21.33 -18.20 48.21
C VAL E 241 19.86 -17.84 48.19
N CYS E 242 19.11 -18.28 47.15
CA CYS E 242 17.67 -18.13 47.17
C CYS E 242 17.11 -19.48 47.62
N ALA E 243 16.20 -19.48 48.60
CA ALA E 243 15.71 -20.74 49.14
C ALA E 243 14.20 -20.77 49.37
N THR E 244 13.63 -22.00 49.40
CA THR E 244 12.31 -22.42 49.86
C THR E 244 11.18 -22.26 48.86
N GLN E 245 10.49 -23.40 48.61
CA GLN E 245 9.32 -23.54 47.76
C GLN E 245 9.55 -23.17 46.29
N MET E 246 10.79 -23.23 45.83
CA MET E 246 11.12 -22.93 44.43
C MET E 246 10.44 -23.88 43.45
N LEU E 247 10.39 -25.18 43.77
CA LEU E 247 9.71 -26.18 42.94
C LEU E 247 8.80 -27.04 43.83
N GLU E 248 8.10 -26.41 44.80
CA GLU E 248 7.27 -27.07 45.81
C GLU E 248 6.34 -28.18 45.29
N SER E 249 5.58 -27.92 44.22
CA SER E 249 4.66 -28.93 43.68
C SER E 249 5.37 -30.23 43.25
N MET E 250 6.69 -30.18 42.99
CA MET E 250 7.43 -31.38 42.61
C MET E 250 7.63 -32.38 43.78
N ILE E 251 7.16 -32.04 44.99
CA ILE E 251 7.18 -32.98 46.11
C ILE E 251 6.23 -34.15 45.76
N THR E 252 5.11 -33.89 45.06
CA THR E 252 4.18 -34.93 44.66
C THR E 252 3.99 -35.07 43.13
N LYS E 253 4.34 -34.04 42.34
CA LYS E 253 4.15 -34.09 40.89
C LYS E 253 5.44 -34.18 40.10
N PRO E 254 5.46 -34.90 38.96
CA PRO E 254 6.73 -35.03 38.21
C PRO E 254 7.19 -33.78 37.45
N ARG E 255 6.27 -32.82 37.24
CA ARG E 255 6.55 -31.56 36.54
C ARG E 255 6.13 -30.39 37.41
N PRO E 256 6.88 -29.27 37.38
CA PRO E 256 6.52 -28.13 38.23
C PRO E 256 5.46 -27.23 37.59
N THR E 257 4.94 -26.26 38.37
CA THR E 257 3.98 -25.31 37.83
C THR E 257 4.70 -24.22 37.02
N ARG E 258 3.94 -23.39 36.26
CA ARG E 258 4.49 -22.29 35.50
C ARG E 258 5.09 -21.23 36.44
N ALA E 259 4.52 -21.05 37.63
CA ALA E 259 5.06 -20.08 38.60
C ALA E 259 6.41 -20.54 39.18
N GLU E 260 6.57 -21.86 39.35
CA GLU E 260 7.80 -22.43 39.91
C GLU E 260 8.98 -22.31 38.97
N THR E 261 8.80 -22.61 37.67
CA THR E 261 9.90 -22.45 36.72
C THR E 261 10.29 -20.97 36.59
N SER E 262 9.28 -20.10 36.61
CA SER E 262 9.48 -18.66 36.57
C SER E 262 10.29 -18.20 37.80
N ASP E 263 9.96 -18.70 38.99
CA ASP E 263 10.64 -18.36 40.24
C ASP E 263 12.14 -18.72 40.20
N VAL E 264 12.46 -19.92 39.71
CA VAL E 264 13.85 -20.34 39.59
C VAL E 264 14.60 -19.44 38.59
N ALA E 265 14.00 -19.19 37.42
CA ALA E 265 14.63 -18.35 36.41
C ALA E 265 14.84 -16.93 36.92
N ASN E 266 13.86 -16.38 37.62
CA ASN E 266 13.96 -15.03 38.16
C ASN E 266 14.97 -14.93 39.31
N ALA E 267 15.18 -16.00 40.10
CA ALA E 267 16.19 -15.95 41.17
C ALA E 267 17.59 -15.84 40.52
N VAL E 268 17.81 -16.57 39.41
CA VAL E 268 19.07 -16.50 38.67
C VAL E 268 19.22 -15.11 38.03
N LEU E 269 18.17 -14.62 37.36
CA LEU E 269 18.21 -13.28 36.76
C LEU E 269 18.41 -12.18 37.80
N ASP E 270 17.87 -12.36 39.03
CA ASP E 270 18.06 -11.40 40.14
C ASP E 270 19.54 -11.30 40.52
N GLY E 271 20.28 -12.41 40.41
CA GLY E 271 21.71 -12.46 40.71
C GLY E 271 22.10 -13.48 41.78
N ALA E 272 21.22 -14.43 42.10
CA ALA E 272 21.53 -15.43 43.12
C ALA E 272 22.70 -16.31 42.71
N ASP E 273 23.64 -16.53 43.65
CA ASP E 273 24.77 -17.42 43.38
C ASP E 273 24.33 -18.88 43.44
N CYS E 274 23.41 -19.20 44.36
CA CYS E 274 22.90 -20.56 44.57
C CYS E 274 21.40 -20.57 44.64
N ILE E 275 20.81 -21.68 44.23
CA ILE E 275 19.38 -21.96 44.35
C ILE E 275 19.25 -23.25 45.19
N MET E 276 18.15 -23.38 45.93
CA MET E 276 18.01 -24.48 46.86
C MET E 276 16.72 -25.28 46.71
N LEU E 277 16.78 -26.54 47.14
CA LEU E 277 15.69 -27.48 47.20
C LEU E 277 15.61 -27.98 48.65
N SER E 278 14.41 -27.98 49.24
CA SER E 278 14.21 -28.43 50.61
C SER E 278 13.39 -29.72 50.61
N GLY E 279 12.07 -29.66 50.86
CA GLY E 279 11.21 -30.84 50.83
C GLY E 279 11.23 -31.55 49.50
N GLU E 280 11.49 -30.78 48.40
CA GLU E 280 11.57 -31.33 47.06
C GLU E 280 12.56 -32.50 46.96
N THR E 281 13.69 -32.42 47.68
CA THR E 281 14.71 -33.49 47.66
C THR E 281 14.78 -34.27 48.97
N ALA E 282 14.40 -33.64 50.09
CA ALA E 282 14.47 -34.29 51.39
C ALA E 282 13.40 -35.37 51.58
N LYS E 283 12.17 -35.08 51.15
CA LYS E 283 11.07 -36.02 51.36
C LYS E 283 10.18 -36.29 50.15
N GLY E 284 10.43 -35.60 49.03
CA GLY E 284 9.60 -35.72 47.85
C GLY E 284 9.72 -36.99 47.04
N ASN E 285 8.76 -37.20 46.14
CA ASN E 285 8.76 -38.36 45.27
C ASN E 285 9.63 -38.22 44.04
N PHE E 286 10.12 -36.99 43.74
CA PHE E 286 10.94 -36.78 42.55
C PHE E 286 12.22 -35.96 42.87
N PRO E 287 13.08 -36.41 43.81
CA PRO E 287 14.26 -35.62 44.16
C PRO E 287 15.23 -35.38 43.00
N VAL E 288 15.50 -36.42 42.19
CA VAL E 288 16.43 -36.29 41.07
C VAL E 288 15.85 -35.38 40.00
N GLU E 289 14.56 -35.53 39.70
CA GLU E 289 13.88 -34.70 38.71
C GLU E 289 13.85 -33.21 39.13
N ALA E 290 13.74 -32.94 40.45
CA ALA E 290 13.76 -31.57 40.96
C ALA E 290 15.13 -30.92 40.71
N VAL E 291 16.22 -31.67 40.92
CA VAL E 291 17.58 -31.21 40.66
C VAL E 291 17.76 -30.98 39.16
N LYS E 292 17.29 -31.92 38.32
CA LYS E 292 17.39 -31.79 36.85
C LYS E 292 16.66 -30.55 36.34
N MET E 293 15.49 -30.27 36.92
CA MET E 293 14.69 -29.10 36.54
C MET E 293 15.41 -27.81 36.90
N GLN E 294 15.99 -27.72 38.14
CA GLN E 294 16.74 -26.52 38.52
C GLN E 294 17.95 -26.32 37.60
N HIS E 295 18.61 -27.42 37.22
CA HIS E 295 19.75 -27.36 36.31
C HIS E 295 19.34 -26.81 34.94
N ALA E 296 18.27 -27.37 34.35
CA ALA E 296 17.77 -26.94 33.04
C ALA E 296 17.34 -25.48 33.01
N ILE E 297 16.62 -25.02 34.06
CA ILE E 297 16.17 -23.62 34.12
C ILE E 297 17.35 -22.68 34.30
N ALA E 298 18.26 -22.98 35.26
CA ALA E 298 19.42 -22.12 35.53
C ALA E 298 20.26 -21.87 34.30
N ARG E 299 20.51 -22.92 33.47
CA ARG E 299 21.29 -22.77 32.25
C ARG E 299 20.61 -21.78 31.28
N GLU E 300 19.29 -21.90 31.12
CA GLU E 300 18.55 -21.01 30.23
C GLU E 300 18.59 -19.56 30.77
N ALA E 301 18.39 -19.39 32.08
CA ALA E 301 18.37 -18.05 32.69
C ALA E 301 19.72 -17.37 32.69
N GLU E 302 20.81 -18.12 32.85
CA GLU E 302 22.16 -17.54 32.83
C GLU E 302 22.50 -16.96 31.46
N ALA E 303 22.08 -17.62 30.39
CA ALA E 303 22.30 -17.09 29.04
C ALA E 303 21.47 -15.82 28.79
N ALA E 304 20.31 -15.67 29.46
CA ALA E 304 19.41 -14.52 29.35
C ALA E 304 19.82 -13.32 30.21
N VAL E 305 20.91 -13.43 30.98
CA VAL E 305 21.40 -12.32 31.79
C VAL E 305 21.89 -11.21 30.84
N TYR E 306 21.54 -9.95 31.10
CA TYR E 306 21.96 -8.84 30.27
C TYR E 306 23.35 -8.36 30.73
N HIS E 307 24.41 -9.09 30.36
CA HIS E 307 25.78 -8.80 30.79
C HIS E 307 26.29 -7.41 30.46
N ARG E 308 25.87 -6.83 29.34
CA ARG E 308 26.31 -5.48 28.95
C ARG E 308 26.04 -4.45 30.04
N GLN E 309 24.80 -4.43 30.58
CA GLN E 309 24.50 -3.49 31.65
C GLN E 309 25.02 -3.97 32.99
N LEU E 310 24.89 -5.29 33.26
CA LEU E 310 25.35 -5.87 34.51
C LEU E 310 26.84 -5.62 34.77
N PHE E 311 27.71 -5.92 33.80
CA PHE E 311 29.15 -5.70 33.95
C PHE E 311 29.44 -4.24 34.14
N GLU E 312 28.80 -3.36 33.37
CA GLU E 312 28.99 -1.92 33.52
C GLU E 312 28.65 -1.42 34.89
N GLU E 313 27.53 -1.89 35.44
CA GLU E 313 27.11 -1.48 36.78
C GLU E 313 27.97 -2.07 37.90
N LEU E 314 28.40 -3.34 37.76
CA LEU E 314 29.26 -3.95 38.77
C LEU E 314 30.64 -3.32 38.76
N ARG E 315 31.20 -3.10 37.58
CA ARG E 315 32.49 -2.48 37.35
C ARG E 315 32.56 -1.06 37.96
N ARG E 316 31.50 -0.27 37.79
CA ARG E 316 31.46 1.10 38.30
C ARG E 316 31.23 1.16 39.81
N ALA E 317 30.37 0.27 40.35
CA ALA E 317 30.08 0.25 41.79
C ALA E 317 31.21 -0.37 42.63
N ALA E 318 32.04 -1.27 42.04
CA ALA E 318 33.13 -1.88 42.79
C ALA E 318 34.17 -0.80 43.04
N PRO E 319 34.58 -0.60 44.30
CA PRO E 319 35.48 0.51 44.61
C PRO E 319 36.85 0.39 43.99
N LEU E 320 37.56 1.51 43.88
CA LEU E 320 38.94 1.51 43.41
C LEU E 320 39.78 0.74 44.44
N SER E 321 40.78 0.01 43.97
CA SER E 321 41.56 -0.84 44.86
C SER E 321 43.00 -0.84 44.50
N ARG E 322 43.85 -0.95 45.51
CA ARG E 322 45.27 -1.15 45.33
C ARG E 322 45.72 -2.60 45.62
N ASP E 323 44.77 -3.52 45.81
CA ASP E 323 45.03 -4.94 46.02
C ASP E 323 45.27 -5.57 44.65
N PRO E 324 46.44 -6.15 44.42
CA PRO E 324 46.72 -6.72 43.09
C PRO E 324 45.77 -7.84 42.65
N THR E 325 45.19 -8.62 43.58
CA THR E 325 44.24 -9.68 43.20
C THR E 325 42.97 -9.03 42.64
N GLU E 326 42.47 -7.98 43.33
CA GLU E 326 41.29 -7.21 42.90
C GLU E 326 41.55 -6.59 41.50
N VAL E 327 42.73 -5.99 41.31
CA VAL E 327 43.10 -5.33 40.07
C VAL E 327 43.22 -6.33 38.91
N THR E 328 43.85 -7.49 39.17
CA THR E 328 44.00 -8.52 38.17
C THR E 328 42.64 -9.09 37.79
N ALA E 329 41.74 -9.29 38.78
CA ALA E 329 40.42 -9.84 38.50
C ALA E 329 39.59 -9.03 37.51
N ILE E 330 39.53 -7.70 37.69
CA ILE E 330 38.75 -6.87 36.77
C ILE E 330 39.41 -6.84 35.37
N GLY E 331 40.73 -6.81 35.33
CA GLY E 331 41.45 -6.84 34.06
C GLY E 331 41.21 -8.15 33.31
N ALA E 332 41.15 -9.28 34.04
CA ALA E 332 40.90 -10.60 33.46
C ALA E 332 39.47 -10.73 32.93
N VAL E 333 38.48 -10.22 33.67
CA VAL E 333 37.09 -10.30 33.23
C VAL E 333 36.87 -9.40 32.00
N GLU E 334 37.51 -8.23 31.97
CA GLU E 334 37.42 -7.33 30.82
C GLU E 334 38.04 -8.00 29.59
N ALA E 335 39.22 -8.62 29.77
CA ALA E 335 39.90 -9.32 28.69
C ALA E 335 39.04 -10.50 28.18
N ALA E 336 38.40 -11.24 29.09
CA ALA E 336 37.55 -12.38 28.71
C ALA E 336 36.36 -11.93 27.85
N PHE E 337 35.71 -10.82 28.21
CA PHE E 337 34.58 -10.30 27.41
C PHE E 337 35.03 -9.84 26.02
N LYS E 338 36.22 -9.25 25.93
CA LYS E 338 36.79 -8.74 24.68
C LYS E 338 37.01 -9.82 23.61
N CYS E 339 37.42 -11.01 24.05
CA CYS E 339 37.71 -12.10 23.10
C CYS E 339 36.70 -13.23 23.15
N CYS E 340 35.58 -13.10 23.90
CA CYS E 340 34.61 -14.18 24.06
C CYS E 340 35.31 -15.43 24.61
N ALA E 341 36.21 -15.24 25.60
CA ALA E 341 36.97 -16.36 26.17
C ALA E 341 36.06 -17.47 26.68
N ALA E 342 36.39 -18.72 26.38
CA ALA E 342 35.60 -19.86 26.85
C ALA E 342 35.73 -19.99 28.37
N ALA E 343 36.90 -19.64 28.95
CA ALA E 343 37.10 -19.77 30.39
C ALA E 343 38.19 -18.84 30.92
N ILE E 344 38.16 -18.61 32.24
CA ILE E 344 39.21 -17.94 32.97
C ILE E 344 39.75 -19.04 33.90
N ILE E 345 41.00 -19.48 33.71
CA ILE E 345 41.60 -20.50 34.56
C ILE E 345 42.36 -19.80 35.65
N VAL E 346 42.01 -20.05 36.92
CA VAL E 346 42.66 -19.38 38.04
C VAL E 346 43.21 -20.38 39.06
N LEU E 347 44.41 -20.11 39.56
CA LEU E 347 45.00 -20.92 40.60
C LEU E 347 44.64 -20.27 41.92
N THR E 348 44.09 -21.03 42.87
CA THR E 348 43.68 -20.46 44.16
C THR E 348 43.92 -21.41 45.31
N THR E 349 44.30 -20.87 46.48
CA THR E 349 44.55 -21.66 47.69
C THR E 349 43.30 -21.68 48.57
N THR E 350 42.72 -20.49 48.82
CA THR E 350 41.54 -20.33 49.67
C THR E 350 40.22 -20.17 48.90
N GLY E 351 40.30 -19.96 47.59
CA GLY E 351 39.15 -19.67 46.74
C GLY E 351 38.99 -18.18 46.44
N ARG E 352 39.69 -17.30 47.19
CA ARG E 352 39.56 -15.84 47.07
C ARG E 352 39.79 -15.29 45.65
N SER E 353 40.84 -15.70 44.92
CA SER E 353 41.08 -15.20 43.58
C SER E 353 39.91 -15.54 42.63
N ALA E 354 39.29 -16.72 42.82
CA ALA E 354 38.16 -17.14 42.01
C ALA E 354 36.91 -16.34 42.39
N GLN E 355 36.72 -16.06 43.68
CA GLN E 355 35.59 -15.27 44.17
C GLN E 355 35.65 -13.84 43.61
N LEU E 356 36.85 -13.24 43.55
CA LEU E 356 37.01 -11.88 43.00
C LEU E 356 36.75 -11.81 41.50
N LEU E 357 36.94 -12.91 40.77
CA LEU E 357 36.63 -12.96 39.35
C LEU E 357 35.09 -13.10 39.20
N SER E 358 34.47 -13.98 40.00
CA SER E 358 33.05 -14.27 40.02
CA SER E 358 33.04 -14.24 39.97
C SER E 358 32.18 -13.03 40.31
N ARG E 359 32.67 -12.12 41.16
CA ARG E 359 31.92 -10.93 41.53
C ARG E 359 31.62 -10.03 40.31
N TYR E 360 32.45 -10.10 39.25
CA TYR E 360 32.23 -9.31 38.04
C TYR E 360 31.32 -10.00 37.03
N ARG E 361 30.76 -11.18 37.39
CA ARG E 361 29.85 -11.97 36.59
C ARG E 361 30.30 -12.17 35.14
N PRO E 362 31.51 -12.73 34.92
CA PRO E 362 31.93 -13.00 33.54
C PRO E 362 31.03 -14.06 32.91
N ARG E 363 30.89 -14.00 31.59
CA ARG E 363 30.19 -15.05 30.86
C ARG E 363 31.12 -16.29 30.80
N ALA E 364 32.45 -16.08 30.74
CA ALA E 364 33.43 -17.15 30.74
C ALA E 364 33.39 -17.89 32.06
N ALA E 365 33.44 -19.22 32.00
CA ALA E 365 33.48 -20.08 33.18
C ALA E 365 34.76 -19.80 33.96
N VAL E 366 34.69 -19.74 35.29
CA VAL E 366 35.91 -19.54 36.09
C VAL E 366 36.36 -20.93 36.57
N ILE E 367 37.38 -21.50 35.94
CA ILE E 367 37.88 -22.81 36.31
C ILE E 367 38.93 -22.62 37.41
N ALA E 368 38.58 -22.99 38.66
CA ALA E 368 39.47 -22.76 39.80
C ALA E 368 40.25 -24.03 40.16
N VAL E 369 41.57 -24.01 39.97
CA VAL E 369 42.42 -25.15 40.26
C VAL E 369 43.00 -24.97 41.65
N THR E 370 42.73 -25.92 42.55
CA THR E 370 43.22 -25.82 43.91
C THR E 370 43.65 -27.18 44.47
N ARG E 371 44.58 -27.16 45.43
CA ARG E 371 45.00 -28.38 46.16
C ARG E 371 44.13 -28.56 47.42
N SER E 372 43.45 -27.49 47.89
CA SER E 372 42.61 -27.56 49.07
C SER E 372 41.27 -28.19 48.75
N ALA E 373 41.01 -29.38 49.31
CA ALA E 373 39.75 -30.08 49.12
C ALA E 373 38.59 -29.25 49.68
N GLN E 374 38.80 -28.60 50.83
CA GLN E 374 37.76 -27.78 51.41
C GLN E 374 37.45 -26.55 50.56
N ALA E 375 38.48 -25.83 50.06
CA ALA E 375 38.26 -24.66 49.19
C ALA E 375 37.54 -25.08 47.92
N ALA E 376 37.86 -26.27 47.38
CA ALA E 376 37.20 -26.78 46.18
C ALA E 376 35.69 -26.98 46.44
N ARG E 377 35.33 -27.45 47.63
CA ARG E 377 33.92 -27.64 47.98
C ARG E 377 33.24 -26.28 48.21
N GLN E 378 33.90 -25.39 48.94
CA GLN E 378 33.34 -24.09 49.29
C GLN E 378 33.14 -23.10 48.13
N VAL E 379 33.96 -23.15 47.06
CA VAL E 379 33.80 -22.20 45.95
C VAL E 379 32.50 -22.43 45.15
N HIS E 380 31.78 -23.54 45.40
CA HIS E 380 30.46 -23.76 44.81
C HIS E 380 29.49 -22.64 45.25
N LEU E 381 29.79 -21.91 46.35
CA LEU E 381 28.96 -20.82 46.80
C LEU E 381 29.01 -19.62 45.82
N CYS E 382 30.05 -19.51 44.98
CA CYS E 382 30.27 -18.39 44.06
C CYS E 382 29.83 -18.72 42.66
N ARG E 383 28.90 -17.93 42.08
CA ARG E 383 28.43 -18.21 40.73
C ARG E 383 29.52 -18.28 39.68
N GLY E 384 29.47 -19.30 38.85
CA GLY E 384 30.38 -19.46 37.75
C GLY E 384 31.76 -19.99 38.08
N VAL E 385 31.96 -20.46 39.32
CA VAL E 385 33.24 -21.05 39.69
C VAL E 385 33.11 -22.57 39.63
N PHE E 386 33.96 -23.20 38.80
CA PHE E 386 34.01 -24.64 38.58
C PHE E 386 35.29 -25.16 39.24
N PRO E 387 35.17 -25.76 40.43
CA PRO E 387 36.36 -26.22 41.15
C PRO E 387 36.98 -27.50 40.64
N LEU E 388 38.31 -27.52 40.51
CA LEU E 388 39.05 -28.70 40.11
C LEU E 388 40.05 -29.00 41.22
N LEU E 389 39.91 -30.18 41.85
CA LEU E 389 40.83 -30.56 42.92
C LEU E 389 42.08 -31.21 42.33
N TYR E 390 43.24 -30.57 42.53
CA TYR E 390 44.53 -31.05 42.03
C TYR E 390 45.19 -31.92 43.11
N ARG E 391 45.53 -33.17 42.76
CA ARG E 391 46.07 -34.10 43.76
C ARG E 391 47.56 -34.42 43.63
N GLU E 392 48.23 -33.95 42.56
CA GLU E 392 49.64 -34.24 42.35
C GLU E 392 50.56 -33.55 43.34
N PRO E 393 51.64 -34.25 43.78
CA PRO E 393 52.59 -33.60 44.69
C PRO E 393 53.37 -32.50 43.98
N PRO E 394 53.85 -31.50 44.73
CA PRO E 394 54.57 -30.38 44.09
C PRO E 394 55.82 -30.73 43.31
N GLU E 395 55.99 -30.08 42.15
CA GLU E 395 57.17 -30.16 41.31
C GLU E 395 58.33 -29.45 42.03
N ALA E 396 59.59 -29.81 41.70
CA ALA E 396 60.75 -29.20 42.33
C ALA E 396 60.84 -27.71 42.04
N ILE E 397 60.56 -27.32 40.80
CA ILE E 397 60.58 -25.92 40.40
C ILE E 397 59.14 -25.38 40.47
N TRP E 398 58.91 -24.35 41.30
CA TRP E 398 57.59 -23.75 41.49
C TRP E 398 56.92 -23.31 40.19
N ALA E 399 57.65 -22.65 39.28
CA ALA E 399 57.09 -22.24 37.99
C ALA E 399 56.56 -23.44 37.18
N ASP E 400 57.23 -24.60 37.27
CA ASP E 400 56.78 -25.82 36.58
C ASP E 400 55.52 -26.36 37.24
N ASP E 401 55.42 -26.27 38.57
CA ASP E 401 54.25 -26.71 39.32
C ASP E 401 53.04 -25.84 38.95
N VAL E 402 53.25 -24.52 38.76
CA VAL E 402 52.20 -23.58 38.36
C VAL E 402 51.71 -23.97 36.96
N ASP E 403 52.64 -24.17 36.02
CA ASP E 403 52.33 -24.57 34.65
C ASP E 403 51.58 -25.89 34.59
N ARG E 404 51.93 -26.88 35.43
CA ARG E 404 51.23 -28.16 35.43
C ARG E 404 49.79 -28.01 35.90
N ARG E 405 49.55 -27.12 36.86
CA ARG E 405 48.20 -26.88 37.35
C ARG E 405 47.36 -26.16 36.29
N VAL E 406 47.95 -25.25 35.51
CA VAL E 406 47.26 -24.56 34.42
C VAL E 406 46.90 -25.59 33.34
N GLN E 407 47.85 -26.49 33.00
CA GLN E 407 47.61 -27.54 32.01
C GLN E 407 46.53 -28.52 32.48
N PHE E 408 46.48 -28.79 33.78
CA PHE E 408 45.44 -29.64 34.35
C PHE E 408 44.05 -28.99 34.17
N GLY E 409 43.98 -27.66 34.31
CA GLY E 409 42.75 -26.91 34.11
C GLY E 409 42.32 -26.97 32.66
N ILE E 410 43.27 -26.88 31.74
CA ILE E 410 43.00 -26.96 30.30
C ILE E 410 42.51 -28.37 29.91
N GLU E 411 43.23 -29.41 30.37
CA GLU E 411 42.85 -30.79 30.08
C GLU E 411 41.50 -31.16 30.70
N SER E 412 41.21 -30.69 31.93
CA SER E 412 39.92 -30.96 32.56
C SER E 412 38.78 -30.22 31.86
N GLY E 413 39.08 -29.03 31.34
CA GLY E 413 38.10 -28.23 30.63
C GLY E 413 37.76 -28.86 29.30
N LYS E 414 38.79 -29.37 28.59
CA LYS E 414 38.57 -30.06 27.31
C LYS E 414 37.72 -31.31 27.51
N LEU E 415 38.03 -32.11 28.55
CA LEU E 415 37.31 -33.34 28.83
C LEU E 415 35.85 -33.05 29.15
N ARG E 416 35.60 -32.00 29.96
CA ARG E 416 34.23 -31.68 30.37
C ARG E 416 33.42 -30.87 29.35
N GLY E 417 34.03 -30.44 28.26
CA GLY E 417 33.32 -29.69 27.23
C GLY E 417 33.35 -28.19 27.37
N PHE E 418 34.11 -27.65 28.33
CA PHE E 418 34.25 -26.21 28.51
C PHE E 418 35.13 -25.60 27.42
N LEU E 419 36.17 -26.33 26.99
CA LEU E 419 37.15 -25.82 26.05
C LEU E 419 37.35 -26.72 24.86
N ARG E 420 37.74 -26.13 23.75
CA ARG E 420 38.08 -26.85 22.54
C ARG E 420 39.33 -26.18 21.92
N VAL E 421 40.03 -26.89 21.05
CA VAL E 421 41.20 -26.35 20.36
C VAL E 421 40.79 -25.12 19.54
N GLY E 422 41.55 -24.04 19.68
CA GLY E 422 41.23 -22.80 19.00
C GLY E 422 40.57 -21.77 19.90
N ASP E 423 40.04 -22.20 21.05
CA ASP E 423 39.44 -21.27 22.01
C ASP E 423 40.50 -20.38 22.66
N LEU E 424 40.09 -19.22 23.14
CA LEU E 424 40.99 -18.35 23.89
C LEU E 424 40.60 -18.48 25.35
N VAL E 425 41.59 -18.52 26.23
CA VAL E 425 41.35 -18.56 27.66
C VAL E 425 42.19 -17.49 28.33
N ILE E 426 41.72 -17.01 29.47
CA ILE E 426 42.46 -16.05 30.28
C ILE E 426 43.00 -16.86 31.45
N VAL E 427 44.29 -16.75 31.76
CA VAL E 427 44.90 -17.51 32.85
C VAL E 427 45.36 -16.55 33.95
N VAL E 428 44.89 -16.76 35.17
CA VAL E 428 45.19 -15.90 36.31
C VAL E 428 46.05 -16.65 37.34
N THR E 429 47.28 -16.15 37.57
CA THR E 429 48.25 -16.74 38.50
C THR E 429 48.91 -15.62 39.37
N GLY E 430 49.84 -15.99 40.26
CA GLY E 430 50.55 -15.07 41.13
C GLY E 430 52.06 -15.14 40.96
N TRP E 431 52.79 -14.23 41.61
CA TRP E 431 54.23 -14.13 41.43
C TRP E 431 55.05 -15.00 42.42
N ARG E 432 54.43 -15.50 43.49
CA ARG E 432 55.10 -16.34 44.47
C ARG E 432 54.10 -17.31 45.12
N PRO E 433 54.59 -18.41 45.76
CA PRO E 433 53.66 -19.35 46.41
C PRO E 433 52.92 -18.73 47.59
N GLY E 434 51.82 -19.36 47.98
CA GLY E 434 51.01 -18.89 49.10
C GLY E 434 49.88 -18.02 48.62
N SER E 435 48.84 -17.93 49.46
CA SER E 435 47.64 -17.14 49.23
C SER E 435 47.94 -15.64 49.24
N GLY E 436 47.20 -14.87 48.44
CA GLY E 436 47.29 -13.42 48.46
C GLY E 436 48.21 -12.74 47.47
N TYR E 437 48.85 -13.49 46.58
CA TYR E 437 49.82 -12.91 45.64
C TYR E 437 49.43 -12.99 44.18
N THR E 438 48.13 -13.20 43.85
CA THR E 438 47.68 -13.20 42.45
C THR E 438 47.94 -11.79 41.85
N ASN E 439 48.60 -11.73 40.70
CA ASN E 439 48.93 -10.45 40.07
C ASN E 439 49.15 -10.56 38.57
N ILE E 440 48.89 -11.73 37.96
CA ILE E 440 49.18 -11.96 36.55
C ILE E 440 47.97 -12.45 35.75
N MET E 441 47.76 -11.87 34.57
CA MET E 441 46.72 -12.30 33.66
CA MET E 441 46.70 -12.25 33.64
C MET E 441 47.37 -12.54 32.28
N ARG E 442 47.10 -13.72 31.70
CA ARG E 442 47.69 -14.10 30.42
C ARG E 442 46.60 -14.52 29.43
N VAL E 443 46.75 -14.18 28.14
CA VAL E 443 45.77 -14.60 27.14
C VAL E 443 46.39 -15.76 26.35
N LEU E 444 45.75 -16.92 26.43
CA LEU E 444 46.29 -18.16 25.88
C LEU E 444 45.39 -18.81 24.87
N SER E 445 45.97 -19.29 23.76
CA SER E 445 45.19 -20.01 22.75
CA SER E 445 45.20 -20.01 22.74
C SER E 445 45.26 -21.50 23.06
N ILE E 446 44.11 -22.17 23.06
CA ILE E 446 44.06 -23.60 23.35
C ILE E 446 44.57 -24.42 22.19
N SER E 447 45.61 -25.23 22.40
CA SER E 447 46.16 -26.08 21.35
C SER E 447 45.90 -27.57 21.64
N ALA F 13 31.55 5.81 48.45
CA ALA F 13 31.90 4.43 48.80
C ALA F 13 32.86 3.80 47.79
N ASP F 14 32.74 4.16 46.51
CA ASP F 14 33.60 3.62 45.45
C ASP F 14 35.05 4.15 45.53
N VAL F 15 35.28 5.28 46.24
CA VAL F 15 36.62 5.84 46.36
C VAL F 15 37.07 6.02 47.82
N ALA F 16 36.26 5.60 48.81
CA ALA F 16 36.54 5.81 50.24
C ALA F 16 37.82 5.15 50.79
N GLN F 17 38.08 3.89 50.44
CA GLN F 17 39.30 3.22 50.93
C GLN F 17 40.53 3.81 50.28
N LEU F 18 40.47 4.09 48.97
CA LEU F 18 41.60 4.71 48.30
C LEU F 18 41.82 6.14 48.74
N THR F 19 40.76 6.85 49.16
CA THR F 19 40.89 8.21 49.67
C THR F 19 41.63 8.17 51.01
N GLN F 20 41.36 7.16 51.86
CA GLN F 20 42.05 7.04 53.14
C GLN F 20 43.54 6.73 52.92
N GLU F 21 43.84 5.80 51.99
CA GLU F 21 45.20 5.38 51.69
C GLU F 21 46.04 6.45 51.00
N LEU F 22 45.50 7.05 49.91
CA LEU F 22 46.24 8.06 49.11
C LEU F 22 46.07 9.50 49.60
N GLY F 23 45.03 9.74 50.39
CA GLY F 23 44.75 11.05 50.94
C GLY F 23 43.79 11.89 50.12
N THR F 24 43.20 12.90 50.77
CA THR F 24 42.28 13.83 50.11
C THR F 24 43.01 14.71 49.13
N ALA F 25 44.29 15.07 49.39
CA ALA F 25 45.01 15.95 48.45
C ALA F 25 45.17 15.28 47.10
N PHE F 26 45.42 13.95 47.08
CA PHE F 26 45.55 13.20 45.83
C PHE F 26 44.26 13.32 44.99
N PHE F 27 43.09 13.14 45.63
CA PHE F 27 41.82 13.16 44.93
C PHE F 27 41.30 14.57 44.62
N GLN F 28 42.03 15.63 44.98
CA GLN F 28 41.65 16.99 44.63
C GLN F 28 42.40 17.44 43.35
N GLN F 29 43.58 16.85 43.06
CA GLN F 29 44.43 17.15 41.92
C GLN F 29 43.90 16.51 40.63
N GLN F 30 44.52 16.84 39.47
CA GLN F 30 44.27 16.33 38.14
C GLN F 30 42.79 16.18 37.77
N GLN F 31 41.95 17.12 38.21
CA GLN F 31 40.51 17.12 37.98
C GLN F 31 39.83 15.81 38.36
N LEU F 32 40.33 15.15 39.42
CA LEU F 32 39.73 13.89 39.88
C LEU F 32 38.29 14.05 40.37
N PRO F 33 37.84 15.14 41.05
CA PRO F 33 36.42 15.25 41.36
C PRO F 33 35.58 15.28 40.09
N ALA F 34 36.02 15.99 39.04
CA ALA F 34 35.30 16.03 37.76
C ALA F 34 35.35 14.68 37.03
N ALA F 35 36.42 13.90 37.25
CA ALA F 35 36.59 12.58 36.67
C ALA F 35 35.59 11.59 37.25
N MET F 36 35.24 11.71 38.53
CA MET F 36 34.30 10.78 39.16
C MET F 36 32.82 11.11 38.92
N ALA F 37 32.51 12.18 38.16
CA ALA F 37 31.13 12.59 37.94
C ALA F 37 30.29 11.57 37.17
N ASP F 38 29.00 11.50 37.51
CA ASP F 38 28.07 10.54 36.90
C ASP F 38 27.53 10.99 35.55
N THR F 39 27.58 12.30 35.24
CA THR F 39 27.13 12.82 33.94
C THR F 39 28.18 13.81 33.38
N PHE F 40 28.15 14.06 32.07
CA PHE F 40 29.07 15.02 31.45
C PHE F 40 28.77 16.43 31.98
N LEU F 41 27.49 16.77 32.21
CA LEU F 41 27.13 18.07 32.74
C LEU F 41 27.73 18.28 34.13
N GLU F 42 27.63 17.26 35.01
CA GLU F 42 28.21 17.34 36.34
C GLU F 42 29.75 17.39 36.28
N HIS F 43 30.35 16.68 35.29
CA HIS F 43 31.79 16.71 35.05
C HIS F 43 32.24 18.15 34.76
N LEU F 44 31.51 18.87 33.89
CA LEU F 44 31.82 20.28 33.58
C LEU F 44 31.71 21.14 34.83
N CYS F 45 30.60 20.98 35.61
CA CYS F 45 30.36 21.76 36.83
C CYS F 45 31.47 21.56 37.87
N LEU F 46 32.16 20.42 37.85
CA LEU F 46 33.21 20.12 38.82
C LEU F 46 34.61 20.48 38.38
N LEU F 47 34.81 21.00 37.15
CA LEU F 47 36.15 21.42 36.70
C LEU F 47 36.64 22.56 37.60
N ASP F 48 37.88 22.46 38.07
CA ASP F 48 38.40 23.37 39.08
C ASP F 48 39.75 23.96 38.65
N ILE F 49 39.85 25.30 38.57
CA ILE F 49 41.10 25.96 38.22
C ILE F 49 42.19 25.76 39.29
N ASP F 50 41.82 25.38 40.53
CA ASP F 50 42.79 25.10 41.60
C ASP F 50 43.23 23.62 41.61
N SER F 51 42.68 22.78 40.74
CA SER F 51 43.05 21.39 40.66
C SER F 51 44.21 21.26 39.69
N GLU F 52 45.42 21.15 40.21
CA GLU F 52 46.64 21.13 39.42
C GLU F 52 46.91 19.83 38.68
N PRO F 53 47.37 19.93 37.42
CA PRO F 53 47.71 18.71 36.68
C PRO F 53 48.92 18.01 37.30
N VAL F 54 48.93 16.67 37.31
CA VAL F 54 50.04 15.93 37.90
C VAL F 54 50.73 15.07 36.82
N ALA F 55 49.95 14.45 35.94
CA ALA F 55 50.49 13.57 34.91
C ALA F 55 51.39 14.30 33.91
N ALA F 56 52.34 13.56 33.29
CA ALA F 56 53.20 14.13 32.25
C ALA F 56 52.30 14.42 31.02
N ARG F 57 52.67 15.42 30.23
CA ARG F 57 51.90 15.85 29.08
C ARG F 57 51.88 14.75 28.02
N SER F 58 50.70 14.29 27.66
CA SER F 58 50.54 13.18 26.76
C SER F 58 50.31 13.54 25.28
N THR F 59 49.79 14.72 24.95
CA THR F 59 49.58 15.12 23.54
C THR F 59 50.90 15.64 22.99
N SER F 60 51.42 15.03 21.91
CA SER F 60 52.70 15.47 21.34
C SER F 60 52.61 16.80 20.64
N ILE F 61 53.72 17.53 20.66
CA ILE F 61 53.82 18.82 20.00
C ILE F 61 54.71 18.71 18.78
N ILE F 62 54.16 19.12 17.63
CA ILE F 62 54.91 19.15 16.39
C ILE F 62 55.30 20.60 16.17
N ALA F 63 56.60 20.89 16.01
CA ALA F 63 57.03 22.26 15.77
C ALA F 63 57.65 22.34 14.37
N THR F 64 57.25 23.33 13.60
CA THR F 64 57.79 23.52 12.25
C THR F 64 59.13 24.20 12.35
N ILE F 65 60.14 23.64 11.67
CA ILE F 65 61.48 24.21 11.70
C ILE F 65 61.63 25.28 10.61
N GLY F 66 62.22 26.40 10.97
CA GLY F 66 62.47 27.49 10.05
C GLY F 66 63.57 28.40 10.57
N PRO F 67 63.69 29.60 9.99
CA PRO F 67 64.73 30.53 10.44
C PRO F 67 64.72 30.86 11.95
N ALA F 68 63.54 30.85 12.59
CA ALA F 68 63.46 31.14 14.04
C ALA F 68 63.81 29.95 14.93
N SER F 69 63.90 28.75 14.37
CA SER F 69 64.10 27.55 15.16
C SER F 69 65.10 26.58 14.53
N ARG F 70 66.07 27.07 13.80
CA ARG F 70 67.04 26.23 13.08
C ARG F 70 68.38 25.99 13.78
N SER F 71 68.89 26.96 14.57
CA SER F 71 70.17 26.78 15.24
C SER F 71 70.11 25.65 16.26
N VAL F 72 71.24 24.96 16.46
CA VAL F 72 71.37 23.84 17.39
C VAL F 72 71.01 24.28 18.81
N GLU F 73 71.44 25.49 19.21
CA GLU F 73 71.15 25.99 20.53
C GLU F 73 69.66 26.28 20.74
N ARG F 74 68.98 26.80 19.69
CA ARG F 74 67.56 27.07 19.75
C ARG F 74 66.77 25.74 19.79
N LEU F 75 67.19 24.77 18.99
CA LEU F 75 66.58 23.45 18.98
C LEU F 75 66.69 22.71 20.33
N LYS F 76 67.81 22.91 21.08
CA LYS F 76 67.96 22.30 22.40
C LYS F 76 66.93 22.90 23.34
N GLU F 77 66.69 24.22 23.27
CA GLU F 77 65.68 24.91 24.08
CA GLU F 77 65.69 24.86 24.11
C GLU F 77 64.27 24.36 23.75
N MET F 78 64.01 24.13 22.45
CA MET F 78 62.71 23.63 22.02
CA MET F 78 62.71 23.63 22.02
C MET F 78 62.47 22.20 22.46
N ILE F 79 63.52 21.38 22.51
CA ILE F 79 63.40 19.99 22.98
C ILE F 79 63.09 20.03 24.49
N LYS F 80 63.79 20.89 25.25
CA LYS F 80 63.56 21.06 26.68
C LYS F 80 62.15 21.59 26.95
N ALA F 81 61.63 22.48 26.08
CA ALA F 81 60.28 23.03 26.22
C ALA F 81 59.17 22.01 25.94
N GLY F 82 59.49 20.95 25.19
CA GLY F 82 58.51 19.91 24.91
C GLY F 82 58.30 19.47 23.47
N MET F 83 59.05 19.99 22.50
CA MET F 83 58.90 19.58 21.09
C MET F 83 59.20 18.08 20.95
N ASN F 84 58.26 17.32 20.35
CA ASN F 84 58.45 15.89 20.18
C ASN F 84 58.70 15.49 18.74
N ILE F 85 58.15 16.29 17.79
CA ILE F 85 58.25 16.05 16.35
C ILE F 85 58.67 17.34 15.66
N ALA F 86 59.71 17.28 14.82
CA ALA F 86 60.19 18.43 14.06
C ALA F 86 59.63 18.32 12.65
N ARG F 87 58.92 19.35 12.18
CA ARG F 87 58.31 19.33 10.87
C ARG F 87 59.12 20.15 9.87
N LEU F 88 59.46 19.55 8.73
CA LEU F 88 60.20 20.23 7.65
C LEU F 88 59.18 20.52 6.56
N ASN F 89 58.91 21.79 6.30
CA ASN F 89 57.94 22.15 5.28
C ASN F 89 58.62 22.25 3.90
N PHE F 90 58.41 21.23 3.06
CA PHE F 90 59.03 21.20 1.73
C PHE F 90 58.35 22.11 0.70
N SER F 91 57.38 22.96 1.13
CA SER F 91 56.82 23.97 0.24
C SER F 91 57.85 25.10 0.00
N HIS F 92 58.82 25.28 0.92
CA HIS F 92 59.86 26.29 0.82
C HIS F 92 61.22 25.66 1.14
N GLY F 93 62.29 26.23 0.62
CA GLY F 93 63.64 25.77 0.91
C GLY F 93 64.13 24.64 0.02
N SER F 94 65.44 24.64 -0.24
CA SER F 94 66.07 23.62 -1.07
C SER F 94 66.34 22.33 -0.27
N HIS F 95 66.76 21.27 -0.97
CA HIS F 95 67.16 20.02 -0.32
C HIS F 95 68.36 20.27 0.61
N GLU F 96 69.27 21.16 0.22
CA GLU F 96 70.45 21.50 1.02
C GLU F 96 70.03 22.17 2.33
N TYR F 97 69.04 23.07 2.26
CA TYR F 97 68.50 23.76 3.43
C TYR F 97 67.88 22.75 4.41
N HIS F 98 67.05 21.83 3.90
CA HIS F 98 66.39 20.84 4.73
C HIS F 98 67.35 19.81 5.31
N ALA F 99 68.42 19.45 4.58
CA ALA F 99 69.42 18.51 5.10
C ALA F 99 70.15 19.15 6.28
N GLU F 100 70.42 20.45 6.23
CA GLU F 100 71.08 21.14 7.33
C GLU F 100 70.13 21.23 8.54
N SER F 101 68.82 21.44 8.31
CA SER F 101 67.84 21.47 9.39
C SER F 101 67.81 20.11 10.10
N ILE F 102 67.80 19.00 9.33
CA ILE F 102 67.81 17.63 9.84
C ILE F 102 69.07 17.37 10.68
N ALA F 103 70.25 17.79 10.16
CA ALA F 103 71.50 17.61 10.88
C ALA F 103 71.48 18.40 12.20
N ASN F 104 70.94 19.62 12.19
CA ASN F 104 70.86 20.44 13.41
C ASN F 104 69.92 19.83 14.43
N VAL F 105 68.80 19.25 13.99
CA VAL F 105 67.85 18.59 14.89
C VAL F 105 68.55 17.38 15.53
N ARG F 106 69.18 16.53 14.71
CA ARG F 106 69.90 15.37 15.22
C ARG F 106 71.04 15.73 16.18
N GLU F 107 71.76 16.82 15.91
CA GLU F 107 72.83 17.25 16.80
C GLU F 107 72.25 17.71 18.16
N ALA F 108 71.15 18.47 18.13
CA ALA F 108 70.50 18.93 19.37
C ALA F 108 69.93 17.73 20.15
N VAL F 109 69.35 16.74 19.45
CA VAL F 109 68.78 15.53 20.06
C VAL F 109 69.86 14.69 20.73
N GLU F 110 70.96 14.45 20.02
CA GLU F 110 72.04 13.63 20.53
C GLU F 110 72.86 14.30 21.64
N SER F 111 72.72 15.63 21.82
CA SER F 111 73.38 16.30 22.93
C SER F 111 72.82 15.85 24.31
N PHE F 112 71.63 15.22 24.35
CA PHE F 112 71.05 14.70 25.60
C PHE F 112 71.17 13.16 25.71
N ALA F 113 71.91 12.49 24.78
CA ALA F 113 72.04 11.03 24.80
C ALA F 113 72.98 10.44 25.85
N GLY F 114 73.57 11.27 26.70
CA GLY F 114 74.48 10.79 27.73
C GLY F 114 73.77 9.91 28.74
N SER F 115 72.57 10.33 29.15
CA SER F 115 71.80 9.58 30.12
C SER F 115 70.64 8.94 29.40
N PRO F 116 70.76 7.64 29.09
CA PRO F 116 69.65 6.95 28.42
C PRO F 116 68.36 6.98 29.21
N LEU F 117 68.44 7.12 30.54
CA LEU F 117 67.28 7.21 31.38
C LEU F 117 66.52 8.57 31.19
N SER F 118 67.18 9.62 30.66
CA SER F 118 66.49 10.91 30.44
C SER F 118 66.22 11.29 28.91
N TYR F 119 67.26 11.19 27.99
CA TYR F 119 67.27 11.43 26.52
C TYR F 119 65.86 11.62 25.91
N ARG F 120 65.69 12.50 24.90
CA ARG F 120 64.37 12.67 24.27
C ARG F 120 64.37 12.35 22.78
N PRO F 121 63.78 11.20 22.38
CA PRO F 121 63.70 10.90 20.95
C PRO F 121 62.79 11.93 20.26
N VAL F 122 63.26 12.50 19.17
CA VAL F 122 62.48 13.51 18.45
C VAL F 122 62.28 13.01 17.05
N ALA F 123 61.03 12.86 16.60
CA ALA F 123 60.77 12.39 15.25
C ALA F 123 60.99 13.51 14.22
N ILE F 124 61.31 13.13 12.99
CA ILE F 124 61.50 14.10 11.91
C ILE F 124 60.44 13.81 10.86
N ALA F 125 59.60 14.81 10.57
CA ALA F 125 58.50 14.67 9.62
C ALA F 125 58.70 15.56 8.40
N LEU F 126 58.47 14.99 7.22
CA LEU F 126 58.61 15.73 5.97
C LEU F 126 57.21 16.08 5.49
N ASP F 127 56.92 17.37 5.34
CA ASP F 127 55.60 17.82 4.89
C ASP F 127 55.74 18.19 3.41
N THR F 128 55.08 17.44 2.53
CA THR F 128 55.21 17.65 1.09
C THR F 128 54.56 18.93 0.56
N LYS F 129 55.08 19.42 -0.57
CA LYS F 129 54.56 20.61 -1.24
C LYS F 129 53.14 20.36 -1.76
N GLY F 130 52.90 19.16 -2.28
CA GLY F 130 51.57 18.80 -2.75
C GLY F 130 51.42 18.70 -4.25
N PRO F 131 50.22 18.34 -4.71
CA PRO F 131 49.99 18.14 -6.14
C PRO F 131 49.80 19.43 -6.94
N PRO F 135 46.47 16.60 -10.31
CA PRO F 135 45.72 15.33 -10.39
C PRO F 135 46.22 14.29 -9.39
N GLY F 136 47.54 14.10 -9.30
CA GLY F 136 48.13 13.14 -8.38
C GLY F 136 49.52 13.55 -7.92
N LEU F 137 50.40 12.56 -7.67
CA LEU F 137 51.76 12.83 -7.20
C LEU F 137 52.61 13.63 -8.17
N SER F 138 53.03 14.83 -7.76
CA SER F 138 53.84 15.72 -8.58
C SER F 138 55.30 15.24 -8.67
N GLU F 139 56.05 15.74 -9.66
CA GLU F 139 57.45 15.37 -9.85
C GLU F 139 58.32 15.88 -8.72
N GLN F 140 58.02 17.08 -8.17
CA GLN F 140 58.78 17.61 -7.05
C GLN F 140 58.56 16.73 -5.81
N ASP F 141 57.32 16.26 -5.59
CA ASP F 141 57.03 15.37 -4.47
C ASP F 141 57.79 14.06 -4.58
N VAL F 142 57.92 13.50 -5.80
CA VAL F 142 58.70 12.27 -6.00
C VAL F 142 60.16 12.47 -5.57
N ARG F 143 60.75 13.61 -5.95
CA ARG F 143 62.13 13.92 -5.56
C ARG F 143 62.29 14.19 -4.07
N ASP F 144 61.33 14.90 -3.46
CA ASP F 144 61.35 15.22 -2.05
C ASP F 144 61.15 13.97 -1.19
N LEU F 145 60.27 13.06 -1.62
CA LEU F 145 60.05 11.81 -0.91
C LEU F 145 61.29 10.91 -0.96
N ARG F 146 62.01 10.94 -2.09
CA ARG F 146 63.26 10.20 -2.25
C ARG F 146 64.31 10.79 -1.29
N PHE F 147 64.35 12.12 -1.16
CA PHE F 147 65.25 12.81 -0.23
C PHE F 147 64.93 12.35 1.21
N GLY F 148 63.64 12.25 1.54
CA GLY F 148 63.19 11.81 2.86
C GLY F 148 63.70 10.44 3.23
N VAL F 149 63.58 9.48 2.31
CA VAL F 149 64.07 8.12 2.51
C VAL F 149 65.58 8.12 2.70
N GLU F 150 66.30 8.86 1.85
CA GLU F 150 67.76 8.93 1.93
C GLU F 150 68.25 9.57 3.21
N HIS F 151 67.48 10.51 3.77
CA HIS F 151 67.86 11.17 5.01
C HIS F 151 67.22 10.56 6.28
N GLY F 152 66.56 9.41 6.13
CA GLY F 152 65.97 8.69 7.24
C GLY F 152 64.85 9.38 8.02
N VAL F 153 63.95 10.09 7.31
CA VAL F 153 62.82 10.71 7.99
C VAL F 153 61.89 9.64 8.57
N ASP F 154 61.19 9.95 9.65
CA ASP F 154 60.31 8.99 10.32
C ASP F 154 58.89 9.03 9.80
N ILE F 155 58.44 10.23 9.38
CA ILE F 155 57.05 10.47 9.01
C ILE F 155 56.95 11.34 7.77
N VAL F 156 55.90 11.13 6.99
CA VAL F 156 55.57 11.99 5.88
C VAL F 156 54.17 12.58 6.16
N PHE F 157 54.03 13.91 6.10
CA PHE F 157 52.73 14.56 6.18
C PHE F 157 52.41 14.81 4.69
N ALA F 158 51.58 13.95 4.08
CA ALA F 158 51.27 14.07 2.65
C ALA F 158 50.19 15.11 2.37
N SER F 159 50.56 16.19 1.69
CA SER F 159 49.64 17.28 1.39
C SER F 159 48.56 16.93 0.38
N PHE F 160 47.37 17.53 0.58
CA PHE F 160 46.20 17.42 -0.30
C PHE F 160 45.85 15.98 -0.70
N VAL F 161 45.71 15.09 0.28
CA VAL F 161 45.30 13.72 0.00
C VAL F 161 43.80 13.76 -0.27
N ARG F 162 43.37 13.28 -1.45
CA ARG F 162 41.97 13.30 -1.88
C ARG F 162 41.32 11.93 -2.00
N LYS F 163 42.12 10.87 -2.05
CA LYS F 163 41.63 9.51 -2.24
C LYS F 163 42.72 8.49 -1.86
N ALA F 164 42.33 7.21 -1.72
CA ALA F 164 43.26 6.14 -1.35
C ALA F 164 44.45 6.00 -2.33
N SER F 165 44.22 6.22 -3.64
CA SER F 165 45.31 6.11 -4.62
C SER F 165 46.40 7.16 -4.43
N ASP F 166 46.08 8.30 -3.79
CA ASP F 166 47.10 9.31 -3.49
C ASP F 166 48.08 8.77 -2.45
N VAL F 167 47.58 8.02 -1.46
CA VAL F 167 48.39 7.41 -0.42
C VAL F 167 49.27 6.30 -1.03
N ALA F 168 48.70 5.50 -1.93
CA ALA F 168 49.46 4.44 -2.60
C ALA F 168 50.60 5.03 -3.42
N ALA F 169 50.37 6.18 -4.07
CA ALA F 169 51.42 6.86 -4.85
C ALA F 169 52.55 7.34 -3.93
N VAL F 170 52.22 7.88 -2.74
CA VAL F 170 53.23 8.32 -1.79
C VAL F 170 54.04 7.11 -1.30
N ARG F 171 53.34 6.01 -0.99
CA ARG F 171 53.97 4.78 -0.52
CA ARG F 171 53.97 4.78 -0.52
C ARG F 171 54.95 4.25 -1.57
N ALA F 172 54.53 4.21 -2.86
CA ALA F 172 55.38 3.73 -3.96
C ALA F 172 56.60 4.61 -4.13
N ALA F 173 56.46 5.94 -4.02
CA ALA F 173 57.58 6.88 -4.13
C ALA F 173 58.60 6.74 -2.99
N LEU F 174 58.19 6.19 -1.85
CA LEU F 174 59.11 5.95 -0.74
C LEU F 174 60.03 4.71 -1.02
N GLY F 175 59.65 3.87 -1.99
CA GLY F 175 60.42 2.71 -2.41
C GLY F 175 60.48 1.57 -1.41
N PRO F 176 61.31 0.56 -1.70
CA PRO F 176 61.42 -0.58 -0.78
C PRO F 176 62.12 -0.25 0.54
N GLU F 177 62.99 0.77 0.55
CA GLU F 177 63.68 1.17 1.79
C GLU F 177 62.86 2.07 2.71
N GLY F 178 61.75 2.62 2.23
CA GLY F 178 60.91 3.50 3.03
C GLY F 178 59.63 2.86 3.53
N HIS F 179 59.63 1.54 3.69
CA HIS F 179 58.45 0.81 4.16
C HIS F 179 58.09 1.10 5.61
N GLY F 180 59.07 1.49 6.41
CA GLY F 180 58.87 1.78 7.83
C GLY F 180 58.40 3.19 8.12
N ILE F 181 58.43 4.09 7.13
CA ILE F 181 58.00 5.47 7.29
C ILE F 181 56.47 5.58 7.46
N LYS F 182 56.01 6.35 8.46
CA LYS F 182 54.58 6.53 8.69
C LYS F 182 54.02 7.58 7.74
N ILE F 183 52.89 7.28 7.10
CA ILE F 183 52.25 8.24 6.21
C ILE F 183 51.03 8.83 6.90
N ILE F 184 51.08 10.12 7.18
CA ILE F 184 49.98 10.87 7.78
C ILE F 184 49.36 11.68 6.66
N SER F 185 48.12 11.34 6.30
CA SER F 185 47.44 12.04 5.20
C SER F 185 46.85 13.37 5.65
N LYS F 186 47.19 14.46 4.96
CA LYS F 186 46.62 15.77 5.28
C LYS F 186 45.28 15.93 4.53
N ILE F 187 44.18 16.18 5.28
CA ILE F 187 42.86 16.40 4.67
C ILE F 187 42.70 17.88 4.57
N GLU F 188 42.69 18.43 3.33
CA GLU F 188 42.68 19.86 3.12
C GLU F 188 41.57 20.37 2.20
N ASN F 189 40.66 19.51 1.74
CA ASN F 189 39.60 19.97 0.83
C ASN F 189 38.32 19.14 0.96
N HIS F 190 37.25 19.53 0.25
CA HIS F 190 35.98 18.83 0.30
C HIS F 190 36.10 17.36 -0.05
N GLU F 191 36.81 17.03 -1.13
CA GLU F 191 36.97 15.64 -1.54
C GLU F 191 37.66 14.76 -0.48
N GLY F 192 38.69 15.29 0.16
CA GLY F 192 39.39 14.58 1.24
C GLY F 192 38.47 14.25 2.39
N VAL F 193 37.56 15.19 2.74
CA VAL F 193 36.58 14.98 3.81
C VAL F 193 35.56 13.92 3.39
N LYS F 194 35.03 14.02 2.17
CA LYS F 194 34.04 13.06 1.69
C LYS F 194 34.59 11.65 1.50
N ARG F 195 35.84 11.54 1.08
CA ARG F 195 36.50 10.23 0.88
C ARG F 195 37.34 9.83 2.11
N PHE F 196 37.11 10.45 3.28
CA PHE F 196 37.87 10.21 4.51
C PHE F 196 38.06 8.74 4.89
N ASP F 197 36.98 7.94 4.89
CA ASP F 197 37.07 6.55 5.30
C ASP F 197 38.05 5.74 4.47
N GLU F 198 38.06 5.92 3.15
CA GLU F 198 38.98 5.18 2.29
C GLU F 198 40.44 5.67 2.46
N ILE F 199 40.63 6.95 2.81
CA ILE F 199 41.95 7.50 3.03
C ILE F 199 42.53 7.00 4.36
N LEU F 200 41.72 7.04 5.43
CA LEU F 200 42.16 6.58 6.76
C LEU F 200 42.52 5.09 6.74
N GLU F 201 41.73 4.28 6.00
CA GLU F 201 41.95 2.85 5.88
C GLU F 201 43.38 2.50 5.43
N VAL F 202 43.93 3.25 4.46
CA VAL F 202 45.26 2.98 3.94
C VAL F 202 46.37 3.88 4.53
N SER F 203 46.02 4.85 5.39
CA SER F 203 47.00 5.74 5.97
C SER F 203 47.38 5.27 7.38
N ASP F 204 48.53 5.73 7.88
CA ASP F 204 48.91 5.46 9.27
C ASP F 204 48.19 6.43 10.25
N GLY F 205 47.76 7.58 9.75
CA GLY F 205 47.07 8.59 10.51
C GLY F 205 46.63 9.75 9.64
N ILE F 206 46.08 10.80 10.27
CA ILE F 206 45.52 11.94 9.56
C ILE F 206 45.97 13.27 10.16
N MET F 207 46.05 14.31 9.34
CA MET F 207 46.26 15.65 9.82
C MET F 207 45.07 16.48 9.35
N VAL F 208 44.42 17.19 10.28
CA VAL F 208 43.33 18.11 9.94
C VAL F 208 44.08 19.40 9.60
N ALA F 209 44.32 19.64 8.29
CA ALA F 209 45.10 20.76 7.82
C ALA F 209 44.17 21.92 7.61
N ARG F 210 43.88 22.64 8.70
CA ARG F 210 42.84 23.67 8.76
C ARG F 210 43.06 24.91 7.89
N GLY F 211 44.30 25.25 7.57
CA GLY F 211 44.62 26.39 6.72
C GLY F 211 43.96 26.28 5.36
N ASP F 212 44.33 25.25 4.58
CA ASP F 212 43.70 25.04 3.27
C ASP F 212 42.27 24.58 3.40
N LEU F 213 41.95 23.76 4.41
CA LEU F 213 40.58 23.30 4.61
C LEU F 213 39.59 24.50 4.79
N GLY F 214 40.03 25.52 5.52
CA GLY F 214 39.25 26.72 5.77
C GLY F 214 39.08 27.66 4.57
N ILE F 215 39.80 27.40 3.48
CA ILE F 215 39.68 28.14 2.21
C ILE F 215 38.91 27.26 1.19
N GLU F 216 39.03 25.94 1.27
CA GLU F 216 38.38 24.99 0.38
C GLU F 216 36.90 24.77 0.72
N ILE F 217 36.57 24.82 2.01
CA ILE F 217 35.19 24.69 2.46
C ILE F 217 34.86 25.94 3.30
N PRO F 218 33.58 26.27 3.55
CA PRO F 218 33.26 27.44 4.38
C PRO F 218 33.99 27.41 5.74
N ALA F 219 34.56 28.52 6.15
CA ALA F 219 35.33 28.63 7.39
C ALA F 219 34.53 28.17 8.62
N GLU F 220 33.23 28.45 8.62
CA GLU F 220 32.33 28.08 9.72
C GLU F 220 32.02 26.57 9.77
N LYS F 221 32.50 25.77 8.82
CA LYS F 221 32.29 24.32 8.81
C LYS F 221 33.55 23.53 9.21
N VAL F 222 34.72 24.19 9.30
CA VAL F 222 35.96 23.50 9.65
C VAL F 222 35.89 22.73 10.97
N PHE F 223 35.24 23.29 12.00
CA PHE F 223 35.13 22.61 13.29
C PHE F 223 34.39 21.26 13.17
N LEU F 224 33.41 21.17 12.23
CA LEU F 224 32.65 19.93 12.04
C LEU F 224 33.58 18.88 11.43
N ALA F 225 34.40 19.28 10.43
CA ALA F 225 35.34 18.35 9.80
C ALA F 225 36.39 17.92 10.82
N GLN F 226 36.90 18.86 11.64
CA GLN F 226 37.90 18.55 12.66
C GLN F 226 37.35 17.53 13.68
N LYS F 227 36.17 17.79 14.24
CA LYS F 227 35.58 16.91 15.25
C LYS F 227 35.23 15.54 14.69
N MET F 228 34.72 15.48 13.45
CA MET F 228 34.39 14.22 12.80
C MET F 228 35.65 13.39 12.56
N MET F 229 36.70 14.01 11.99
CA MET F 229 37.94 13.29 11.69
C MET F 229 38.64 12.81 12.94
N ILE F 230 38.66 13.63 14.01
CA ILE F 230 39.27 13.21 15.26
C ILE F 230 38.49 12.02 15.85
N GLY F 231 37.16 12.09 15.83
CA GLY F 231 36.33 11.01 16.34
C GLY F 231 36.54 9.71 15.59
N ARG F 232 36.62 9.77 14.24
CA ARG F 232 36.83 8.57 13.43
C ARG F 232 38.21 8.00 13.63
N CYS F 233 39.24 8.85 13.78
CA CYS F 233 40.60 8.36 14.06
C CYS F 233 40.66 7.71 15.41
N ASN F 234 39.98 8.29 16.43
CA ASN F 234 39.95 7.71 17.78
C ASN F 234 39.27 6.32 17.74
N LEU F 235 38.19 6.19 16.97
CA LEU F 235 37.47 4.95 16.82
C LEU F 235 38.37 3.90 16.12
N ALA F 236 39.11 4.31 15.09
CA ALA F 236 40.04 3.43 14.37
C ALA F 236 41.35 3.12 15.12
N GLY F 237 41.66 3.88 16.17
CA GLY F 237 42.89 3.70 16.92
C GLY F 237 44.10 4.19 16.14
N LYS F 238 43.93 5.22 15.29
CA LYS F 238 45.02 5.76 14.48
C LYS F 238 45.30 7.23 14.84
N PRO F 239 46.57 7.65 14.85
CA PRO F 239 46.88 9.04 15.24
C PRO F 239 46.25 10.14 14.39
N VAL F 240 45.86 11.23 15.04
CA VAL F 240 45.28 12.37 14.37
C VAL F 240 45.96 13.64 14.89
N VAL F 241 46.34 14.52 13.96
CA VAL F 241 47.00 15.77 14.27
C VAL F 241 46.06 16.95 14.03
N CYS F 242 45.99 17.90 14.97
CA CYS F 242 45.25 19.13 14.72
C CYS F 242 46.29 20.18 14.35
N ALA F 243 46.09 20.90 13.23
CA ALA F 243 47.10 21.85 12.78
C ALA F 243 46.54 23.20 12.34
N THR F 244 47.41 24.24 12.35
CA THR F 244 47.33 25.58 11.75
C THR F 244 46.58 26.62 12.55
N GLN F 245 47.30 27.72 12.83
CA GLN F 245 46.84 28.93 13.52
C GLN F 245 46.37 28.69 14.94
N MET F 246 46.87 27.62 15.60
CA MET F 246 46.47 27.31 16.96
C MET F 246 46.89 28.41 17.95
N LEU F 247 48.11 28.99 17.77
CA LEU F 247 48.59 30.08 18.63
C LEU F 247 49.18 31.19 17.72
N GLU F 248 48.54 31.46 16.58
CA GLU F 248 48.98 32.40 15.56
C GLU F 248 49.52 33.74 16.08
N SER F 249 48.80 34.43 16.99
CA SER F 249 49.25 35.72 17.50
C SER F 249 50.60 35.68 18.21
N MET F 250 51.03 34.48 18.65
CA MET F 250 52.35 34.33 19.28
C MET F 250 53.52 34.46 18.29
N ILE F 251 53.25 34.65 17.00
CA ILE F 251 54.30 34.96 16.01
C ILE F 251 54.95 36.31 16.40
N THR F 252 54.17 37.28 16.93
CA THR F 252 54.72 38.58 17.34
C THR F 252 54.45 38.92 18.81
N LYS F 253 53.49 38.25 19.48
CA LYS F 253 53.17 38.57 20.88
C LYS F 253 53.62 37.48 21.84
N PRO F 254 54.07 37.84 23.07
CA PRO F 254 54.56 36.82 24.00
C PRO F 254 53.47 35.95 24.62
N ARG F 255 52.20 36.40 24.56
CA ARG F 255 51.05 35.69 25.11
C ARG F 255 49.96 35.55 24.02
N PRO F 256 49.26 34.42 24.00
CA PRO F 256 48.24 34.20 22.96
C PRO F 256 46.89 34.84 23.31
N THR F 257 45.96 34.83 22.33
CA THR F 257 44.62 35.36 22.59
C THR F 257 43.76 34.32 23.37
N ARG F 258 42.60 34.73 23.87
CA ARG F 258 41.70 33.84 24.59
C ARG F 258 41.14 32.76 23.67
N ALA F 259 40.94 33.09 22.36
CA ALA F 259 40.44 32.09 21.39
C ALA F 259 41.51 31.03 21.11
N GLU F 260 42.79 31.44 21.06
CA GLU F 260 43.90 30.52 20.79
C GLU F 260 44.10 29.50 21.89
N THR F 261 44.10 29.91 23.16
CA THR F 261 44.24 28.93 24.26
C THR F 261 43.06 27.97 24.27
N SER F 262 41.86 28.48 24.01
CA SER F 262 40.64 27.70 23.91
C SER F 262 40.76 26.67 22.77
N ASP F 263 41.26 27.08 21.61
CA ASP F 263 41.44 26.20 20.45
C ASP F 263 42.36 25.02 20.76
N VAL F 264 43.49 25.28 21.43
CA VAL F 264 44.44 24.22 21.82
C VAL F 264 43.76 23.26 22.81
N ALA F 265 43.11 23.79 23.83
CA ALA F 265 42.45 22.96 24.83
C ALA F 265 41.35 22.10 24.20
N ASN F 266 40.55 22.69 23.29
CA ASN F 266 39.47 21.97 22.64
C ASN F 266 39.97 20.92 21.65
N ALA F 267 41.15 21.12 21.01
CA ALA F 267 41.70 20.08 20.14
C ALA F 267 42.07 18.84 20.98
N VAL F 268 42.64 19.05 22.16
CA VAL F 268 42.98 17.97 23.10
C VAL F 268 41.70 17.30 23.61
N LEU F 269 40.71 18.10 24.05
CA LEU F 269 39.43 17.53 24.49
C LEU F 269 38.69 16.79 23.37
N ASP F 270 38.85 17.22 22.11
CA ASP F 270 38.23 16.54 20.97
C ASP F 270 38.80 15.11 20.81
N GLY F 271 40.08 14.93 21.17
CA GLY F 271 40.78 13.65 21.10
C GLY F 271 42.01 13.64 20.21
N ALA F 272 42.57 14.82 19.87
CA ALA F 272 43.77 14.88 19.03
C ALA F 272 44.97 14.22 19.70
N ASP F 273 45.71 13.42 18.96
CA ASP F 273 46.94 12.80 19.48
C ASP F 273 48.07 13.79 19.49
N CYS F 274 48.13 14.68 18.49
CA CYS F 274 49.16 15.70 18.34
C CYS F 274 48.56 17.04 18.06
N ILE F 275 49.26 18.09 18.48
CA ILE F 275 48.95 19.47 18.16
C ILE F 275 50.17 20.07 17.45
N MET F 276 49.96 21.07 16.59
CA MET F 276 51.04 21.59 15.77
C MET F 276 51.22 23.10 15.84
N LEU F 277 52.47 23.53 15.60
CA LEU F 277 52.87 24.92 15.48
C LEU F 277 53.52 25.07 14.10
N SER F 278 53.16 26.13 13.37
CA SER F 278 53.70 26.40 12.05
C SER F 278 54.54 27.68 12.09
N GLY F 279 53.99 28.84 11.72
CA GLY F 279 54.71 30.11 11.77
C GLY F 279 55.18 30.47 13.17
N GLU F 280 54.42 30.01 14.21
CA GLU F 280 54.76 30.27 15.61
C GLU F 280 56.19 29.81 15.95
N THR F 281 56.65 28.69 15.35
CA THR F 281 58.01 28.22 15.61
C THR F 281 58.94 28.42 14.40
N ALA F 282 58.39 28.40 13.18
CA ALA F 282 59.20 28.53 11.98
C ALA F 282 59.77 29.92 11.78
N LYS F 283 58.99 30.97 12.03
CA LYS F 283 59.43 32.33 11.77
C LYS F 283 59.18 33.37 12.87
N GLY F 284 58.43 33.02 13.91
CA GLY F 284 58.07 34.00 14.93
C GLY F 284 59.13 34.44 15.91
N ASN F 285 58.77 35.41 16.74
CA ASN F 285 59.68 35.93 17.75
C ASN F 285 59.67 35.14 19.06
N PHE F 286 58.72 34.20 19.24
CA PHE F 286 58.64 33.44 20.48
C PHE F 286 58.48 31.93 20.23
N PRO F 287 59.39 31.27 19.46
CA PRO F 287 59.22 29.84 19.20
C PRO F 287 59.20 28.95 20.44
N VAL F 288 60.12 29.21 21.39
CA VAL F 288 60.21 28.42 22.62
C VAL F 288 58.97 28.65 23.49
N GLU F 289 58.54 29.90 23.61
CA GLU F 289 57.36 30.26 24.40
C GLU F 289 56.08 29.64 23.81
N ALA F 290 55.99 29.51 22.47
CA ALA F 290 54.83 28.89 21.81
C ALA F 290 54.77 27.40 22.18
N VAL F 291 55.93 26.72 22.19
CA VAL F 291 56.00 25.31 22.59
C VAL F 291 55.62 25.18 24.07
N LYS F 292 56.13 26.07 24.93
CA LYS F 292 55.80 26.05 26.37
C LYS F 292 54.31 26.26 26.61
N MET F 293 53.67 27.16 25.83
CA MET F 293 52.25 27.43 25.95
C MET F 293 51.41 26.22 25.53
N GLN F 294 51.77 25.55 24.41
CA GLN F 294 51.05 24.34 24.01
C GLN F 294 51.19 23.26 25.06
N HIS F 295 52.39 23.15 25.65
CA HIS F 295 52.66 22.18 26.72
C HIS F 295 51.75 22.44 27.93
N ALA F 296 51.68 23.70 28.39
CA ALA F 296 50.90 24.09 29.56
C ALA F 296 49.41 23.87 29.36
N ILE F 297 48.88 24.21 28.17
CA ILE F 297 47.46 24.02 27.88
C ILE F 297 47.11 22.54 27.75
N ALA F 298 47.93 21.77 26.99
CA ALA F 298 47.66 20.34 26.81
C ALA F 298 47.59 19.60 28.14
N ARG F 299 48.47 19.91 29.09
CA ARG F 299 48.47 19.25 30.40
C ARG F 299 47.15 19.53 31.15
N GLU F 300 46.67 20.79 31.11
CA GLU F 300 45.42 21.14 31.76
C GLU F 300 44.24 20.43 31.08
N ALA F 301 44.22 20.41 29.73
CA ALA F 301 43.11 19.82 28.99
C ALA F 301 43.06 18.29 29.11
N GLU F 302 44.22 17.63 29.19
CA GLU F 302 44.25 16.17 29.35
C GLU F 302 43.61 15.75 30.68
N ALA F 303 43.86 16.51 31.75
CA ALA F 303 43.26 16.19 33.05
C ALA F 303 41.74 16.42 33.02
N ALA F 304 41.25 17.35 32.17
CA ALA F 304 39.82 17.68 32.02
C ALA F 304 39.04 16.71 31.12
N VAL F 305 39.70 15.72 30.53
CA VAL F 305 39.02 14.73 29.68
C VAL F 305 38.08 13.88 30.58
N TYR F 306 36.85 13.65 30.13
CA TYR F 306 35.88 12.88 30.89
C TYR F 306 36.10 11.37 30.60
N HIS F 307 37.13 10.79 31.20
CA HIS F 307 37.51 9.39 30.97
C HIS F 307 36.41 8.36 31.22
N ARG F 308 35.53 8.59 32.20
CA ARG F 308 34.44 7.65 32.49
C ARG F 308 33.57 7.37 31.26
N GLN F 309 33.15 8.42 30.53
CA GLN F 309 32.34 8.21 29.34
C GLN F 309 33.21 7.80 28.16
N LEU F 310 34.39 8.42 28.01
CA LEU F 310 35.29 8.14 26.92
C LEU F 310 35.70 6.66 26.89
N PHE F 311 36.16 6.11 28.02
CA PHE F 311 36.56 4.69 28.09
C PHE F 311 35.37 3.78 27.79
N GLU F 312 34.20 4.07 28.37
CA GLU F 312 32.99 3.29 28.12
C GLU F 312 32.61 3.27 26.64
N GLU F 313 32.69 4.44 25.96
CA GLU F 313 32.36 4.52 24.55
C GLU F 313 33.40 3.87 23.64
N LEU F 314 34.69 3.98 23.98
CA LEU F 314 35.75 3.35 23.18
C LEU F 314 35.61 1.83 23.29
N ARG F 315 35.31 1.32 24.50
CA ARG F 315 35.09 -0.11 24.72
C ARG F 315 33.84 -0.62 23.95
N ARG F 316 32.72 0.07 24.04
CA ARG F 316 31.47 -0.31 23.37
C ARG F 316 31.62 -0.30 21.84
N ALA F 317 32.32 0.69 21.29
CA ALA F 317 32.47 0.81 19.85
C ALA F 317 33.55 -0.10 19.27
N ALA F 318 34.58 -0.44 20.06
CA ALA F 318 35.65 -1.30 19.59
C ALA F 318 35.09 -2.71 19.44
N PRO F 319 35.26 -3.31 18.24
CA PRO F 319 34.72 -4.65 18.03
C PRO F 319 35.42 -5.71 18.87
N LEU F 320 34.79 -6.88 19.03
CA LEU F 320 35.40 -8.00 19.74
C LEU F 320 36.66 -8.42 18.99
N SER F 321 37.68 -8.85 19.72
CA SER F 321 38.93 -9.20 19.09
C SER F 321 39.48 -10.49 19.59
N ARG F 322 40.08 -11.26 18.70
CA ARG F 322 40.79 -12.46 19.10
C ARG F 322 42.32 -12.27 19.03
N ASP F 323 42.79 -11.02 18.83
CA ASP F 323 44.20 -10.69 18.79
C ASP F 323 44.65 -10.52 20.24
N PRO F 324 45.62 -11.33 20.70
CA PRO F 324 46.04 -11.24 22.10
C PRO F 324 46.60 -9.88 22.51
N THR F 325 47.22 -9.13 21.60
CA THR F 325 47.77 -7.81 21.94
C THR F 325 46.61 -6.86 22.28
N GLU F 326 45.55 -6.90 21.47
CA GLU F 326 44.37 -6.07 21.64
C GLU F 326 43.64 -6.47 22.94
N VAL F 327 43.51 -7.77 23.21
CA VAL F 327 42.86 -8.27 24.41
C VAL F 327 43.65 -7.87 25.68
N THR F 328 44.98 -7.99 25.63
CA THR F 328 45.83 -7.62 26.75
C THR F 328 45.75 -6.12 27.00
N ALA F 329 45.74 -5.31 25.93
CA ALA F 329 45.67 -3.86 26.04
C ALA F 329 44.44 -3.37 26.80
N ILE F 330 43.24 -3.88 26.48
CA ILE F 330 42.03 -3.44 27.18
C ILE F 330 42.04 -3.91 28.65
N GLY F 331 42.53 -5.12 28.91
CA GLY F 331 42.67 -5.63 30.27
C GLY F 331 43.64 -4.78 31.09
N ALA F 332 44.75 -4.35 30.47
CA ALA F 332 45.74 -3.49 31.14
C ALA F 332 45.21 -2.10 31.44
N VAL F 333 44.47 -1.51 30.50
CA VAL F 333 43.91 -0.16 30.71
C VAL F 333 42.83 -0.21 31.81
N GLU F 334 42.03 -1.28 31.82
CA GLU F 334 40.99 -1.47 32.84
CA GLU F 334 40.99 -1.47 32.84
C GLU F 334 41.65 -1.60 34.22
N ALA F 335 42.72 -2.42 34.31
CA ALA F 335 43.47 -2.63 35.55
C ALA F 335 44.09 -1.30 36.02
N ALA F 336 44.65 -0.50 35.09
CA ALA F 336 45.26 0.78 35.43
C ALA F 336 44.24 1.75 36.04
N PHE F 337 43.02 1.83 35.48
CA PHE F 337 41.97 2.69 36.03
C PHE F 337 41.53 2.23 37.43
N LYS F 338 41.45 0.91 37.63
CA LYS F 338 41.02 0.32 38.90
C LYS F 338 41.91 0.70 40.10
N CYS F 339 43.23 0.80 39.86
CA CYS F 339 44.16 1.12 40.94
C CYS F 339 44.79 2.49 40.86
N CYS F 340 44.33 3.38 39.93
CA CYS F 340 44.94 4.69 39.70
C CYS F 340 46.43 4.52 39.40
N ALA F 341 46.79 3.51 38.57
CA ALA F 341 48.20 3.21 38.23
C ALA F 341 48.91 4.44 37.70
N ALA F 342 50.14 4.64 38.15
CA ALA F 342 50.92 5.78 37.70
C ALA F 342 51.35 5.58 36.23
N ALA F 343 51.60 4.32 35.82
CA ALA F 343 52.07 4.04 34.47
C ALA F 343 51.74 2.62 34.01
N ILE F 344 51.75 2.41 32.68
CA ILE F 344 51.66 1.12 32.06
C ILE F 344 53.00 0.98 31.34
N ILE F 345 53.84 0.02 31.76
CA ILE F 345 55.14 -0.19 31.12
C ILE F 345 54.96 -1.28 30.08
N VAL F 346 55.29 -0.99 28.82
CA VAL F 346 55.10 -1.96 27.76
C VAL F 346 56.39 -2.16 26.96
N LEU F 347 56.70 -3.42 26.65
CA LEU F 347 57.84 -3.74 25.77
C LEU F 347 57.29 -3.79 24.35
N THR F 348 57.95 -3.11 23.40
CA THR F 348 57.47 -3.07 22.03
C THR F 348 58.60 -2.98 21.03
N THR F 349 58.47 -3.67 19.89
CA THR F 349 59.48 -3.66 18.83
C THR F 349 59.13 -2.58 17.78
N THR F 350 57.88 -2.57 17.32
CA THR F 350 57.40 -1.65 16.27
C THR F 350 56.59 -0.46 16.81
N GLY F 351 56.22 -0.50 18.09
CA GLY F 351 55.38 0.51 18.71
C GLY F 351 53.92 0.07 18.81
N ARG F 352 53.52 -1.02 18.10
CA ARG F 352 52.14 -1.48 18.04
C ARG F 352 51.49 -1.78 19.41
N SER F 353 52.17 -2.50 20.32
CA SER F 353 51.58 -2.79 21.63
C SER F 353 51.29 -1.49 22.41
N ALA F 354 52.14 -0.46 22.25
CA ALA F 354 51.94 0.83 22.91
C ALA F 354 50.76 1.58 22.26
N GLN F 355 50.64 1.50 20.91
CA GLN F 355 49.54 2.12 20.18
C GLN F 355 48.19 1.53 20.60
N LEU F 356 48.11 0.21 20.79
CA LEU F 356 46.87 -0.44 21.21
C LEU F 356 46.47 -0.08 22.65
N LEU F 357 47.44 0.28 23.51
CA LEU F 357 47.15 0.73 24.86
C LEU F 357 46.61 2.19 24.77
N SER F 358 47.29 3.02 23.97
CA SER F 358 46.97 4.43 23.72
C SER F 358 45.54 4.63 23.19
N ARG F 359 45.05 3.71 22.35
CA ARG F 359 43.71 3.84 21.75
C ARG F 359 42.59 3.82 22.81
N TYR F 360 42.84 3.21 23.99
CA TYR F 360 41.85 3.20 25.07
C TYR F 360 41.93 4.41 25.99
N ARG F 361 42.82 5.36 25.68
CA ARG F 361 43.02 6.61 26.38
C ARG F 361 43.16 6.44 27.90
N PRO F 362 44.15 5.65 28.38
CA PRO F 362 44.34 5.55 29.83
C PRO F 362 44.81 6.88 30.42
N ARG F 363 44.51 7.12 31.69
CA ARG F 363 45.05 8.28 32.40
C ARG F 363 46.56 7.98 32.70
N ALA F 364 46.90 6.69 32.96
CA ALA F 364 48.26 6.25 33.23
C ALA F 364 49.15 6.47 32.00
N ALA F 365 50.37 6.98 32.21
CA ALA F 365 51.36 7.17 31.15
C ALA F 365 51.75 5.82 30.58
N VAL F 366 51.90 5.71 29.25
CA VAL F 366 52.32 4.44 28.64
C VAL F 366 53.83 4.57 28.39
N ILE F 367 54.64 3.91 29.22
CA ILE F 367 56.10 3.95 29.07
C ILE F 367 56.51 2.82 28.14
N ALA F 368 56.89 3.15 26.91
CA ALA F 368 57.21 2.13 25.91
C ALA F 368 58.72 1.89 25.81
N VAL F 369 59.18 0.69 26.21
CA VAL F 369 60.60 0.35 26.18
C VAL F 369 60.88 -0.36 24.86
N THR F 370 61.77 0.21 24.06
CA THR F 370 62.08 -0.36 22.75
C THR F 370 63.56 -0.23 22.41
N ARG F 371 64.06 -1.16 21.61
CA ARG F 371 65.42 -1.11 21.07
C ARG F 371 65.45 -0.35 19.71
N SER F 372 64.29 -0.22 19.04
CA SER F 372 64.21 0.48 17.76
C SER F 372 64.19 1.99 17.94
N ALA F 373 65.25 2.67 17.47
CA ALA F 373 65.35 4.12 17.55
C ALA F 373 64.22 4.77 16.71
N GLN F 374 63.90 4.19 15.54
CA GLN F 374 62.83 4.72 14.71
C GLN F 374 61.45 4.57 15.37
N ALA F 375 61.13 3.39 15.96
CA ALA F 375 59.86 3.19 16.64
C ALA F 375 59.76 4.15 17.84
N ALA F 376 60.88 4.40 18.55
CA ALA F 376 60.90 5.33 19.67
C ALA F 376 60.51 6.75 19.20
N ARG F 377 60.98 7.17 18.02
CA ARG F 377 60.62 8.48 17.46
C ARG F 377 59.15 8.48 16.98
N GLN F 378 58.73 7.43 16.28
CA GLN F 378 57.39 7.38 15.72
C GLN F 378 56.24 7.26 16.72
N VAL F 379 56.45 6.63 17.90
CA VAL F 379 55.36 6.48 18.88
C VAL F 379 54.91 7.82 19.49
N HIS F 380 55.65 8.92 19.24
CA HIS F 380 55.21 10.26 19.63
C HIS F 380 53.88 10.61 18.91
N LEU F 381 53.52 9.90 17.82
CA LEU F 381 52.27 10.16 17.12
C LEU F 381 51.05 9.72 17.97
N CYS F 382 51.22 8.79 18.94
CA CYS F 382 50.17 8.21 19.77
C CYS F 382 50.09 8.88 21.12
N ARG F 383 48.90 9.42 21.46
CA ARG F 383 48.74 10.10 22.74
C ARG F 383 49.12 9.25 23.95
N GLY F 384 49.91 9.83 24.84
CA GLY F 384 50.28 9.21 26.10
C GLY F 384 51.37 8.17 26.06
N VAL F 385 52.07 8.05 24.94
CA VAL F 385 53.17 7.11 24.82
C VAL F 385 54.49 7.85 25.02
N PHE F 386 55.27 7.41 26.03
CA PHE F 386 56.56 7.98 26.40
C PHE F 386 57.64 6.96 26.03
N PRO F 387 58.35 7.22 24.92
CA PRO F 387 59.37 6.26 24.46
C PRO F 387 60.68 6.26 25.25
N LEU F 388 61.17 5.06 25.59
CA LEU F 388 62.46 4.88 26.27
C LEU F 388 63.30 4.00 25.38
N LEU F 389 64.39 4.55 24.84
CA LEU F 389 65.26 3.80 23.97
C LEU F 389 66.26 2.97 24.81
N TYR F 390 66.16 1.65 24.70
CA TYR F 390 66.99 0.70 25.44
C TYR F 390 68.20 0.36 24.57
N ARG F 391 69.43 0.57 25.08
CA ARG F 391 70.63 0.35 24.26
C ARG F 391 71.47 -0.87 24.63
N GLU F 392 71.16 -1.57 25.73
CA GLU F 392 71.95 -2.72 26.14
C GLU F 392 71.82 -3.92 25.20
N PRO F 393 72.95 -4.63 24.96
CA PRO F 393 72.89 -5.83 24.11
C PRO F 393 72.08 -6.94 24.80
N PRO F 394 71.46 -7.82 24.01
CA PRO F 394 70.62 -8.87 24.61
C PRO F 394 71.32 -9.82 25.57
N GLU F 395 70.64 -10.12 26.70
CA GLU F 395 71.09 -11.09 27.70
C GLU F 395 71.03 -12.49 27.06
N ALA F 396 71.80 -13.45 27.61
CA ALA F 396 71.81 -14.83 27.09
C ALA F 396 70.45 -15.49 27.25
N ILE F 397 69.82 -15.28 28.40
CA ILE F 397 68.50 -15.84 28.66
C ILE F 397 67.45 -14.78 28.34
N TRP F 398 66.54 -15.08 27.41
CA TRP F 398 65.50 -14.15 26.97
C TRP F 398 64.63 -13.62 28.13
N ALA F 399 64.20 -14.48 29.07
CA ALA F 399 63.41 -14.03 30.21
C ALA F 399 64.16 -12.99 31.05
N ASP F 400 65.50 -13.14 31.19
CA ASP F 400 66.31 -12.16 31.92
C ASP F 400 66.38 -10.84 31.15
N ASP F 401 66.46 -10.91 29.81
CA ASP F 401 66.50 -9.71 28.97
C ASP F 401 65.18 -8.93 29.08
N VAL F 402 64.04 -9.65 29.15
CA VAL F 402 62.73 -9.06 29.31
C VAL F 402 62.66 -8.37 30.67
N ASP F 403 63.09 -9.07 31.73
CA ASP F 403 63.11 -8.51 33.09
C ASP F 403 63.98 -7.28 33.20
N ARG F 404 65.14 -7.26 32.54
CA ARG F 404 66.02 -6.09 32.58
C ARG F 404 65.38 -4.88 31.94
N ARG F 405 64.63 -5.09 30.85
CA ARG F 405 63.95 -4.01 30.15
C ARG F 405 62.80 -3.45 30.99
N VAL F 406 62.07 -4.32 31.70
CA VAL F 406 60.99 -3.89 32.59
C VAL F 406 61.58 -3.07 33.73
N GLN F 407 62.69 -3.57 34.34
CA GLN F 407 63.37 -2.88 35.42
C GLN F 407 63.92 -1.54 34.98
N PHE F 408 64.41 -1.44 33.73
CA PHE F 408 64.92 -0.20 33.13
C PHE F 408 63.78 0.84 33.05
N GLY F 409 62.58 0.38 32.67
CA GLY F 409 61.39 1.24 32.58
C GLY F 409 60.99 1.74 33.95
N ILE F 410 61.01 0.84 34.97
CA ILE F 410 60.68 1.20 36.35
C ILE F 410 61.68 2.19 36.92
N GLU F 411 62.98 1.92 36.77
CA GLU F 411 64.03 2.80 37.30
C GLU F 411 64.07 4.14 36.61
N SER F 412 63.96 4.18 35.28
CA SER F 412 63.92 5.45 34.57
C SER F 412 62.66 6.26 34.97
N GLY F 413 61.54 5.56 35.18
CA GLY F 413 60.29 6.17 35.60
C GLY F 413 60.38 6.83 36.96
N LYS F 414 61.07 6.17 37.90
CA LYS F 414 61.25 6.68 39.26
C LYS F 414 62.17 7.89 39.27
N LEU F 415 63.26 7.84 38.50
CA LEU F 415 64.20 8.96 38.44
C LEU F 415 63.68 10.17 37.67
N ARG F 416 62.61 9.98 36.87
CA ARG F 416 61.95 11.06 36.11
C ARG F 416 60.63 11.54 36.79
N GLY F 417 60.29 11.02 37.96
CA GLY F 417 59.08 11.42 38.68
C GLY F 417 57.79 10.83 38.14
N PHE F 418 57.86 9.99 37.09
CA PHE F 418 56.69 9.31 36.54
C PHE F 418 56.15 8.28 37.55
N LEU F 419 57.06 7.66 38.33
CA LEU F 419 56.74 6.63 39.30
C LEU F 419 57.28 7.03 40.66
N ARG F 420 56.60 6.57 41.69
CA ARG F 420 56.94 6.86 43.06
C ARG F 420 56.81 5.55 43.87
N VAL F 421 57.63 5.38 44.94
CA VAL F 421 57.55 4.19 45.81
C VAL F 421 56.15 4.08 46.41
N GLY F 422 55.54 2.90 46.33
CA GLY F 422 54.17 2.71 46.77
C GLY F 422 53.17 2.70 45.63
N ASP F 423 53.54 3.23 44.46
CA ASP F 423 52.65 3.26 43.30
C ASP F 423 52.46 1.86 42.75
N LEU F 424 51.35 1.67 42.03
CA LEU F 424 51.13 0.45 41.29
C LEU F 424 51.40 0.77 39.82
N VAL F 425 51.99 -0.19 39.12
CA VAL F 425 52.25 -0.06 37.70
C VAL F 425 51.71 -1.34 37.05
N ILE F 426 51.26 -1.21 35.81
CA ILE F 426 50.79 -2.34 35.02
C ILE F 426 51.91 -2.63 34.02
N VAL F 427 52.34 -3.87 33.89
CA VAL F 427 53.43 -4.23 32.97
C VAL F 427 52.92 -5.16 31.88
N VAL F 428 53.14 -4.79 30.63
CA VAL F 428 52.67 -5.52 29.46
C VAL F 428 53.84 -6.10 28.65
N THR F 429 53.88 -7.44 28.56
CA THR F 429 54.95 -8.18 27.86
C THR F 429 54.34 -9.32 27.00
N GLY F 430 55.18 -10.09 26.30
CA GLY F 430 54.76 -11.21 25.48
C GLY F 430 55.39 -12.53 25.89
N TRP F 431 54.95 -13.64 25.30
CA TRP F 431 55.41 -14.98 25.68
C TRP F 431 56.65 -15.48 24.92
N ARG F 432 57.00 -14.84 23.80
CA ARG F 432 58.17 -15.21 23.00
C ARG F 432 58.78 -13.97 22.30
N PRO F 433 60.08 -14.02 21.90
CA PRO F 433 60.67 -12.86 21.22
C PRO F 433 60.02 -12.53 19.88
N GLY F 434 60.25 -11.33 19.38
CA GLY F 434 59.68 -10.89 18.13
C GLY F 434 58.35 -10.16 18.31
N SER F 435 58.03 -9.34 17.34
CA SER F 435 56.82 -8.54 17.28
C SER F 435 55.56 -9.41 17.15
N GLY F 436 54.45 -8.98 17.74
CA GLY F 436 53.17 -9.67 17.59
C GLY F 436 52.75 -10.69 18.63
N TYR F 437 53.54 -10.87 19.69
CA TYR F 437 53.22 -11.89 20.71
C TYR F 437 52.91 -11.34 22.10
N THR F 438 52.55 -10.06 22.22
CA THR F 438 52.16 -9.49 23.53
C THR F 438 50.90 -10.22 24.02
N ASN F 439 50.92 -10.74 25.24
CA ASN F 439 49.78 -11.49 25.79
C ASN F 439 49.73 -11.50 27.31
N ILE F 440 50.61 -10.75 28.00
CA ILE F 440 50.68 -10.77 29.45
C ILE F 440 50.54 -9.39 30.10
N MET F 441 49.75 -9.32 31.17
CA MET F 441 49.58 -8.11 31.95
CA MET F 441 49.53 -8.12 31.96
C MET F 441 49.86 -8.47 33.42
N ARG F 442 50.75 -7.70 34.07
CA ARG F 442 51.13 -7.93 35.46
C ARG F 442 50.90 -6.67 36.29
N VAL F 443 50.47 -6.83 37.54
CA VAL F 443 50.27 -5.72 38.47
C VAL F 443 51.48 -5.74 39.41
N LEU F 444 52.29 -4.68 39.38
CA LEU F 444 53.49 -4.61 40.21
CA LEU F 444 53.50 -4.61 40.19
C LEU F 444 53.49 -3.41 41.16
N SER F 445 53.96 -3.63 42.39
CA SER F 445 54.07 -2.58 43.39
C SER F 445 55.48 -1.99 43.28
N ILE F 446 55.61 -0.66 43.23
CA ILE F 446 56.92 -0.04 43.12
CA ILE F 446 56.93 -0.04 43.12
C ILE F 446 57.59 0.04 44.49
N SER F 447 58.76 -0.58 44.64
CA SER F 447 59.46 -0.57 45.92
C SER F 447 60.70 0.31 45.94
N ALA G 25 8.52 12.29 54.66
CA ALA G 25 7.66 11.10 54.71
C ALA G 25 7.19 10.70 53.30
N PHE G 26 6.87 11.71 52.47
CA PHE G 26 6.44 11.48 51.09
C PHE G 26 7.53 10.74 50.29
N PHE G 27 8.78 11.19 50.42
CA PHE G 27 9.89 10.60 49.67
C PHE G 27 10.41 9.28 50.25
N GLN G 28 9.82 8.77 51.34
CA GLN G 28 10.21 7.47 51.89
C GLN G 28 9.24 6.36 51.40
N GLN G 29 7.98 6.73 51.06
CA GLN G 29 6.92 5.84 50.58
C GLN G 29 7.12 5.46 49.10
N GLN G 30 6.28 4.51 48.59
CA GLN G 30 6.21 4.02 47.21
C GLN G 30 7.57 3.77 46.54
N GLN G 31 8.55 3.26 47.31
CA GLN G 31 9.91 2.97 46.85
C GLN G 31 10.57 4.15 46.17
N LEU G 32 10.28 5.37 46.64
CA LEU G 32 10.88 6.58 46.04
C LEU G 32 12.40 6.64 46.18
N PRO G 33 13.06 6.22 47.29
CA PRO G 33 14.54 6.18 47.29
C PRO G 33 15.08 5.25 46.20
N ALA G 34 14.46 4.07 45.99
CA ALA G 34 14.88 3.15 44.92
C ALA G 34 14.58 3.72 43.52
N ALA G 35 13.54 4.54 43.41
CA ALA G 35 13.16 5.19 42.16
C ALA G 35 14.20 6.23 41.72
N MET G 36 14.82 6.92 42.67
CA MET G 36 15.81 7.96 42.35
C MET G 36 17.23 7.42 42.07
N ALA G 37 17.44 6.09 42.13
CA ALA G 37 18.76 5.49 41.92
C ALA G 37 19.32 5.70 40.52
N ASP G 38 20.64 5.83 40.44
CA ASP G 38 21.34 6.08 39.18
C ASP G 38 21.61 4.83 38.35
N THR G 39 21.57 3.64 38.98
CA THR G 39 21.75 2.37 38.27
C THR G 39 20.66 1.37 38.71
N PHE G 40 20.44 0.33 37.90
CA PHE G 40 19.48 -0.72 38.25
C PHE G 40 19.96 -1.48 39.50
N LEU G 41 21.26 -1.72 39.61
CA LEU G 41 21.84 -2.41 40.78
C LEU G 41 21.56 -1.60 42.07
N GLU G 42 21.79 -0.28 42.03
CA GLU G 42 21.51 0.59 43.18
CA GLU G 42 21.50 0.58 43.19
C GLU G 42 20.00 0.62 43.48
N HIS G 43 19.17 0.59 42.44
CA HIS G 43 17.71 0.55 42.57
C HIS G 43 17.29 -0.69 43.39
N LEU G 44 17.86 -1.86 43.06
CA LEU G 44 17.58 -3.11 43.79
C LEU G 44 18.03 -2.99 45.25
N CYS G 45 19.25 -2.47 45.48
CA CYS G 45 19.82 -2.29 46.83
C CYS G 45 18.99 -1.39 47.71
N LEU G 46 18.22 -0.46 47.11
CA LEU G 46 17.40 0.49 47.85
C LEU G 46 15.97 0.07 48.07
N LEU G 47 15.55 -1.11 47.55
CA LEU G 47 14.17 -1.58 47.77
C LEU G 47 13.96 -1.82 49.26
N ASP G 48 12.84 -1.32 49.79
CA ASP G 48 12.59 -1.33 51.22
C ASP G 48 11.23 -1.94 51.54
N ILE G 49 11.19 -3.01 52.34
CA ILE G 49 9.94 -3.64 52.77
C ILE G 49 9.07 -2.72 53.64
N ASP G 50 9.68 -1.68 54.26
CA ASP G 50 8.93 -0.71 55.08
C ASP G 50 8.41 0.47 54.24
N SER G 51 8.75 0.56 52.96
CA SER G 51 8.27 1.63 52.09
C SER G 51 6.92 1.21 51.54
N GLU G 52 5.84 1.77 52.10
CA GLU G 52 4.49 1.39 51.77
C GLU G 52 3.99 1.93 50.44
N PRO G 53 3.27 1.09 49.67
CA PRO G 53 2.71 1.57 48.41
C PRO G 53 1.61 2.58 48.68
N VAL G 54 1.52 3.63 47.86
CA VAL G 54 0.50 4.65 48.02
C VAL G 54 -0.41 4.70 46.81
N ALA G 55 0.15 4.56 45.62
CA ALA G 55 -0.60 4.57 44.38
C ALA G 55 -1.64 3.44 44.29
N ALA G 56 -2.71 3.67 43.54
CA ALA G 56 -3.72 2.64 43.33
C ALA G 56 -3.09 1.54 42.45
N ARG G 57 -3.57 0.31 42.60
CA ARG G 57 -3.04 -0.84 41.85
C ARG G 57 -3.35 -0.68 40.37
N SER G 58 -2.32 -0.66 39.54
CA SER G 58 -2.45 -0.39 38.11
C SER G 58 -2.54 -1.62 37.18
N THR G 59 -2.05 -2.78 37.60
CA THR G 59 -2.12 -3.98 36.75
C THR G 59 -3.51 -4.59 36.94
N SER G 60 -4.30 -4.73 35.87
CA SER G 60 -5.65 -5.30 36.00
C SER G 60 -5.64 -6.77 36.33
N ILE G 61 -6.67 -7.22 37.04
CA ILE G 61 -6.82 -8.61 37.41
C ILE G 61 -7.97 -9.21 36.60
N ILE G 62 -7.68 -10.31 35.90
CA ILE G 62 -8.69 -11.03 35.17
C ILE G 62 -9.01 -12.26 36.03
N ALA G 63 -10.29 -12.46 36.37
CA ALA G 63 -10.69 -13.63 37.14
C ALA G 63 -11.61 -14.50 36.27
N THR G 64 -11.32 -15.80 36.22
CA THR G 64 -12.15 -16.72 35.45
C THR G 64 -13.38 -17.07 36.28
N ILE G 65 -14.55 -16.98 35.65
CA ILE G 65 -15.81 -17.27 36.30
C ILE G 65 -16.16 -18.75 36.17
N GLY G 66 -16.62 -19.33 37.24
CA GLY G 66 -17.02 -20.74 37.25
C GLY G 66 -17.88 -21.05 38.45
N PRO G 67 -17.99 -22.34 38.82
CA PRO G 67 -18.83 -22.72 39.98
C PRO G 67 -18.42 -22.05 41.30
N ALA G 68 -17.11 -21.77 41.53
CA ALA G 68 -16.68 -21.10 42.76
C ALA G 68 -16.94 -19.58 42.78
N SER G 69 -17.25 -18.99 41.63
CA SER G 69 -17.36 -17.52 41.54
C SER G 69 -18.52 -17.03 40.70
N ARG G 70 -19.60 -17.78 40.63
CA ARG G 70 -20.73 -17.44 39.77
C ARG G 70 -21.89 -16.69 40.44
N SER G 71 -22.11 -16.87 41.74
CA SER G 71 -23.22 -16.21 42.42
C SER G 71 -23.05 -14.69 42.46
N VAL G 72 -24.18 -13.96 42.49
CA VAL G 72 -24.17 -12.51 42.50
C VAL G 72 -23.46 -11.98 43.74
N GLU G 73 -23.72 -12.60 44.90
CA GLU G 73 -23.06 -12.18 46.14
C GLU G 73 -21.56 -12.42 46.14
N ARG G 74 -21.12 -13.55 45.57
CA ARG G 74 -19.70 -13.88 45.48
C ARG G 74 -19.02 -12.89 44.50
N LEU G 75 -19.68 -12.59 43.37
CA LEU G 75 -19.17 -11.65 42.38
C LEU G 75 -19.01 -10.23 42.93
N LYS G 76 -19.91 -9.80 43.84
CA LYS G 76 -19.78 -8.48 44.49
C LYS G 76 -18.53 -8.44 45.34
N GLU G 77 -18.22 -9.53 46.05
CA GLU G 77 -17.00 -9.61 46.86
C GLU G 77 -15.75 -9.60 45.96
N MET G 78 -15.82 -10.26 44.79
CA MET G 78 -14.69 -10.27 43.87
CA MET G 78 -14.69 -10.27 43.87
C MET G 78 -14.44 -8.90 43.24
N ILE G 79 -15.51 -8.13 43.00
CA ILE G 79 -15.38 -6.77 42.46
C ILE G 79 -14.71 -5.89 43.53
N LYS G 80 -15.17 -6.02 44.80
CA LYS G 80 -14.58 -5.28 45.92
C LYS G 80 -13.12 -5.67 46.16
N ALA G 81 -12.77 -6.95 45.95
CA ALA G 81 -11.40 -7.43 46.11
C ALA G 81 -10.45 -6.92 44.99
N GLY G 82 -10.99 -6.54 43.84
CA GLY G 82 -10.18 -5.99 42.76
C GLY G 82 -10.32 -6.57 41.37
N MET G 83 -11.27 -7.51 41.15
CA MET G 83 -11.48 -8.08 39.81
C MET G 83 -11.88 -6.97 38.83
N ASN G 84 -11.15 -6.85 37.71
CA ASN G 84 -11.47 -5.82 36.70
C ASN G 84 -12.09 -6.42 35.44
N ILE G 85 -11.72 -7.68 35.11
CA ILE G 85 -12.16 -8.37 33.91
C ILE G 85 -12.64 -9.76 34.32
N ALA G 86 -13.83 -10.14 33.88
CA ALA G 86 -14.40 -11.46 34.14
C ALA G 86 -14.17 -12.31 32.89
N ARG G 87 -13.50 -13.43 33.03
CA ARG G 87 -13.21 -14.32 31.90
C ARG G 87 -14.18 -15.50 31.85
N LEU G 88 -14.81 -15.72 30.70
CA LEU G 88 -15.70 -16.86 30.51
C LEU G 88 -14.93 -17.86 29.65
N ASN G 89 -14.65 -19.04 30.19
CA ASN G 89 -13.91 -20.07 29.46
C ASN G 89 -14.87 -20.93 28.66
N PHE G 90 -14.92 -20.71 27.34
CA PHE G 90 -15.83 -21.45 26.48
C PHE G 90 -15.34 -22.88 26.14
N SER G 91 -14.26 -23.35 26.77
CA SER G 91 -13.85 -24.75 26.65
C SER G 91 -14.84 -25.67 27.41
N HIS G 92 -15.57 -25.12 28.40
CA HIS G 92 -16.55 -25.88 29.18
C HIS G 92 -17.83 -25.06 29.32
N GLY G 93 -18.96 -25.73 29.48
CA GLY G 93 -20.23 -25.06 29.71
C GLY G 93 -20.99 -24.68 28.46
N SER G 94 -22.31 -24.70 28.53
CA SER G 94 -23.16 -24.38 27.41
C SER G 94 -23.33 -22.85 27.25
N HIS G 95 -23.97 -22.42 26.15
CA HIS G 95 -24.29 -21.01 25.94
C HIS G 95 -25.23 -20.52 27.04
N GLU G 96 -26.18 -21.36 27.48
CA GLU G 96 -27.12 -21.01 28.54
C GLU G 96 -26.37 -20.76 29.86
N TYR G 97 -25.38 -21.60 30.16
CA TYR G 97 -24.57 -21.47 31.36
C TYR G 97 -23.79 -20.14 31.33
N HIS G 98 -23.13 -19.84 30.22
CA HIS G 98 -22.35 -18.60 30.08
C HIS G 98 -23.23 -17.34 30.07
N ALA G 99 -24.45 -17.42 29.51
CA ALA G 99 -25.36 -16.27 29.53
C ALA G 99 -25.76 -15.95 30.97
N GLU G 100 -25.95 -16.99 31.82
CA GLU G 100 -26.30 -16.81 33.23
CA GLU G 100 -26.30 -16.77 33.22
C GLU G 100 -25.11 -16.18 33.96
N SER G 101 -23.89 -16.63 33.67
CA SER G 101 -22.69 -16.07 34.29
C SER G 101 -22.57 -14.55 33.96
N ILE G 102 -22.82 -14.18 32.66
CA ILE G 102 -22.79 -12.79 32.19
C ILE G 102 -23.85 -11.96 32.92
N ALA G 103 -25.08 -12.49 33.04
CA ALA G 103 -26.16 -11.79 33.74
C ALA G 103 -25.80 -11.57 35.21
N ASN G 104 -25.19 -12.57 35.86
CA ASN G 104 -24.79 -12.44 37.26
C ASN G 104 -23.68 -11.42 37.45
N VAL G 105 -22.70 -11.38 36.52
CA VAL G 105 -21.62 -10.37 36.56
C VAL G 105 -22.24 -8.98 36.43
N ARG G 106 -23.11 -8.77 35.41
CA ARG G 106 -23.74 -7.49 35.20
C ARG G 106 -24.60 -7.05 36.38
N GLU G 107 -25.30 -8.00 37.03
CA GLU G 107 -26.13 -7.65 38.18
C GLU G 107 -25.22 -7.19 39.34
N ALA G 108 -24.12 -7.91 39.59
CA ALA G 108 -23.18 -7.55 40.66
C ALA G 108 -22.53 -6.18 40.36
N VAL G 109 -22.13 -5.94 39.09
CA VAL G 109 -21.51 -4.66 38.69
C VAL G 109 -22.48 -3.50 38.86
N GLU G 110 -23.71 -3.66 38.36
CA GLU G 110 -24.69 -2.58 38.42
C GLU G 110 -25.25 -2.32 39.82
N SER G 111 -25.00 -3.23 40.78
CA SER G 111 -25.42 -3.00 42.17
C SER G 111 -24.68 -1.80 42.81
N PHE G 112 -23.54 -1.38 42.23
CA PHE G 112 -22.76 -0.24 42.72
C PHE G 112 -22.99 1.05 41.89
N ALA G 113 -23.85 1.01 40.83
CA ALA G 113 -24.09 2.17 39.96
C ALA G 113 -24.80 3.37 40.63
N GLY G 114 -25.41 3.13 41.79
CA GLY G 114 -26.08 4.17 42.56
C GLY G 114 -25.16 5.24 43.10
N SER G 115 -23.86 4.96 43.17
CA SER G 115 -22.84 5.93 43.60
C SER G 115 -21.88 6.11 42.42
N PRO G 116 -22.18 7.06 41.51
CA PRO G 116 -21.34 7.23 40.31
C PRO G 116 -19.89 7.61 40.56
N LEU G 117 -19.57 8.28 41.68
CA LEU G 117 -18.17 8.66 41.94
C LEU G 117 -17.28 7.47 42.34
N SER G 118 -17.88 6.33 42.67
CA SER G 118 -17.10 5.16 43.07
C SER G 118 -17.37 3.90 42.19
N TYR G 119 -18.33 3.97 41.25
CA TYR G 119 -18.70 2.86 40.37
C TYR G 119 -17.51 2.32 39.61
N ARG G 120 -17.32 1.00 39.65
CA ARG G 120 -16.24 0.35 38.92
C ARG G 120 -16.72 -0.48 37.73
N PRO G 121 -16.37 -0.07 36.51
CA PRO G 121 -16.71 -0.89 35.33
C PRO G 121 -15.98 -2.24 35.38
N VAL G 122 -16.59 -3.30 34.86
CA VAL G 122 -15.94 -4.62 34.82
C VAL G 122 -16.11 -5.18 33.41
N ALA G 123 -15.01 -5.49 32.72
CA ALA G 123 -15.08 -6.01 31.36
C ALA G 123 -15.47 -7.48 31.35
N ILE G 124 -16.06 -7.93 30.25
CA ILE G 124 -16.40 -9.34 30.08
C ILE G 124 -15.62 -9.87 28.89
N ALA G 125 -14.82 -10.90 29.11
CA ALA G 125 -13.96 -11.47 28.08
C ALA G 125 -14.36 -12.92 27.78
N LEU G 126 -14.42 -13.25 26.50
CA LEU G 126 -14.79 -14.58 26.06
C LEU G 126 -13.52 -15.30 25.63
N ASP G 127 -13.20 -16.43 26.27
CA ASP G 127 -12.01 -17.18 25.93
C ASP G 127 -12.46 -18.40 25.09
N THR G 128 -12.03 -18.45 23.83
CA THR G 128 -12.47 -19.50 22.93
C THR G 128 -11.88 -20.89 23.21
N LYS G 129 -12.63 -21.93 22.79
CA LYS G 129 -12.20 -23.32 22.95
C LYS G 129 -10.93 -23.57 22.10
N GLY G 130 -10.88 -23.03 20.91
CA GLY G 130 -9.72 -23.17 20.05
C GLY G 130 -9.92 -24.06 18.84
N PRO G 131 -8.87 -24.20 18.01
CA PRO G 131 -9.00 -24.98 16.77
C PRO G 131 -8.95 -26.49 16.94
N GLY G 134 -7.57 -29.25 14.48
CA GLY G 134 -8.09 -28.83 13.19
C GLY G 134 -7.36 -27.66 12.58
N PRO G 135 -7.71 -27.30 11.33
CA PRO G 135 -7.04 -26.18 10.66
C PRO G 135 -7.83 -24.87 10.71
N GLY G 136 -7.33 -23.92 11.48
CA GLY G 136 -7.99 -22.62 11.58
C GLY G 136 -9.29 -22.63 12.35
N LEU G 137 -10.04 -21.54 12.25
CA LEU G 137 -11.27 -21.31 13.01
C LEU G 137 -12.28 -22.47 12.97
N SER G 138 -12.50 -23.08 14.13
CA SER G 138 -13.41 -24.20 14.26
C SER G 138 -14.88 -23.75 14.22
N GLU G 139 -15.79 -24.70 13.98
CA GLU G 139 -17.22 -24.42 13.91
C GLU G 139 -17.77 -23.97 15.24
N GLN G 140 -17.29 -24.57 16.34
CA GLN G 140 -17.75 -24.19 17.68
C GLN G 140 -17.30 -22.76 17.98
N ASP G 141 -16.08 -22.38 17.57
CA ASP G 141 -15.58 -21.02 17.79
C ASP G 141 -16.42 -20.00 17.04
N VAL G 142 -16.87 -20.33 15.80
CA VAL G 142 -17.73 -19.41 15.06
C VAL G 142 -19.04 -19.16 15.83
N ARG G 143 -19.63 -20.23 16.39
CA ARG G 143 -20.87 -20.10 17.14
C ARG G 143 -20.67 -19.35 18.46
N ASP G 144 -19.56 -19.61 19.16
CA ASP G 144 -19.26 -18.97 20.43
C ASP G 144 -18.95 -17.48 20.24
N LEU G 145 -18.20 -17.11 19.17
CA LEU G 145 -17.91 -15.72 18.87
C LEU G 145 -19.21 -14.97 18.55
N ARG G 146 -20.19 -15.64 17.85
CA ARG G 146 -21.49 -15.05 17.54
C ARG G 146 -22.26 -14.80 18.84
N PHE G 147 -22.19 -15.75 19.79
CA PHE G 147 -22.80 -15.61 21.10
C PHE G 147 -22.19 -14.37 21.82
N GLY G 148 -20.88 -14.21 21.72
CA GLY G 148 -20.18 -13.07 22.32
C GLY G 148 -20.67 -11.74 21.81
N VAL G 149 -20.82 -11.61 20.49
CA VAL G 149 -21.34 -10.39 19.88
C VAL G 149 -22.78 -10.13 20.34
N GLU G 150 -23.63 -11.18 20.37
CA GLU G 150 -25.02 -11.03 20.78
C GLU G 150 -25.15 -10.66 22.23
N HIS G 151 -24.24 -11.12 23.08
CA HIS G 151 -24.27 -10.80 24.50
C HIS G 151 -23.42 -9.58 24.89
N GLY G 152 -22.88 -8.85 23.91
CA GLY G 152 -22.11 -7.63 24.14
C GLY G 152 -20.80 -7.78 24.90
N VAL G 153 -20.03 -8.85 24.64
CA VAL G 153 -18.76 -9.03 25.31
C VAL G 153 -17.79 -7.93 24.83
N ASP G 154 -16.83 -7.58 25.69
CA ASP G 154 -15.88 -6.53 25.38
C ASP G 154 -14.61 -7.03 24.71
N ILE G 155 -14.19 -8.24 25.06
CA ILE G 155 -12.89 -8.79 24.66
C ILE G 155 -13.01 -10.25 24.28
N VAL G 156 -12.16 -10.69 23.36
CA VAL G 156 -12.03 -12.09 22.98
C VAL G 156 -10.59 -12.50 23.25
N PHE G 157 -10.39 -13.59 24.02
CA PHE G 157 -9.06 -14.17 24.21
C PHE G 157 -9.07 -15.35 23.20
N ALA G 158 -8.44 -15.16 22.03
CA ALA G 158 -8.47 -16.18 20.97
C ALA G 158 -7.44 -17.28 21.19
N SER G 159 -7.90 -18.51 21.44
CA SER G 159 -7.00 -19.62 21.74
C SER G 159 -6.19 -20.10 20.55
N PHE G 160 -4.96 -20.57 20.83
CA PHE G 160 -4.03 -21.15 19.86
C PHE G 160 -3.88 -20.34 18.57
N VAL G 161 -3.58 -19.04 18.69
CA VAL G 161 -3.31 -18.22 17.51
C VAL G 161 -1.89 -18.58 17.04
N ARG G 162 -1.73 -19.02 15.78
CA ARG G 162 -0.41 -19.41 15.27
C ARG G 162 0.11 -18.50 14.15
N LYS G 163 -0.77 -17.68 13.54
CA LYS G 163 -0.40 -16.82 12.41
C LYS G 163 -1.42 -15.69 12.24
N ALA G 164 -1.08 -14.67 11.44
CA ALA G 164 -1.97 -13.52 11.20
C ALA G 164 -3.32 -13.91 10.63
N SER G 165 -3.38 -14.95 9.76
CA SER G 165 -4.68 -15.36 9.20
C SER G 165 -5.65 -15.91 10.23
N ASP G 166 -5.15 -16.42 11.37
CA ASP G 166 -6.01 -16.89 12.45
C ASP G 166 -6.75 -15.68 13.07
N VAL G 167 -6.05 -14.55 13.22
CA VAL G 167 -6.66 -13.33 13.77
C VAL G 167 -7.66 -12.75 12.79
N ALA G 168 -7.36 -12.79 11.48
CA ALA G 168 -8.28 -12.28 10.47
C ALA G 168 -9.58 -13.11 10.47
N ALA G 169 -9.48 -14.43 10.69
CA ALA G 169 -10.65 -15.31 10.78
C ALA G 169 -11.51 -14.96 11.99
N VAL G 170 -10.86 -14.68 13.13
CA VAL G 170 -11.61 -14.25 14.34
C VAL G 170 -12.29 -12.89 14.09
N ARG G 171 -11.55 -11.91 13.48
CA ARG G 171 -12.10 -10.58 13.14
C ARG G 171 -13.34 -10.72 12.27
N ALA G 172 -13.25 -11.56 11.19
CA ALA G 172 -14.35 -11.79 10.28
C ALA G 172 -15.54 -12.40 11.00
N ALA G 173 -15.30 -13.31 11.94
CA ALA G 173 -16.38 -13.94 12.70
C ALA G 173 -17.07 -13.00 13.71
N LEU G 174 -16.44 -11.85 14.04
CA LEU G 174 -17.10 -10.90 14.94
C LEU G 174 -18.22 -10.10 14.20
N GLY G 175 -18.63 -10.60 13.04
CA GLY G 175 -19.79 -10.23 12.24
C GLY G 175 -19.91 -8.78 11.97
N PRO G 176 -21.11 -8.37 11.56
CA PRO G 176 -21.31 -6.95 11.27
C PRO G 176 -21.32 -6.07 12.53
N GLU G 177 -21.75 -6.61 13.69
CA GLU G 177 -21.91 -5.76 14.85
C GLU G 177 -20.85 -5.87 15.96
N GLY G 178 -19.76 -6.61 15.74
CA GLY G 178 -18.74 -6.78 16.78
C GLY G 178 -17.35 -6.30 16.45
N HIS G 179 -17.22 -5.34 15.53
CA HIS G 179 -15.90 -4.82 15.16
C HIS G 179 -15.22 -4.03 16.31
N GLY G 180 -15.99 -3.55 17.29
CA GLY G 180 -15.42 -2.84 18.44
C GLY G 180 -14.82 -3.73 19.53
N ILE G 181 -15.02 -5.06 19.40
CA ILE G 181 -14.50 -6.03 20.37
C ILE G 181 -12.98 -6.17 20.24
N LYS G 182 -12.26 -6.15 21.38
CA LYS G 182 -10.80 -6.27 21.36
C LYS G 182 -10.39 -7.71 21.21
N ILE G 183 -9.46 -8.00 20.30
CA ILE G 183 -8.96 -9.37 20.11
C ILE G 183 -7.60 -9.51 20.74
N ILE G 184 -7.50 -10.33 21.77
CA ILE G 184 -6.26 -10.61 22.47
C ILE G 184 -5.84 -12.02 22.02
N SER G 185 -4.75 -12.13 21.26
CA SER G 185 -4.32 -13.42 20.76
C SER G 185 -3.55 -14.20 21.80
N LYS G 186 -3.96 -15.44 22.07
CA LYS G 186 -3.26 -16.31 23.00
C LYS G 186 -2.13 -17.03 22.28
N ILE G 187 -0.89 -16.88 22.76
CA ILE G 187 0.26 -17.55 22.18
C ILE G 187 0.51 -18.78 23.04
N GLU G 188 0.28 -19.98 22.46
CA GLU G 188 0.34 -21.22 23.24
C GLU G 188 1.23 -22.30 22.66
N ASN G 189 1.98 -22.03 21.60
CA ASN G 189 2.83 -23.06 21.00
C ASN G 189 4.06 -22.45 20.29
N HIS G 190 4.95 -23.31 19.78
CA HIS G 190 6.17 -22.86 19.12
C HIS G 190 5.88 -21.95 17.93
N GLU G 191 4.92 -22.32 17.08
CA GLU G 191 4.60 -21.51 15.91
C GLU G 191 4.10 -20.10 16.28
N GLY G 192 3.27 -19.98 17.31
CA GLY G 192 2.78 -18.69 17.78
C GLY G 192 3.93 -17.78 18.21
N VAL G 193 4.94 -18.36 18.90
CA VAL G 193 6.12 -17.62 19.33
C VAL G 193 6.97 -17.18 18.14
N LYS G 194 7.21 -18.11 17.18
CA LYS G 194 8.01 -17.77 16.00
C LYS G 194 7.36 -16.77 15.07
N ARG G 195 6.03 -16.81 14.96
CA ARG G 195 5.29 -15.86 14.13
C ARG G 195 4.70 -14.71 14.94
N PHE G 196 5.23 -14.45 16.15
CA PHE G 196 4.74 -13.42 17.07
C PHE G 196 4.57 -12.04 16.43
N ASP G 197 5.57 -11.55 15.71
CA ASP G 197 5.50 -10.21 15.13
C ASP G 197 4.31 -10.00 14.19
N GLU G 198 4.04 -10.99 13.32
CA GLU G 198 2.91 -10.87 12.40
C GLU G 198 1.56 -10.98 13.13
N ILE G 199 1.53 -11.71 14.25
CA ILE G 199 0.31 -11.86 15.04
C ILE G 199 0.02 -10.56 15.80
N LEU G 200 1.04 -9.99 16.47
CA LEU G 200 0.88 -8.77 17.25
C LEU G 200 0.43 -7.60 16.36
N GLU G 201 0.98 -7.51 15.15
CA GLU G 201 0.65 -6.48 14.19
C GLU G 201 -0.87 -6.38 13.90
N VAL G 202 -1.57 -7.53 13.80
CA VAL G 202 -2.99 -7.52 13.52
C VAL G 202 -3.88 -7.72 14.77
N SER G 203 -3.30 -7.97 15.94
CA SER G 203 -4.08 -8.17 17.17
C SER G 203 -4.18 -6.87 17.98
N ASP G 204 -5.16 -6.80 18.89
CA ASP G 204 -5.24 -5.67 19.82
C ASP G 204 -4.27 -5.85 21.02
N GLY G 205 -3.89 -7.09 21.29
CA GLY G 205 -2.99 -7.45 22.38
C GLY G 205 -2.68 -8.93 22.38
N ILE G 206 -1.94 -9.37 23.40
CA ILE G 206 -1.47 -10.75 23.49
C ILE G 206 -1.69 -11.33 24.88
N MET G 207 -1.89 -12.66 24.96
CA MET G 207 -1.93 -13.35 26.22
C MET G 207 -0.82 -14.41 26.15
N VAL G 208 0.06 -14.43 27.15
CA VAL G 208 1.10 -15.46 27.26
C VAL G 208 0.37 -16.60 27.99
N ALA G 209 -0.12 -17.58 27.23
CA ALA G 209 -0.93 -18.67 27.75
C ALA G 209 0.01 -19.80 28.16
N ARG G 210 0.59 -19.67 29.35
CA ARG G 210 1.68 -20.53 29.84
C ARG G 210 1.34 -22.00 30.04
N GLY G 211 0.08 -22.35 30.26
CA GLY G 211 -0.32 -23.74 30.45
C GLY G 211 0.02 -24.59 29.24
N ASP G 212 -0.60 -24.30 28.09
CA ASP G 212 -0.30 -25.00 26.86
C ASP G 212 1.10 -24.71 26.37
N LEU G 213 1.58 -23.45 26.52
CA LEU G 213 2.94 -23.12 26.09
C LEU G 213 3.99 -24.01 26.80
N GLY G 214 3.80 -24.28 28.09
CA GLY G 214 4.70 -25.11 28.89
C GLY G 214 4.66 -26.60 28.58
N ILE G 215 3.70 -27.06 27.77
CA ILE G 215 3.69 -28.46 27.33
C ILE G 215 4.07 -28.53 25.80
N GLU G 216 3.86 -27.44 25.03
CA GLU G 216 4.23 -27.32 23.60
C GLU G 216 5.72 -27.06 23.42
N ILE G 217 6.34 -26.32 24.34
CA ILE G 217 7.79 -26.07 24.30
C ILE G 217 8.38 -26.54 25.64
N PRO G 218 9.71 -26.72 25.77
CA PRO G 218 10.28 -27.13 27.07
C PRO G 218 9.88 -26.18 28.20
N ALA G 219 9.47 -26.72 29.35
CA ALA G 219 9.01 -25.94 30.50
C ALA G 219 10.04 -24.88 30.94
N GLU G 220 11.33 -25.21 30.81
CA GLU G 220 12.42 -24.32 31.19
C GLU G 220 12.63 -23.14 30.21
N LYS G 221 11.89 -23.10 29.09
CA LYS G 221 12.02 -22.00 28.13
C LYS G 221 10.83 -21.03 28.19
N VAL G 222 9.73 -21.38 28.92
CA VAL G 222 8.55 -20.51 28.99
C VAL G 222 8.87 -19.09 29.45
N PHE G 223 9.75 -18.93 30.44
CA PHE G 223 10.10 -17.59 30.95
C PHE G 223 10.72 -16.69 29.85
N LEU G 224 11.46 -17.30 28.89
CA LEU G 224 12.08 -16.55 27.81
C LEU G 224 10.97 -16.05 26.87
N ALA G 225 9.98 -16.91 26.55
CA ALA G 225 8.87 -16.51 25.68
C ALA G 225 8.03 -15.44 26.38
N GLN G 226 7.77 -15.60 27.69
CA GLN G 226 7.01 -14.61 28.45
C GLN G 226 7.70 -13.24 28.43
N LYS G 227 8.99 -13.19 28.77
CA LYS G 227 9.73 -11.93 28.83
C LYS G 227 9.86 -11.26 27.46
N MET G 228 10.09 -12.06 26.42
CA MET G 228 10.17 -11.55 25.06
C MET G 228 8.84 -10.95 24.61
N MET G 229 7.73 -11.68 24.81
CA MET G 229 6.42 -11.20 24.37
C MET G 229 5.97 -9.96 25.12
N ILE G 230 6.25 -9.91 26.43
CA ILE G 230 5.91 -8.73 27.22
C ILE G 230 6.73 -7.51 26.74
N GLY G 231 8.01 -7.71 26.49
CA GLY G 231 8.87 -6.65 25.99
C GLY G 231 8.39 -6.11 24.65
N ARG G 232 8.05 -7.01 23.71
CA ARG G 232 7.57 -6.59 22.38
C ARG G 232 6.23 -5.88 22.45
N CYS G 233 5.33 -6.33 23.35
CA CYS G 233 4.04 -5.65 23.51
C CYS G 233 4.22 -4.27 24.12
N ASN G 234 5.13 -4.14 25.07
CA ASN G 234 5.43 -2.83 25.69
C ASN G 234 6.00 -1.88 24.62
N LEU G 235 6.86 -2.39 23.74
CA LEU G 235 7.44 -1.59 22.66
C LEU G 235 6.33 -1.16 21.66
N ALA G 236 5.40 -2.05 21.36
CA ALA G 236 4.31 -1.74 20.44
C ALA G 236 3.18 -0.91 21.08
N GLY G 237 3.16 -0.79 22.41
CA GLY G 237 2.09 -0.06 23.09
C GLY G 237 0.77 -0.81 23.06
N LYS G 238 0.83 -2.15 23.08
CA LYS G 238 -0.37 -2.99 23.06
C LYS G 238 -0.44 -3.84 24.33
N PRO G 239 -1.64 -4.03 24.89
CA PRO G 239 -1.75 -4.81 26.14
C PRO G 239 -1.25 -6.26 26.08
N VAL G 240 -0.63 -6.70 27.17
CA VAL G 240 -0.14 -8.06 27.29
C VAL G 240 -0.61 -8.64 28.62
N VAL G 241 -1.16 -9.86 28.59
CA VAL G 241 -1.66 -10.55 29.76
C VAL G 241 -0.73 -11.69 30.12
N CYS G 242 -0.38 -11.83 31.42
CA CYS G 242 0.37 -13.01 31.86
C CYS G 242 -0.69 -13.95 32.47
N ALA G 243 -0.68 -15.23 32.07
CA ALA G 243 -1.71 -16.15 32.53
C ALA G 243 -1.18 -17.51 32.95
N THR G 244 -1.97 -18.22 33.77
CA THR G 244 -1.95 -19.64 34.15
C THR G 244 -0.95 -20.02 35.23
N GLN G 245 -1.50 -20.64 36.28
CA GLN G 245 -0.79 -21.19 37.43
C GLN G 245 -0.04 -20.14 38.25
N MET G 246 -0.45 -18.87 38.17
CA MET G 246 0.20 -17.81 38.95
C MET G 246 0.08 -18.02 40.46
N LEU G 247 -1.11 -18.46 40.92
CA LEU G 247 -1.34 -18.76 42.34
C LEU G 247 -2.00 -20.16 42.46
N GLU G 248 -1.55 -21.12 41.64
CA GLU G 248 -2.12 -22.47 41.54
C GLU G 248 -2.46 -23.16 42.87
N SER G 249 -1.54 -23.16 43.84
CA SER G 249 -1.78 -23.80 45.14
C SER G 249 -2.99 -23.23 45.88
N MET G 250 -3.41 -21.99 45.56
CA MET G 250 -4.59 -21.39 46.19
C MET G 250 -5.92 -22.01 45.74
N ILE G 251 -5.89 -22.97 44.80
CA ILE G 251 -7.10 -23.71 44.44
C ILE G 251 -7.58 -24.51 45.68
N THR G 252 -6.64 -25.01 46.52
CA THR G 252 -7.01 -25.74 47.74
C THR G 252 -6.47 -25.10 49.02
N LYS G 253 -5.42 -24.28 48.95
CA LYS G 253 -4.83 -23.68 50.16
C LYS G 253 -5.14 -22.18 50.32
N PRO G 254 -5.31 -21.69 51.57
CA PRO G 254 -5.65 -20.26 51.75
C PRO G 254 -4.53 -19.28 51.50
N ARG G 255 -3.27 -19.76 51.46
CA ARG G 255 -2.10 -18.92 51.22
C ARG G 255 -1.27 -19.54 50.08
N PRO G 256 -0.65 -18.70 49.25
CA PRO G 256 0.16 -19.23 48.13
C PRO G 256 1.59 -19.59 48.54
N THR G 257 2.33 -20.24 47.64
CA THR G 257 3.72 -20.58 47.90
C THR G 257 4.63 -19.35 47.66
N ARG G 258 5.91 -19.44 48.06
CA ARG G 258 6.87 -18.37 47.84
C ARG G 258 7.17 -18.21 46.33
N ALA G 259 7.11 -19.29 45.54
CA ALA G 259 7.32 -19.19 44.09
C ALA G 259 6.15 -18.47 43.40
N GLU G 260 4.93 -18.66 43.91
CA GLU G 260 3.73 -18.06 43.34
C GLU G 260 3.68 -16.55 43.55
N THR G 261 3.99 -16.07 44.76
CA THR G 261 4.02 -14.62 44.99
C THR G 261 5.13 -13.96 44.15
N SER G 262 6.26 -14.63 44.04
CA SER G 262 7.38 -14.20 43.22
C SER G 262 6.95 -14.10 41.73
N ASP G 263 6.22 -15.10 41.24
CA ASP G 263 5.75 -15.14 39.84
C ASP G 263 4.84 -13.95 39.52
N VAL G 264 3.90 -13.63 40.42
CA VAL G 264 3.01 -12.49 40.22
C VAL G 264 3.81 -11.19 40.19
N ALA G 265 4.72 -11.01 41.17
CA ALA G 265 5.54 -9.81 41.23
C ALA G 265 6.42 -9.65 39.99
N ASN G 266 7.02 -10.76 39.53
CA ASN G 266 7.88 -10.73 38.36
C ASN G 266 7.12 -10.50 37.05
N ALA G 267 5.84 -10.94 36.95
CA ALA G 267 5.06 -10.66 35.75
C ALA G 267 4.81 -9.12 35.66
N VAL G 268 4.53 -8.47 36.80
CA VAL G 268 4.34 -7.02 36.86
C VAL G 268 5.66 -6.32 36.53
N LEU G 269 6.78 -6.75 37.15
CA LEU G 269 8.09 -6.15 36.87
C LEU G 269 8.52 -6.36 35.41
N ASP G 270 8.13 -7.48 34.78
CA ASP G 270 8.41 -7.77 33.37
C ASP G 270 7.74 -6.72 32.47
N GLY G 271 6.56 -6.24 32.86
CA GLY G 271 5.79 -5.24 32.13
C GLY G 271 4.40 -5.66 31.75
N ALA G 272 3.86 -6.75 32.37
CA ALA G 272 2.51 -7.19 32.03
C ALA G 272 1.44 -6.15 32.35
N ASP G 273 0.51 -5.94 31.43
CA ASP G 273 -0.61 -5.02 31.69
C ASP G 273 -1.66 -5.65 32.58
N CYS G 274 -1.88 -6.96 32.42
CA CYS G 274 -2.87 -7.71 33.18
C CYS G 274 -2.27 -8.99 33.71
N ILE G 275 -2.80 -9.45 34.84
CA ILE G 275 -2.47 -10.75 35.42
C ILE G 275 -3.79 -11.54 35.54
N MET G 276 -3.71 -12.87 35.48
CA MET G 276 -4.90 -13.68 35.41
C MET G 276 -4.96 -14.78 36.45
N LEU G 277 -6.18 -15.16 36.79
CA LEU G 277 -6.52 -16.27 37.66
C LEU G 277 -7.46 -17.18 36.84
N SER G 278 -7.18 -18.48 36.86
CA SER G 278 -8.00 -19.42 36.13
CA SER G 278 -7.99 -19.43 36.12
C SER G 278 -8.72 -20.36 37.11
N GLY G 279 -8.19 -21.56 37.40
CA GLY G 279 -8.80 -22.48 38.35
C GLY G 279 -8.88 -21.89 39.74
N GLU G 280 -7.96 -20.96 40.10
CA GLU G 280 -7.96 -20.30 41.39
C GLU G 280 -9.31 -19.61 41.70
N THR G 281 -9.96 -19.00 40.68
CA THR G 281 -11.25 -18.38 40.90
C THR G 281 -12.41 -19.17 40.32
N ALA G 282 -12.15 -19.97 39.26
CA ALA G 282 -13.24 -20.69 38.61
C ALA G 282 -13.75 -21.87 39.44
N LYS G 283 -12.84 -22.61 40.06
CA LYS G 283 -13.22 -23.81 40.81
C LYS G 283 -12.53 -23.90 42.17
N GLY G 284 -11.78 -22.88 42.58
CA GLY G 284 -11.04 -22.93 43.84
C GLY G 284 -11.84 -22.77 45.12
N ASN G 285 -11.18 -23.08 46.25
CA ASN G 285 -11.81 -22.96 47.58
C ASN G 285 -11.71 -21.52 48.11
N PHE G 286 -10.78 -20.69 47.56
CA PHE G 286 -10.56 -19.34 48.04
C PHE G 286 -10.53 -18.30 46.88
N PRO G 287 -11.60 -18.17 46.07
CA PRO G 287 -11.57 -17.24 44.93
C PRO G 287 -11.34 -15.78 45.30
N VAL G 288 -12.00 -15.29 46.36
CA VAL G 288 -11.85 -13.90 46.79
C VAL G 288 -10.43 -13.63 47.31
N GLU G 289 -9.90 -14.58 48.09
CA GLU G 289 -8.56 -14.47 48.64
C GLU G 289 -7.50 -14.47 47.53
N ALA G 290 -7.72 -15.23 46.44
CA ALA G 290 -6.79 -15.25 45.30
C ALA G 290 -6.73 -13.87 44.63
N VAL G 291 -7.90 -13.21 44.48
CA VAL G 291 -7.98 -11.87 43.90
C VAL G 291 -7.28 -10.88 44.82
N LYS G 292 -7.53 -10.98 46.14
CA LYS G 292 -6.89 -10.09 47.13
C LYS G 292 -5.38 -10.23 47.13
N MET G 293 -4.88 -11.47 46.95
CA MET G 293 -3.45 -11.74 46.91
C MET G 293 -2.80 -11.12 45.67
N GLN G 294 -3.43 -11.27 44.48
CA GLN G 294 -2.90 -10.65 43.28
C GLN G 294 -2.89 -9.12 43.41
N HIS G 295 -3.93 -8.56 44.04
CA HIS G 295 -4.00 -7.12 44.26
C HIS G 295 -2.84 -6.65 45.16
N ALA G 296 -2.62 -7.32 46.29
CA ALA G 296 -1.57 -6.96 47.25
C ALA G 296 -0.18 -7.03 46.64
N ILE G 297 0.12 -8.12 45.89
CA ILE G 297 1.42 -8.26 45.26
C ILE G 297 1.63 -7.22 44.16
N ALA G 298 0.64 -7.04 43.26
CA ALA G 298 0.78 -6.08 42.16
C ALA G 298 1.07 -4.67 42.64
N ARG G 299 0.42 -4.23 43.72
CA ARG G 299 0.67 -2.88 44.27
C ARG G 299 2.13 -2.73 44.72
N GLU G 300 2.67 -3.75 45.40
CA GLU G 300 4.06 -3.73 45.85
C GLU G 300 5.02 -3.72 44.66
N ALA G 301 4.74 -4.57 43.64
CA ALA G 301 5.61 -4.68 42.46
C ALA G 301 5.61 -3.45 41.60
N GLU G 302 4.47 -2.78 41.47
CA GLU G 302 4.38 -1.56 40.66
C GLU G 302 5.25 -0.44 41.22
N ALA G 303 5.31 -0.32 42.57
CA ALA G 303 6.16 0.67 43.20
C ALA G 303 7.64 0.35 42.99
N ALA G 304 7.99 -0.94 42.86
CA ALA G 304 9.36 -1.43 42.64
C ALA G 304 9.84 -1.35 41.19
N VAL G 305 9.00 -0.87 40.26
CA VAL G 305 9.40 -0.72 38.86
C VAL G 305 10.47 0.40 38.77
N TYR G 306 11.54 0.20 38.00
CA TYR G 306 12.60 1.19 37.85
C TYR G 306 12.23 2.13 36.71
N HIS G 307 11.30 3.06 36.99
CA HIS G 307 10.80 4.01 36.00
C HIS G 307 11.84 4.86 35.30
N ARG G 308 12.93 5.21 35.99
CA ARG G 308 13.98 6.06 35.39
C ARG G 308 14.53 5.45 34.11
N GLN G 309 14.87 4.16 34.14
CA GLN G 309 15.38 3.49 32.95
C GLN G 309 14.24 3.11 32.00
N LEU G 310 13.13 2.62 32.54
CA LEU G 310 11.98 2.21 31.74
C LEU G 310 11.46 3.36 30.85
N PHE G 311 11.20 4.54 31.44
CA PHE G 311 10.73 5.70 30.66
C PHE G 311 11.74 6.10 29.61
N GLU G 312 13.03 6.15 29.96
CA GLU G 312 14.09 6.50 29.02
C GLU G 312 14.12 5.55 27.83
N GLU G 313 14.00 4.24 28.08
CA GLU G 313 14.01 3.24 27.02
C GLU G 313 12.75 3.25 26.16
N LEU G 314 11.57 3.48 26.77
CA LEU G 314 10.32 3.54 25.99
C LEU G 314 10.33 4.77 25.10
N ARG G 315 10.84 5.90 25.62
CA ARG G 315 10.96 7.15 24.88
C ARG G 315 11.91 6.97 23.68
N ARG G 316 13.09 6.41 23.91
CA ARG G 316 14.10 6.20 22.87
C ARG G 316 13.63 5.26 21.76
N ALA G 317 12.90 4.21 22.13
CA ALA G 317 12.42 3.22 21.17
C ALA G 317 11.19 3.66 20.41
N ALA G 318 10.35 4.51 21.01
CA ALA G 318 9.13 4.97 20.34
C ALA G 318 9.52 5.93 19.22
N PRO G 319 9.04 5.66 18.01
CA PRO G 319 9.40 6.51 16.87
C PRO G 319 8.82 7.91 16.96
N LEU G 320 9.39 8.85 16.18
CA LEU G 320 8.86 10.20 16.08
C LEU G 320 7.45 10.14 15.51
N SER G 321 6.58 11.04 15.97
CA SER G 321 5.20 11.02 15.53
C SER G 321 4.67 12.39 15.25
N ARG G 322 3.84 12.51 14.25
CA ARG G 322 3.14 13.74 13.96
C ARG G 322 1.65 13.65 14.39
N ASP G 323 1.25 12.58 15.11
CA ASP G 323 -0.10 12.41 15.61
C ASP G 323 -0.20 13.23 16.90
N PRO G 324 -1.08 14.22 16.96
CA PRO G 324 -1.18 15.06 18.17
C PRO G 324 -1.52 14.30 19.45
N THR G 325 -2.30 13.19 19.36
CA THR G 325 -2.61 12.41 20.56
C THR G 325 -1.32 11.79 21.14
N GLU G 326 -0.48 11.22 20.26
CA GLU G 326 0.77 10.60 20.67
CA GLU G 326 0.77 10.59 20.65
C GLU G 326 1.74 11.65 21.23
N VAL G 327 1.81 12.83 20.58
CA VAL G 327 2.69 13.92 21.00
C VAL G 327 2.26 14.44 22.37
N THR G 328 0.94 14.62 22.57
CA THR G 328 0.40 15.10 23.83
C THR G 328 0.67 14.09 24.93
N ALA G 329 0.50 12.79 24.61
CA ALA G 329 0.72 11.73 25.60
C ALA G 329 2.13 11.74 26.21
N ILE G 330 3.18 11.85 25.37
CA ILE G 330 4.54 11.83 25.89
C ILE G 330 4.84 13.11 26.68
N GLY G 331 4.31 14.23 26.23
CA GLY G 331 4.46 15.50 26.94
C GLY G 331 3.80 15.44 28.31
N ALA G 332 2.61 14.83 28.39
CA ALA G 332 1.88 14.68 29.65
C ALA G 332 2.58 13.74 30.63
N VAL G 333 3.13 12.62 30.15
CA VAL G 333 3.82 11.69 31.02
C VAL G 333 5.13 12.34 31.54
N GLU G 334 5.84 13.09 30.68
CA GLU G 334 7.05 13.80 31.08
CA GLU G 334 7.06 13.80 31.09
C GLU G 334 6.71 14.83 32.17
N ALA G 335 5.62 15.59 31.97
CA ALA G 335 5.18 16.60 32.93
C ALA G 335 4.80 15.94 34.26
N ALA G 336 4.11 14.78 34.20
CA ALA G 336 3.70 14.06 35.41
C ALA G 336 4.91 13.61 36.25
N PHE G 337 5.97 13.11 35.59
CA PHE G 337 7.18 12.69 36.31
C PHE G 337 7.89 13.89 36.97
N LYS G 338 7.91 15.03 36.29
CA LYS G 338 8.56 16.26 36.76
C LYS G 338 7.99 16.77 38.10
N CYS G 339 6.68 16.67 38.28
CA CYS G 339 6.03 17.17 39.48
C CYS G 339 5.52 16.09 40.42
N CYS G 340 5.82 14.80 40.16
CA CYS G 340 5.27 13.69 40.96
C CYS G 340 3.75 13.77 40.98
N ALA G 341 3.12 14.03 39.81
CA ALA G 341 1.67 14.20 39.72
C ALA G 341 0.95 12.99 40.27
N ALA G 342 -0.10 13.22 41.05
CA ALA G 342 -0.87 12.11 41.60
C ALA G 342 -1.65 11.39 40.46
N ALA G 343 -2.05 12.12 39.41
CA ALA G 343 -2.80 11.50 38.32
C ALA G 343 -2.71 12.29 37.02
N ILE G 344 -3.03 11.62 35.90
CA ILE G 344 -3.22 12.23 34.61
C ILE G 344 -4.70 11.99 34.31
N ILE G 345 -5.54 13.04 34.25
CA ILE G 345 -6.95 12.89 33.94
C ILE G 345 -7.13 13.07 32.44
N VAL G 346 -7.70 12.09 31.76
CA VAL G 346 -7.85 12.16 30.30
C VAL G 346 -9.31 11.93 29.89
N LEU G 347 -9.79 12.72 28.95
CA LEU G 347 -11.12 12.53 28.38
C LEU G 347 -10.94 11.64 27.15
N THR G 348 -11.75 10.58 27.03
CA THR G 348 -11.61 9.66 25.91
C THR G 348 -12.96 9.06 25.49
N THR G 349 -13.21 8.88 24.19
CA THR G 349 -14.44 8.23 23.74
C THR G 349 -14.16 6.76 23.42
N THR G 350 -13.05 6.48 22.75
CA THR G 350 -12.69 5.12 22.36
C THR G 350 -11.71 4.43 23.31
N GLY G 351 -11.05 5.20 24.17
CA GLY G 351 -10.00 4.69 25.07
C GLY G 351 -8.59 4.95 24.54
N ARG G 352 -8.47 5.34 23.26
CA ARG G 352 -7.17 5.53 22.61
C ARG G 352 -6.23 6.55 23.30
N SER G 353 -6.74 7.73 23.70
CA SER G 353 -5.88 8.71 24.37
C SER G 353 -5.33 8.16 25.69
N ALA G 354 -6.12 7.35 26.41
CA ALA G 354 -5.67 6.74 27.66
C ALA G 354 -4.62 5.65 27.38
N GLN G 355 -4.81 4.88 26.30
CA GLN G 355 -3.87 3.82 25.92
C GLN G 355 -2.51 4.43 25.54
N LEU G 356 -2.50 5.55 24.82
CA LEU G 356 -1.25 6.19 24.43
C LEU G 356 -0.49 6.78 25.64
N LEU G 357 -1.20 7.13 26.72
CA LEU G 357 -0.56 7.60 27.95
C LEU G 357 0.06 6.40 28.67
N SER G 358 -0.73 5.30 28.76
CA SER G 358 -0.35 4.04 29.41
C SER G 358 0.93 3.43 28.82
N ARG G 359 1.13 3.54 27.51
CA ARG G 359 2.30 2.95 26.86
C ARG G 359 3.64 3.53 27.37
N TYR G 360 3.64 4.77 27.90
CA TYR G 360 4.85 5.38 28.47
C TYR G 360 5.06 5.06 29.94
N ARG G 361 4.20 4.22 30.51
CA ARG G 361 4.28 3.74 31.88
C ARG G 361 4.49 4.83 32.91
N PRO G 362 3.58 5.82 32.97
CA PRO G 362 3.69 6.82 34.04
C PRO G 362 3.48 6.20 35.41
N ARG G 363 4.09 6.79 36.44
CA ARG G 363 3.84 6.41 37.81
C ARG G 363 2.45 6.96 38.21
N ALA G 364 2.06 8.14 37.68
CA ALA G 364 0.77 8.75 37.94
C ALA G 364 -0.32 7.88 37.37
N ALA G 365 -1.42 7.72 38.10
CA ALA G 365 -2.59 6.96 37.66
C ALA G 365 -3.21 7.68 36.47
N VAL G 366 -3.66 6.95 35.45
CA VAL G 366 -4.34 7.57 34.31
C VAL G 366 -5.85 7.43 34.54
N ILE G 367 -6.51 8.52 34.95
CA ILE G 367 -7.93 8.51 35.21
C ILE G 367 -8.66 8.82 33.92
N ALA G 368 -9.30 7.83 33.31
CA ALA G 368 -9.95 8.02 32.01
C ALA G 368 -11.44 8.26 32.14
N VAL G 369 -11.90 9.47 31.81
CA VAL G 369 -13.32 9.79 31.91
C VAL G 369 -13.96 9.60 30.54
N THR G 370 -15.02 8.77 30.48
CA THR G 370 -15.67 8.47 29.22
C THR G 370 -17.17 8.31 29.38
N ARG G 371 -17.91 8.57 28.31
CA ARG G 371 -19.36 8.32 28.26
C ARG G 371 -19.63 6.92 27.66
N SER G 372 -18.62 6.28 27.03
CA SER G 372 -18.78 4.94 26.44
C SER G 372 -18.59 3.88 27.50
N ALA G 373 -19.66 3.15 27.83
CA ALA G 373 -19.59 2.05 28.79
C ALA G 373 -18.63 0.96 28.28
N GLN G 374 -18.63 0.70 26.95
CA GLN G 374 -17.72 -0.30 26.37
C GLN G 374 -16.25 0.13 26.53
N ALA G 375 -15.91 1.37 26.17
CA ALA G 375 -14.52 1.85 26.31
C ALA G 375 -14.08 1.82 27.78
N ALA G 376 -14.99 2.16 28.69
CA ALA G 376 -14.69 2.13 30.13
C ALA G 376 -14.29 0.70 30.56
N ARG G 377 -14.99 -0.31 30.05
CA ARG G 377 -14.65 -1.70 30.39
C ARG G 377 -13.33 -2.12 29.71
N GLN G 378 -13.17 -1.79 28.42
CA GLN G 378 -12.00 -2.21 27.64
C GLN G 378 -10.67 -1.61 28.07
N VAL G 379 -10.64 -0.37 28.60
CA VAL G 379 -9.37 0.25 28.99
C VAL G 379 -8.72 -0.46 30.19
N HIS G 380 -9.43 -1.36 30.88
CA HIS G 380 -8.81 -2.19 31.94
C HIS G 380 -7.66 -3.05 31.34
N LEU G 381 -7.62 -3.23 30.01
CA LEU G 381 -6.51 -3.98 29.38
C LEU G 381 -5.17 -3.22 29.47
N CYS G 382 -5.21 -1.88 29.63
CA CYS G 382 -4.01 -1.04 29.63
C CYS G 382 -3.56 -0.72 31.05
N ARG G 383 -2.29 -1.03 31.39
CA ARG G 383 -1.81 -0.76 32.75
C ARG G 383 -1.95 0.69 33.18
N GLY G 384 -2.46 0.88 34.38
CA GLY G 384 -2.58 2.18 35.00
C GLY G 384 -3.73 3.01 34.54
N VAL G 385 -4.69 2.44 33.79
CA VAL G 385 -5.85 3.20 33.36
C VAL G 385 -7.01 2.86 34.29
N PHE G 386 -7.57 3.90 34.95
CA PHE G 386 -8.68 3.78 35.89
C PHE G 386 -9.90 4.41 35.22
N PRO G 387 -10.80 3.58 34.69
CA PRO G 387 -11.96 4.12 33.96
C PRO G 387 -13.08 4.65 34.83
N LEU G 388 -13.63 5.81 34.45
CA LEU G 388 -14.75 6.41 35.14
C LEU G 388 -15.84 6.62 34.10
N LEU G 389 -16.99 6.00 34.31
CA LEU G 389 -18.11 6.12 33.37
C LEU G 389 -18.95 7.34 33.74
N TYR G 390 -19.04 8.31 32.83
CA TYR G 390 -19.77 9.55 33.05
C TYR G 390 -21.20 9.42 32.52
N ARG G 391 -22.19 9.61 33.39
CA ARG G 391 -23.61 9.46 33.03
C ARG G 391 -24.45 10.73 33.18
N GLU G 392 -23.84 11.86 33.53
CA GLU G 392 -24.60 13.08 33.72
C GLU G 392 -25.15 13.61 32.39
N PRO G 393 -26.26 14.36 32.44
CA PRO G 393 -26.78 14.97 31.21
C PRO G 393 -25.82 16.05 30.67
N PRO G 394 -25.87 16.30 29.35
CA PRO G 394 -24.87 17.19 28.75
C PRO G 394 -25.06 18.67 29.05
N GLU G 395 -23.95 19.42 29.03
CA GLU G 395 -24.05 20.87 29.17
C GLU G 395 -24.26 21.46 27.77
N ALA G 396 -24.92 22.62 27.69
CA ALA G 396 -25.17 23.26 26.39
C ALA G 396 -23.88 23.74 25.75
N ILE G 397 -22.95 24.25 26.56
CA ILE G 397 -21.68 24.74 26.05
C ILE G 397 -20.63 23.64 26.21
N TRP G 398 -20.02 23.23 25.11
CA TRP G 398 -19.02 22.18 25.08
C TRP G 398 -17.85 22.38 26.08
N ALA G 399 -17.24 23.58 26.16
CA ALA G 399 -16.16 23.82 27.14
C ALA G 399 -16.64 23.58 28.57
N ASP G 400 -17.89 23.89 28.89
CA ASP G 400 -18.44 23.66 30.24
C ASP G 400 -18.63 22.17 30.49
N ASP G 401 -19.04 21.43 29.47
CA ASP G 401 -19.23 19.99 29.54
C ASP G 401 -17.87 19.29 29.74
N VAL G 402 -16.81 19.80 29.09
CA VAL G 402 -15.45 19.28 29.24
C VAL G 402 -15.01 19.50 30.70
N ASP G 403 -15.21 20.72 31.23
CA ASP G 403 -14.83 21.05 32.60
C ASP G 403 -15.56 20.18 33.60
N ARG G 404 -16.85 19.92 33.37
CA ARG G 404 -17.60 19.06 34.30
C ARG G 404 -17.04 17.65 34.35
N ARG G 405 -16.60 17.13 33.20
CA ARG G 405 -16.03 15.79 33.15
C ARG G 405 -14.68 15.73 33.81
N VAL G 406 -13.83 16.75 33.61
CA VAL G 406 -12.53 16.82 34.30
C VAL G 406 -12.77 16.87 35.84
N GLN G 407 -13.74 17.68 36.28
CA GLN G 407 -14.04 17.81 37.70
C GLN G 407 -14.63 16.54 38.30
N PHE G 408 -15.40 15.81 37.50
CA PHE G 408 -15.89 14.49 37.87
C PHE G 408 -14.71 13.53 38.09
N GLY G 409 -13.66 13.64 37.25
CA GLY G 409 -12.45 12.87 37.45
C GLY G 409 -11.73 13.25 38.75
N ILE G 410 -11.70 14.52 39.08
CA ILE G 410 -11.06 15.01 40.31
C ILE G 410 -11.84 14.55 41.56
N GLU G 411 -13.16 14.73 41.54
CA GLU G 411 -14.05 14.33 42.64
C GLU G 411 -14.02 12.83 42.85
N SER G 412 -13.99 12.02 41.78
CA SER G 412 -13.90 10.56 41.96
C SER G 412 -12.53 10.17 42.52
N GLY G 413 -11.47 10.84 42.05
CA GLY G 413 -10.12 10.61 42.52
C GLY G 413 -9.94 10.96 43.99
N LYS G 414 -10.61 12.01 44.47
CA LYS G 414 -10.55 12.38 45.89
C LYS G 414 -11.29 11.33 46.73
N LEU G 415 -12.48 10.92 46.30
CA LEU G 415 -13.28 9.94 47.03
C LEU G 415 -12.53 8.61 47.13
N ARG G 416 -11.87 8.18 46.02
CA ARG G 416 -11.18 6.89 46.00
C ARG G 416 -9.77 6.89 46.59
N GLY G 417 -9.25 8.05 46.96
CA GLY G 417 -7.92 8.14 47.54
C GLY G 417 -6.77 8.39 46.58
N PHE G 418 -7.06 8.63 45.29
CA PHE G 418 -6.03 8.93 44.31
C PHE G 418 -5.49 10.35 44.50
N LEU G 419 -6.35 11.30 44.89
CA LEU G 419 -6.01 12.72 44.95
C LEU G 419 -6.37 13.35 46.24
N ARG G 420 -5.65 14.43 46.58
CA ARG G 420 -5.88 15.25 47.75
C ARG G 420 -5.70 16.72 47.32
N VAL G 421 -6.28 17.66 48.09
CA VAL G 421 -6.12 19.09 47.87
C VAL G 421 -4.62 19.43 48.00
N GLY G 422 -4.09 20.21 47.07
CA GLY G 422 -2.66 20.49 47.05
C GLY G 422 -1.88 19.64 46.08
N ASP G 423 -2.44 18.50 45.62
CA ASP G 423 -1.75 17.67 44.61
C ASP G 423 -1.72 18.39 43.25
N LEU G 424 -0.78 18.01 42.40
CA LEU G 424 -0.74 18.46 41.03
C LEU G 424 -1.25 17.32 40.16
N VAL G 425 -2.04 17.65 39.15
CA VAL G 425 -2.54 16.68 38.20
C VAL G 425 -2.30 17.21 36.80
N ILE G 426 -2.15 16.32 35.86
CA ILE G 426 -2.01 16.67 34.46
C ILE G 426 -3.37 16.36 33.83
N VAL G 427 -3.92 17.24 33.00
CA VAL G 427 -5.21 17.03 32.38
C VAL G 427 -5.03 17.00 30.88
N VAL G 428 -5.51 15.94 30.24
CA VAL G 428 -5.38 15.75 28.81
C VAL G 428 -6.75 15.79 28.12
N THR G 429 -6.90 16.72 27.15
CA THR G 429 -8.15 16.92 26.38
C THR G 429 -7.81 17.24 24.91
N GLY G 430 -8.85 17.46 24.09
CA GLY G 430 -8.71 17.85 22.70
C GLY G 430 -9.33 19.21 22.43
N TRP G 431 -9.10 19.76 21.24
CA TRP G 431 -9.56 21.12 20.89
C TRP G 431 -11.00 21.25 20.39
N ARG G 432 -11.63 20.12 20.04
CA ARG G 432 -12.99 20.07 19.55
C ARG G 432 -13.64 18.73 19.95
N PRO G 433 -14.98 18.64 19.89
CA PRO G 433 -15.66 17.38 20.23
C PRO G 433 -15.35 16.26 19.25
N GLY G 434 -15.53 15.05 19.73
CA GLY G 434 -15.26 13.85 18.96
C GLY G 434 -13.87 13.27 19.16
N SER G 435 -13.80 11.96 19.03
CA SER G 435 -12.61 11.16 19.12
C SER G 435 -11.60 11.60 18.05
N GLY G 436 -10.30 11.46 18.34
CA GLY G 436 -9.22 11.74 17.39
C GLY G 436 -8.58 13.11 17.42
N TYR G 437 -9.01 13.98 18.35
CA TYR G 437 -8.50 15.35 18.39
C TYR G 437 -7.73 15.73 19.63
N THR G 438 -7.33 14.76 20.48
CA THR G 438 -6.54 15.06 21.69
C THR G 438 -5.28 15.84 21.33
N ASN G 439 -5.09 17.02 21.95
CA ASN G 439 -3.93 17.84 21.62
C ASN G 439 -3.53 18.80 22.75
N ILE G 440 -4.19 18.73 23.92
CA ILE G 440 -3.93 19.66 25.01
C ILE G 440 -3.51 18.94 26.30
N MET G 441 -2.48 19.50 26.95
CA MET G 441 -2.02 19.07 28.25
C MET G 441 -2.01 20.28 29.19
N ARG G 442 -2.67 20.15 30.34
CA ARG G 442 -2.72 21.24 31.32
C ARG G 442 -2.20 20.78 32.68
N VAL G 443 -1.55 21.67 33.43
CA VAL G 443 -1.04 21.36 34.77
C VAL G 443 -2.01 22.02 35.73
N LEU G 444 -2.67 21.24 36.58
CA LEU G 444 -3.67 21.77 37.48
C LEU G 444 -3.35 21.49 38.94
N SER G 445 -3.56 22.47 39.80
CA SER G 445 -3.40 22.31 41.23
C SER G 445 -4.80 21.90 41.78
N ILE G 446 -4.87 20.82 42.55
CA ILE G 446 -6.13 20.36 43.09
C ILE G 446 -6.61 21.29 44.22
N SER G 447 -7.80 21.86 44.06
CA SER G 447 -8.39 22.72 45.07
C SER G 447 -9.63 22.05 45.69
N GLY H 23 10.16 13.14 4.46
CA GLY H 23 11.13 12.93 3.39
C GLY H 23 12.54 12.63 3.88
N THR H 24 13.34 11.99 3.04
CA THR H 24 14.73 11.65 3.39
C THR H 24 15.61 12.91 3.42
N ALA H 25 15.29 13.93 2.60
CA ALA H 25 16.06 15.17 2.58
C ALA H 25 15.99 15.87 3.93
N PHE H 26 14.81 15.83 4.59
CA PHE H 26 14.62 16.43 5.90
C PHE H 26 15.57 15.80 6.93
N PHE H 27 15.67 14.46 6.93
CA PHE H 27 16.49 13.77 7.90
C PHE H 27 18.01 13.76 7.59
N GLN H 28 18.42 14.41 6.49
CA GLN H 28 19.83 14.54 6.15
C GLN H 28 20.38 15.93 6.61
N GLN H 29 19.50 16.94 6.71
CA GLN H 29 19.80 18.31 7.13
C GLN H 29 19.98 18.41 8.66
N GLN H 30 20.40 19.62 9.14
CA GLN H 30 20.59 20.00 10.54
C GLN H 30 21.25 18.92 11.43
N GLN H 31 22.25 18.21 10.87
CA GLN H 31 22.99 17.14 11.55
C GLN H 31 22.07 16.09 12.20
N LEU H 32 20.92 15.79 11.56
CA LEU H 32 19.99 14.80 12.10
C LEU H 32 20.60 13.39 12.17
N PRO H 33 21.42 12.90 11.22
CA PRO H 33 22.06 11.58 11.43
C PRO H 33 22.94 11.57 12.70
N ALA H 34 23.71 12.65 12.95
CA ALA H 34 24.53 12.75 14.16
C ALA H 34 23.68 12.90 15.44
N ALA H 35 22.48 13.50 15.29
CA ALA H 35 21.55 13.68 16.40
C ALA H 35 20.97 12.35 16.88
N MET H 36 20.77 11.40 15.97
CA MET H 36 20.21 10.09 16.31
C MET H 36 21.23 9.09 16.88
N ALA H 37 22.51 9.47 17.00
CA ALA H 37 23.54 8.55 17.47
C ALA H 37 23.38 8.07 18.91
N ASP H 38 23.79 6.83 19.18
CA ASP H 38 23.67 6.21 20.50
C ASP H 38 24.77 6.58 21.45
N THR H 39 25.92 7.06 20.94
CA THR H 39 27.01 7.51 21.81
C THR H 39 27.54 8.87 21.33
N PHE H 40 28.23 9.61 22.22
CA PHE H 40 28.83 10.89 21.85
C PHE H 40 29.92 10.67 20.78
N LEU H 41 30.70 9.57 20.90
CA LEU H 41 31.73 9.26 19.91
C LEU H 41 31.11 9.03 18.52
N GLU H 42 30.01 8.27 18.44
CA GLU H 42 29.32 8.02 17.16
C GLU H 42 28.69 9.33 16.63
N HIS H 43 28.20 10.20 17.53
CA HIS H 43 27.66 11.51 17.19
C HIS H 43 28.73 12.33 16.46
N LEU H 44 29.98 12.36 16.99
CA LEU H 44 31.07 13.09 16.36
C LEU H 44 31.38 12.49 14.98
N CYS H 45 31.46 11.14 14.88
CA CYS H 45 31.77 10.44 13.64
C CYS H 45 30.76 10.71 12.54
N LEU H 46 29.50 11.07 12.92
CA LEU H 46 28.45 11.33 11.95
C LEU H 46 28.27 12.79 11.57
N LEU H 47 29.06 13.72 12.15
CA LEU H 47 28.96 15.14 11.78
C LEU H 47 29.33 15.30 10.30
N ASP H 48 28.52 16.05 9.57
CA ASP H 48 28.64 16.16 8.13
C ASP H 48 28.68 17.60 7.66
N ILE H 49 29.77 17.99 6.99
CA ILE H 49 29.89 19.36 6.46
C ILE H 49 28.85 19.68 5.37
N ASP H 50 28.25 18.65 4.75
CA ASP H 50 27.21 18.84 3.73
C ASP H 50 25.81 18.91 4.34
N SER H 51 25.67 18.69 5.66
CA SER H 51 24.37 18.74 6.32
C SER H 51 24.12 20.20 6.71
N GLU H 52 23.27 20.88 5.93
CA GLU H 52 23.00 22.30 6.11
C GLU H 52 22.09 22.63 7.28
N PRO H 53 22.41 23.72 8.01
CA PRO H 53 21.54 24.11 9.12
C PRO H 53 20.20 24.62 8.61
N VAL H 54 19.11 24.34 9.31
CA VAL H 54 17.78 24.76 8.89
C VAL H 54 17.16 25.69 9.94
N ALA H 55 17.35 25.36 11.22
CA ALA H 55 16.81 26.14 12.33
C ALA H 55 17.37 27.56 12.37
N ALA H 56 16.60 28.50 12.94
CA ALA H 56 17.08 29.87 13.09
C ALA H 56 18.19 29.85 14.17
N ARG H 57 19.15 30.78 14.05
CA ARG H 57 20.28 30.87 14.98
C ARG H 57 19.79 31.25 16.36
N SER H 58 20.08 30.42 17.34
CA SER H 58 19.56 30.57 18.69
C SER H 58 20.49 31.26 19.71
N THR H 59 21.81 31.25 19.51
CA THR H 59 22.73 31.90 20.45
C THR H 59 22.75 33.39 20.13
N SER H 60 22.42 34.27 21.10
CA SER H 60 22.41 35.71 20.83
C SER H 60 23.78 36.30 20.66
N ILE H 61 23.87 37.35 19.84
CA ILE H 61 25.11 38.05 19.61
C ILE H 61 25.06 39.40 20.29
N ILE H 62 26.06 39.68 21.12
CA ILE H 62 26.20 40.97 21.77
C ILE H 62 27.30 41.71 21.00
N ALA H 63 26.99 42.91 20.50
CA ALA H 63 28.00 43.72 19.79
C ALA H 63 28.29 44.96 20.63
N THR H 64 29.57 45.25 20.87
CA THR H 64 29.95 46.44 21.61
C THR H 64 29.89 47.65 20.66
N ILE H 65 29.23 48.72 21.11
CA ILE H 65 29.05 49.93 20.33
C ILE H 65 30.25 50.84 20.50
N GLY H 66 30.73 51.39 19.40
CA GLY H 66 31.84 52.32 19.41
C GLY H 66 31.90 53.11 18.12
N PRO H 67 33.03 53.77 17.85
CA PRO H 67 33.15 54.56 16.59
C PRO H 67 32.87 53.82 15.30
N ALA H 68 33.13 52.51 15.26
CA ALA H 68 32.85 51.72 14.06
C ALA H 68 31.38 51.30 13.92
N SER H 69 30.55 51.51 14.95
CA SER H 69 29.18 51.01 14.93
C SER H 69 28.17 51.97 15.53
N ARG H 70 28.45 53.28 15.47
CA ARG H 70 27.52 54.27 16.04
C ARG H 70 26.62 54.86 15.00
N SER H 71 27.00 54.83 13.72
CA SER H 71 26.16 55.38 12.66
C SER H 71 24.79 54.68 12.63
N VAL H 72 23.68 55.44 12.60
CA VAL H 72 22.32 54.87 12.53
C VAL H 72 22.20 53.91 11.33
N GLU H 73 22.80 54.28 10.18
CA GLU H 73 22.75 53.45 8.98
C GLU H 73 23.55 52.16 9.12
N ARG H 74 24.68 52.21 9.82
CA ARG H 74 25.46 51.01 10.05
C ARG H 74 24.75 50.11 11.11
N LEU H 75 24.12 50.72 12.10
CA LEU H 75 23.39 49.95 13.13
C LEU H 75 22.22 49.16 12.50
N LYS H 76 21.59 49.74 11.45
CA LYS H 76 20.54 49.04 10.72
C LYS H 76 21.11 47.79 10.05
N GLU H 77 22.33 47.90 9.49
CA GLU H 77 22.99 46.74 8.88
C GLU H 77 23.37 45.70 9.94
N MET H 78 23.80 46.14 11.13
CA MET H 78 24.17 45.23 12.20
CA MET H 78 24.17 45.23 12.20
C MET H 78 22.94 44.48 12.75
N ILE H 79 21.77 45.13 12.78
CA ILE H 79 20.54 44.49 13.23
C ILE H 79 20.16 43.42 12.22
N LYS H 80 20.23 43.77 10.91
CA LYS H 80 19.95 42.80 9.85
C LYS H 80 20.93 41.64 9.85
N ALA H 81 22.22 41.88 10.18
CA ALA H 81 23.25 40.83 10.24
C ALA H 81 23.04 39.87 11.43
N GLY H 82 22.31 40.30 12.46
CA GLY H 82 22.03 39.43 13.60
C GLY H 82 22.34 39.96 15.00
N MET H 83 22.74 41.24 15.15
CA MET H 83 23.03 41.78 16.49
C MET H 83 21.73 41.78 17.33
N ASN H 84 21.80 41.19 18.53
CA ASN H 84 20.60 41.14 19.39
C ASN H 84 20.71 42.06 20.59
N ILE H 85 21.93 42.28 21.09
CA ILE H 85 22.19 43.10 22.26
C ILE H 85 23.32 44.07 21.93
N ALA H 86 23.12 45.35 22.21
CA ALA H 86 24.12 46.39 22.02
C ALA H 86 24.78 46.64 23.39
N ARG H 87 26.10 46.48 23.47
CA ARG H 87 26.83 46.70 24.71
C ARG H 87 27.51 48.07 24.75
N LEU H 88 27.27 48.83 25.81
CA LEU H 88 27.91 50.14 26.01
C LEU H 88 28.99 49.96 27.05
N ASN H 89 30.26 50.12 26.66
CA ASN H 89 31.36 49.92 27.59
C ASN H 89 31.66 51.22 28.34
N PHE H 90 31.25 51.31 29.61
CA PHE H 90 31.44 52.53 30.40
C PHE H 90 32.88 52.71 30.92
N SER H 91 33.82 51.83 30.49
CA SER H 91 35.25 52.03 30.81
C SER H 91 35.81 53.20 29.96
N HIS H 92 35.18 53.51 28.81
CA HIS H 92 35.59 54.60 27.90
C HIS H 92 34.37 55.46 27.55
N GLY H 93 34.59 56.73 27.26
CA GLY H 93 33.52 57.62 26.85
C GLY H 93 32.74 58.27 27.97
N SER H 94 32.23 59.45 27.74
CA SER H 94 31.46 60.21 28.73
C SER H 94 29.97 59.77 28.74
N HIS H 95 29.18 60.30 29.68
CA HIS H 95 27.73 60.06 29.71
C HIS H 95 27.07 60.59 28.42
N GLU H 96 27.56 61.74 27.91
CA GLU H 96 27.05 62.33 26.69
C GLU H 96 27.27 61.39 25.50
N TYR H 97 28.45 60.79 25.44
CA TYR H 97 28.78 59.88 24.37
C TYR H 97 27.84 58.64 24.42
N HIS H 98 27.66 58.05 25.59
CA HIS H 98 26.81 56.87 25.74
C HIS H 98 25.33 57.18 25.51
N ALA H 99 24.86 58.40 25.86
CA ALA H 99 23.47 58.76 25.58
C ALA H 99 23.22 58.85 24.07
N GLU H 100 24.25 59.31 23.30
CA GLU H 100 24.16 59.38 21.84
C GLU H 100 24.14 57.97 21.27
N SER H 101 24.96 57.05 21.82
CA SER H 101 24.98 55.65 21.38
C SER H 101 23.58 55.03 21.56
N ILE H 102 22.96 55.26 22.71
CA ILE H 102 21.62 54.76 23.01
C ILE H 102 20.60 55.29 22.06
N ALA H 103 20.64 56.61 21.79
CA ALA H 103 19.69 57.24 20.87
C ALA H 103 19.85 56.70 19.45
N ASN H 104 21.09 56.48 19.00
CA ASN H 104 21.34 55.94 17.66
C ASN H 104 20.86 54.50 17.53
N VAL H 105 21.08 53.68 18.58
CA VAL H 105 20.62 52.28 18.60
C VAL H 105 19.09 52.27 18.50
N ARG H 106 18.42 53.05 19.37
CA ARG H 106 16.97 53.12 19.35
C ARG H 106 16.41 53.62 18.04
N GLU H 107 17.05 54.62 17.40
CA GLU H 107 16.59 55.11 16.10
C GLU H 107 16.70 54.01 15.05
N ALA H 108 17.83 53.26 15.02
CA ALA H 108 17.97 52.16 14.05
C ALA H 108 16.96 51.03 14.32
N VAL H 109 16.74 50.70 15.58
CA VAL H 109 15.79 49.64 15.95
C VAL H 109 14.37 50.03 15.56
N GLU H 110 13.96 51.26 15.91
CA GLU H 110 12.60 51.72 15.63
C GLU H 110 12.33 52.01 14.17
N SER H 111 13.38 52.07 13.32
CA SER H 111 13.17 52.27 11.89
C SER H 111 12.46 51.07 11.24
N PHE H 112 12.48 49.89 11.89
CA PHE H 112 11.80 48.71 11.40
C PHE H 112 10.43 48.47 12.09
N ALA H 113 10.01 49.33 13.04
CA ALA H 113 8.73 49.15 13.74
C ALA H 113 7.47 49.28 12.86
N GLY H 114 7.59 49.87 11.68
CA GLY H 114 6.48 50.03 10.74
C GLY H 114 5.97 48.72 10.18
N SER H 115 6.79 47.64 10.26
CA SER H 115 6.38 46.28 9.86
C SER H 115 6.45 45.41 11.11
N PRO H 116 5.37 45.34 11.89
CA PRO H 116 5.39 44.58 13.14
C PRO H 116 5.72 43.10 13.04
N LEU H 117 5.43 42.45 11.90
CA LEU H 117 5.69 41.02 11.73
C LEU H 117 7.17 40.68 11.56
N SER H 118 8.01 41.68 11.25
CA SER H 118 9.44 41.44 11.06
C SER H 118 10.33 42.26 12.03
N TYR H 119 9.74 43.15 12.85
CA TYR H 119 10.43 43.99 13.83
C TYR H 119 11.29 43.14 14.79
N ARG H 120 12.57 43.52 14.95
CA ARG H 120 13.43 42.81 15.87
C ARG H 120 13.84 43.69 17.05
N PRO H 121 13.42 43.31 18.26
CA PRO H 121 13.88 44.04 19.45
C PRO H 121 15.38 43.89 19.64
N VAL H 122 16.04 44.92 20.20
CA VAL H 122 17.47 44.87 20.48
C VAL H 122 17.67 45.41 21.87
N ALA H 123 18.30 44.61 22.75
CA ALA H 123 18.53 45.04 24.12
C ALA H 123 19.71 46.01 24.22
N ILE H 124 19.73 46.83 25.26
CA ILE H 124 20.83 47.74 25.52
C ILE H 124 21.42 47.35 26.88
N ALA H 125 22.70 47.02 26.89
CA ALA H 125 23.39 46.59 28.09
C ALA H 125 24.48 47.56 28.49
N LEU H 126 24.55 47.91 29.78
CA LEU H 126 25.54 48.84 30.29
C LEU H 126 26.62 48.03 30.97
N ASP H 127 27.86 48.13 30.49
CA ASP H 127 28.97 47.39 31.08
C ASP H 127 29.78 48.38 31.97
N THR H 128 29.78 48.15 33.28
CA THR H 128 30.43 49.08 34.21
C THR H 128 31.97 49.08 34.16
N LYS H 129 32.56 50.22 34.55
CA LYS H 129 34.00 50.41 34.63
C LYS H 129 34.61 49.47 35.65
N GLY H 130 33.94 49.31 36.79
CA GLY H 130 34.41 48.41 37.83
C GLY H 130 34.93 49.07 39.08
N PRO H 131 35.33 48.25 40.06
CA PRO H 131 35.78 48.79 41.35
C PRO H 131 37.20 49.34 41.40
N GLY H 132 38.01 49.01 40.39
CA GLY H 132 39.41 49.43 40.33
C GLY H 132 40.19 48.87 41.50
N SER H 133 40.92 49.75 42.19
CA SER H 133 41.68 49.34 43.38
C SER H 133 40.84 49.33 44.67
N GLY H 134 39.55 49.67 44.60
CA GLY H 134 38.67 49.69 45.76
C GLY H 134 38.09 48.34 46.13
N PRO H 135 37.49 48.26 47.33
CA PRO H 135 36.94 46.98 47.78
C PRO H 135 35.53 46.62 47.28
N GLY H 136 34.75 47.62 46.89
CA GLY H 136 33.38 47.41 46.43
C GLY H 136 32.94 48.42 45.38
N LEU H 137 31.64 48.79 45.39
CA LEU H 137 31.07 49.69 44.39
C LEU H 137 31.69 51.08 44.40
N SER H 138 32.33 51.46 43.28
CA SER H 138 32.99 52.75 43.14
C SER H 138 31.98 53.89 42.94
N GLU H 139 32.42 55.13 43.16
CA GLU H 139 31.55 56.29 42.99
C GLU H 139 31.17 56.52 41.53
N GLN H 140 32.09 56.23 40.58
CA GLN H 140 31.77 56.37 39.17
C GLN H 140 30.71 55.33 38.77
N ASP H 141 30.80 54.10 39.30
CA ASP H 141 29.80 53.07 39.03
C ASP H 141 28.43 53.46 39.54
N VAL H 142 28.35 54.10 40.73
CA VAL H 142 27.07 54.60 41.26
C VAL H 142 26.44 55.60 40.29
N ARG H 143 27.24 56.52 39.75
CA ARG H 143 26.73 57.51 38.80
C ARG H 143 26.36 56.90 37.45
N ASP H 144 27.15 55.94 36.96
CA ASP H 144 26.88 55.26 35.69
C ASP H 144 25.62 54.39 35.77
N LEU H 145 25.41 53.71 36.91
CA LEU H 145 24.22 52.89 37.12
C LEU H 145 22.97 53.78 37.20
N ARG H 146 23.08 54.97 37.78
CA ARG H 146 21.98 55.92 37.84
C ARG H 146 21.65 56.39 36.41
N PHE H 147 22.69 56.65 35.57
CA PHE H 147 22.53 57.04 34.18
C PHE H 147 21.76 55.91 33.45
N GLY H 148 22.13 54.66 33.69
CA GLY H 148 21.49 53.50 33.08
C GLY H 148 20.01 53.43 33.34
N VAL H 149 19.62 53.62 34.62
CA VAL H 149 18.20 53.63 35.00
C VAL H 149 17.47 54.78 34.31
N GLU H 150 18.07 55.99 34.31
CA GLU H 150 17.44 57.16 33.69
C GLU H 150 17.29 57.01 32.21
N HIS H 151 18.21 56.28 31.55
CA HIS H 151 18.12 56.08 30.11
C HIS H 151 17.43 54.75 29.70
N GLY H 152 16.85 54.04 30.67
CA GLY H 152 16.10 52.82 30.39
C GLY H 152 16.89 51.61 29.86
N VAL H 153 18.13 51.40 30.34
CA VAL H 153 18.89 50.23 29.87
C VAL H 153 18.19 48.94 30.36
N ASP H 154 18.38 47.85 29.62
CA ASP H 154 17.74 46.57 29.96
C ASP H 154 18.57 45.69 30.86
N ILE H 155 19.90 45.77 30.69
CA ILE H 155 20.83 44.88 31.36
C ILE H 155 22.04 45.63 31.87
N VAL H 156 22.63 45.14 32.95
CA VAL H 156 23.88 45.65 33.47
C VAL H 156 24.87 44.47 33.46
N PHE H 157 26.04 44.64 32.82
CA PHE H 157 27.12 43.67 32.89
C PHE H 157 28.02 44.27 34.00
N ALA H 158 27.92 43.73 35.23
CA ALA H 158 28.67 44.28 36.37
C ALA H 158 30.11 43.77 36.41
N SER H 159 31.08 44.67 36.22
CA SER H 159 32.49 44.30 36.19
C SER H 159 33.06 43.88 37.54
N PHE H 160 34.00 42.92 37.48
CA PHE H 160 34.74 42.40 38.63
C PHE H 160 33.88 42.04 39.84
N VAL H 161 32.84 41.22 39.63
CA VAL H 161 31.99 40.77 40.73
C VAL H 161 32.78 39.69 41.46
N ARG H 162 32.99 39.88 42.76
CA ARG H 162 33.80 38.98 43.58
C ARG H 162 33.02 38.22 44.64
N LYS H 163 31.81 38.67 44.97
CA LYS H 163 30.99 38.07 46.02
C LYS H 163 29.54 38.55 45.89
N ALA H 164 28.63 37.90 46.61
CA ALA H 164 27.20 38.24 46.56
C ALA H 164 26.90 39.70 46.96
N SER H 165 27.66 40.27 47.92
CA SER H 165 27.43 41.64 48.35
C SER H 165 27.73 42.66 47.26
N ASP H 166 28.60 42.31 46.28
CA ASP H 166 28.86 43.19 45.14
C ASP H 166 27.59 43.32 44.29
N VAL H 167 26.83 42.22 44.13
CA VAL H 167 25.61 42.21 43.34
C VAL H 167 24.54 43.02 44.07
N ALA H 168 24.45 42.89 45.41
CA ALA H 168 23.47 43.65 46.19
C ALA H 168 23.76 45.15 46.08
N ALA H 169 25.05 45.54 46.06
CA ALA H 169 25.44 46.94 45.90
C ALA H 169 25.00 47.49 44.53
N VAL H 170 25.16 46.69 43.47
CA VAL H 170 24.73 47.09 42.12
C VAL H 170 23.21 47.25 42.13
N ARG H 171 22.49 46.29 42.72
N ARG H 171 22.49 46.29 42.72
CA ARG H 171 21.03 46.31 42.79
CA ARG H 171 21.04 46.33 42.79
C ARG H 171 20.52 47.55 43.53
C ARG H 171 20.54 47.59 43.52
N ALA H 172 21.16 47.92 44.66
CA ALA H 172 20.79 49.09 45.45
C ALA H 172 21.04 50.39 44.67
N ALA H 173 22.15 50.44 43.89
CA ALA H 173 22.47 51.61 43.09
C ALA H 173 21.49 51.82 41.92
N LEU H 174 20.82 50.76 41.47
CA LEU H 174 19.80 50.88 40.43
C LEU H 174 18.52 51.57 40.99
N GLY H 175 18.31 51.54 42.31
CA GLY H 175 17.20 52.20 42.98
C GLY H 175 15.87 51.51 42.83
N PRO H 176 14.79 52.15 43.31
CA PRO H 176 13.45 51.54 43.18
C PRO H 176 12.93 51.49 41.74
N GLU H 177 13.38 52.39 40.87
CA GLU H 177 12.94 52.39 39.47
C GLU H 177 13.71 51.40 38.58
N GLY H 178 14.80 50.81 39.07
CA GLY H 178 15.59 49.86 38.27
C GLY H 178 15.44 48.42 38.68
N HIS H 179 14.30 48.08 39.30
CA HIS H 179 14.03 46.70 39.76
CA HIS H 179 14.05 46.70 39.75
C HIS H 179 13.95 45.69 38.62
N GLY H 180 13.50 46.13 37.44
CA GLY H 180 13.34 45.25 36.28
C GLY H 180 14.61 44.99 35.47
N ILE H 181 15.68 45.74 35.73
CA ILE H 181 16.96 45.58 35.02
C ILE H 181 17.65 44.26 35.39
N LYS H 182 18.14 43.51 34.40
CA LYS H 182 18.83 42.26 34.64
C LYS H 182 20.28 42.51 35.01
N ILE H 183 20.78 41.85 36.05
CA ILE H 183 22.18 41.99 36.44
C ILE H 183 22.95 40.75 36.05
N ILE H 184 23.89 40.91 35.13
CA ILE H 184 24.74 39.82 34.66
C ILE H 184 26.11 40.07 35.30
N SER H 185 26.51 39.20 36.21
CA SER H 185 27.79 39.37 36.90
C SER H 185 28.97 38.92 36.05
N LYS H 186 29.95 39.81 35.87
CA LYS H 186 31.16 39.43 35.13
C LYS H 186 32.16 38.79 36.09
N ILE H 187 32.62 37.55 35.78
CA ILE H 187 33.59 36.84 36.58
C ILE H 187 34.90 37.08 35.90
N GLU H 188 35.79 37.82 36.55
CA GLU H 188 37.06 38.22 35.93
C GLU H 188 38.30 37.92 36.74
N ASN H 189 38.18 37.24 37.87
CA ASN H 189 39.36 36.95 38.70
C ASN H 189 39.19 35.69 39.53
N HIS H 190 40.23 35.28 40.27
CA HIS H 190 40.22 34.07 41.06
C HIS H 190 39.09 34.05 42.09
N GLU H 191 38.88 35.15 42.82
CA GLU H 191 37.84 35.21 43.83
C GLU H 191 36.43 35.01 43.25
N GLY H 192 36.16 35.63 42.09
CA GLY H 192 34.88 35.47 41.40
C GLY H 192 34.60 34.02 41.05
N VAL H 193 35.65 33.28 40.59
CA VAL H 193 35.53 31.86 40.26
C VAL H 193 35.27 31.04 41.52
N LYS H 194 36.03 31.30 42.60
CA LYS H 194 35.86 30.55 43.84
C LYS H 194 34.53 30.81 44.56
N ARG H 195 34.03 32.04 44.46
CA ARG H 195 32.75 32.38 45.05
C ARG H 195 31.60 32.35 44.03
N PHE H 196 31.79 31.64 42.90
CA PHE H 196 30.81 31.54 41.82
C PHE H 196 29.40 31.18 42.27
N ASP H 197 29.23 30.13 43.08
CA ASP H 197 27.89 29.70 43.47
C ASP H 197 27.10 30.77 44.19
N GLU H 198 27.71 31.51 45.12
CA GLU H 198 27.01 32.56 45.82
C GLU H 198 26.70 33.77 44.92
N ILE H 199 27.54 34.01 43.91
CA ILE H 199 27.32 35.11 42.96
C ILE H 199 26.16 34.76 42.02
N LEU H 200 26.17 33.53 41.46
CA LEU H 200 25.12 33.08 40.54
C LEU H 200 23.74 33.09 41.22
N GLU H 201 23.68 32.67 42.48
CA GLU H 201 22.45 32.62 43.26
C GLU H 201 21.72 33.95 43.31
N VAL H 202 22.44 35.07 43.45
CA VAL H 202 21.81 36.39 43.51
C VAL H 202 21.83 37.17 42.19
N SER H 203 22.47 36.63 41.14
CA SER H 203 22.56 37.31 39.84
C SER H 203 21.48 36.78 38.89
N ASP H 204 21.18 37.54 37.85
CA ASP H 204 20.28 37.05 36.80
C ASP H 204 21.03 36.15 35.79
N GLY H 205 22.34 36.29 35.73
CA GLY H 205 23.20 35.54 34.83
C GLY H 205 24.66 35.88 35.03
N ILE H 206 25.53 35.31 34.16
CA ILE H 206 26.97 35.45 34.29
C ILE H 206 27.63 35.78 32.97
N MET H 207 28.75 36.50 33.01
CA MET H 207 29.58 36.71 31.84
C MET H 207 30.96 36.16 32.18
N VAL H 208 31.49 35.26 31.33
CA VAL H 208 32.84 34.75 31.46
C VAL H 208 33.70 35.83 30.77
N ALA H 209 34.26 36.74 31.56
CA ALA H 209 35.01 37.87 31.04
C ALA H 209 36.46 37.45 30.90
N ARG H 210 36.77 36.78 29.78
CA ARG H 210 38.05 36.12 29.56
C ARG H 210 39.28 37.03 29.46
N GLY H 211 39.10 38.30 29.11
CA GLY H 211 40.21 39.24 29.01
C GLY H 211 40.93 39.41 30.35
N ASP H 212 40.23 39.93 31.35
CA ASP H 212 40.78 40.07 32.69
C ASP H 212 41.02 38.72 33.34
N LEU H 213 40.11 37.75 33.14
CA LEU H 213 40.29 36.41 33.72
C LEU H 213 41.64 35.77 33.29
N GLY H 214 42.02 35.95 32.02
CA GLY H 214 43.26 35.44 31.46
C GLY H 214 44.53 36.13 31.94
N ILE H 215 44.38 37.26 32.66
CA ILE H 215 45.51 37.93 33.26
C ILE H 215 45.52 37.74 34.80
N GLU H 216 44.35 37.51 35.40
CA GLU H 216 44.19 37.27 36.84
C GLU H 216 44.55 35.83 37.22
N ILE H 217 44.26 34.87 36.34
CA ILE H 217 44.63 33.47 36.56
C ILE H 217 45.50 33.01 35.38
N PRO H 218 46.24 31.88 35.46
CA PRO H 218 47.04 31.43 34.31
C PRO H 218 46.18 31.28 33.04
N ALA H 219 46.68 31.78 31.91
CA ALA H 219 45.97 31.76 30.64
C ALA H 219 45.51 30.36 30.24
N GLU H 220 46.30 29.35 30.56
CA GLU H 220 45.99 27.95 30.25
C GLU H 220 44.88 27.36 31.11
N LYS H 221 44.37 28.09 32.11
CA LYS H 221 43.28 27.59 32.96
C LYS H 221 41.92 28.24 32.62
N VAL H 222 41.90 29.30 31.79
CA VAL H 222 40.65 29.99 31.46
C VAL H 222 39.57 29.07 30.88
N PHE H 223 39.95 28.12 30.00
CA PHE H 223 38.96 27.18 29.42
C PHE H 223 38.24 26.35 30.50
N LEU H 224 38.94 26.02 31.61
CA LEU H 224 38.33 25.25 32.70
C LEU H 224 37.28 26.11 33.40
N ALA H 225 37.59 27.40 33.66
CA ALA H 225 36.65 28.31 34.30
C ALA H 225 35.46 28.56 33.37
N GLN H 226 35.71 28.73 32.06
CA GLN H 226 34.63 28.94 31.09
C GLN H 226 33.68 27.74 31.06
N LYS H 227 34.21 26.51 30.91
CA LYS H 227 33.38 25.32 30.84
C LYS H 227 32.63 25.06 32.13
N MET H 228 33.27 25.30 33.29
CA MET H 228 32.62 25.12 34.59
C MET H 228 31.46 26.12 34.75
N MET H 229 31.72 27.42 34.48
CA MET H 229 30.68 28.43 34.65
C MET H 229 29.51 28.23 33.70
N ILE H 230 29.80 27.87 32.44
CA ILE H 230 28.72 27.58 31.48
C ILE H 230 27.88 26.39 31.96
N GLY H 231 28.54 25.31 32.41
CA GLY H 231 27.86 24.12 32.91
C GLY H 231 26.96 24.44 34.10
N ARG H 232 27.46 25.24 35.06
CA ARG H 232 26.67 25.60 36.25
C ARG H 232 25.51 26.52 35.91
N CYS H 233 25.69 27.45 34.96
CA CYS H 233 24.60 28.31 34.53
C CYS H 233 23.53 27.49 33.81
N ASN H 234 23.95 26.50 32.98
CA ASN H 234 23.00 25.65 32.27
C ASN H 234 22.17 24.83 33.29
N LEU H 235 22.83 24.32 34.34
CA LEU H 235 22.18 23.57 35.40
C LEU H 235 21.17 24.47 36.17
N ALA H 236 21.58 25.71 36.48
CA ALA H 236 20.71 26.66 37.18
C ALA H 236 19.61 27.27 36.29
N GLY H 237 19.69 27.10 34.96
CA GLY H 237 18.73 27.71 34.04
C GLY H 237 18.87 29.21 33.96
N LYS H 238 20.10 29.73 34.12
CA LYS H 238 20.35 31.18 34.05
C LYS H 238 21.28 31.51 32.89
N PRO H 239 21.06 32.63 32.19
CA PRO H 239 21.93 32.96 31.03
C PRO H 239 23.42 33.12 31.31
N VAL H 240 24.24 32.62 30.37
CA VAL H 240 25.69 32.75 30.48
C VAL H 240 26.24 33.31 29.17
N VAL H 241 27.14 34.30 29.27
CA VAL H 241 27.74 34.94 28.11
C VAL H 241 29.21 34.55 28.00
N CYS H 242 29.69 34.19 26.80
CA CYS H 242 31.11 33.98 26.58
C CYS H 242 31.64 35.25 25.92
N ALA H 243 32.70 35.84 26.46
CA ALA H 243 33.20 37.12 25.94
C ALA H 243 34.71 37.15 25.74
N THR H 244 35.16 38.09 24.85
CA THR H 244 36.51 38.61 24.63
C THR H 244 37.40 37.77 23.74
N GLN H 245 37.90 38.44 22.68
CA GLN H 245 38.84 37.94 21.68
C GLN H 245 38.34 36.74 20.88
N MET H 246 37.01 36.58 20.78
CA MET H 246 36.43 35.47 20.02
C MET H 246 36.77 35.55 18.53
N LEU H 247 36.76 36.75 17.95
CA LEU H 247 37.12 36.93 16.52
C LEU H 247 38.11 38.11 16.42
N GLU H 248 39.06 38.21 17.36
CA GLU H 248 40.01 39.31 17.49
C GLU H 248 40.67 39.79 16.18
N SER H 249 41.18 38.86 15.36
CA SER H 249 41.85 39.22 14.11
C SER H 249 40.93 39.97 13.11
N MET H 250 39.60 39.85 13.26
CA MET H 250 38.64 40.58 12.39
C MET H 250 38.56 42.08 12.68
N ILE H 251 39.32 42.57 13.67
CA ILE H 251 39.42 44.01 13.89
C ILE H 251 40.15 44.64 12.64
N THR H 252 41.11 43.88 12.05
CA THR H 252 41.93 44.35 10.94
C THR H 252 41.82 43.54 9.68
N LYS H 253 41.35 42.28 9.77
CA LYS H 253 41.27 41.38 8.63
C LYS H 253 39.83 40.96 8.28
N PRO H 254 39.55 40.70 6.99
CA PRO H 254 38.17 40.34 6.60
C PRO H 254 37.69 38.95 7.02
N ARG H 255 38.63 38.04 7.30
CA ARG H 255 38.32 36.67 7.70
C ARG H 255 39.05 36.33 8.99
N PRO H 256 38.42 35.52 9.86
CA PRO H 256 39.07 35.16 11.14
C PRO H 256 40.06 34.00 11.02
N THR H 257 40.83 33.74 12.08
CA THR H 257 41.77 32.62 12.08
C THR H 257 41.02 31.30 12.36
N ARG H 258 41.69 30.15 12.17
CA ARG H 258 41.11 28.85 12.44
C ARG H 258 40.82 28.66 13.93
N ALA H 259 41.64 29.25 14.81
CA ALA H 259 41.41 29.16 16.26
C ALA H 259 40.17 29.97 16.67
N GLU H 260 39.94 31.11 16.02
CA GLU H 260 38.79 31.98 16.31
C GLU H 260 37.45 31.35 15.95
N THR H 261 37.34 30.72 14.75
CA THR H 261 36.08 30.07 14.39
C THR H 261 35.82 28.89 15.31
N SER H 262 36.87 28.16 15.67
CA SER H 262 36.80 27.06 16.59
C SER H 262 36.32 27.54 17.98
N ASP H 263 36.86 28.66 18.48
CA ASP H 263 36.48 29.23 19.77
C ASP H 263 34.99 29.57 19.82
N VAL H 264 34.45 30.21 18.75
CA VAL H 264 33.03 30.56 18.68
C VAL H 264 32.20 29.26 18.69
N ALA H 265 32.55 28.28 17.84
CA ALA H 265 31.81 27.02 17.78
C ALA H 265 31.82 26.28 19.12
N ASN H 266 32.99 26.24 19.77
CA ASN H 266 33.11 25.55 21.05
C ASN H 266 32.38 26.28 22.20
N ALA H 267 32.27 27.61 22.16
CA ALA H 267 31.50 28.35 23.19
C ALA H 267 30.01 27.96 23.07
N VAL H 268 29.50 27.82 21.84
CA VAL H 268 28.12 27.38 21.60
C VAL H 268 27.95 25.92 22.04
N LEU H 269 28.89 25.02 21.64
CA LEU H 269 28.82 23.62 22.05
C LEU H 269 28.93 23.48 23.57
N ASP H 270 29.71 24.37 24.25
CA ASP H 270 29.84 24.34 25.71
C ASP H 270 28.46 24.60 26.38
N GLY H 271 27.63 25.43 25.75
CA GLY H 271 26.30 25.76 26.26
C GLY H 271 26.05 27.25 26.47
N ALA H 272 26.89 28.12 25.92
CA ALA H 272 26.73 29.56 26.11
C ALA H 272 25.41 30.05 25.52
N ASP H 273 24.69 30.88 26.28
CA ASP H 273 23.46 31.47 25.76
C ASP H 273 23.79 32.59 24.79
N CYS H 274 24.87 33.36 25.07
CA CYS H 274 25.27 34.52 24.25
C CYS H 274 26.75 34.45 23.96
N ILE H 275 27.13 35.02 22.82
CA ILE H 275 28.52 35.21 22.44
C ILE H 275 28.69 36.71 22.20
N MET H 276 29.92 37.22 22.39
CA MET H 276 30.15 38.65 22.34
C MET H 276 31.28 39.08 21.41
N LEU H 277 31.17 40.30 20.93
CA LEU H 277 32.14 41.00 20.10
C LEU H 277 32.48 42.31 20.84
N SER H 278 33.76 42.63 20.94
CA SER H 278 34.22 43.83 21.63
C SER H 278 34.84 44.77 20.60
N GLY H 279 36.17 44.78 20.45
CA GLY H 279 36.81 45.64 19.46
C GLY H 279 36.38 45.33 18.04
N GLU H 280 35.97 44.08 17.78
CA GLU H 280 35.51 43.63 16.46
C GLU H 280 34.37 44.47 15.93
N THR H 281 33.47 44.98 16.81
CA THR H 281 32.36 45.84 16.41
C THR H 281 32.54 47.28 16.91
N ALA H 282 33.27 47.49 18.00
CA ALA H 282 33.44 48.83 18.56
C ALA H 282 34.38 49.70 17.75
N LYS H 283 35.50 49.16 17.30
CA LYS H 283 36.49 49.98 16.61
C LYS H 283 37.08 49.42 15.33
N GLY H 284 36.82 48.18 15.03
CA GLY H 284 37.46 47.54 13.88
C GLY H 284 36.92 47.94 12.52
N ASN H 285 37.54 47.41 11.49
CA ASN H 285 37.15 47.71 10.12
C ASN H 285 36.06 46.78 9.55
N PHE H 286 35.68 45.74 10.27
CA PHE H 286 34.69 44.76 9.79
C PHE H 286 33.56 44.49 10.82
N PRO H 287 32.88 45.53 11.37
CA PRO H 287 31.84 45.23 12.38
C PRO H 287 30.68 44.38 11.87
N VAL H 288 30.16 44.64 10.67
CA VAL H 288 29.03 43.89 10.13
C VAL H 288 29.45 42.47 9.80
N GLU H 289 30.63 42.29 9.18
CA GLU H 289 31.14 40.96 8.84
C GLU H 289 31.44 40.15 10.10
N ALA H 290 31.84 40.80 11.21
CA ALA H 290 32.12 40.06 12.45
C ALA H 290 30.79 39.49 13.01
N VAL H 291 29.73 40.26 12.93
CA VAL H 291 28.40 39.81 13.38
C VAL H 291 27.93 38.67 12.46
N LYS H 292 28.12 38.82 11.14
CA LYS H 292 27.73 37.76 10.18
C LYS H 292 28.52 36.47 10.43
N MET H 293 29.81 36.58 10.79
CA MET H 293 30.64 35.40 11.05
C MET H 293 30.18 34.67 12.31
N GLN H 294 29.87 35.42 13.40
CA GLN H 294 29.35 34.79 14.62
C GLN H 294 28.02 34.11 14.34
N HIS H 295 27.17 34.73 13.52
CA HIS H 295 25.88 34.18 13.13
C HIS H 295 26.08 32.85 12.37
N ALA H 296 26.95 32.83 11.36
CA ALA H 296 27.20 31.65 10.55
C ALA H 296 27.75 30.48 11.35
N ILE H 297 28.72 30.75 12.24
CA ILE H 297 29.31 29.70 13.08
C ILE H 297 28.29 29.17 14.10
N ALA H 298 27.60 30.06 14.81
CA ALA H 298 26.61 29.65 15.82
C ALA H 298 25.53 28.73 15.24
N ARG H 299 25.03 29.02 14.03
CA ARG H 299 24.02 28.17 13.40
C ARG H 299 24.56 26.76 13.16
N GLU H 300 25.81 26.65 12.68
CA GLU H 300 26.40 25.35 12.42
C GLU H 300 26.60 24.59 13.75
N ALA H 301 27.10 25.28 14.78
CA ALA H 301 27.40 24.66 16.08
C ALA H 301 26.14 24.22 16.82
N GLU H 302 25.04 24.97 16.70
CA GLU H 302 23.79 24.61 17.35
C GLU H 302 23.20 23.31 16.79
N ALA H 303 23.34 23.09 15.49
CA ALA H 303 22.88 21.84 14.87
C ALA H 303 23.76 20.66 15.32
N ALA H 304 25.05 20.91 15.64
CA ALA H 304 26.00 19.89 16.09
C ALA H 304 25.90 19.55 17.59
N VAL H 305 25.00 20.20 18.33
CA VAL H 305 24.80 19.90 19.75
C VAL H 305 24.20 18.46 19.86
N TYR H 306 24.71 17.66 20.80
CA TYR H 306 24.22 16.30 20.99
C TYR H 306 23.01 16.34 21.93
N HIS H 307 21.84 16.75 21.41
CA HIS H 307 20.62 16.90 22.20
C HIS H 307 20.19 15.66 22.96
N ARG H 308 20.42 14.46 22.41
CA ARG H 308 20.03 13.22 23.08
C ARG H 308 20.61 13.12 24.50
N GLN H 309 21.92 13.36 24.65
CA GLN H 309 22.55 13.32 25.96
C GLN H 309 22.28 14.59 26.75
N LEU H 310 22.33 15.76 26.09
CA LEU H 310 22.07 17.03 26.76
C LEU H 310 20.68 17.07 27.44
N PHE H 311 19.61 16.73 26.70
CA PHE H 311 18.24 16.73 27.27
C PHE H 311 18.12 15.74 28.42
N GLU H 312 18.69 14.54 28.25
CA GLU H 312 18.69 13.51 29.31
C GLU H 312 19.40 14.01 30.58
N GLU H 313 20.55 14.67 30.43
CA GLU H 313 21.29 15.20 31.57
C GLU H 313 20.63 16.40 32.22
N LEU H 314 20.01 17.30 31.43
CA LEU H 314 19.30 18.45 31.99
C LEU H 314 18.09 17.96 32.80
N ARG H 315 17.40 16.89 32.34
CA ARG H 315 16.25 16.39 33.08
C ARG H 315 16.68 15.66 34.34
N ARG H 316 17.75 14.87 34.28
CA ARG H 316 18.25 14.13 35.43
C ARG H 316 18.76 15.08 36.52
N ALA H 317 19.43 16.16 36.14
CA ALA H 317 19.98 17.12 37.08
C ALA H 317 18.96 18.09 37.63
N ALA H 318 17.97 18.46 36.82
CA ALA H 318 16.95 19.41 37.26
C ALA H 318 16.09 18.77 38.33
N PRO H 319 15.97 19.44 39.48
CA PRO H 319 15.14 18.88 40.56
C PRO H 319 13.66 18.81 40.19
N LEU H 320 12.90 17.98 40.92
CA LEU H 320 11.45 17.90 40.77
C LEU H 320 10.85 19.29 41.07
N SER H 321 9.78 19.65 40.36
CA SER H 321 9.18 20.95 40.57
C SER H 321 7.69 20.89 40.69
N ARG H 322 7.15 21.70 41.57
CA ARG H 322 5.72 21.85 41.70
C ARG H 322 5.21 23.18 41.06
N ASP H 323 6.09 23.90 40.35
CA ASP H 323 5.70 25.15 39.70
C ASP H 323 5.08 24.77 38.34
N PRO H 324 3.83 25.15 38.08
CA PRO H 324 3.19 24.77 36.82
C PRO H 324 3.88 25.28 35.56
N THR H 325 4.56 26.44 35.61
CA THR H 325 5.26 26.97 34.45
C THR H 325 6.43 26.03 34.11
N GLU H 326 7.17 25.60 35.12
CA GLU H 326 8.32 24.69 34.97
C GLU H 326 7.83 23.32 34.45
N VAL H 327 6.72 22.81 35.00
CA VAL H 327 6.14 21.53 34.59
C VAL H 327 5.64 21.59 33.14
N THR H 328 4.97 22.69 32.76
CA THR H 328 4.49 22.86 31.39
C THR H 328 5.68 22.95 30.42
N ALA H 329 6.73 23.68 30.80
CA ALA H 329 7.93 23.83 29.99
C ALA H 329 8.59 22.51 29.60
N ILE H 330 8.81 21.60 30.56
CA ILE H 330 9.44 20.30 30.24
C ILE H 330 8.49 19.45 29.36
N GLY H 331 7.20 19.52 29.60
CA GLY H 331 6.22 18.79 28.78
C GLY H 331 6.21 19.30 27.36
N ALA H 332 6.31 20.64 27.18
CA ALA H 332 6.33 21.26 25.86
C ALA H 332 7.61 20.92 25.09
N VAL H 333 8.75 20.90 25.76
CA VAL H 333 10.03 20.58 25.11
C VAL H 333 10.04 19.08 24.71
N GLU H 334 9.49 18.21 25.56
CA GLU H 334 9.38 16.79 25.25
C GLU H 334 8.46 16.58 24.03
N ALA H 335 7.32 17.27 24.01
CA ALA H 335 6.38 17.20 22.89
C ALA H 335 7.02 17.72 21.60
N ALA H 336 7.78 18.84 21.69
CA ALA H 336 8.44 19.41 20.52
C ALA H 336 9.45 18.44 19.89
N PHE H 337 10.25 17.74 20.71
CA PHE H 337 11.22 16.75 20.23
C PHE H 337 10.49 15.56 19.55
N LYS H 338 9.36 15.13 20.11
CA LYS H 338 8.58 13.99 19.62
C LYS H 338 8.09 14.17 18.18
N CYS H 339 7.66 15.38 17.83
CA CYS H 339 7.12 15.65 16.51
C CYS H 339 8.01 16.46 15.62
N CYS H 340 9.26 16.77 16.03
CA CYS H 340 10.15 17.67 15.27
C CYS H 340 9.48 19.01 15.03
N ALA H 341 8.83 19.57 16.08
CA ALA H 341 8.11 20.84 15.96
C ALA H 341 9.02 21.94 15.44
N ALA H 342 8.54 22.77 14.51
CA ALA H 342 9.32 23.88 13.98
C ALA H 342 9.52 24.95 15.07
N ALA H 343 8.55 25.10 15.98
CA ALA H 343 8.64 26.13 17.01
C ALA H 343 7.76 25.81 18.24
N ILE H 344 8.08 26.45 19.38
CA ILE H 344 7.26 26.48 20.56
C ILE H 344 6.84 27.96 20.67
N ILE H 345 5.55 28.29 20.51
CA ILE H 345 5.08 29.66 20.63
C ILE H 345 4.60 29.86 22.04
N VAL H 346 5.17 30.84 22.76
CA VAL H 346 4.83 31.05 24.17
C VAL H 346 4.41 32.50 24.40
N LEU H 347 3.36 32.69 25.21
CA LEU H 347 2.94 34.01 25.61
C LEU H 347 3.65 34.27 26.93
N THR H 348 4.27 35.45 27.05
CA THR H 348 4.97 35.80 28.27
C THR H 348 4.88 37.29 28.58
N THR H 349 4.75 37.64 29.85
CA THR H 349 4.69 39.03 30.29
C THR H 349 6.09 39.50 30.71
N THR H 350 6.79 38.71 31.54
CA THR H 350 8.10 39.03 32.08
C THR H 350 9.27 38.34 31.36
N GLY H 351 8.97 37.36 30.51
CA GLY H 351 9.97 36.54 29.84
C GLY H 351 10.21 35.19 30.51
N ARG H 352 9.75 35.04 31.76
CA ARG H 352 9.99 33.82 32.55
C ARG H 352 9.54 32.51 31.90
N SER H 353 8.33 32.46 31.30
CA SER H 353 7.86 31.20 30.67
C SER H 353 8.77 30.82 29.49
N ALA H 354 9.31 31.81 28.77
CA ALA H 354 10.23 31.52 27.66
C ALA H 354 11.58 31.06 28.20
N GLN H 355 12.06 31.65 29.33
CA GLN H 355 13.32 31.26 29.94
C GLN H 355 13.28 29.80 30.42
N LEU H 356 12.13 29.38 31.01
CA LEU H 356 11.99 28.01 31.48
C LEU H 356 11.93 26.99 30.33
N LEU H 357 11.49 27.40 29.14
CA LEU H 357 11.51 26.53 27.97
C LEU H 357 12.96 26.40 27.48
N SER H 358 13.65 27.54 27.39
CA SER H 358 15.04 27.67 26.95
C SER H 358 16.02 26.81 27.76
N ARG H 359 15.81 26.69 29.08
CA ARG H 359 16.70 25.92 29.95
C ARG H 359 16.77 24.42 29.57
N TYR H 360 15.73 23.89 28.89
CA TYR H 360 15.75 22.50 28.44
C TYR H 360 16.36 22.30 27.06
N ARG H 361 16.86 23.39 26.45
CA ARG H 361 17.54 23.40 25.18
C ARG H 361 16.79 22.68 24.07
N PRO H 362 15.54 23.08 23.76
CA PRO H 362 14.84 22.46 22.64
C PRO H 362 15.52 22.78 21.32
N ARG H 363 15.36 21.89 20.35
CA ARG H 363 15.84 22.15 19.01
C ARG H 363 14.85 23.17 18.33
N ALA H 364 13.54 23.10 18.68
CA ALA H 364 12.51 24.00 18.17
C ALA H 364 12.77 25.41 18.70
N ALA H 365 12.61 26.41 17.83
CA ALA H 365 12.75 27.82 18.20
C ALA H 365 11.66 28.18 19.22
N VAL H 366 11.99 28.97 20.24
CA VAL H 366 10.97 29.43 21.21
C VAL H 366 10.54 30.84 20.78
N ILE H 367 9.38 30.96 20.13
CA ILE H 367 8.88 32.25 19.68
C ILE H 367 8.08 32.87 20.85
N ALA H 368 8.63 33.91 21.48
CA ALA H 368 8.00 34.51 22.66
C ALA H 368 7.21 35.77 22.28
N VAL H 369 5.90 35.75 22.45
CA VAL H 369 5.05 36.88 22.13
C VAL H 369 4.77 37.63 23.39
N THR H 370 5.14 38.93 23.42
CA THR H 370 4.94 39.75 24.61
C THR H 370 4.53 41.17 24.24
N ARG H 371 3.83 41.84 25.17
CA ARG H 371 3.51 43.26 25.04
C ARG H 371 4.58 44.13 25.72
N SER H 372 5.42 43.54 26.59
CA SER H 372 6.46 44.28 27.28
C SER H 372 7.65 44.47 26.35
N ALA H 373 7.92 45.71 25.96
CA ALA H 373 9.07 46.03 25.12
C ALA H 373 10.38 45.66 25.85
N GLN H 374 10.46 45.90 27.16
CA GLN H 374 11.65 45.54 27.93
C GLN H 374 11.87 44.02 28.00
N ALA H 375 10.81 43.24 28.30
CA ALA H 375 10.94 41.76 28.32
C ALA H 375 11.34 41.24 26.95
N ALA H 376 10.84 41.82 25.88
CA ALA H 376 11.18 41.42 24.51
C ALA H 376 12.70 41.62 24.27
N ARG H 377 13.27 42.73 24.78
CA ARG H 377 14.70 42.97 24.67
C ARG H 377 15.50 42.01 25.56
N GLN H 378 15.07 41.84 26.82
CA GLN H 378 15.80 41.00 27.79
C GLN H 378 15.84 39.50 27.49
N VAL H 379 14.79 38.93 26.82
CA VAL H 379 14.80 37.48 26.56
C VAL H 379 15.89 37.05 25.57
N HIS H 380 16.53 38.01 24.88
CA HIS H 380 17.69 37.69 24.04
C HIS H 380 18.82 37.06 24.86
N LEU H 381 18.83 37.23 26.21
CA LEU H 381 19.83 36.60 27.05
C LEU H 381 19.68 35.06 27.09
N CYS H 382 18.50 34.51 26.75
CA CYS H 382 18.21 33.08 26.81
C CYS H 382 18.31 32.43 25.47
N ARG H 383 19.16 31.39 25.34
CA ARG H 383 19.31 30.70 24.06
C ARG H 383 18.00 30.21 23.46
N GLY H 384 17.82 30.49 22.17
CA GLY H 384 16.69 29.97 21.42
C GLY H 384 15.39 30.70 21.60
N VAL H 385 15.41 31.88 22.26
CA VAL H 385 14.19 32.66 22.42
C VAL H 385 14.20 33.77 21.37
N PHE H 386 13.16 33.80 20.53
CA PHE H 386 12.96 34.79 19.48
C PHE H 386 11.79 35.69 19.91
N PRO H 387 12.09 36.90 20.40
CA PRO H 387 11.01 37.78 20.90
C PRO H 387 10.24 38.52 19.82
N LEU H 388 8.92 38.56 19.96
CA LEU H 388 8.03 39.28 19.07
C LEU H 388 7.26 40.28 19.93
N LEU H 389 7.41 41.56 19.62
CA LEU H 389 6.71 42.60 20.36
C LEU H 389 5.30 42.80 19.77
N TYR H 390 4.27 42.51 20.56
CA TYR H 390 2.86 42.66 20.16
C TYR H 390 2.38 44.06 20.59
N ARG H 391 1.82 44.84 19.67
CA ARG H 391 1.47 46.23 19.98
C ARG H 391 -0.01 46.53 20.10
N GLU H 392 -0.89 45.59 19.72
CA GLU H 392 -2.33 45.83 19.76
C GLU H 392 -2.87 45.89 21.17
N PRO H 393 -3.81 46.81 21.47
CA PRO H 393 -4.39 46.83 22.83
C PRO H 393 -5.21 45.54 23.11
N PRO H 394 -5.35 45.13 24.38
CA PRO H 394 -6.10 43.88 24.68
C PRO H 394 -7.54 43.82 24.17
N GLU H 395 -7.93 42.68 23.62
CA GLU H 395 -9.29 42.40 23.15
C GLU H 395 -10.22 42.32 24.38
N ALA H 396 -11.53 42.54 24.17
CA ALA H 396 -12.53 42.46 25.24
C ALA H 396 -12.64 41.04 25.80
N ILE H 397 -12.56 40.04 24.93
CA ILE H 397 -12.61 38.65 25.38
C ILE H 397 -11.17 38.15 25.51
N TRP H 398 -10.77 37.72 26.70
CA TRP H 398 -9.41 37.31 26.96
C TRP H 398 -8.95 36.13 26.09
N ALA H 399 -9.80 35.12 25.89
CA ALA H 399 -9.45 34.01 25.00
C ALA H 399 -9.17 34.50 23.56
N ASP H 400 -9.85 35.54 23.07
CA ASP H 400 -9.58 36.10 21.74
C ASP H 400 -8.24 36.84 21.75
N ASP H 401 -7.92 37.56 22.85
CA ASP H 401 -6.64 38.27 22.97
C ASP H 401 -5.47 37.27 22.93
N VAL H 402 -5.65 36.12 23.60
CA VAL H 402 -4.66 35.05 23.58
C VAL H 402 -4.49 34.54 22.15
N ASP H 403 -5.62 34.17 21.48
CA ASP H 403 -5.60 33.65 20.10
C ASP H 403 -4.97 34.60 19.10
N ARG H 404 -5.25 35.91 19.21
CA ARG H 404 -4.66 36.88 18.30
C ARG H 404 -3.15 36.94 18.46
N ARG H 405 -2.64 36.80 19.70
CA ARG H 405 -1.19 36.81 19.92
C ARG H 405 -0.53 35.54 19.39
N VAL H 406 -1.21 34.38 19.49
CA VAL H 406 -0.70 33.15 18.94
C VAL H 406 -0.65 33.26 17.40
N GLN H 407 -1.71 33.83 16.77
CA GLN H 407 -1.73 34.04 15.33
C GLN H 407 -0.65 35.01 14.90
N PHE H 408 -0.37 36.03 15.70
CA PHE H 408 0.69 36.99 15.40
C PHE H 408 2.06 36.27 15.42
N GLY H 409 2.24 35.32 16.35
CA GLY H 409 3.43 34.47 16.44
C GLY H 409 3.61 33.65 15.18
N ILE H 410 2.50 33.03 14.71
CA ILE H 410 2.46 32.22 13.49
C ILE H 410 2.76 33.05 12.23
N GLU H 411 2.07 34.19 12.07
CA GLU H 411 2.27 35.04 10.91
C GLU H 411 3.68 35.61 10.83
N SER H 412 4.27 35.95 12.00
CA SER H 412 5.65 36.45 12.07
C SER H 412 6.61 35.34 11.67
N GLY H 413 6.37 34.13 12.19
CA GLY H 413 7.18 32.96 11.93
C GLY H 413 7.15 32.55 10.47
N LYS H 414 5.98 32.67 9.81
CA LYS H 414 5.85 32.34 8.38
C LYS H 414 6.65 33.34 7.56
N LEU H 415 6.52 34.64 7.85
CA LEU H 415 7.22 35.70 7.15
C LEU H 415 8.74 35.56 7.30
N ARG H 416 9.20 35.20 8.51
CA ARG H 416 10.62 35.09 8.79
C ARG H 416 11.26 33.77 8.39
N GLY H 417 10.48 32.79 7.97
CA GLY H 417 11.02 31.51 7.54
C GLY H 417 11.09 30.44 8.61
N PHE H 418 10.58 30.72 9.82
CA PHE H 418 10.56 29.72 10.91
C PHE H 418 9.50 28.65 10.65
N LEU H 419 8.36 29.04 10.07
CA LEU H 419 7.22 28.15 9.91
C LEU H 419 6.69 28.11 8.50
N ARG H 420 6.09 27.00 8.16
CA ARG H 420 5.43 26.81 6.87
C ARG H 420 4.14 26.00 7.10
N VAL H 421 3.22 26.05 6.15
CA VAL H 421 1.99 25.28 6.18
C VAL H 421 2.33 23.78 6.28
N GLY H 422 1.69 23.10 7.21
CA GLY H 422 1.96 21.68 7.42
C GLY H 422 2.86 21.41 8.61
N ASP H 423 3.57 22.43 9.11
CA ASP H 423 4.45 22.25 10.27
C ASP H 423 3.60 22.06 11.53
N LEU H 424 4.18 21.43 12.54
CA LEU H 424 3.54 21.31 13.83
C LEU H 424 4.25 22.31 14.76
N VAL H 425 3.49 22.97 15.61
CA VAL H 425 4.02 23.86 16.62
C VAL H 425 3.42 23.48 17.97
N ILE H 426 4.15 23.78 19.03
CA ILE H 426 3.67 23.59 20.40
C ILE H 426 3.32 25.02 20.89
N VAL H 427 2.13 25.23 21.45
CA VAL H 427 1.71 26.55 21.93
C VAL H 427 1.56 26.50 23.44
N VAL H 428 2.29 27.39 24.14
CA VAL H 428 2.32 27.46 25.59
C VAL H 428 1.63 28.73 26.10
N THR H 429 0.54 28.55 26.86
CA THR H 429 -0.26 29.66 27.38
C THR H 429 -0.61 29.39 28.89
N GLY H 430 -1.40 30.28 29.50
CA GLY H 430 -1.82 30.13 30.88
C GLY H 430 -3.34 30.15 31.04
N TRP H 431 -3.84 29.91 32.25
CA TRP H 431 -5.30 29.81 32.48
C TRP H 431 -5.97 31.15 32.84
N ARG H 432 -5.19 32.19 33.13
CA ARG H 432 -5.76 33.50 33.45
C ARG H 432 -4.77 34.62 33.04
N PRO H 433 -5.26 35.87 32.92
CA PRO H 433 -4.35 36.99 32.61
C PRO H 433 -3.34 37.25 33.74
N GLY H 434 -2.26 37.94 33.40
CA GLY H 434 -1.22 38.26 34.37
C GLY H 434 -0.12 37.22 34.33
N SER H 435 1.07 37.62 34.79
CA SER H 435 2.28 36.83 34.91
C SER H 435 2.17 35.70 35.95
N GLY H 436 2.82 34.57 35.71
CA GLY H 436 2.90 33.47 36.68
C GLY H 436 1.89 32.35 36.59
N TYR H 437 1.02 32.36 35.57
CA TYR H 437 -0.02 31.35 35.46
C TYR H 437 0.06 30.44 34.24
N THR H 438 1.23 30.33 33.59
CA THR H 438 1.41 29.40 32.48
C THR H 438 1.16 27.95 32.97
N ASN H 439 0.31 27.23 32.28
CA ASN H 439 -0.01 25.87 32.67
C ASN H 439 -0.56 25.02 31.53
N ILE H 440 -0.53 25.49 30.28
CA ILE H 440 -1.13 24.78 29.15
C ILE H 440 -0.16 24.62 27.99
N MET H 441 -0.14 23.42 27.40
CA MET H 441 0.60 23.17 26.18
C MET H 441 -0.36 22.53 25.15
N ARG H 442 -0.34 23.02 23.91
CA ARG H 442 -1.20 22.53 22.84
CA ARG H 442 -1.18 22.46 22.86
C ARG H 442 -0.40 22.18 21.60
N VAL H 443 -0.78 21.11 20.88
CA VAL H 443 -0.13 20.71 19.62
C VAL H 443 -0.98 21.27 18.48
N LEU H 444 -0.40 22.15 17.66
CA LEU H 444 -1.14 22.84 16.61
C LEU H 444 -0.54 22.63 15.22
N SER H 445 -1.40 22.42 14.22
CA SER H 445 -0.96 22.25 12.85
C SER H 445 -1.01 23.63 12.17
N ILE H 446 0.06 24.01 11.47
CA ILE H 446 0.09 25.30 10.78
C ILE H 446 -0.71 25.25 9.49
N SER H 447 -1.72 26.10 9.35
CA SER H 447 -2.55 26.14 8.13
C SER H 447 -2.32 27.44 7.33
#